data_2O56
#
_entry.id   2O56
#
_cell.length_a   107.662
_cell.length_b   140.818
_cell.length_c   126.838
_cell.angle_alpha   90.00
_cell.angle_beta   105.94
_cell.angle_gamma   90.00
#
_symmetry.space_group_name_H-M   'P 1 21 1'
#
loop_
_entity.id
_entity.type
_entity.pdbx_description
1 polymer 'Putative mandelate racemase'
2 non-polymer 'MAGNESIUM ION'
3 water water
#
_entity_poly.entity_id   1
_entity_poly.type   'polypeptide(L)'
_entity_poly.pdbx_seq_one_letter_code
;MSLMKITSVDIIDVANDFASATSKWRPVVVKINTDEGISGFGEVGLAYGVGASAGIGMAKDLSAIIIGMDPMNNEAIWEK
MLKKTFWGQGGGGIFSAAMSGIDIALWDIKGKAWGVPLYKMLGGKSREKIRTYASQLQFGWGDGSDKDMLTEPEQYAQAA
LTAVSEGYDAIKVDTVAMDRHGNWNQQNLNGPLTDKILRLGYDRMAAIRDAVGPDVDIIAEMHAFTDTTSAIQFGRMIEE
LGIFYYEEPVMPLNPAQMKQVADKVNIPLAAGERIYWRWGYRPFLENGSLSVIQPDICTCGGITEVKKICDMAHVYDKTV
QIHVCGGPISTAVALHMETAIPNFVIHELHRYALLEPNTQTCKYNYLPKNGMYEVPELPGIGQELTEETMKKSPTITVKE
GHHHHHH
;
_entity_poly.pdbx_strand_id   A,B,C,D,E,F,G,H
#
# COMPACT_ATOMS: atom_id res chain seq x y z
N LEU A 3 41.94 -30.59 -11.71
CA LEU A 3 40.54 -30.20 -12.08
C LEU A 3 40.12 -30.77 -13.43
N MET A 4 38.86 -31.19 -13.52
CA MET A 4 38.27 -31.60 -14.79
C MET A 4 37.82 -30.45 -15.66
N LYS A 5 37.68 -30.74 -16.94
CA LYS A 5 37.35 -29.77 -17.97
C LYS A 5 36.24 -30.42 -18.72
N ILE A 6 35.26 -29.61 -19.12
CA ILE A 6 34.30 -30.02 -20.13
C ILE A 6 35.02 -30.06 -21.48
N THR A 7 34.96 -31.20 -22.16
CA THR A 7 35.64 -31.35 -23.44
C THR A 7 34.70 -31.26 -24.63
N SER A 8 33.46 -31.72 -24.44
CA SER A 8 32.44 -31.62 -25.47
C SER A 8 31.04 -31.78 -24.85
N VAL A 9 30.01 -31.34 -25.58
CA VAL A 9 28.64 -31.50 -25.15
C VAL A 9 27.86 -32.05 -26.34
N ASP A 10 27.11 -33.11 -26.11
CA ASP A 10 26.23 -33.66 -27.13
C ASP A 10 24.83 -33.22 -26.79
N ILE A 11 24.14 -32.69 -27.79
CA ILE A 11 22.74 -32.33 -27.63
C ILE A 11 21.89 -33.31 -28.44
N ILE A 12 21.14 -34.14 -27.71
CA ILE A 12 20.54 -35.35 -28.27
C ILE A 12 19.01 -35.23 -28.46
N ASP A 13 18.57 -35.39 -29.69
CA ASP A 13 17.15 -35.41 -30.01
C ASP A 13 16.66 -36.85 -29.92
N VAL A 14 16.15 -37.22 -28.75
CA VAL A 14 15.99 -38.62 -28.33
C VAL A 14 14.96 -39.33 -29.20
N ALA A 15 15.42 -40.34 -29.94
CA ALA A 15 14.55 -41.19 -30.77
C ALA A 15 13.71 -42.11 -29.92
N ASN A 16 12.43 -42.22 -30.26
CA ASN A 16 11.45 -42.86 -29.37
C ASN A 16 10.23 -43.38 -30.13
N ASP A 17 9.58 -44.36 -29.52
CA ASP A 17 8.48 -45.04 -30.19
C ASP A 17 7.09 -44.45 -30.00
N PHE A 18 7.00 -43.31 -29.30
CA PHE A 18 5.79 -42.51 -29.32
C PHE A 18 5.60 -41.79 -30.67
N LYS A 24 3.17 -33.92 -30.74
CA LYS A 24 4.30 -34.84 -30.82
C LYS A 24 5.09 -34.93 -29.50
N TRP A 25 6.14 -35.75 -29.51
CA TRP A 25 6.93 -36.01 -28.33
C TRP A 25 8.39 -35.87 -28.65
N ARG A 26 9.06 -34.91 -28.02
CA ARG A 26 10.46 -34.65 -28.32
C ARG A 26 11.30 -34.44 -27.09
N PRO A 27 11.58 -35.51 -26.33
CA PRO A 27 12.56 -35.39 -25.28
C PRO A 27 13.93 -35.04 -25.83
N VAL A 28 14.65 -34.20 -25.11
CA VAL A 28 15.96 -33.71 -25.56
C VAL A 28 16.93 -33.78 -24.39
N VAL A 29 18.10 -34.36 -24.65
CA VAL A 29 19.06 -34.66 -23.61
C VAL A 29 20.37 -33.92 -23.85
N VAL A 30 20.96 -33.39 -22.78
CA VAL A 30 22.28 -32.78 -22.86
C VAL A 30 23.21 -33.74 -22.16
N LYS A 31 24.28 -34.14 -22.85
CA LYS A 31 25.27 -35.06 -22.30
C LYS A 31 26.59 -34.32 -22.33
N ILE A 32 27.15 -34.10 -21.14
CA ILE A 32 28.29 -33.22 -21.00
C ILE A 32 29.48 -34.15 -20.74
N ASN A 33 30.56 -33.93 -21.49
CA ASN A 33 31.68 -34.89 -21.47
C ASN A 33 32.93 -34.24 -20.94
N THR A 34 33.68 -34.97 -20.13
CA THR A 34 34.83 -34.37 -19.46
C THR A 34 36.14 -35.04 -19.86
N ASP A 35 37.25 -34.37 -19.59
CA ASP A 35 38.56 -34.96 -19.85
C ASP A 35 38.87 -36.21 -19.00
N GLU A 36 38.08 -36.45 -17.97
CA GLU A 36 38.32 -37.58 -17.09
C GLU A 36 37.39 -38.73 -17.39
N GLY A 37 36.59 -38.57 -18.44
CA GLY A 37 35.75 -39.64 -18.91
C GLY A 37 34.44 -39.76 -18.16
N ILE A 38 34.18 -38.80 -17.27
CA ILE A 38 32.88 -38.71 -16.61
C ILE A 38 31.89 -37.90 -17.44
N SER A 39 30.77 -38.53 -17.82
CA SER A 39 29.69 -37.88 -18.58
C SER A 39 28.43 -37.65 -17.72
N GLY A 40 27.91 -36.43 -17.78
CA GLY A 40 26.66 -36.08 -17.10
C GLY A 40 25.48 -36.04 -18.04
N PHE A 41 24.31 -36.46 -17.54
CA PHE A 41 23.10 -36.43 -18.36
C PHE A 41 22.02 -35.48 -17.77
N GLY A 42 21.46 -34.65 -18.64
CA GLY A 42 20.39 -33.73 -18.28
C GLY A 42 19.30 -33.76 -19.33
N GLU A 43 18.15 -33.19 -19.01
CA GLU A 43 17.05 -33.16 -19.92
C GLU A 43 16.53 -31.72 -20.09
N VAL A 44 16.20 -31.36 -21.33
CA VAL A 44 15.64 -30.04 -21.65
C VAL A 44 14.13 -30.22 -21.70
N GLY A 45 13.42 -29.62 -20.76
CA GLY A 45 11.99 -29.94 -20.56
C GLY A 45 11.02 -29.19 -21.45
N LEU A 46 11.08 -29.48 -22.75
CA LEU A 46 10.21 -28.89 -23.75
C LEU A 46 9.63 -29.99 -24.66
N ALA A 47 9.38 -31.17 -24.09
CA ALA A 47 9.05 -32.35 -24.92
C ALA A 47 7.69 -32.26 -25.63
N TYR A 48 6.80 -31.42 -25.08
CA TYR A 48 5.46 -31.20 -25.62
C TYR A 48 5.33 -29.71 -25.86
N GLY A 49 4.17 -29.28 -26.36
CA GLY A 49 3.96 -27.90 -26.83
C GLY A 49 4.87 -27.56 -27.98
N VAL A 50 4.98 -26.26 -28.26
CA VAL A 50 5.75 -25.78 -29.43
C VAL A 50 7.08 -25.13 -28.98
N GLY A 51 8.20 -25.69 -29.41
CA GLY A 51 9.50 -25.13 -28.99
C GLY A 51 10.72 -26.02 -28.84
N ALA A 52 10.55 -27.34 -28.89
CA ALA A 52 11.69 -28.28 -28.79
C ALA A 52 12.92 -28.01 -29.71
N SER A 53 12.70 -27.62 -30.96
CA SER A 53 13.83 -27.22 -31.83
C SER A 53 14.60 -26.05 -31.28
N ALA A 54 13.88 -25.11 -30.64
CA ALA A 54 14.49 -23.94 -30.02
C ALA A 54 15.36 -24.37 -28.84
N GLY A 55 14.84 -25.32 -28.06
CA GLY A 55 15.57 -25.87 -26.94
C GLY A 55 16.89 -26.48 -27.33
N ILE A 56 16.91 -27.19 -28.47
CA ILE A 56 18.12 -27.78 -29.05
C ILE A 56 19.16 -26.72 -29.44
N GLY A 57 18.74 -25.70 -30.18
CA GLY A 57 19.64 -24.63 -30.58
C GLY A 57 20.15 -23.83 -29.40
N MET A 58 19.31 -23.71 -28.37
CA MET A 58 19.67 -22.97 -27.14
C MET A 58 20.73 -23.74 -26.35
N ALA A 59 20.48 -25.03 -26.12
CA ALA A 59 21.47 -25.94 -25.52
C ALA A 59 22.79 -25.94 -26.26
N LYS A 60 22.71 -25.98 -27.59
CA LYS A 60 23.89 -25.84 -28.46
C LYS A 60 24.64 -24.53 -28.23
N ASP A 61 23.92 -23.41 -28.27
CA ASP A 61 24.56 -22.10 -28.07
C ASP A 61 25.17 -21.91 -26.69
N LEU A 62 24.44 -22.35 -25.66
CA LEU A 62 24.94 -22.35 -24.27
C LEU A 62 26.17 -23.25 -24.08
N SER A 63 26.15 -24.43 -24.71
CA SER A 63 27.27 -25.36 -24.65
C SER A 63 28.59 -24.75 -25.10
N ALA A 64 28.56 -23.93 -26.15
CA ALA A 64 29.74 -23.20 -26.62
C ALA A 64 30.45 -22.43 -25.54
N ILE A 65 29.70 -21.91 -24.57
CA ILE A 65 30.31 -21.02 -23.58
C ILE A 65 30.87 -21.72 -22.35
N ILE A 66 30.55 -23.01 -22.20
CA ILE A 66 31.05 -23.79 -21.08
C ILE A 66 32.18 -24.81 -21.39
N ILE A 67 32.48 -25.01 -22.67
CA ILE A 67 33.58 -25.90 -23.08
C ILE A 67 34.84 -25.35 -22.41
N GLY A 68 35.63 -26.21 -21.77
CA GLY A 68 36.88 -25.76 -21.14
C GLY A 68 36.70 -25.41 -19.68
N MET A 69 35.45 -25.28 -19.21
CA MET A 69 35.19 -24.92 -17.81
C MET A 69 35.25 -26.15 -16.93
N ASP A 70 35.52 -25.94 -15.64
CA ASP A 70 35.42 -26.98 -14.62
C ASP A 70 33.95 -27.23 -14.31
N PRO A 71 33.45 -28.43 -14.64
CA PRO A 71 32.02 -28.72 -14.43
C PRO A 71 31.61 -28.77 -12.96
N MET A 72 32.59 -28.78 -12.05
CA MET A 72 32.31 -28.80 -10.61
C MET A 72 31.71 -27.47 -10.12
N ASN A 73 31.94 -26.40 -10.88
CA ASN A 73 31.53 -25.04 -10.52
C ASN A 73 30.13 -24.74 -11.05
N ASN A 74 29.13 -25.48 -10.61
CA ASN A 74 27.79 -25.27 -11.11
C ASN A 74 27.26 -23.87 -10.81
N GLU A 75 27.61 -23.31 -9.65
CA GLU A 75 27.12 -21.97 -9.28
C GLU A 75 27.64 -20.93 -10.25
N ALA A 76 28.94 -21.00 -10.52
CA ALA A 76 29.57 -20.06 -11.46
C ALA A 76 29.06 -20.25 -12.88
N ILE A 77 28.80 -21.50 -13.28
CA ILE A 77 28.34 -21.74 -14.63
C ILE A 77 26.89 -21.24 -14.77
N TRP A 78 26.07 -21.49 -13.76
CA TRP A 78 24.68 -20.99 -13.77
C TRP A 78 24.65 -19.45 -13.95
N GLU A 79 25.45 -18.76 -13.15
CA GLU A 79 25.46 -17.31 -13.18
C GLU A 79 26.09 -16.76 -14.47
N LYS A 80 27.01 -17.52 -15.08
CA LYS A 80 27.50 -17.17 -16.40
C LYS A 80 26.40 -17.30 -17.44
N MET A 81 25.60 -18.35 -17.36
CA MET A 81 24.49 -18.51 -18.29
C MET A 81 23.46 -17.39 -18.11
N LEU A 82 23.26 -16.96 -16.86
CA LEU A 82 22.38 -15.82 -16.56
C LEU A 82 22.95 -14.51 -17.09
N LYS A 83 24.23 -14.26 -16.82
CA LYS A 83 24.82 -12.89 -16.85
C LYS A 83 25.64 -12.57 -18.09
N LYS A 84 26.20 -13.59 -18.75
CA LYS A 84 27.17 -13.34 -19.83
C LYS A 84 26.64 -13.69 -21.22
N THR A 85 25.34 -13.94 -21.31
CA THR A 85 24.70 -14.38 -22.54
C THR A 85 23.87 -13.28 -23.22
N PHE A 86 23.70 -12.17 -22.52
CA PHE A 86 22.77 -11.06 -22.84
C PHE A 86 21.31 -11.42 -22.59
N TRP A 87 20.83 -12.42 -23.30
CA TRP A 87 19.43 -12.79 -23.25
C TRP A 87 19.01 -13.44 -21.93
N GLY A 88 19.97 -14.02 -21.22
CA GLY A 88 19.71 -14.60 -19.88
C GLY A 88 19.02 -13.61 -18.97
N GLN A 89 19.45 -12.35 -19.04
CA GLN A 89 18.95 -11.33 -18.14
C GLN A 89 17.55 -10.82 -18.47
N GLY A 90 16.96 -11.31 -19.57
CA GLY A 90 15.52 -11.12 -19.86
C GLY A 90 14.63 -12.31 -19.54
N GLY A 91 15.25 -13.46 -19.30
CA GLY A 91 14.51 -14.64 -18.82
C GLY A 91 13.77 -15.29 -19.97
N GLY A 92 13.16 -16.44 -19.73
CA GLY A 92 12.33 -17.05 -20.75
C GLY A 92 12.34 -18.57 -20.65
N GLY A 93 11.25 -19.21 -21.10
CA GLY A 93 11.08 -20.65 -20.98
C GLY A 93 12.02 -21.51 -21.83
N ILE A 94 12.25 -21.10 -23.07
CA ILE A 94 13.25 -21.76 -23.91
C ILE A 94 14.66 -21.57 -23.35
N PHE A 95 14.99 -20.33 -22.99
CA PHE A 95 16.30 -20.05 -22.43
C PHE A 95 16.55 -20.89 -21.17
N SER A 96 15.59 -20.85 -20.24
CA SER A 96 15.64 -21.55 -18.97
C SER A 96 15.75 -23.05 -19.14
N ALA A 97 14.94 -23.64 -20.03
CA ALA A 97 14.95 -25.09 -20.24
C ALA A 97 16.28 -25.62 -20.77
N ALA A 98 16.93 -24.84 -21.61
CA ALA A 98 18.29 -25.19 -22.04
C ALA A 98 19.34 -25.07 -20.94
N MET A 99 19.27 -24.01 -20.13
CA MET A 99 20.09 -23.88 -18.92
CA MET A 99 20.12 -23.89 -18.95
C MET A 99 19.92 -25.07 -18.02
N SER A 100 18.67 -25.51 -17.88
CA SER A 100 18.29 -26.56 -16.95
C SER A 100 18.92 -27.90 -17.35
N GLY A 101 18.83 -28.24 -18.64
CA GLY A 101 19.43 -29.44 -19.17
C GLY A 101 20.90 -29.52 -18.85
N ILE A 102 21.60 -28.42 -19.11
CA ILE A 102 23.03 -28.30 -18.82
C ILE A 102 23.33 -28.44 -17.34
N ASP A 103 22.53 -27.74 -16.53
CA ASP A 103 22.75 -27.71 -15.10
C ASP A 103 22.61 -29.09 -14.48
N ILE A 104 21.56 -29.82 -14.87
CA ILE A 104 21.32 -31.17 -14.37
C ILE A 104 22.52 -32.07 -14.68
N ALA A 105 23.04 -31.97 -15.90
CA ALA A 105 24.18 -32.77 -16.34
C ALA A 105 25.47 -32.44 -15.56
N LEU A 106 25.56 -31.21 -15.07
CA LEU A 106 26.63 -30.82 -14.17
C LEU A 106 26.57 -31.50 -12.80
N TRP A 107 25.36 -31.63 -12.26
CA TRP A 107 25.16 -32.35 -10.99
C TRP A 107 25.33 -33.86 -11.14
N ASP A 108 25.03 -34.39 -12.32
CA ASP A 108 25.25 -35.81 -12.60
C ASP A 108 26.76 -36.10 -12.53
N ILE A 109 27.54 -35.26 -13.21
CA ILE A 109 29.01 -35.29 -13.14
C ILE A 109 29.56 -35.19 -11.72
N LYS A 110 28.98 -34.29 -10.93
CA LYS A 110 29.46 -34.01 -9.58
C LYS A 110 29.22 -35.24 -8.70
N GLY A 111 28.04 -35.84 -8.84
CA GLY A 111 27.72 -37.09 -8.15
C GLY A 111 28.62 -38.26 -8.53
N LYS A 112 28.83 -38.43 -9.82
CA LYS A 112 29.65 -39.53 -10.32
C LYS A 112 31.11 -39.41 -9.87
N ALA A 113 31.62 -38.17 -9.90
CA ALA A 113 32.94 -37.84 -9.37
C ALA A 113 33.14 -38.17 -7.89
N TRP A 114 32.09 -38.04 -7.09
CA TRP A 114 32.23 -38.29 -5.66
C TRP A 114 31.64 -39.64 -5.26
N GLY A 115 30.91 -40.26 -6.17
CA GLY A 115 30.34 -41.58 -5.94
C GLY A 115 29.09 -41.50 -5.09
N VAL A 116 28.30 -40.43 -5.23
CA VAL A 116 27.17 -40.18 -4.35
CA VAL A 116 27.19 -40.09 -4.32
C VAL A 116 25.88 -39.83 -5.09
N PRO A 117 24.74 -40.39 -4.64
CA PRO A 117 23.50 -39.99 -5.30
C PRO A 117 23.11 -38.52 -5.05
N LEU A 118 22.42 -37.94 -6.03
CA LEU A 118 22.03 -36.54 -6.00
C LEU A 118 21.36 -36.08 -4.72
N TYR A 119 20.41 -36.86 -4.18
CA TYR A 119 19.69 -36.44 -2.97
C TYR A 119 20.61 -36.10 -1.81
N LYS A 120 21.71 -36.85 -1.67
CA LYS A 120 22.66 -36.61 -0.60
C LYS A 120 23.43 -35.29 -0.79
N MET A 121 23.71 -34.94 -2.05
CA MET A 121 24.31 -33.65 -2.37
C MET A 121 23.32 -32.50 -2.21
N LEU A 122 22.02 -32.79 -2.21
CA LEU A 122 21.00 -31.77 -1.98
C LEU A 122 20.59 -31.68 -0.50
N GLY A 123 21.29 -32.40 0.37
CA GLY A 123 21.02 -32.33 1.80
C GLY A 123 20.38 -33.54 2.45
N GLY A 124 20.30 -34.65 1.72
CA GLY A 124 20.11 -35.95 2.33
C GLY A 124 18.69 -36.46 2.21
N LYS A 125 18.36 -37.47 3.00
CA LYS A 125 17.10 -38.17 2.81
C LYS A 125 16.13 -37.64 3.86
N SER A 126 15.29 -36.69 3.48
CA SER A 126 14.30 -36.13 4.41
C SER A 126 13.01 -36.95 4.54
N ARG A 127 12.82 -37.91 3.64
CA ARG A 127 11.69 -38.84 3.68
C ARG A 127 12.05 -40.12 2.95
N GLU A 128 11.41 -41.23 3.30
CA GLU A 128 11.85 -42.55 2.84
C GLU A 128 11.09 -43.00 1.59
N LYS A 129 9.87 -42.52 1.43
CA LYS A 129 9.06 -42.83 0.25
C LYS A 129 8.49 -41.54 -0.32
N ILE A 130 8.14 -41.56 -1.61
CA ILE A 130 7.61 -40.40 -2.30
CA ILE A 130 7.63 -40.40 -2.32
C ILE A 130 6.18 -40.66 -2.78
N ARG A 131 5.21 -40.03 -2.10
CA ARG A 131 3.79 -40.15 -2.47
C ARG A 131 3.49 -39.65 -3.88
N THR A 132 2.64 -40.37 -4.61
CA THR A 132 2.45 -40.09 -6.03
C THR A 132 0.97 -39.94 -6.35
N TYR A 133 0.65 -39.09 -7.32
CA TYR A 133 -0.69 -39.10 -7.91
C TYR A 133 -0.70 -39.56 -9.36
N ALA A 134 -1.84 -40.08 -9.78
CA ALA A 134 -2.10 -40.45 -11.18
C ALA A 134 -2.52 -39.20 -11.92
N SER A 135 -1.71 -38.77 -12.89
CA SER A 135 -1.88 -37.44 -13.50
C SER A 135 -2.65 -37.54 -14.83
N GLN A 136 -3.50 -36.56 -15.09
CA GLN A 136 -4.23 -36.38 -16.36
C GLN A 136 -5.19 -37.51 -16.77
N LEU A 137 -6.12 -37.82 -15.87
CA LEU A 137 -7.11 -38.87 -16.04
C LEU A 137 -8.09 -38.70 -17.18
N GLN A 138 -8.17 -37.49 -17.75
CA GLN A 138 -8.98 -37.24 -18.95
C GLN A 138 -8.49 -38.07 -20.13
N PHE A 139 -7.28 -38.60 -20.02
CA PHE A 139 -6.74 -39.43 -21.09
C PHE A 139 -6.74 -40.90 -20.71
N GLY A 140 -7.41 -41.22 -19.60
CA GLY A 140 -7.55 -42.60 -19.16
C GLY A 140 -6.49 -43.07 -18.21
N TRP A 141 -6.69 -44.28 -17.69
CA TRP A 141 -5.73 -44.94 -16.82
C TRP A 141 -5.99 -46.45 -16.88
N GLY A 142 -4.94 -47.23 -16.64
CA GLY A 142 -4.97 -48.69 -16.84
C GLY A 142 -4.33 -49.08 -18.16
N ASP A 143 -4.01 -50.36 -18.33
CA ASP A 143 -3.53 -50.83 -19.64
C ASP A 143 -4.64 -50.94 -20.67
N GLY A 144 -4.29 -50.73 -21.94
CA GLY A 144 -5.27 -50.62 -23.01
C GLY A 144 -5.94 -49.25 -23.09
N SER A 145 -5.47 -48.30 -22.29
CA SER A 145 -6.03 -46.95 -22.29
C SER A 145 -5.11 -45.94 -23.00
N ASP A 146 -4.32 -46.41 -23.97
CA ASP A 146 -3.15 -45.68 -24.46
C ASP A 146 -3.47 -44.42 -25.27
N LYS A 147 -4.65 -44.37 -25.89
CA LYS A 147 -5.24 -43.08 -26.26
C LYS A 147 -6.75 -42.98 -26.03
N ASP A 148 -7.13 -43.06 -24.76
CA ASP A 148 -8.45 -42.62 -24.34
C ASP A 148 -8.62 -41.12 -24.46
N MET A 149 -9.78 -40.69 -24.98
CA MET A 149 -10.21 -39.31 -24.88
C MET A 149 -11.56 -39.28 -24.19
N LEU A 150 -11.55 -39.33 -22.87
CA LEU A 150 -12.76 -39.58 -22.08
C LEU A 150 -13.72 -38.40 -22.12
N THR A 151 -15.02 -38.67 -22.24
CA THR A 151 -16.02 -37.60 -22.37
C THR A 151 -17.10 -37.62 -21.30
N GLU A 152 -17.48 -38.81 -20.85
CA GLU A 152 -18.66 -38.96 -19.99
C GLU A 152 -18.24 -39.03 -18.53
N PRO A 153 -19.02 -38.40 -17.63
CA PRO A 153 -18.69 -38.43 -16.20
C PRO A 153 -18.35 -39.85 -15.70
N GLU A 154 -19.16 -40.83 -16.11
CA GLU A 154 -18.97 -42.24 -15.74
C GLU A 154 -17.58 -42.77 -16.12
N GLN A 155 -17.10 -42.37 -17.30
CA GLN A 155 -15.75 -42.73 -17.76
C GLN A 155 -14.66 -42.17 -16.86
N TYR A 156 -14.82 -40.91 -16.43
CA TYR A 156 -13.87 -40.25 -15.53
C TYR A 156 -13.83 -40.94 -14.17
N ALA A 157 -15.01 -41.24 -13.63
CA ALA A 157 -15.13 -42.02 -12.39
C ALA A 157 -14.39 -43.36 -12.49
N GLN A 158 -14.59 -44.05 -13.62
CA GLN A 158 -13.96 -45.34 -13.88
C GLN A 158 -12.44 -45.26 -13.91
N ALA A 159 -11.90 -44.30 -14.67
CA ALA A 159 -10.44 -44.14 -14.76
C ALA A 159 -9.82 -43.85 -13.39
N ALA A 160 -10.55 -43.08 -12.58
CA ALA A 160 -10.15 -42.73 -11.22
C ALA A 160 -10.13 -43.97 -10.34
N LEU A 161 -11.16 -44.79 -10.49
CA LEU A 161 -11.27 -46.06 -9.75
C LEU A 161 -10.20 -47.06 -10.13
N THR A 162 -9.86 -47.10 -11.41
CA THR A 162 -8.72 -47.89 -11.89
C THR A 162 -7.41 -47.48 -11.22
N ALA A 163 -7.16 -46.18 -11.14
CA ALA A 163 -5.92 -45.67 -10.55
C ALA A 163 -5.87 -45.99 -9.05
N VAL A 164 -7.01 -45.91 -8.39
CA VAL A 164 -7.12 -46.24 -6.96
C VAL A 164 -6.78 -47.71 -6.73
N SER A 165 -7.24 -48.55 -7.65
CA SER A 165 -7.00 -50.00 -7.56
C SER A 165 -5.53 -50.35 -7.72
N GLU A 166 -4.77 -49.48 -8.40
CA GLU A 166 -3.32 -49.69 -8.57
C GLU A 166 -2.49 -49.15 -7.40
N GLY A 167 -3.13 -48.54 -6.42
CA GLY A 167 -2.41 -48.05 -5.25
C GLY A 167 -2.32 -46.54 -5.06
N TYR A 168 -2.91 -45.78 -5.99
CA TYR A 168 -2.84 -44.32 -5.93
C TYR A 168 -3.96 -43.76 -5.07
N ASP A 169 -3.60 -42.94 -4.08
CA ASP A 169 -4.60 -42.26 -3.27
C ASP A 169 -4.78 -40.79 -3.64
N ALA A 170 -4.36 -40.44 -4.84
CA ALA A 170 -4.63 -39.12 -5.39
C ALA A 170 -4.55 -39.15 -6.89
N ILE A 171 -5.36 -38.28 -7.50
CA ILE A 171 -5.48 -38.19 -8.94
C ILE A 171 -5.52 -36.71 -9.32
N LYS A 172 -5.06 -36.41 -10.53
CA LYS A 172 -5.32 -35.10 -11.13
C LYS A 172 -6.00 -35.22 -12.49
N VAL A 173 -6.86 -34.25 -12.79
CA VAL A 173 -7.70 -34.33 -13.98
C VAL A 173 -8.09 -32.94 -14.43
N ASP A 174 -8.03 -32.72 -15.74
CA ASP A 174 -8.65 -31.57 -16.38
C ASP A 174 -9.99 -32.02 -16.94
N THR A 175 -11.08 -31.65 -16.26
CA THR A 175 -12.41 -32.07 -16.67
C THR A 175 -13.12 -31.09 -17.62
N VAL A 176 -12.46 -29.98 -17.96
CA VAL A 176 -13.12 -28.92 -18.74
C VAL A 176 -12.75 -28.92 -20.24
N ALA A 177 -11.50 -29.27 -20.54
CA ALA A 177 -10.92 -28.98 -21.86
C ALA A 177 -11.24 -30.04 -22.94
N MET A 178 -11.87 -31.14 -22.53
CA MET A 178 -12.45 -32.07 -23.49
C MET A 178 -13.91 -31.72 -23.66
N ASP A 179 -14.36 -31.48 -24.89
CA ASP A 179 -15.80 -31.27 -25.11
C ASP A 179 -16.57 -32.60 -25.04
N ARG A 180 -17.87 -32.57 -25.34
CA ARG A 180 -18.67 -33.78 -25.22
C ARG A 180 -18.38 -34.74 -26.36
N HIS A 181 -17.68 -34.26 -27.38
CA HIS A 181 -17.40 -35.05 -28.58
C HIS A 181 -15.99 -35.62 -28.62
N GLY A 182 -15.17 -35.28 -27.63
CA GLY A 182 -13.84 -35.84 -27.53
C GLY A 182 -12.80 -34.99 -28.23
N ASN A 183 -13.13 -33.73 -28.45
CA ASN A 183 -12.14 -32.75 -28.93
C ASN A 183 -11.43 -32.07 -27.75
N TRP A 184 -10.10 -31.93 -27.86
CA TRP A 184 -9.26 -31.41 -26.78
C TRP A 184 -8.89 -29.96 -27.04
N ASN A 185 -9.22 -29.08 -26.09
CA ASN A 185 -8.80 -27.68 -26.10
C ASN A 185 -9.22 -27.00 -27.40
N GLN A 186 -10.51 -27.04 -27.69
CA GLN A 186 -10.97 -26.41 -28.90
C GLN A 186 -12.05 -25.38 -28.72
N GLN A 187 -12.59 -25.30 -27.50
CA GLN A 187 -13.54 -24.23 -27.17
C GLN A 187 -12.81 -23.01 -26.57
N ASN A 188 -13.40 -21.83 -26.71
CA ASN A 188 -12.82 -20.64 -26.10
C ASN A 188 -13.19 -20.60 -24.62
N LEU A 189 -12.18 -20.77 -23.78
CA LEU A 189 -12.46 -20.85 -22.35
C LEU A 189 -12.14 -19.56 -21.59
N ASN A 190 -11.97 -18.46 -22.33
CA ASN A 190 -11.76 -17.12 -21.75
C ASN A 190 -13.05 -16.32 -21.52
N GLY A 191 -13.09 -15.56 -20.43
CA GLY A 191 -14.21 -14.66 -20.18
C GLY A 191 -15.30 -15.35 -19.39
N PRO A 192 -16.44 -14.66 -19.16
CA PRO A 192 -17.55 -15.34 -18.50
C PRO A 192 -18.14 -16.39 -19.44
N LEU A 193 -18.52 -17.57 -18.93
CA LEU A 193 -18.86 -18.68 -19.80
C LEU A 193 -20.29 -19.13 -19.53
N THR A 194 -20.99 -19.60 -20.58
CA THR A 194 -22.33 -20.16 -20.41
C THR A 194 -22.25 -21.41 -19.53
N ASP A 195 -23.28 -21.62 -18.72
CA ASP A 195 -23.24 -22.68 -17.72
C ASP A 195 -22.85 -24.05 -18.26
N LYS A 196 -23.35 -24.39 -19.44
CA LYS A 196 -23.18 -25.74 -19.98
C LYS A 196 -21.71 -26.12 -20.20
N ILE A 197 -20.90 -25.14 -20.61
CA ILE A 197 -19.48 -25.38 -20.82
C ILE A 197 -18.81 -25.90 -19.55
N LEU A 198 -19.13 -25.29 -18.41
CA LEU A 198 -18.46 -25.63 -17.15
C LEU A 198 -19.20 -26.70 -16.36
N ARG A 199 -20.50 -26.86 -16.63
CA ARG A 199 -21.35 -27.85 -15.95
C ARG A 199 -20.87 -29.27 -16.25
N LEU A 200 -20.48 -29.50 -17.51
CA LEU A 200 -19.84 -30.73 -17.93
C LEU A 200 -18.60 -31.08 -17.10
N GLY A 201 -17.67 -30.12 -17.02
CA GLY A 201 -16.52 -30.20 -16.12
C GLY A 201 -16.89 -30.53 -14.69
N TYR A 202 -17.87 -29.81 -14.14
CA TYR A 202 -18.33 -30.09 -12.78
C TYR A 202 -18.89 -31.51 -12.60
N ASP A 203 -19.70 -31.96 -13.56
CA ASP A 203 -20.34 -33.28 -13.49
C ASP A 203 -19.31 -34.41 -13.57
N ARG A 204 -18.33 -34.26 -14.47
CA ARG A 204 -17.20 -35.19 -14.50
C ARG A 204 -16.47 -35.23 -13.16
N MET A 205 -16.20 -34.05 -12.60
CA MET A 205 -15.44 -33.96 -11.36
C MET A 205 -16.23 -34.53 -10.17
N ALA A 206 -17.55 -34.30 -10.15
CA ALA A 206 -18.37 -34.77 -9.05
C ALA A 206 -18.56 -36.29 -9.12
N ALA A 207 -18.58 -36.81 -10.35
CA ALA A 207 -18.55 -38.26 -10.62
C ALA A 207 -17.31 -38.94 -10.04
N ILE A 208 -16.14 -38.34 -10.26
CA ILE A 208 -14.92 -38.84 -9.62
C ILE A 208 -15.04 -38.87 -8.09
N ARG A 209 -15.43 -37.74 -7.49
CA ARG A 209 -15.50 -37.65 -6.03
C ARG A 209 -16.49 -38.66 -5.42
N ASP A 210 -17.60 -38.88 -6.12
CA ASP A 210 -18.61 -39.87 -5.73
C ASP A 210 -18.04 -41.29 -5.78
N ALA A 211 -17.26 -41.56 -6.82
CA ALA A 211 -16.64 -42.87 -7.00
C ALA A 211 -15.55 -43.17 -5.96
N VAL A 212 -14.63 -42.22 -5.73
CA VAL A 212 -13.45 -42.52 -4.94
C VAL A 212 -13.64 -42.32 -3.42
N GLY A 213 -14.65 -41.58 -3.02
CA GLY A 213 -14.83 -41.25 -1.61
C GLY A 213 -13.99 -40.06 -1.16
N PRO A 214 -14.05 -39.74 0.14
CA PRO A 214 -13.39 -38.54 0.69
C PRO A 214 -11.87 -38.66 0.81
N ASP A 215 -11.35 -39.89 0.86
CA ASP A 215 -9.96 -40.11 1.26
C ASP A 215 -9.03 -40.35 0.07
N VAL A 216 -9.54 -40.13 -1.14
CA VAL A 216 -8.66 -39.98 -2.29
C VAL A 216 -8.63 -38.50 -2.68
N ASP A 217 -7.42 -37.97 -2.85
CA ASP A 217 -7.27 -36.55 -3.16
C ASP A 217 -7.49 -36.27 -4.64
N ILE A 218 -8.13 -35.14 -4.95
CA ILE A 218 -8.37 -34.78 -6.32
C ILE A 218 -7.76 -33.38 -6.60
N ILE A 219 -6.85 -33.33 -7.56
CA ILE A 219 -6.31 -32.07 -8.05
C ILE A 219 -7.05 -31.71 -9.34
N ALA A 220 -7.55 -30.47 -9.41
CA ALA A 220 -8.18 -29.97 -10.62
C ALA A 220 -7.18 -29.17 -11.43
N GLU A 221 -6.92 -29.62 -12.65
CA GLU A 221 -5.91 -29.03 -13.53
C GLU A 221 -6.64 -28.24 -14.60
N MET A 222 -6.14 -27.04 -14.91
CA MET A 222 -6.83 -26.15 -15.85
C MET A 222 -5.96 -25.81 -17.05
N HIS A 223 -4.65 -26.07 -16.94
CA HIS A 223 -3.69 -25.90 -18.04
C HIS A 223 -3.51 -24.44 -18.48
N ALA A 224 -4.07 -23.48 -17.73
CA ALA A 224 -4.19 -22.08 -18.14
C ALA A 224 -4.91 -21.90 -19.48
N PHE A 225 -5.90 -22.76 -19.72
CA PHE A 225 -6.77 -22.62 -20.89
C PHE A 225 -7.87 -21.61 -20.51
N THR A 226 -8.16 -21.53 -19.23
CA THR A 226 -9.07 -20.54 -18.68
C THR A 226 -8.32 -19.20 -18.49
N ASP A 227 -9.10 -18.11 -18.33
CA ASP A 227 -8.54 -16.86 -17.84
C ASP A 227 -9.05 -16.60 -16.42
N THR A 228 -8.77 -15.41 -15.89
CA THR A 228 -9.18 -15.07 -14.52
C THR A 228 -10.68 -15.27 -14.28
N THR A 229 -11.51 -14.76 -15.18
CA THR A 229 -12.96 -14.86 -14.99
C THR A 229 -13.51 -16.28 -14.98
N SER A 230 -13.16 -17.07 -15.99
CA SER A 230 -13.59 -18.46 -16.06
C SER A 230 -12.94 -19.38 -15.02
N ALA A 231 -11.69 -19.12 -14.65
CA ALA A 231 -11.04 -19.89 -13.58
C ALA A 231 -11.81 -19.70 -12.26
N ILE A 232 -12.22 -18.46 -12.01
CA ILE A 232 -13.06 -18.16 -10.83
C ILE A 232 -14.44 -18.83 -10.91
N GLN A 233 -15.06 -18.78 -12.08
CA GLN A 233 -16.40 -19.37 -12.28
C GLN A 233 -16.33 -20.88 -11.96
N PHE A 234 -15.36 -21.55 -12.56
CA PHE A 234 -15.16 -22.97 -12.35
C PHE A 234 -14.75 -23.34 -10.93
N GLY A 235 -13.79 -22.61 -10.37
CA GLY A 235 -13.31 -22.94 -9.01
C GLY A 235 -14.41 -22.90 -7.98
N ARG A 236 -15.28 -21.90 -8.08
CA ARG A 236 -16.41 -21.71 -7.17
CA ARG A 236 -16.37 -21.75 -7.14
C ARG A 236 -17.42 -22.87 -7.28
N MET A 237 -17.56 -23.41 -8.49
CA MET A 237 -18.43 -24.58 -8.76
C MET A 237 -17.89 -25.84 -8.06
N ILE A 238 -16.57 -26.01 -8.07
CA ILE A 238 -15.95 -27.24 -7.59
C ILE A 238 -15.45 -27.18 -6.14
N GLU A 239 -15.51 -25.99 -5.52
CA GLU A 239 -15.19 -25.82 -4.10
C GLU A 239 -15.72 -26.91 -3.15
N GLU A 240 -16.99 -27.26 -3.32
CA GLU A 240 -17.65 -28.21 -2.42
C GLU A 240 -17.17 -29.66 -2.62
N LEU A 241 -16.45 -29.93 -3.69
CA LEU A 241 -15.98 -31.28 -3.97
C LEU A 241 -14.71 -31.69 -3.17
N GLY A 242 -14.17 -30.76 -2.37
CA GLY A 242 -13.00 -31.06 -1.54
C GLY A 242 -11.74 -31.20 -2.39
N ILE A 243 -11.44 -30.16 -3.18
CA ILE A 243 -10.30 -30.16 -4.12
C ILE A 243 -8.93 -29.93 -3.41
N PHE A 244 -7.95 -30.79 -3.70
CA PHE A 244 -6.65 -30.82 -2.99
C PHE A 244 -5.84 -29.56 -3.33
N TYR A 245 -5.62 -29.34 -4.61
CA TYR A 245 -5.35 -27.99 -5.10
C TYR A 245 -5.80 -27.76 -6.54
N TYR A 246 -5.74 -26.50 -6.96
CA TYR A 246 -6.35 -26.05 -8.22
C TYR A 246 -5.18 -25.53 -9.06
N GLU A 247 -4.86 -26.21 -10.15
CA GLU A 247 -3.56 -26.06 -10.82
C GLU A 247 -3.63 -25.17 -12.08
N GLU A 248 -2.73 -24.21 -12.16
CA GLU A 248 -2.67 -23.27 -13.28
C GLU A 248 -4.02 -22.72 -13.74
N PRO A 249 -4.80 -22.10 -12.82
CA PRO A 249 -6.08 -21.57 -13.26
C PRO A 249 -5.90 -20.46 -14.33
N VAL A 250 -4.75 -19.80 -14.32
CA VAL A 250 -4.54 -18.69 -15.23
C VAL A 250 -3.02 -18.65 -15.52
N MET A 251 -2.61 -18.09 -16.66
CA MET A 251 -1.19 -17.96 -16.99
C MET A 251 -0.48 -16.99 -16.02
N PRO A 252 0.87 -17.08 -15.90
CA PRO A 252 1.62 -16.27 -14.93
C PRO A 252 2.09 -14.88 -15.36
N LEU A 253 1.77 -14.46 -16.58
CA LEU A 253 2.37 -13.25 -17.18
C LEU A 253 2.10 -11.96 -16.40
N ASN A 254 0.90 -11.85 -15.82
CA ASN A 254 0.57 -10.81 -14.82
C ASN A 254 0.20 -11.53 -13.51
N PRO A 255 1.13 -11.57 -12.54
CA PRO A 255 0.90 -12.27 -11.28
C PRO A 255 -0.33 -11.85 -10.48
N ALA A 256 -0.89 -10.66 -10.79
CA ALA A 256 -2.05 -10.14 -10.07
C ALA A 256 -3.29 -10.94 -10.39
N GLN A 257 -3.33 -11.55 -11.58
CA GLN A 257 -4.46 -12.37 -11.99
C GLN A 257 -4.54 -13.65 -11.15
N MET A 258 -3.40 -14.28 -10.90
CA MET A 258 -3.33 -15.40 -9.94
C MET A 258 -3.85 -15.03 -8.55
N LYS A 259 -3.44 -13.86 -8.08
CA LYS A 259 -3.96 -13.31 -6.82
C LYS A 259 -5.48 -13.11 -6.85
N GLN A 260 -6.00 -12.62 -7.97
CA GLN A 260 -7.45 -12.44 -8.10
C GLN A 260 -8.18 -13.79 -7.99
N VAL A 261 -7.65 -14.85 -8.61
CA VAL A 261 -8.24 -16.19 -8.49
C VAL A 261 -8.19 -16.67 -7.02
N ALA A 262 -7.04 -16.49 -6.37
CA ALA A 262 -6.85 -16.87 -4.96
C ALA A 262 -7.86 -16.20 -4.04
N ASP A 263 -8.15 -14.93 -4.32
CA ASP A 263 -9.10 -14.15 -3.52
C ASP A 263 -10.54 -14.68 -3.62
N LYS A 264 -10.92 -15.15 -4.81
CA LYS A 264 -12.32 -15.43 -5.13
C LYS A 264 -12.63 -16.92 -5.07
N VAL A 265 -11.59 -17.74 -5.06
CA VAL A 265 -11.76 -19.21 -5.04
C VAL A 265 -11.15 -19.74 -3.75
N ASN A 266 -11.94 -20.50 -2.98
CA ASN A 266 -11.46 -21.06 -1.70
C ASN A 266 -10.92 -22.47 -1.85
N ILE A 267 -10.01 -22.65 -2.80
CA ILE A 267 -9.19 -23.87 -2.94
C ILE A 267 -7.74 -23.34 -3.00
N PRO A 268 -6.77 -24.03 -2.38
CA PRO A 268 -5.33 -23.71 -2.58
C PRO A 268 -4.87 -23.76 -4.05
N LEU A 269 -4.18 -22.72 -4.51
CA LEU A 269 -3.71 -22.68 -5.91
C LEU A 269 -2.33 -23.30 -6.09
N ALA A 270 -2.11 -23.91 -7.26
CA ALA A 270 -0.79 -24.37 -7.64
C ALA A 270 -0.41 -23.87 -9.01
N ALA A 271 0.87 -23.59 -9.20
CA ALA A 271 1.38 -23.23 -10.51
C ALA A 271 2.87 -23.38 -10.40
N GLY A 272 3.54 -23.38 -11.56
CA GLY A 272 4.99 -23.31 -11.56
C GLY A 272 5.67 -23.91 -12.80
N GLU A 273 4.96 -24.76 -13.53
CA GLU A 273 5.59 -25.34 -14.74
C GLU A 273 5.99 -24.28 -15.78
N ARG A 274 5.31 -23.13 -15.73
CA ARG A 274 5.61 -22.01 -16.60
C ARG A 274 6.06 -20.74 -15.90
N ILE A 275 6.63 -20.91 -14.72
CA ILE A 275 7.25 -19.85 -13.92
C ILE A 275 8.71 -20.26 -13.65
N TYR A 276 9.64 -19.37 -13.97
CA TYR A 276 11.05 -19.75 -14.07
C TYR A 276 11.93 -18.96 -13.12
N TRP A 277 12.82 -19.68 -12.43
CA TRP A 277 13.87 -19.13 -11.55
C TRP A 277 13.30 -18.52 -10.27
N ARG A 278 14.18 -18.23 -9.32
CA ARG A 278 13.76 -17.50 -8.11
C ARG A 278 12.99 -16.21 -8.49
N TRP A 279 13.50 -15.48 -9.49
CA TRP A 279 12.88 -14.24 -9.93
C TRP A 279 11.41 -14.43 -10.39
N GLY A 280 11.13 -15.55 -11.05
CA GLY A 280 9.79 -15.79 -11.58
C GLY A 280 8.81 -16.12 -10.48
N TYR A 281 9.30 -16.82 -9.46
CA TYR A 281 8.47 -17.12 -8.29
C TYR A 281 8.25 -15.95 -7.36
N ARG A 282 9.24 -15.06 -7.26
CA ARG A 282 9.17 -13.94 -6.33
C ARG A 282 7.80 -13.24 -6.19
N PRO A 283 7.19 -12.76 -7.30
CA PRO A 283 5.91 -12.03 -7.16
C PRO A 283 4.76 -12.87 -6.64
N PHE A 284 4.76 -14.16 -6.98
CA PHE A 284 3.75 -15.11 -6.44
C PHE A 284 3.94 -15.41 -4.95
N LEU A 285 5.17 -15.29 -4.50
CA LEU A 285 5.45 -15.48 -3.07
C LEU A 285 5.04 -14.23 -2.32
N GLU A 286 5.39 -13.08 -2.87
CA GLU A 286 5.06 -11.80 -2.26
C GLU A 286 3.57 -11.48 -2.26
N ASN A 287 2.85 -11.92 -3.29
CA ASN A 287 1.44 -11.61 -3.38
C ASN A 287 0.53 -12.66 -2.73
N GLY A 288 1.12 -13.76 -2.27
CA GLY A 288 0.38 -14.78 -1.50
C GLY A 288 -0.61 -15.59 -2.32
N SER A 289 -0.45 -15.62 -3.65
CA SER A 289 -1.44 -16.31 -4.51
C SER A 289 -1.35 -17.84 -4.55
N LEU A 290 -0.13 -18.36 -4.45
CA LEU A 290 0.11 -19.81 -4.61
C LEU A 290 0.22 -20.48 -3.26
N SER A 291 -0.34 -21.67 -3.11
CA SER A 291 -0.11 -22.49 -1.93
C SER A 291 0.89 -23.59 -2.22
N VAL A 292 0.86 -24.10 -3.45
CA VAL A 292 1.73 -25.19 -3.89
C VAL A 292 2.49 -24.71 -5.13
N ILE A 293 3.81 -24.88 -5.14
CA ILE A 293 4.60 -24.52 -6.32
C ILE A 293 5.07 -25.76 -7.08
N GLN A 294 5.13 -25.63 -8.41
CA GLN A 294 5.36 -26.77 -9.27
C GLN A 294 6.46 -26.55 -10.30
N PRO A 295 7.67 -26.17 -9.85
CA PRO A 295 8.71 -26.01 -10.84
C PRO A 295 9.05 -27.35 -11.46
N ASP A 296 9.31 -27.33 -12.76
CA ASP A 296 9.85 -28.48 -13.48
C ASP A 296 11.38 -28.29 -13.48
N ILE A 297 12.12 -29.26 -12.97
CA ILE A 297 13.58 -29.11 -12.87
C ILE A 297 14.21 -28.95 -14.26
N CYS A 298 13.57 -29.53 -15.28
CA CYS A 298 14.11 -29.55 -16.65
C CYS A 298 13.70 -28.32 -17.46
N THR A 299 12.77 -27.53 -16.92
CA THR A 299 12.33 -26.26 -17.57
C THR A 299 12.69 -25.02 -16.77
N CYS A 300 12.59 -25.09 -15.45
CA CYS A 300 12.52 -23.88 -14.64
C CYS A 300 13.82 -23.50 -13.94
N GLY A 301 14.92 -24.14 -14.33
CA GLY A 301 16.24 -23.61 -14.01
C GLY A 301 17.29 -24.65 -13.68
N GLY A 302 16.89 -25.91 -13.58
CA GLY A 302 17.82 -27.01 -13.25
C GLY A 302 17.88 -27.24 -11.77
N ILE A 303 18.80 -28.11 -11.35
CA ILE A 303 18.89 -28.46 -9.93
C ILE A 303 19.38 -27.29 -9.08
N THR A 304 20.34 -26.54 -9.60
CA THR A 304 20.91 -25.42 -8.83
C THR A 304 19.83 -24.41 -8.45
N GLU A 305 19.00 -24.05 -9.42
CA GLU A 305 18.00 -23.01 -9.22
C GLU A 305 16.73 -23.55 -8.57
N VAL A 306 16.30 -24.75 -8.95
CA VAL A 306 15.07 -25.26 -8.34
C VAL A 306 15.22 -25.52 -6.82
N LYS A 307 16.38 -26.02 -6.38
CA LYS A 307 16.65 -26.09 -4.95
C LYS A 307 16.46 -24.72 -4.28
N LYS A 308 16.98 -23.67 -4.90
CA LYS A 308 16.84 -22.30 -4.37
C LYS A 308 15.38 -21.83 -4.34
N ILE A 309 14.64 -22.13 -5.40
CA ILE A 309 13.19 -21.92 -5.43
C ILE A 309 12.48 -22.57 -4.25
N CYS A 310 12.74 -23.85 -4.00
CA CYS A 310 12.07 -24.58 -2.92
C CYS A 310 12.39 -24.00 -1.56
N ASP A 311 13.65 -23.58 -1.38
CA ASP A 311 14.12 -22.99 -0.11
C ASP A 311 13.52 -21.63 0.19
N MET A 312 13.44 -20.79 -0.84
CA MET A 312 12.79 -19.48 -0.74
C MET A 312 11.29 -19.63 -0.49
N ALA A 313 10.67 -20.57 -1.17
CA ALA A 313 9.24 -20.77 -1.00
C ALA A 313 8.83 -21.22 0.43
N HIS A 314 9.75 -21.90 1.12
CA HIS A 314 9.53 -22.41 2.48
C HIS A 314 9.29 -21.27 3.48
N VAL A 315 9.93 -20.12 3.25
CA VAL A 315 9.67 -18.90 4.05
C VAL A 315 8.20 -18.45 4.04
N TYR A 316 7.49 -18.81 2.96
CA TYR A 316 6.12 -18.33 2.74
C TYR A 316 5.19 -19.53 2.83
N ASP A 317 5.68 -20.59 3.47
CA ASP A 317 4.88 -21.78 3.75
C ASP A 317 4.33 -22.43 2.49
N LYS A 318 5.11 -22.47 1.42
CA LYS A 318 4.69 -23.23 0.24
C LYS A 318 5.23 -24.63 0.30
N THR A 319 4.44 -25.55 -0.24
CA THR A 319 4.92 -26.90 -0.43
C THR A 319 5.08 -27.15 -1.93
N VAL A 320 5.78 -28.23 -2.26
CA VAL A 320 6.33 -28.39 -3.59
C VAL A 320 5.87 -29.71 -4.19
N GLN A 321 5.31 -29.63 -5.39
CA GLN A 321 5.14 -30.78 -6.25
C GLN A 321 5.90 -30.49 -7.53
N ILE A 322 7.06 -31.11 -7.71
CA ILE A 322 7.83 -30.95 -8.95
C ILE A 322 6.94 -31.29 -10.14
N HIS A 323 6.93 -30.42 -11.15
CA HIS A 323 6.27 -30.74 -12.40
C HIS A 323 7.13 -31.74 -13.17
N VAL A 324 6.54 -32.88 -13.54
CA VAL A 324 7.25 -33.88 -14.30
C VAL A 324 6.45 -34.28 -15.54
N CYS A 325 6.97 -33.91 -16.71
CA CYS A 325 6.44 -34.44 -17.98
C CYS A 325 7.56 -34.57 -19.01
N GLY A 326 8.45 -35.53 -18.81
CA GLY A 326 9.46 -35.81 -19.82
C GLY A 326 9.84 -37.27 -19.79
N GLY A 327 11.13 -37.55 -19.92
CA GLY A 327 11.63 -38.92 -19.92
C GLY A 327 12.06 -39.38 -18.53
N PRO A 328 12.60 -40.59 -18.45
CA PRO A 328 13.08 -41.11 -17.16
C PRO A 328 14.05 -40.19 -16.41
N ILE A 329 14.82 -39.39 -17.15
CA ILE A 329 15.80 -38.50 -16.51
C ILE A 329 15.11 -37.43 -15.68
N SER A 330 14.07 -36.84 -16.24
CA SER A 330 13.17 -35.96 -15.50
C SER A 330 12.63 -36.60 -14.22
N THR A 331 12.14 -37.82 -14.33
CA THR A 331 11.62 -38.52 -13.15
C THR A 331 12.68 -38.67 -12.06
N ALA A 332 13.87 -39.15 -12.46
CA ALA A 332 15.00 -39.32 -11.56
C ALA A 332 15.31 -38.06 -10.77
N VAL A 333 15.49 -36.93 -11.47
CA VAL A 333 15.95 -35.72 -10.80
C VAL A 333 14.87 -35.15 -9.90
N ALA A 334 13.62 -35.27 -10.34
CA ALA A 334 12.47 -35.00 -9.48
C ALA A 334 12.50 -35.77 -8.17
N LEU A 335 12.72 -37.09 -8.23
CA LEU A 335 12.78 -37.92 -7.03
C LEU A 335 13.87 -37.52 -6.03
N HIS A 336 15.05 -37.15 -6.54
CA HIS A 336 16.13 -36.62 -5.72
C HIS A 336 15.79 -35.33 -4.99
N MET A 337 15.20 -34.38 -5.73
CA MET A 337 14.84 -33.09 -5.13
C MET A 337 13.78 -33.34 -4.07
N GLU A 338 12.77 -34.12 -4.44
CA GLU A 338 11.63 -34.33 -3.56
C GLU A 338 12.01 -35.14 -2.31
N THR A 339 13.15 -35.84 -2.37
CA THR A 339 13.65 -36.61 -1.23
C THR A 339 14.30 -35.73 -0.21
N ALA A 340 15.05 -34.72 -0.71
CA ALA A 340 15.86 -33.87 0.15
C ALA A 340 15.09 -32.70 0.79
N ILE A 341 14.20 -32.06 0.04
CA ILE A 341 13.57 -30.83 0.53
C ILE A 341 12.57 -31.12 1.68
N PRO A 342 12.53 -30.21 2.69
CA PRO A 342 11.55 -30.34 3.77
C PRO A 342 10.11 -30.13 3.33
N ASN A 343 9.88 -29.32 2.29
CA ASN A 343 8.54 -28.86 1.97
C ASN A 343 7.90 -29.55 0.76
N PHE A 344 8.04 -30.87 0.69
CA PHE A 344 7.47 -31.66 -0.39
C PHE A 344 6.02 -31.96 -0.04
N VAL A 345 5.15 -31.96 -1.04
CA VAL A 345 3.80 -32.51 -0.92
C VAL A 345 3.49 -33.81 -1.64
N ILE A 346 3.63 -33.84 -2.95
CA ILE A 346 3.25 -34.99 -3.75
C ILE A 346 4.04 -35.01 -5.07
N HIS A 347 4.19 -36.20 -5.67
CA HIS A 347 4.86 -36.35 -6.96
C HIS A 347 3.83 -36.62 -8.08
N GLU A 348 4.13 -36.15 -9.29
CA GLU A 348 3.24 -36.30 -10.43
C GLU A 348 3.62 -37.49 -11.31
N LEU A 349 2.69 -38.41 -11.51
CA LEU A 349 2.93 -39.55 -12.40
C LEU A 349 2.01 -39.59 -13.61
N HIS A 350 2.59 -39.44 -14.80
CA HIS A 350 1.83 -39.67 -16.02
C HIS A 350 1.87 -41.13 -16.39
N ARG A 351 0.80 -41.59 -17.05
CA ARG A 351 0.68 -42.97 -17.50
C ARG A 351 1.81 -43.37 -18.47
N TYR A 352 2.13 -42.48 -19.41
CA TYR A 352 3.11 -42.78 -20.46
C TYR A 352 4.50 -43.08 -19.88
N ALA A 353 4.77 -42.54 -18.70
CA ALA A 353 6.08 -42.65 -18.06
C ALA A 353 6.38 -44.09 -17.62
N LEU A 354 5.32 -44.88 -17.45
CA LEU A 354 5.43 -46.29 -17.07
C LEU A 354 5.65 -47.19 -18.29
N LEU A 355 5.39 -46.65 -19.48
CA LEU A 355 5.26 -47.46 -20.69
C LEU A 355 6.59 -47.67 -21.39
N GLU A 356 6.66 -48.73 -22.17
CA GLU A 356 7.85 -49.12 -22.91
C GLU A 356 8.56 -48.08 -23.72
N PRO A 357 7.87 -47.41 -24.60
CA PRO A 357 8.54 -46.36 -25.41
C PRO A 357 9.20 -45.24 -24.60
N ASN A 358 8.71 -45.00 -23.39
CA ASN A 358 9.39 -44.11 -22.45
C ASN A 358 10.59 -44.76 -21.77
N THR A 359 10.34 -45.88 -21.10
CA THR A 359 11.32 -46.42 -20.17
C THR A 359 12.52 -47.02 -20.88
N GLN A 360 12.32 -47.49 -22.11
CA GLN A 360 13.38 -48.15 -22.87
C GLN A 360 14.44 -47.17 -23.37
N THR A 361 14.15 -45.87 -23.30
CA THR A 361 15.12 -44.84 -23.69
C THR A 361 16.30 -44.81 -22.74
N CYS A 362 16.10 -45.29 -21.51
CA CYS A 362 17.11 -45.12 -20.45
C CYS A 362 17.63 -46.40 -19.82
N LYS A 363 18.79 -46.33 -19.18
CA LYS A 363 19.47 -47.52 -18.66
C LYS A 363 18.75 -48.23 -17.52
N TYR A 364 18.09 -47.47 -16.64
CA TYR A 364 17.55 -48.02 -15.39
C TYR A 364 16.05 -47.77 -15.31
N ASN A 365 15.33 -48.71 -14.75
CA ASN A 365 13.87 -48.59 -14.67
C ASN A 365 13.42 -48.39 -13.24
N TYR A 366 13.07 -47.16 -12.91
CA TYR A 366 12.50 -46.85 -11.61
C TYR A 366 10.99 -46.74 -11.75
N LEU A 367 10.28 -47.62 -11.07
CA LEU A 367 8.83 -47.65 -11.20
C LEU A 367 8.21 -47.44 -9.84
N PRO A 368 7.07 -46.73 -9.80
CA PRO A 368 6.42 -46.59 -8.51
C PRO A 368 5.74 -47.90 -8.14
N LYS A 369 5.55 -48.13 -6.84
CA LYS A 369 4.88 -49.32 -6.33
C LYS A 369 3.89 -48.89 -5.26
N ASN A 370 2.61 -49.17 -5.49
CA ASN A 370 1.54 -48.88 -4.54
C ASN A 370 1.38 -47.40 -4.24
N GLY A 371 1.57 -46.60 -5.28
CA GLY A 371 1.44 -45.14 -5.17
C GLY A 371 2.66 -44.42 -4.67
N MET A 372 3.78 -45.14 -4.53
CA MET A 372 4.99 -44.60 -3.87
C MET A 372 6.20 -44.86 -4.76
N TYR A 373 7.08 -43.87 -4.87
CA TYR A 373 8.39 -44.05 -5.49
C TYR A 373 9.46 -44.12 -4.42
N GLU A 374 10.59 -44.77 -4.74
CA GLU A 374 11.80 -44.60 -3.95
C GLU A 374 12.88 -43.97 -4.81
N VAL A 375 13.78 -43.26 -4.15
CA VAL A 375 14.83 -42.49 -4.80
C VAL A 375 15.95 -43.42 -5.36
N PRO A 376 16.52 -43.09 -6.55
CA PRO A 376 17.72 -43.78 -7.02
C PRO A 376 18.89 -43.68 -6.06
N GLU A 377 19.75 -44.70 -6.06
CA GLU A 377 20.85 -44.75 -5.10
C GLU A 377 22.24 -44.72 -5.74
N LEU A 378 22.29 -44.86 -7.06
CA LEU A 378 23.57 -44.86 -7.80
C LEU A 378 24.18 -43.45 -7.75
N PRO A 379 25.50 -43.32 -8.03
CA PRO A 379 26.09 -41.97 -8.17
C PRO A 379 25.38 -41.03 -9.14
N GLY A 380 25.35 -39.74 -8.79
CA GLY A 380 24.73 -38.71 -9.63
C GLY A 380 23.23 -38.87 -9.69
N ILE A 381 22.64 -38.55 -10.83
CA ILE A 381 21.20 -38.62 -10.95
C ILE A 381 20.66 -40.05 -10.99
N GLY A 382 21.54 -41.01 -11.30
CA GLY A 382 21.20 -42.43 -11.31
C GLY A 382 20.42 -42.86 -12.54
N GLN A 383 20.58 -42.10 -13.62
CA GLN A 383 19.84 -42.31 -14.85
C GLN A 383 20.65 -41.84 -16.05
N GLU A 384 20.53 -42.58 -17.16
CA GLU A 384 21.37 -42.36 -18.33
C GLU A 384 20.60 -42.91 -19.52
N LEU A 385 20.75 -42.29 -20.69
CA LEU A 385 20.22 -42.88 -21.93
C LEU A 385 20.99 -44.18 -22.22
N THR A 386 20.34 -45.12 -22.88
CA THR A 386 21.03 -46.36 -23.30
C THR A 386 21.90 -46.09 -24.50
N GLU A 387 22.93 -46.91 -24.70
CA GLU A 387 23.78 -46.83 -25.89
C GLU A 387 22.99 -46.92 -27.21
N GLU A 388 21.99 -47.79 -27.22
CA GLU A 388 21.13 -48.02 -28.39
C GLU A 388 20.33 -46.77 -28.79
N THR A 389 19.73 -46.12 -27.80
CA THR A 389 19.04 -44.85 -27.99
C THR A 389 20.00 -43.78 -28.52
N MET A 390 21.19 -43.69 -27.91
CA MET A 390 22.13 -42.68 -28.33
C MET A 390 22.65 -42.87 -29.75
N LYS A 391 22.83 -44.14 -30.13
CA LYS A 391 23.23 -44.51 -31.50
C LYS A 391 22.26 -44.02 -32.55
N LYS A 392 20.95 -44.13 -32.29
CA LYS A 392 19.95 -43.77 -33.30
C LYS A 392 19.27 -42.40 -33.12
N SER A 393 19.80 -41.57 -32.23
CA SER A 393 19.23 -40.25 -31.98
C SER A 393 20.04 -39.19 -32.69
N PRO A 394 19.39 -38.36 -33.53
CA PRO A 394 20.09 -37.22 -34.14
C PRO A 394 20.77 -36.29 -33.09
N THR A 395 22.06 -36.02 -33.30
CA THR A 395 22.92 -35.46 -32.25
C THR A 395 23.82 -34.33 -32.80
N ILE A 396 23.85 -33.20 -32.09
CA ILE A 396 24.80 -32.14 -32.37
C ILE A 396 25.86 -32.20 -31.29
N THR A 397 27.13 -32.15 -31.68
CA THR A 397 28.21 -32.17 -30.71
C THR A 397 28.90 -30.83 -30.74
N VAL A 398 29.00 -30.19 -29.58
CA VAL A 398 29.72 -28.92 -29.50
C VAL A 398 31.07 -29.22 -28.91
N LYS A 399 32.12 -28.69 -29.53
CA LYS A 399 33.43 -28.75 -28.94
C LYS A 399 34.29 -27.62 -29.47
N LEU B 3 -9.18 -16.07 -51.04
CA LEU B 3 -8.33 -15.36 -50.10
C LEU B 3 -7.03 -16.13 -49.85
N MET B 4 -5.98 -15.39 -49.52
CA MET B 4 -4.64 -15.98 -49.41
C MET B 4 -4.54 -17.12 -48.39
N LYS B 5 -3.35 -17.72 -48.34
CA LYS B 5 -3.01 -18.81 -47.43
C LYS B 5 -1.50 -18.80 -47.39
N ILE B 6 -0.91 -18.99 -46.20
CA ILE B 6 0.52 -19.21 -46.10
C ILE B 6 0.78 -20.60 -46.68
N THR B 7 1.73 -20.69 -47.61
CA THR B 7 2.07 -21.98 -48.20
C THR B 7 3.36 -22.58 -47.62
N SER B 8 4.33 -21.71 -47.34
CA SER B 8 5.57 -22.14 -46.73
C SER B 8 6.19 -20.99 -45.95
N VAL B 9 7.16 -21.31 -45.09
CA VAL B 9 7.98 -20.29 -44.43
C VAL B 9 9.45 -20.66 -44.51
N ASP B 10 10.28 -19.73 -44.98
CA ASP B 10 11.73 -19.90 -44.95
C ASP B 10 12.31 -19.21 -43.74
N ILE B 11 13.21 -19.89 -43.04
CA ILE B 11 13.88 -19.29 -41.90
C ILE B 11 15.35 -19.21 -42.27
N ILE B 12 15.82 -17.99 -42.45
CA ILE B 12 17.05 -17.78 -43.18
C ILE B 12 18.16 -17.34 -42.23
N ASP B 13 19.28 -18.07 -42.23
CA ASP B 13 20.44 -17.72 -41.43
C ASP B 13 21.33 -16.84 -42.31
N VAL B 14 21.15 -15.52 -42.19
CA VAL B 14 21.62 -14.55 -43.20
C VAL B 14 23.15 -14.53 -43.29
N ALA B 15 23.68 -14.93 -44.45
CA ALA B 15 25.11 -14.94 -44.74
C ALA B 15 25.62 -13.51 -44.88
N ASN B 16 26.64 -13.17 -44.11
CA ASN B 16 27.18 -11.80 -44.12
C ASN B 16 28.69 -11.72 -43.92
N ASP B 17 29.26 -10.54 -44.16
CA ASP B 17 30.71 -10.37 -44.19
C ASP B 17 31.33 -9.89 -42.87
N PHE B 18 30.48 -9.56 -41.90
CA PHE B 18 30.92 -9.24 -40.53
C PHE B 18 31.63 -10.41 -39.86
N LYS B 24 29.97 -12.90 -32.28
CA LYS B 24 29.59 -13.02 -33.68
C LYS B 24 28.30 -12.27 -34.04
N TRP B 25 27.91 -12.38 -35.30
CA TRP B 25 26.83 -11.61 -35.87
C TRP B 25 25.95 -12.57 -36.66
N ARG B 26 24.72 -12.74 -36.20
CA ARG B 26 23.85 -13.75 -36.80
C ARG B 26 22.41 -13.29 -37.06
N PRO B 27 22.23 -12.38 -38.05
CA PRO B 27 20.88 -11.96 -38.37
C PRO B 27 20.08 -13.12 -38.95
N VAL B 28 18.82 -13.23 -38.52
CA VAL B 28 17.99 -14.31 -38.96
C VAL B 28 16.75 -13.66 -39.51
N VAL B 29 16.32 -14.14 -40.67
CA VAL B 29 15.16 -13.59 -41.35
C VAL B 29 14.08 -14.66 -41.52
N VAL B 30 12.83 -14.25 -41.34
CA VAL B 30 11.68 -15.09 -41.62
C VAL B 30 11.05 -14.60 -42.92
N LYS B 31 10.91 -15.49 -43.88
CA LYS B 31 10.24 -15.15 -45.13
C LYS B 31 8.97 -15.99 -45.27
N ILE B 32 7.82 -15.33 -45.24
CA ILE B 32 6.54 -16.05 -45.25
C ILE B 32 5.92 -16.02 -46.65
N ASN B 33 5.65 -17.20 -47.21
CA ASN B 33 5.21 -17.33 -48.61
C ASN B 33 3.73 -17.69 -48.72
N THR B 34 3.06 -17.12 -49.72
CA THR B 34 1.62 -17.32 -49.88
C THR B 34 1.31 -17.97 -51.23
N ASP B 35 0.12 -18.52 -51.34
CA ASP B 35 -0.39 -19.04 -52.61
C ASP B 35 -0.59 -17.99 -53.69
N GLU B 36 -0.88 -16.75 -53.30
CA GLU B 36 -0.96 -15.63 -54.24
C GLU B 36 0.39 -15.06 -54.68
N GLY B 37 1.48 -15.59 -54.12
CA GLY B 37 2.82 -15.17 -54.54
C GLY B 37 3.31 -13.88 -53.94
N ILE B 38 2.59 -13.34 -52.94
CA ILE B 38 3.17 -12.29 -52.08
C ILE B 38 3.94 -12.95 -50.94
N SER B 39 5.20 -12.53 -50.76
CA SER B 39 6.02 -12.95 -49.62
C SER B 39 6.28 -11.79 -48.65
N GLY B 40 6.33 -12.10 -47.35
CA GLY B 40 6.68 -11.11 -46.34
C GLY B 40 8.00 -11.43 -45.66
N PHE B 41 8.73 -10.38 -45.30
CA PHE B 41 10.02 -10.50 -44.64
C PHE B 41 9.92 -9.97 -43.22
N GLY B 42 10.47 -10.72 -42.28
CA GLY B 42 10.71 -10.23 -40.94
C GLY B 42 12.09 -10.60 -40.44
N GLU B 43 12.47 -10.06 -39.29
CA GLU B 43 13.74 -10.36 -38.70
C GLU B 43 13.55 -10.86 -37.28
N VAL B 44 14.38 -11.84 -36.89
CA VAL B 44 14.40 -12.35 -35.52
C VAL B 44 15.56 -11.71 -34.80
N GLY B 45 15.27 -11.03 -33.69
CA GLY B 45 16.18 -10.02 -33.15
C GLY B 45 17.08 -10.58 -32.07
N LEU B 46 17.95 -11.52 -32.46
CA LEU B 46 18.92 -12.15 -31.56
C LEU B 46 20.29 -12.23 -32.21
N ALA B 47 20.69 -11.18 -32.94
CA ALA B 47 21.86 -11.26 -33.82
C ALA B 47 23.17 -11.30 -33.04
N TYR B 48 23.13 -10.85 -31.78
CA TYR B 48 24.28 -10.80 -30.89
C TYR B 48 23.87 -11.53 -29.62
N GLY B 49 24.78 -11.65 -28.66
CA GLY B 49 24.53 -12.38 -27.43
C GLY B 49 24.45 -13.87 -27.74
N VAL B 50 23.82 -14.65 -26.87
CA VAL B 50 23.86 -16.10 -27.01
C VAL B 50 22.43 -16.61 -27.19
N GLY B 51 22.11 -17.21 -28.35
CA GLY B 51 20.73 -17.60 -28.61
C GLY B 51 20.25 -17.70 -30.06
N ALA B 52 21.03 -17.18 -31.01
CA ALA B 52 20.62 -17.15 -32.42
C ALA B 52 20.12 -18.48 -32.96
N SER B 53 20.79 -19.58 -32.60
CA SER B 53 20.39 -20.91 -33.06
CA SER B 53 20.38 -20.90 -33.07
C SER B 53 19.03 -21.28 -32.52
N ALA B 54 18.73 -20.80 -31.31
CA ALA B 54 17.47 -21.08 -30.63
C ALA B 54 16.33 -20.35 -31.33
N GLY B 55 16.63 -19.14 -31.81
CA GLY B 55 15.64 -18.33 -32.51
C GLY B 55 15.27 -18.98 -33.83
N ILE B 56 16.27 -19.53 -34.53
CA ILE B 56 16.01 -20.36 -35.74
C ILE B 56 15.03 -21.52 -35.50
N GLY B 57 15.29 -22.32 -34.46
CA GLY B 57 14.44 -23.48 -34.16
C GLY B 57 13.07 -23.06 -33.65
N MET B 58 13.05 -21.94 -32.92
CA MET B 58 11.78 -21.31 -32.50
C MET B 58 10.93 -20.86 -33.68
N ALA B 59 11.52 -20.09 -34.59
CA ALA B 59 10.83 -19.65 -35.81
C ALA B 59 10.35 -20.85 -36.63
N LYS B 60 11.22 -21.87 -36.73
CA LYS B 60 10.88 -23.12 -37.39
C LYS B 60 9.65 -23.76 -36.76
N ASP B 61 9.65 -23.92 -35.44
CA ASP B 61 8.54 -24.58 -34.73
C ASP B 61 7.23 -23.80 -34.77
N LEU B 62 7.33 -22.48 -34.65
CA LEU B 62 6.15 -21.61 -34.71
C LEU B 62 5.59 -21.59 -36.15
N SER B 63 6.47 -21.64 -37.15
CA SER B 63 6.02 -21.68 -38.56
C SER B 63 5.09 -22.85 -38.87
N ALA B 64 5.35 -24.00 -38.26
CA ALA B 64 4.53 -25.18 -38.48
C ALA B 64 3.07 -24.91 -38.19
N ILE B 65 2.79 -24.08 -37.18
CA ILE B 65 1.41 -23.87 -36.74
C ILE B 65 0.66 -22.78 -37.52
N ILE B 66 1.37 -22.06 -38.40
CA ILE B 66 0.71 -21.04 -39.24
C ILE B 66 0.54 -21.42 -40.74
N ILE B 67 1.17 -22.52 -41.16
CA ILE B 67 1.01 -23.02 -42.55
C ILE B 67 -0.48 -23.24 -42.75
N GLY B 68 -1.03 -22.74 -43.85
CA GLY B 68 -2.45 -22.95 -44.08
C GLY B 68 -3.28 -21.73 -43.74
N MET B 69 -2.76 -20.87 -42.87
CA MET B 69 -3.53 -19.74 -42.34
C MET B 69 -3.58 -18.56 -43.30
N ASP B 70 -4.66 -17.78 -43.19
CA ASP B 70 -4.77 -16.45 -43.78
C ASP B 70 -3.78 -15.49 -43.08
N PRO B 71 -2.76 -15.02 -43.81
CA PRO B 71 -1.76 -14.11 -43.23
C PRO B 71 -2.32 -12.73 -42.81
N MET B 72 -3.51 -12.39 -43.28
CA MET B 72 -4.13 -11.08 -43.02
C MET B 72 -4.59 -10.92 -41.57
N ASN B 73 -4.79 -12.06 -40.90
CA ASN B 73 -5.25 -12.09 -39.52
C ASN B 73 -4.09 -12.08 -38.52
N ASN B 74 -3.35 -10.98 -38.48
CA ASN B 74 -2.21 -10.86 -37.57
C ASN B 74 -2.59 -10.93 -36.07
N GLU B 75 -3.76 -10.39 -35.73
CA GLU B 75 -4.21 -10.44 -34.35
C GLU B 75 -4.48 -11.87 -33.89
N ALA B 76 -5.17 -12.63 -34.74
CA ALA B 76 -5.48 -14.03 -34.42
C ALA B 76 -4.23 -14.90 -34.42
N ILE B 77 -3.28 -14.60 -35.32
CA ILE B 77 -2.04 -15.37 -35.38
C ILE B 77 -1.18 -15.09 -34.16
N TRP B 78 -1.05 -13.82 -33.79
CA TRP B 78 -0.29 -13.43 -32.58
C TRP B 78 -0.83 -14.12 -31.33
N GLU B 79 -2.14 -14.09 -31.16
CA GLU B 79 -2.77 -14.72 -30.01
C GLU B 79 -2.64 -16.25 -30.05
N LYS B 80 -2.59 -16.82 -31.25
CA LYS B 80 -2.40 -18.27 -31.41
C LYS B 80 -1.01 -18.65 -30.92
N MET B 81 -0.01 -17.85 -31.29
CA MET B 81 1.36 -18.11 -30.85
C MET B 81 1.51 -17.91 -29.35
N LEU B 82 0.70 -17.02 -28.78
CA LEU B 82 0.68 -16.83 -27.32
C LEU B 82 0.07 -18.04 -26.61
N LYS B 83 -1.12 -18.43 -27.05
CA LYS B 83 -2.05 -19.27 -26.29
C LYS B 83 -2.08 -20.75 -26.68
N LYS B 84 -1.62 -21.08 -27.88
CA LYS B 84 -1.78 -22.43 -28.42
C LYS B 84 -0.47 -23.19 -28.51
N THR B 85 0.57 -22.62 -27.93
CA THR B 85 1.91 -23.18 -28.05
C THR B 85 2.39 -23.77 -26.76
N PHE B 86 1.61 -23.58 -25.69
CA PHE B 86 1.99 -23.89 -24.31
C PHE B 86 3.02 -22.96 -23.70
N TRP B 87 4.22 -22.94 -24.28
CA TRP B 87 5.31 -22.14 -23.74
C TRP B 87 5.10 -20.64 -23.96
N GLY B 88 4.23 -20.25 -24.90
CA GLY B 88 3.90 -18.83 -25.11
C GLY B 88 3.45 -18.14 -23.82
N GLN B 89 2.63 -18.86 -23.04
CA GLN B 89 2.04 -18.35 -21.82
C GLN B 89 3.00 -18.22 -20.63
N GLY B 90 4.23 -18.71 -20.76
CA GLY B 90 5.29 -18.41 -19.80
C GLY B 90 6.23 -17.31 -20.25
N GLY B 91 6.15 -16.95 -21.54
CA GLY B 91 6.86 -15.77 -22.07
C GLY B 91 8.32 -16.12 -22.30
N GLY B 92 9.07 -15.17 -22.85
CA GLY B 92 10.52 -15.31 -22.88
C GLY B 92 11.11 -14.70 -24.12
N GLY B 93 12.40 -14.39 -24.06
CA GLY B 93 13.06 -13.63 -25.15
C GLY B 93 13.33 -14.36 -26.46
N ILE B 94 13.76 -15.61 -26.39
CA ILE B 94 13.79 -16.49 -27.55
C ILE B 94 12.39 -16.66 -28.15
N PHE B 95 11.46 -17.07 -27.34
CA PHE B 95 10.10 -17.24 -27.80
C PHE B 95 9.59 -16.00 -28.53
N SER B 96 9.75 -14.85 -27.87
CA SER B 96 9.23 -13.58 -28.33
C SER B 96 9.88 -13.12 -29.64
N ALA B 97 11.18 -13.37 -29.77
CA ALA B 97 11.92 -12.87 -30.91
C ALA B 97 11.54 -13.64 -32.15
N ALA B 98 11.15 -14.89 -31.98
CA ALA B 98 10.74 -15.69 -33.12
C ALA B 98 9.30 -15.36 -33.52
N MET B 99 8.43 -15.18 -32.52
CA MET B 99 7.12 -14.53 -32.71
CA MET B 99 7.14 -14.55 -32.75
C MET B 99 7.26 -13.22 -33.48
N SER B 100 8.25 -12.41 -33.10
CA SER B 100 8.41 -11.07 -33.68
C SER B 100 8.67 -11.12 -35.18
N GLY B 101 9.59 -12.00 -35.58
CA GLY B 101 10.00 -12.10 -36.97
C GLY B 101 8.83 -12.52 -37.83
N ILE B 102 8.03 -13.46 -37.32
CA ILE B 102 6.84 -13.91 -38.02
C ILE B 102 5.82 -12.79 -38.16
N ASP B 103 5.60 -12.06 -37.07
CA ASP B 103 4.65 -10.98 -37.06
C ASP B 103 5.00 -9.89 -38.04
N ILE B 104 6.28 -9.49 -38.02
CA ILE B 104 6.76 -8.52 -38.97
C ILE B 104 6.44 -8.95 -40.41
N ALA B 105 6.70 -10.22 -40.73
CA ALA B 105 6.52 -10.72 -42.09
C ALA B 105 5.07 -10.69 -42.49
N LEU B 106 4.17 -10.93 -41.53
CA LEU B 106 2.73 -10.79 -41.78
C LEU B 106 2.30 -9.36 -42.10
N TRP B 107 2.94 -8.38 -41.47
CA TRP B 107 2.62 -6.97 -41.79
C TRP B 107 3.20 -6.57 -43.12
N ASP B 108 4.36 -7.12 -43.49
CA ASP B 108 4.91 -6.92 -44.83
C ASP B 108 3.91 -7.37 -45.92
N ILE B 109 3.41 -8.60 -45.77
CA ILE B 109 2.37 -9.15 -46.66
C ILE B 109 1.14 -8.27 -46.74
N LYS B 110 0.63 -7.87 -45.57
CA LYS B 110 -0.54 -6.99 -45.46
C LYS B 110 -0.33 -5.73 -46.27
N GLY B 111 0.81 -5.09 -46.07
CA GLY B 111 1.14 -3.86 -46.81
C GLY B 111 1.29 -4.03 -48.31
N LYS B 112 1.97 -5.10 -48.71
CA LYS B 112 2.09 -5.46 -50.13
C LYS B 112 0.74 -5.84 -50.77
N ALA B 113 -0.12 -6.56 -50.04
CA ALA B 113 -1.47 -6.84 -50.50
C ALA B 113 -2.27 -5.58 -50.82
N TRP B 114 -2.10 -4.52 -50.02
CA TRP B 114 -2.91 -3.32 -50.21
C TRP B 114 -2.17 -2.21 -50.95
N GLY B 115 -0.87 -2.40 -51.16
CA GLY B 115 -0.06 -1.37 -51.81
C GLY B 115 0.28 -0.18 -50.94
N VAL B 116 0.49 -0.43 -49.64
CA VAL B 116 0.59 0.66 -48.68
CA VAL B 116 0.48 0.60 -48.60
C VAL B 116 1.73 0.46 -47.71
N PRO B 117 2.48 1.55 -47.45
CA PRO B 117 3.61 1.42 -46.52
C PRO B 117 3.15 1.22 -45.06
N LEU B 118 3.95 0.47 -44.31
CA LEU B 118 3.68 0.13 -42.92
C LEU B 118 3.20 1.28 -42.04
N TYR B 119 3.92 2.39 -42.06
CA TYR B 119 3.54 3.54 -41.21
C TYR B 119 2.06 3.97 -41.36
N LYS B 120 1.52 3.88 -42.58
CA LYS B 120 0.16 4.29 -42.86
C LYS B 120 -0.83 3.31 -42.24
N MET B 121 -0.44 2.04 -42.22
CA MET B 121 -1.21 0.97 -41.57
C MET B 121 -1.15 1.08 -40.05
N LEU B 122 -0.14 1.79 -39.54
CA LEU B 122 0.00 2.01 -38.10
C LEU B 122 -0.54 3.36 -37.63
N GLY B 123 -1.19 4.09 -38.53
CA GLY B 123 -1.86 5.33 -38.13
C GLY B 123 -1.29 6.61 -38.72
N GLY B 124 -0.38 6.47 -39.67
CA GLY B 124 -0.03 7.57 -40.56
C GLY B 124 1.25 8.28 -40.19
N LYS B 125 1.44 9.49 -40.72
CA LYS B 125 2.72 10.18 -40.57
C LYS B 125 2.62 11.24 -39.47
N SER B 126 3.01 10.87 -38.25
CA SER B 126 2.94 11.79 -37.12
C SER B 126 4.12 12.76 -37.05
N ARG B 127 5.18 12.44 -37.78
CA ARG B 127 6.31 13.36 -37.96
C ARG B 127 6.96 13.14 -39.32
N GLU B 128 7.68 14.16 -39.79
CA GLU B 128 8.23 14.13 -41.15
C GLU B 128 9.65 13.59 -41.18
N LYS B 129 10.37 13.77 -40.07
CA LYS B 129 11.74 13.30 -39.95
C LYS B 129 11.98 12.62 -38.59
N ILE B 130 12.90 11.68 -38.58
CA ILE B 130 13.22 10.91 -37.39
CA ILE B 130 13.23 10.88 -37.40
C ILE B 130 14.61 11.27 -36.88
N ARG B 131 14.66 11.97 -35.75
CA ARG B 131 15.92 12.32 -35.10
C ARG B 131 16.68 11.07 -34.65
N THR B 132 17.99 11.07 -34.83
CA THR B 132 18.81 9.87 -34.60
C THR B 132 19.93 10.18 -33.59
N TYR B 133 20.41 9.19 -32.83
CA TYR B 133 21.67 9.35 -32.12
C TYR B 133 22.76 8.37 -32.55
N ALA B 134 24.01 8.80 -32.47
CA ALA B 134 25.15 7.90 -32.73
C ALA B 134 25.40 6.92 -31.55
N SER B 135 25.14 5.63 -31.78
CA SER B 135 25.07 4.67 -30.67
C SER B 135 26.40 3.96 -30.45
N GLN B 136 26.66 3.65 -29.17
CA GLN B 136 27.85 2.93 -28.72
CA GLN B 136 27.86 2.89 -28.74
C GLN B 136 29.22 3.52 -29.10
N LEU B 137 29.46 4.76 -28.70
CA LEU B 137 30.72 5.48 -28.99
C LEU B 137 32.01 4.89 -28.42
N GLN B 138 31.89 3.99 -27.44
CA GLN B 138 33.05 3.27 -26.89
C GLN B 138 33.75 2.42 -27.92
N PHE B 139 33.08 2.16 -29.03
CA PHE B 139 33.69 1.44 -30.14
C PHE B 139 34.06 2.33 -31.29
N GLY B 140 34.02 3.64 -31.08
CA GLY B 140 34.51 4.62 -32.06
C GLY B 140 33.43 5.15 -32.98
N TRP B 141 33.79 6.17 -33.75
CA TRP B 141 32.91 6.71 -34.79
C TRP B 141 33.76 7.37 -35.88
N GLY B 142 33.26 7.37 -37.11
CA GLY B 142 34.01 7.82 -38.27
C GLY B 142 34.50 6.61 -39.05
N ASP B 143 34.89 6.83 -40.30
CA ASP B 143 35.42 5.72 -41.10
C ASP B 143 36.84 5.36 -40.69
N GLY B 144 37.18 4.08 -40.86
CA GLY B 144 38.42 3.53 -40.33
C GLY B 144 38.40 3.32 -38.82
N SER B 145 37.22 3.38 -38.21
CA SER B 145 37.09 3.14 -36.77
C SER B 145 36.50 1.76 -36.48
N ASP B 146 36.69 0.83 -37.41
CA ASP B 146 35.80 -0.32 -37.58
C ASP B 146 35.92 -1.34 -36.45
N LYS B 147 37.08 -1.38 -35.79
CA LYS B 147 37.16 -1.98 -34.46
C LYS B 147 38.01 -1.21 -33.46
N ASP B 148 37.66 0.06 -33.25
CA ASP B 148 38.18 0.81 -32.11
C ASP B 148 37.68 0.24 -30.79
N MET B 149 38.59 0.10 -29.83
CA MET B 149 38.23 -0.18 -28.43
C MET B 149 38.78 0.96 -27.59
N LEU B 150 37.94 1.95 -27.30
CA LEU B 150 38.45 3.22 -26.77
C LEU B 150 38.69 3.10 -25.27
N THR B 151 39.79 3.71 -24.80
CA THR B 151 40.15 3.63 -23.39
C THR B 151 40.29 4.97 -22.69
N GLU B 152 40.81 5.98 -23.39
CA GLU B 152 41.09 7.26 -22.74
C GLU B 152 39.93 8.22 -22.95
N PRO B 153 39.61 9.04 -21.91
CA PRO B 153 38.64 10.14 -22.00
C PRO B 153 38.77 10.96 -23.28
N GLU B 154 39.99 11.36 -23.62
CA GLU B 154 40.24 12.10 -24.86
C GLU B 154 39.78 11.38 -26.12
N GLN B 155 39.90 10.04 -26.15
CA GLN B 155 39.41 9.26 -27.28
C GLN B 155 37.89 9.23 -27.35
N TYR B 156 37.24 9.09 -26.18
CA TYR B 156 35.77 9.18 -26.12
C TYR B 156 35.27 10.54 -26.63
N ALA B 157 35.92 11.61 -26.20
CA ALA B 157 35.53 12.96 -26.62
C ALA B 157 35.71 13.14 -28.12
N GLN B 158 36.84 12.64 -28.64
CA GLN B 158 37.11 12.71 -30.08
C GLN B 158 36.05 11.98 -30.93
N ALA B 159 35.68 10.77 -30.52
CA ALA B 159 34.59 10.02 -31.15
C ALA B 159 33.25 10.76 -31.12
N ALA B 160 32.93 11.37 -29.98
CA ALA B 160 31.75 12.23 -29.88
C ALA B 160 31.83 13.40 -30.85
N LEU B 161 32.99 14.05 -30.91
CA LEU B 161 33.19 15.18 -31.81
C LEU B 161 33.06 14.80 -33.29
N THR B 162 33.54 13.61 -33.65
CA THR B 162 33.40 13.10 -35.01
C THR B 162 31.92 12.88 -35.40
N ALA B 163 31.15 12.28 -34.49
CA ALA B 163 29.71 12.11 -34.69
C ALA B 163 28.98 13.45 -34.85
N VAL B 164 29.26 14.40 -33.98
CA VAL B 164 28.72 15.77 -34.10
C VAL B 164 29.00 16.39 -35.48
N SER B 165 30.22 16.23 -35.97
CA SER B 165 30.62 16.78 -37.28
C SER B 165 29.88 16.10 -38.45
N GLU B 166 29.25 14.96 -38.18
CA GLU B 166 28.50 14.21 -39.20
C GLU B 166 27.01 14.57 -39.16
N GLY B 167 26.65 15.49 -38.27
CA GLY B 167 25.28 16.00 -38.18
C GLY B 167 24.46 15.43 -37.02
N TYR B 168 25.06 14.57 -36.20
CA TYR B 168 24.41 14.03 -35.00
C TYR B 168 24.43 15.02 -33.85
N ASP B 169 23.26 15.26 -33.26
CA ASP B 169 23.18 16.08 -32.04
C ASP B 169 22.86 15.28 -30.78
N ALA B 170 23.14 13.98 -30.83
CA ALA B 170 22.96 13.13 -29.67
C ALA B 170 23.85 11.91 -29.87
N ILE B 171 24.40 11.39 -28.78
CA ILE B 171 25.26 10.23 -28.79
C ILE B 171 24.82 9.32 -27.63
N LYS B 172 25.18 8.04 -27.70
CA LYS B 172 25.07 7.15 -26.55
C LYS B 172 26.38 6.39 -26.34
N VAL B 173 26.72 6.17 -25.07
CA VAL B 173 27.99 5.57 -24.76
C VAL B 173 27.96 4.81 -23.44
N ASP B 174 28.59 3.64 -23.42
CA ASP B 174 28.89 2.94 -22.16
C ASP B 174 30.36 3.26 -21.82
N THR B 175 30.58 4.09 -20.81
CA THR B 175 31.93 4.48 -20.43
C THR B 175 32.52 3.66 -19.28
N VAL B 176 31.79 2.68 -18.78
CA VAL B 176 32.24 1.91 -17.62
C VAL B 176 32.85 0.55 -18.02
N ALA B 177 32.24 -0.11 -19.01
CA ALA B 177 32.48 -1.54 -19.25
C ALA B 177 33.81 -1.86 -19.97
N MET B 178 34.42 -0.87 -20.60
CA MET B 178 35.79 -1.02 -21.07
C MET B 178 36.76 -0.66 -19.95
N ASP B 179 37.66 -1.57 -19.60
CA ASP B 179 38.71 -1.21 -18.63
C ASP B 179 39.78 -0.33 -19.29
N ARG B 180 40.82 0.03 -18.55
CA ARG B 180 41.85 0.94 -19.06
C ARG B 180 42.75 0.25 -20.10
N HIS B 181 42.66 -1.07 -20.19
CA HIS B 181 43.50 -1.85 -21.10
C HIS B 181 42.77 -2.33 -22.35
N GLY B 182 41.55 -1.86 -22.58
CA GLY B 182 40.78 -2.27 -23.73
C GLY B 182 40.08 -3.61 -23.62
N ASN B 183 39.83 -4.07 -22.40
CA ASN B 183 39.06 -5.30 -22.22
C ASN B 183 37.61 -4.96 -21.98
N TRP B 184 36.71 -5.66 -22.65
CA TRP B 184 35.29 -5.33 -22.63
C TRP B 184 34.55 -6.26 -21.69
N ASN B 185 33.94 -5.68 -20.66
CA ASN B 185 33.02 -6.39 -19.78
C ASN B 185 33.67 -7.59 -19.07
N GLN B 186 34.81 -7.32 -18.47
CA GLN B 186 35.56 -8.38 -17.80
C GLN B 186 35.88 -8.03 -16.35
N GLN B 187 35.35 -6.92 -15.86
CA GLN B 187 35.38 -6.66 -14.42
C GLN B 187 34.02 -6.90 -13.77
N ASN B 188 34.03 -7.23 -12.49
CA ASN B 188 32.77 -7.43 -11.76
C ASN B 188 32.19 -6.07 -11.36
N LEU B 189 31.07 -5.72 -11.98
CA LEU B 189 30.46 -4.42 -11.77
C LEU B 189 29.24 -4.49 -10.85
N ASN B 190 29.06 -5.61 -10.16
CA ASN B 190 28.00 -5.76 -9.15
C ASN B 190 28.41 -5.39 -7.74
N GLY B 191 27.46 -4.86 -6.94
CA GLY B 191 27.73 -4.49 -5.55
C GLY B 191 28.39 -3.13 -5.46
N PRO B 192 28.76 -2.68 -4.25
CA PRO B 192 29.46 -1.41 -4.09
C PRO B 192 30.84 -1.49 -4.72
N LEU B 193 31.26 -0.42 -5.40
CA LEU B 193 32.48 -0.47 -6.19
C LEU B 193 33.55 0.49 -5.68
N THR B 194 34.81 0.12 -5.85
CA THR B 194 35.93 1.00 -5.53
C THR B 194 35.87 2.19 -6.47
N ASP B 195 36.18 3.37 -5.95
CA ASP B 195 36.03 4.62 -6.69
C ASP B 195 36.67 4.60 -8.09
N LYS B 196 37.87 4.02 -8.21
CA LYS B 196 38.62 4.02 -9.49
C LYS B 196 37.89 3.34 -10.65
N ILE B 197 37.10 2.30 -10.35
CA ILE B 197 36.34 1.56 -11.36
C ILE B 197 35.31 2.46 -12.06
N LEU B 198 34.67 3.32 -11.26
CA LEU B 198 33.62 4.22 -11.78
C LEU B 198 34.17 5.61 -12.18
N ARG B 199 35.27 6.00 -11.56
CA ARG B 199 35.94 7.30 -11.84
C ARG B 199 36.40 7.37 -13.29
N LEU B 200 36.88 6.25 -13.81
CA LEU B 200 37.24 6.14 -15.22
C LEU B 200 36.03 6.39 -16.12
N GLY B 201 34.93 5.70 -15.86
CA GLY B 201 33.68 5.98 -16.57
C GLY B 201 33.24 7.43 -16.44
N TYR B 202 33.34 8.00 -15.24
CA TYR B 202 32.99 9.40 -15.03
C TYR B 202 33.87 10.33 -15.87
N ASP B 203 35.18 10.12 -15.80
CA ASP B 203 36.10 10.99 -16.54
C ASP B 203 35.88 10.95 -18.04
N ARG B 204 35.64 9.76 -18.59
CA ARG B 204 35.31 9.60 -20.01
C ARG B 204 34.03 10.37 -20.37
N MET B 205 33.04 10.29 -19.49
CA MET B 205 31.74 10.90 -19.75
C MET B 205 31.85 12.43 -19.65
N ALA B 206 32.58 12.90 -18.67
CA ALA B 206 32.78 14.34 -18.47
C ALA B 206 33.60 14.96 -19.62
N ALA B 207 34.50 14.18 -20.19
CA ALA B 207 35.30 14.60 -21.35
C ALA B 207 34.43 14.78 -22.61
N ILE B 208 33.49 13.87 -22.83
CA ILE B 208 32.50 14.06 -23.89
C ILE B 208 31.69 15.34 -23.70
N ARG B 209 31.05 15.50 -22.53
CA ARG B 209 30.25 16.69 -22.25
C ARG B 209 31.07 17.97 -22.52
N ASP B 210 32.30 17.99 -22.02
CA ASP B 210 33.19 19.14 -22.21
C ASP B 210 33.47 19.43 -23.67
N ALA B 211 33.61 18.36 -24.46
CA ALA B 211 33.90 18.48 -25.89
C ALA B 211 32.71 18.98 -26.67
N VAL B 212 31.53 18.40 -26.41
CA VAL B 212 30.38 18.60 -27.31
C VAL B 212 29.50 19.79 -26.91
N GLY B 213 29.65 20.25 -25.67
CA GLY B 213 28.84 21.34 -25.14
C GLY B 213 27.50 20.89 -24.62
N PRO B 214 26.65 21.84 -24.18
CA PRO B 214 25.37 21.51 -23.53
C PRO B 214 24.26 21.06 -24.47
N ASP B 215 24.38 21.35 -25.77
CA ASP B 215 23.27 21.14 -26.72
C ASP B 215 23.38 19.86 -27.54
N VAL B 216 24.36 19.03 -27.22
CA VAL B 216 24.44 17.68 -27.75
C VAL B 216 24.01 16.74 -26.64
N ASP B 217 23.03 15.90 -26.92
CA ASP B 217 22.49 15.02 -25.88
C ASP B 217 23.36 13.82 -25.66
N ILE B 218 23.52 13.42 -24.41
CA ILE B 218 24.32 12.25 -24.07
C ILE B 218 23.46 11.21 -23.34
N ILE B 219 23.34 10.01 -23.92
CA ILE B 219 22.72 8.87 -23.23
C ILE B 219 23.77 7.97 -22.55
N ALA B 220 23.58 7.67 -21.26
CA ALA B 220 24.48 6.77 -20.59
C ALA B 220 23.93 5.36 -20.62
N GLU B 221 24.68 4.43 -21.20
CA GLU B 221 24.26 3.05 -21.41
C GLU B 221 25.04 2.14 -20.45
N MET B 222 24.35 1.21 -19.78
CA MET B 222 25.00 0.34 -18.78
C MET B 222 24.99 -1.15 -19.13
N HIS B 223 24.16 -1.51 -20.11
CA HIS B 223 24.07 -2.87 -20.64
C HIS B 223 23.54 -3.88 -19.62
N ALA B 224 23.03 -3.37 -18.50
CA ALA B 224 22.75 -4.16 -17.31
C ALA B 224 23.97 -4.99 -16.83
N PHE B 225 25.17 -4.43 -17.01
CA PHE B 225 26.40 -5.02 -16.48
C PHE B 225 26.50 -4.68 -14.98
N THR B 226 25.88 -3.58 -14.62
CA THR B 226 25.80 -3.17 -13.22
C THR B 226 24.62 -3.87 -12.57
N ASP B 227 24.59 -3.86 -11.24
CA ASP B 227 23.38 -4.19 -10.48
C ASP B 227 22.83 -2.94 -9.80
N THR B 228 21.79 -3.11 -8.98
CA THR B 228 21.17 -1.96 -8.30
C THR B 228 22.17 -0.98 -7.63
N THR B 229 23.10 -1.53 -6.85
CA THR B 229 23.99 -0.70 -6.02
C THR B 229 24.97 0.12 -6.89
N SER B 230 25.65 -0.56 -7.80
CA SER B 230 26.61 0.11 -8.66
C SER B 230 25.97 1.01 -9.72
N ALA B 231 24.76 0.65 -10.16
CA ALA B 231 23.97 1.56 -11.01
C ALA B 231 23.63 2.89 -10.33
N ILE B 232 23.26 2.82 -9.05
CA ILE B 232 23.07 4.03 -8.22
C ILE B 232 24.35 4.85 -8.03
N GLN B 233 25.44 4.17 -7.74
CA GLN B 233 26.71 4.82 -7.43
C GLN B 233 27.18 5.60 -8.65
N PHE B 234 27.16 4.95 -9.81
CA PHE B 234 27.47 5.60 -11.08
C PHE B 234 26.51 6.69 -11.51
N GLY B 235 25.21 6.43 -11.41
CA GLY B 235 24.22 7.43 -11.82
C GLY B 235 24.32 8.73 -11.03
N ARG B 236 24.46 8.60 -9.71
CA ARG B 236 24.68 9.74 -8.82
CA ARG B 236 24.68 9.75 -8.84
C ARG B 236 25.93 10.55 -9.23
N MET B 237 26.95 9.86 -9.72
CA MET B 237 28.22 10.53 -10.16
C MET B 237 28.03 11.34 -11.44
N ILE B 238 27.27 10.81 -12.39
CA ILE B 238 27.11 11.46 -13.69
C ILE B 238 25.91 12.42 -13.75
N GLU B 239 25.17 12.52 -12.66
CA GLU B 239 24.00 13.42 -12.59
C GLU B 239 24.25 14.84 -13.08
N GLU B 240 25.37 15.44 -12.69
CA GLU B 240 25.61 16.83 -13.05
CA GLU B 240 25.63 16.85 -13.05
C GLU B 240 26.09 17.03 -14.49
N LEU B 241 26.23 15.94 -15.23
CA LEU B 241 26.63 16.04 -16.64
C LEU B 241 25.49 16.25 -17.65
N GLY B 242 24.26 16.40 -17.16
CA GLY B 242 23.11 16.61 -18.03
C GLY B 242 22.79 15.42 -18.91
N ILE B 243 22.65 14.25 -18.30
CA ILE B 243 22.43 13.00 -19.04
C ILE B 243 21.00 12.98 -19.59
N PHE B 244 20.85 12.66 -20.88
CA PHE B 244 19.53 12.63 -21.58
C PHE B 244 18.62 11.51 -21.01
N TYR B 245 19.12 10.28 -21.05
CA TYR B 245 18.62 9.24 -20.17
C TYR B 245 19.65 8.18 -19.85
N TYR B 246 19.30 7.28 -18.94
CA TYR B 246 20.24 6.35 -18.31
C TYR B 246 19.72 4.94 -18.63
N GLU B 247 20.39 4.24 -19.53
CA GLU B 247 19.81 3.06 -20.16
C GLU B 247 20.23 1.74 -19.53
N GLU B 248 19.23 0.89 -19.29
CA GLU B 248 19.46 -0.42 -18.71
C GLU B 248 20.39 -0.45 -17.48
N PRO B 249 20.11 0.35 -16.44
CA PRO B 249 21.02 0.36 -15.29
C PRO B 249 21.06 -1.01 -14.59
N VAL B 250 19.99 -1.76 -14.76
CA VAL B 250 19.82 -3.03 -14.05
C VAL B 250 18.90 -3.93 -14.89
N MET B 251 18.98 -5.24 -14.67
CA MET B 251 18.19 -6.19 -15.44
C MET B 251 16.73 -6.15 -14.96
N PRO B 252 15.77 -6.54 -15.83
CA PRO B 252 14.34 -6.37 -15.55
C PRO B 252 13.66 -7.49 -14.74
N LEU B 253 14.41 -8.50 -14.32
CA LEU B 253 13.83 -9.71 -13.76
C LEU B 253 13.03 -9.46 -12.45
N ASN B 254 13.54 -8.55 -11.59
CA ASN B 254 12.77 -7.98 -10.45
C ASN B 254 12.55 -6.48 -10.70
N PRO B 255 11.32 -6.09 -11.13
CA PRO B 255 11.01 -4.68 -11.46
C PRO B 255 11.19 -3.67 -10.32
N ALA B 256 11.15 -4.14 -9.07
CA ALA B 256 11.48 -3.32 -7.91
C ALA B 256 12.90 -2.74 -7.95
N GLN B 257 13.83 -3.45 -8.58
CA GLN B 257 15.21 -2.95 -8.68
C GLN B 257 15.34 -1.71 -9.55
N MET B 258 14.69 -1.73 -10.71
CA MET B 258 14.63 -0.52 -11.55
C MET B 258 14.02 0.64 -10.78
N LYS B 259 12.95 0.38 -10.05
CA LYS B 259 12.32 1.43 -9.20
C LYS B 259 13.28 2.02 -8.16
N GLN B 260 14.08 1.16 -7.54
CA GLN B 260 15.06 1.59 -6.58
C GLN B 260 16.08 2.49 -7.24
N VAL B 261 16.55 2.15 -8.45
CA VAL B 261 17.50 3.03 -9.16
C VAL B 261 16.83 4.40 -9.46
N ALA B 262 15.58 4.37 -9.93
CA ALA B 262 14.82 5.58 -10.25
C ALA B 262 14.68 6.47 -9.03
N ASP B 263 14.46 5.86 -7.86
CA ASP B 263 14.28 6.62 -6.59
C ASP B 263 15.57 7.31 -6.16
N LYS B 264 16.72 6.75 -6.52
CA LYS B 264 18.00 7.22 -5.99
C LYS B 264 18.83 8.01 -6.99
N VAL B 265 18.48 7.95 -8.26
CA VAL B 265 19.28 8.61 -9.33
C VAL B 265 18.37 9.60 -10.03
N ASN B 266 18.79 10.86 -10.11
CA ASN B 266 17.95 11.90 -10.69
C ASN B 266 18.22 12.10 -12.19
N ILE B 267 18.13 11.02 -12.93
CA ILE B 267 18.24 11.00 -14.39
C ILE B 267 17.06 10.11 -14.84
N PRO B 268 16.32 10.49 -15.91
CA PRO B 268 15.29 9.60 -16.48
C PRO B 268 15.84 8.23 -16.91
N LEU B 269 15.15 7.15 -16.55
CA LEU B 269 15.66 5.80 -16.85
C LEU B 269 15.07 5.28 -18.13
N ALA B 270 15.84 4.48 -18.86
CA ALA B 270 15.37 3.85 -20.07
C ALA B 270 15.67 2.36 -20.03
N ALA B 271 14.75 1.56 -20.54
CA ALA B 271 14.99 0.14 -20.73
C ALA B 271 13.95 -0.40 -21.68
N GLY B 272 14.21 -1.60 -22.18
CA GLY B 272 13.14 -2.31 -22.89
C GLY B 272 13.63 -3.33 -23.90
N GLU B 273 14.90 -3.34 -24.24
CA GLU B 273 15.37 -4.32 -25.22
C GLU B 273 15.22 -5.77 -24.75
N ARG B 274 15.17 -5.94 -23.43
CA ARG B 274 15.00 -7.24 -22.77
C ARG B 274 13.74 -7.29 -21.91
N ILE B 275 12.77 -6.46 -22.27
CA ILE B 275 11.43 -6.50 -21.70
C ILE B 275 10.43 -6.76 -22.82
N TYR B 276 9.60 -7.80 -22.66
CA TYR B 276 8.86 -8.37 -23.76
C TYR B 276 7.34 -8.29 -23.55
N TRP B 277 6.65 -7.76 -24.58
CA TRP B 277 5.19 -7.71 -24.68
C TRP B 277 4.59 -6.68 -23.73
N ARG B 278 3.28 -6.44 -23.85
CA ARG B 278 2.58 -5.53 -22.93
C ARG B 278 2.72 -6.00 -21.48
N TRP B 279 2.67 -7.32 -21.29
CA TRP B 279 2.82 -7.93 -19.97
C TRP B 279 4.17 -7.65 -19.33
N GLY B 280 5.22 -7.67 -20.14
CA GLY B 280 6.57 -7.32 -19.68
C GLY B 280 6.70 -5.88 -19.19
N TYR B 281 6.07 -4.95 -19.92
CA TYR B 281 6.18 -3.50 -19.61
C TYR B 281 5.33 -3.12 -18.45
N ARG B 282 4.24 -3.86 -18.25
CA ARG B 282 3.26 -3.52 -17.24
C ARG B 282 3.82 -3.14 -15.84
N PRO B 283 4.67 -4.00 -15.22
CA PRO B 283 5.13 -3.63 -13.89
C PRO B 283 6.00 -2.37 -13.84
N PHE B 284 6.69 -2.06 -14.93
CA PHE B 284 7.49 -0.84 -15.04
C PHE B 284 6.64 0.39 -15.29
N LEU B 285 5.46 0.21 -15.86
CA LEU B 285 4.55 1.33 -16.02
C LEU B 285 3.88 1.59 -14.70
N GLU B 286 3.42 0.53 -14.04
CA GLU B 286 2.78 0.66 -12.74
C GLU B 286 3.68 1.20 -11.63
N ASN B 287 4.97 0.85 -11.65
CA ASN B 287 5.86 1.28 -10.59
C ASN B 287 6.57 2.61 -10.86
N GLY B 288 6.39 3.17 -12.06
CA GLY B 288 6.89 4.51 -12.37
C GLY B 288 8.39 4.57 -12.56
N SER B 289 9.05 3.44 -12.77
CA SER B 289 10.52 3.40 -12.82
C SER B 289 11.16 3.94 -14.11
N LEU B 290 10.47 3.76 -15.22
CA LEU B 290 11.02 4.10 -16.54
C LEU B 290 10.42 5.40 -17.04
N SER B 291 11.26 6.22 -17.68
CA SER B 291 10.80 7.39 -18.39
C SER B 291 10.72 7.17 -19.89
N VAL B 292 11.65 6.37 -20.41
CA VAL B 292 11.76 6.08 -21.85
C VAL B 292 11.74 4.57 -22.03
N ILE B 293 10.94 4.07 -22.98
CA ILE B 293 10.90 2.64 -23.19
C ILE B 293 11.57 2.28 -24.52
N GLN B 294 12.21 1.12 -24.57
CA GLN B 294 13.02 0.76 -25.73
C GLN B 294 12.74 -0.63 -26.28
N PRO B 295 11.47 -0.92 -26.64
CA PRO B 295 11.28 -2.26 -27.15
C PRO B 295 11.94 -2.43 -28.52
N ASP B 296 12.38 -3.65 -28.81
CA ASP B 296 13.00 -3.96 -30.09
C ASP B 296 11.87 -4.64 -30.81
N ILE B 297 11.53 -4.15 -32.00
CA ILE B 297 10.40 -4.72 -32.72
C ILE B 297 10.70 -6.18 -33.07
N CYS B 298 11.98 -6.51 -33.26
CA CYS B 298 12.40 -7.81 -33.73
C CYS B 298 12.56 -8.81 -32.59
N THR B 299 12.56 -8.31 -31.35
CA THR B 299 12.73 -9.16 -30.14
C THR B 299 11.49 -9.17 -29.28
N CYS B 300 10.85 -8.02 -29.13
CA CYS B 300 9.95 -7.85 -27.99
C CYS B 300 8.47 -8.01 -28.35
N GLY B 301 8.18 -8.55 -29.53
CA GLY B 301 6.82 -8.99 -29.85
C GLY B 301 6.36 -8.75 -31.29
N GLY B 302 7.18 -8.02 -32.06
CA GLY B 302 6.81 -7.69 -33.45
C GLY B 302 5.96 -6.44 -33.52
N ILE B 303 5.43 -6.17 -34.71
CA ILE B 303 4.73 -4.89 -34.96
C ILE B 303 3.40 -4.87 -34.19
N THR B 304 2.68 -5.99 -34.22
CA THR B 304 1.38 -6.08 -33.57
C THR B 304 1.49 -5.67 -32.11
N GLU B 305 2.49 -6.21 -31.41
CA GLU B 305 2.62 -6.07 -29.96
C GLU B 305 3.36 -4.78 -29.56
N VAL B 306 4.37 -4.41 -30.33
CA VAL B 306 5.11 -3.20 -29.97
C VAL B 306 4.23 -1.93 -30.12
N LYS B 307 3.40 -1.86 -31.17
CA LYS B 307 2.36 -0.79 -31.25
C LYS B 307 1.52 -0.70 -29.99
N LYS B 308 1.01 -1.83 -29.53
CA LYS B 308 0.31 -1.89 -28.24
C LYS B 308 1.13 -1.44 -27.02
N ILE B 309 2.38 -1.92 -26.90
CA ILE B 309 3.31 -1.39 -25.91
C ILE B 309 3.38 0.13 -25.91
N CYS B 310 3.62 0.72 -27.09
CA CYS B 310 3.76 2.18 -27.22
C CYS B 310 2.50 2.94 -26.78
N ASP B 311 1.34 2.41 -27.16
CA ASP B 311 0.03 2.98 -26.81
C ASP B 311 -0.27 2.95 -25.30
N MET B 312 -0.07 1.78 -24.69
CA MET B 312 -0.21 1.64 -23.25
C MET B 312 0.71 2.55 -22.48
N ALA B 313 1.96 2.66 -22.94
CA ALA B 313 2.98 3.50 -22.24
C ALA B 313 2.69 4.98 -22.26
N HIS B 314 1.98 5.45 -23.30
CA HIS B 314 1.53 6.84 -23.41
C HIS B 314 0.63 7.30 -22.27
N VAL B 315 -0.21 6.41 -21.73
CA VAL B 315 -0.99 6.66 -20.53
C VAL B 315 -0.13 7.09 -19.32
N TYR B 316 1.11 6.64 -19.29
CA TYR B 316 2.02 6.85 -18.17
C TYR B 316 3.12 7.80 -18.58
N ASP B 317 2.83 8.57 -19.62
CA ASP B 317 3.74 9.60 -20.13
C ASP B 317 5.14 9.06 -20.45
N LYS B 318 5.23 7.86 -21.04
CA LYS B 318 6.55 7.43 -21.51
C LYS B 318 6.76 7.78 -22.97
N THR B 319 7.98 8.13 -23.33
CA THR B 319 8.32 8.27 -24.73
C THR B 319 9.13 7.05 -25.18
N VAL B 320 9.28 6.91 -26.49
CA VAL B 320 9.75 5.67 -27.10
C VAL B 320 10.98 5.93 -27.96
N GLN B 321 12.03 5.17 -27.65
CA GLN B 321 13.13 4.96 -28.57
C GLN B 321 13.20 3.47 -28.92
N ILE B 322 12.79 3.10 -30.14
CA ILE B 322 12.92 1.71 -30.58
C ILE B 322 14.38 1.23 -30.47
N HIS B 323 14.58 0.07 -29.87
CA HIS B 323 15.89 -0.51 -29.81
C HIS B 323 16.17 -1.13 -31.15
N VAL B 324 17.31 -0.76 -31.75
CA VAL B 324 17.64 -1.29 -33.07
C VAL B 324 19.07 -1.81 -33.03
N CYS B 325 19.24 -3.13 -33.17
CA CYS B 325 20.56 -3.73 -33.38
C CYS B 325 20.45 -4.99 -34.23
N GLY B 326 20.11 -4.80 -35.49
CA GLY B 326 20.00 -5.92 -36.41
C GLY B 326 20.39 -5.50 -37.80
N GLY B 327 19.72 -6.07 -38.79
CA GLY B 327 19.96 -5.71 -40.19
C GLY B 327 19.07 -4.53 -40.61
N PRO B 328 19.08 -4.20 -41.91
CA PRO B 328 18.22 -3.18 -42.48
C PRO B 328 16.73 -3.41 -42.25
N ILE B 329 16.30 -4.67 -42.17
CA ILE B 329 14.86 -4.93 -41.96
C ILE B 329 14.47 -4.34 -40.60
N SER B 330 15.30 -4.61 -39.59
CA SER B 330 15.10 -4.01 -38.27
C SER B 330 14.99 -2.49 -38.31
N THR B 331 15.95 -1.84 -38.95
CA THR B 331 15.89 -0.40 -39.15
C THR B 331 14.59 0.06 -39.78
N ALA B 332 14.21 -0.59 -40.89
CA ALA B 332 12.99 -0.27 -41.61
C ALA B 332 11.76 -0.24 -40.72
N VAL B 333 11.46 -1.38 -40.08
CA VAL B 333 10.28 -1.47 -39.24
C VAL B 333 10.29 -0.45 -38.09
N ALA B 334 11.48 -0.17 -37.54
CA ALA B 334 11.64 0.86 -36.50
C ALA B 334 11.23 2.24 -37.00
N LEU B 335 11.74 2.63 -38.17
CA LEU B 335 11.35 3.89 -38.80
C LEU B 335 9.84 4.03 -38.98
N HIS B 336 9.18 2.97 -39.43
CA HIS B 336 7.71 2.99 -39.57
C HIS B 336 6.99 3.19 -38.24
N MET B 337 7.44 2.51 -37.21
CA MET B 337 6.77 2.61 -35.92
C MET B 337 6.97 4.00 -35.33
N GLU B 338 8.22 4.48 -35.38
CA GLU B 338 8.59 5.82 -34.93
C GLU B 338 7.95 6.97 -35.67
N THR B 339 7.54 6.72 -36.91
CA THR B 339 6.88 7.72 -37.70
C THR B 339 5.44 7.87 -37.27
N ALA B 340 4.82 6.74 -36.93
CA ALA B 340 3.38 6.70 -36.65
C ALA B 340 3.03 7.15 -35.21
N ILE B 341 3.80 6.69 -34.22
CA ILE B 341 3.40 6.89 -32.83
C ILE B 341 3.51 8.36 -32.40
N PRO B 342 2.57 8.83 -31.57
CA PRO B 342 2.72 10.17 -30.98
C PRO B 342 3.93 10.30 -30.07
N ASN B 343 4.25 9.26 -29.29
CA ASN B 343 5.20 9.40 -28.17
C ASN B 343 6.63 8.96 -28.52
N PHE B 344 7.11 9.34 -29.70
CA PHE B 344 8.49 9.07 -30.10
C PHE B 344 9.45 10.07 -29.47
N VAL B 345 10.66 9.63 -29.11
CA VAL B 345 11.73 10.57 -28.72
C VAL B 345 12.95 10.62 -29.66
N ILE B 346 13.54 9.47 -29.96
CA ILE B 346 14.81 9.42 -30.71
C ILE B 346 15.08 8.01 -31.27
N HIS B 347 15.82 7.94 -32.37
CA HIS B 347 16.17 6.67 -33.03
C HIS B 347 17.64 6.33 -32.75
N GLU B 348 17.92 5.04 -32.58
CA GLU B 348 19.28 4.53 -32.32
C GLU B 348 19.98 4.09 -33.62
N LEU B 349 21.10 4.73 -33.93
CA LEU B 349 21.88 4.35 -35.10
C LEU B 349 23.25 3.78 -34.70
N HIS B 350 23.49 2.52 -35.03
CA HIS B 350 24.84 1.94 -34.88
C HIS B 350 25.70 2.21 -36.10
N ARG B 351 27.01 2.39 -35.87
CA ARG B 351 27.96 2.61 -36.95
C ARG B 351 27.90 1.53 -38.02
N TYR B 352 27.78 0.27 -37.60
CA TYR B 352 27.83 -0.89 -38.49
C TYR B 352 26.65 -0.91 -39.47
N ALA B 353 25.53 -0.32 -39.07
CA ALA B 353 24.32 -0.29 -39.88
C ALA B 353 24.49 0.51 -41.18
N LEU B 354 25.50 1.39 -41.20
CA LEU B 354 25.82 2.23 -42.36
C LEU B 354 26.81 1.56 -43.31
N LEU B 355 27.38 0.44 -42.86
CA LEU B 355 28.49 -0.19 -43.55
C LEU B 355 27.99 -1.25 -44.54
N GLU B 356 28.81 -1.55 -45.54
CA GLU B 356 28.41 -2.43 -46.64
C GLU B 356 28.03 -3.87 -46.27
N PRO B 357 28.78 -4.53 -45.35
CA PRO B 357 28.39 -5.88 -45.02
C PRO B 357 26.99 -5.98 -44.40
N ASN B 358 26.50 -4.87 -43.84
CA ASN B 358 25.11 -4.77 -43.40
C ASN B 358 24.15 -4.42 -44.54
N THR B 359 24.42 -3.32 -45.23
CA THR B 359 23.44 -2.76 -46.15
C THR B 359 23.27 -3.62 -47.41
N GLN B 360 24.35 -4.30 -47.80
CA GLN B 360 24.35 -5.16 -48.99
C GLN B 360 23.49 -6.43 -48.86
N THR B 361 23.13 -6.83 -47.63
CA THR B 361 22.18 -7.94 -47.43
C THR B 361 20.79 -7.67 -47.99
N CYS B 362 20.44 -6.39 -48.17
CA CYS B 362 19.07 -6.04 -48.48
C CYS B 362 18.93 -5.18 -49.73
N LYS B 363 17.72 -5.15 -50.28
CA LYS B 363 17.45 -4.58 -51.60
CA LYS B 363 17.43 -4.56 -51.60
C LYS B 363 17.51 -3.04 -51.64
N TYR B 364 17.12 -2.38 -50.54
CA TYR B 364 17.03 -0.92 -50.55
C TYR B 364 17.91 -0.34 -49.47
N ASN B 365 18.52 0.80 -49.75
CA ASN B 365 19.44 1.40 -48.81
C ASN B 365 18.89 2.72 -48.29
N TYR B 366 18.35 2.68 -47.08
CA TYR B 366 17.93 3.90 -46.42
C TYR B 366 19.00 4.35 -45.45
N LEU B 367 19.51 5.56 -45.66
CA LEU B 367 20.59 6.12 -44.85
C LEU B 367 20.16 7.45 -44.25
N PRO B 368 20.65 7.77 -43.04
CA PRO B 368 20.28 9.06 -42.49
C PRO B 368 21.09 10.18 -43.15
N LYS B 369 20.54 11.39 -43.16
CA LYS B 369 21.30 12.58 -43.58
C LYS B 369 21.18 13.66 -42.53
N ASN B 370 22.33 14.21 -42.12
CA ASN B 370 22.39 15.22 -41.06
C ASN B 370 21.66 14.81 -39.78
N GLY B 371 21.79 13.54 -39.42
CA GLY B 371 21.29 13.01 -38.18
C GLY B 371 19.81 12.70 -38.18
N MET B 372 19.22 12.58 -39.38
CA MET B 372 17.77 12.38 -39.53
C MET B 372 17.49 11.28 -40.53
N TYR B 373 16.52 10.42 -40.23
CA TYR B 373 16.04 9.46 -41.21
C TYR B 373 14.68 9.95 -41.74
N GLU B 374 14.30 9.45 -42.92
CA GLU B 374 12.92 9.52 -43.39
C GLU B 374 12.40 8.10 -43.50
N VAL B 375 11.08 7.95 -43.45
CA VAL B 375 10.46 6.62 -43.46
C VAL B 375 10.46 6.06 -44.89
N PRO B 376 10.63 4.72 -45.05
CA PRO B 376 10.33 4.10 -46.36
C PRO B 376 8.89 4.29 -46.85
N GLU B 377 8.71 4.25 -48.16
CA GLU B 377 7.45 4.62 -48.79
C GLU B 377 6.85 3.51 -49.66
N LEU B 378 7.61 2.44 -49.87
CA LEU B 378 7.18 1.31 -50.70
C LEU B 378 6.10 0.54 -49.93
N PRO B 379 5.30 -0.31 -50.61
CA PRO B 379 4.38 -1.17 -49.89
C PRO B 379 5.03 -2.09 -48.81
N GLY B 380 4.29 -2.38 -47.75
CA GLY B 380 4.82 -3.17 -46.63
C GLY B 380 5.92 -2.48 -45.84
N ILE B 381 6.90 -3.25 -45.36
CA ILE B 381 8.00 -2.69 -44.56
C ILE B 381 9.03 -1.95 -45.43
N GLY B 382 8.99 -2.18 -46.74
CA GLY B 382 9.82 -1.45 -47.69
C GLY B 382 11.25 -1.94 -47.71
N GLN B 383 11.43 -3.21 -47.37
CA GLN B 383 12.77 -3.79 -47.22
C GLN B 383 12.71 -5.31 -47.35
N GLU B 384 13.72 -5.86 -48.02
CA GLU B 384 13.74 -7.26 -48.41
C GLU B 384 15.19 -7.65 -48.52
N LEU B 385 15.51 -8.92 -48.23
CA LEU B 385 16.83 -9.48 -48.57
C LEU B 385 17.01 -9.52 -50.08
N THR B 386 18.24 -9.30 -50.55
CA THR B 386 18.54 -9.52 -51.97
C THR B 386 18.55 -10.99 -52.32
N GLU B 387 18.35 -11.29 -53.60
CA GLU B 387 18.35 -12.65 -54.10
C GLU B 387 19.70 -13.32 -53.88
N GLU B 388 20.75 -12.52 -54.05
CA GLU B 388 22.11 -13.00 -53.86
C GLU B 388 22.35 -13.49 -52.43
N THR B 389 21.84 -12.73 -51.46
CA THR B 389 22.00 -13.06 -50.04
C THR B 389 21.24 -14.33 -49.74
N MET B 390 20.00 -14.41 -50.21
CA MET B 390 19.19 -15.59 -49.96
C MET B 390 19.80 -16.86 -50.55
N LYS B 391 20.37 -16.79 -51.75
CA LYS B 391 21.09 -17.93 -52.34
C LYS B 391 22.19 -18.45 -51.47
N LYS B 392 22.95 -17.60 -50.85
CA LYS B 392 24.06 -18.12 -50.09
C LYS B 392 23.82 -18.34 -48.58
N SER B 393 22.58 -18.13 -48.14
CA SER B 393 22.23 -18.25 -46.73
C SER B 393 21.58 -19.60 -46.42
N PRO B 394 22.15 -20.32 -45.43
CA PRO B 394 21.52 -21.58 -44.98
C PRO B 394 20.09 -21.36 -44.53
N THR B 395 19.18 -22.15 -45.08
CA THR B 395 17.76 -21.90 -45.00
C THR B 395 17.03 -23.18 -44.59
N ILE B 396 16.08 -23.05 -43.66
CA ILE B 396 15.13 -24.12 -43.36
C ILE B 396 13.79 -23.74 -43.95
N THR B 397 13.13 -24.68 -44.63
CA THR B 397 11.83 -24.37 -45.22
C THR B 397 10.77 -25.25 -44.62
N VAL B 398 9.77 -24.61 -44.03
CA VAL B 398 8.67 -25.30 -43.39
C VAL B 398 7.48 -25.24 -44.33
N LYS B 399 6.89 -26.40 -44.61
CA LYS B 399 5.63 -26.47 -45.33
C LYS B 399 4.75 -27.61 -44.87
N LEU C 3 -0.94 13.01 -51.49
CA LEU C 3 -1.78 13.01 -50.26
C LEU C 3 -3.10 13.69 -50.48
N MET C 4 -4.11 13.29 -49.71
CA MET C 4 -5.42 13.94 -49.68
C MET C 4 -5.52 14.93 -48.53
N LYS C 5 -6.53 15.79 -48.62
CA LYS C 5 -6.77 16.90 -47.69
C LYS C 5 -8.23 16.84 -47.30
N ILE C 6 -8.52 17.15 -46.05
CA ILE C 6 -9.90 17.36 -45.62
C ILE C 6 -10.35 18.73 -46.13
N THR C 7 -11.45 18.76 -46.88
CA THR C 7 -11.95 20.03 -47.44
C THR C 7 -13.14 20.59 -46.70
N SER C 8 -14.00 19.71 -46.22
CA SER C 8 -15.12 20.14 -45.41
C SER C 8 -15.57 19.02 -44.49
N VAL C 9 -16.28 19.38 -43.44
CA VAL C 9 -16.94 18.41 -42.58
C VAL C 9 -18.36 18.87 -42.40
N ASP C 10 -19.31 17.95 -42.60
CA ASP C 10 -20.71 18.15 -42.33
C ASP C 10 -21.06 17.47 -41.02
N ILE C 11 -21.76 18.19 -40.17
CA ILE C 11 -22.23 17.64 -38.90
C ILE C 11 -23.74 17.54 -39.00
N ILE C 12 -24.25 16.32 -38.94
CA ILE C 12 -25.60 16.04 -39.42
C ILE C 12 -26.48 15.62 -38.25
N ASP C 13 -27.49 16.43 -37.97
CA ASP C 13 -28.52 16.12 -37.00
C ASP C 13 -29.56 15.20 -37.66
N VAL C 14 -29.40 13.88 -37.47
CA VAL C 14 -30.06 12.89 -38.33
C VAL C 14 -31.57 12.84 -38.10
N ALA C 15 -32.31 13.20 -39.14
CA ALA C 15 -33.78 13.21 -39.12
C ALA C 15 -34.30 11.78 -39.12
N ASN C 16 -35.22 11.49 -38.20
CA ASN C 16 -35.71 10.13 -38.02
C ASN C 16 -37.14 10.10 -37.46
N ASP C 17 -37.78 8.94 -37.55
CA ASP C 17 -39.18 8.81 -37.16
C ASP C 17 -39.42 8.55 -35.65
N PHE C 18 -38.39 8.11 -34.93
CA PHE C 18 -38.52 7.72 -33.52
C PHE C 18 -38.99 8.87 -32.63
N LYS C 24 -35.80 11.60 -25.86
CA LYS C 24 -35.84 11.73 -27.31
C LYS C 24 -34.72 10.94 -27.97
N TRP C 25 -34.65 10.99 -29.30
CA TRP C 25 -33.66 10.25 -30.07
C TRP C 25 -32.95 11.18 -31.04
N ARG C 26 -31.66 11.43 -30.78
CA ARG C 26 -30.88 12.30 -31.65
C ARG C 26 -29.56 11.72 -32.13
N PRO C 27 -29.61 10.81 -33.13
CA PRO C 27 -28.37 10.36 -33.74
C PRO C 27 -27.69 11.53 -34.43
N VAL C 28 -26.36 11.59 -34.36
CA VAL C 28 -25.61 12.66 -34.96
C VAL C 28 -24.46 12.05 -35.74
N VAL C 29 -24.26 12.54 -36.96
CA VAL C 29 -23.32 11.95 -37.87
C VAL C 29 -22.31 13.00 -38.32
N VAL C 30 -21.05 12.57 -38.40
CA VAL C 30 -19.96 13.40 -38.91
C VAL C 30 -19.62 12.83 -40.27
N LYS C 31 -19.65 13.70 -41.28
CA LYS C 31 -19.28 13.31 -42.63
C LYS C 31 -18.09 14.16 -43.05
N ILE C 32 -16.95 13.50 -43.23
CA ILE C 32 -15.72 14.22 -43.55
C ILE C 32 -15.50 14.07 -45.05
N ASN C 33 -15.24 15.18 -45.74
CA ASN C 33 -15.06 15.19 -47.21
C ASN C 33 -13.63 15.60 -47.59
N THR C 34 -13.09 14.96 -48.62
CA THR C 34 -11.70 15.19 -49.06
C THR C 34 -11.63 15.81 -50.48
N ASP C 35 -10.50 16.43 -50.82
CA ASP C 35 -10.28 16.88 -52.19
C ASP C 35 -10.32 15.75 -53.24
N GLU C 36 -10.10 14.51 -52.80
CA GLU C 36 -10.15 13.36 -53.69
C GLU C 36 -11.53 12.74 -53.84
N GLY C 37 -12.53 13.36 -53.22
CA GLY C 37 -13.91 12.92 -53.38
C GLY C 37 -14.29 11.73 -52.54
N ILE C 38 -13.39 11.25 -51.69
CA ILE C 38 -13.75 10.20 -50.72
C ILE C 38 -14.32 10.83 -49.44
N SER C 39 -15.51 10.40 -49.06
CA SER C 39 -16.15 10.87 -47.84
C SER C 39 -16.25 9.77 -46.77
N GLY C 40 -15.94 10.13 -45.52
CA GLY C 40 -16.02 9.19 -44.39
C GLY C 40 -17.17 9.53 -43.46
N PHE C 41 -17.84 8.49 -42.96
CA PHE C 41 -18.97 8.61 -42.04
C PHE C 41 -18.64 8.08 -40.64
N GLY C 42 -19.05 8.84 -39.65
CA GLY C 42 -18.82 8.54 -38.25
C GLY C 42 -20.01 9.00 -37.45
N GLU C 43 -20.14 8.49 -36.23
CA GLU C 43 -21.29 8.79 -35.38
C GLU C 43 -20.83 9.33 -34.04
N VAL C 44 -21.54 10.35 -33.55
CA VAL C 44 -21.30 10.93 -32.23
C VAL C 44 -22.30 10.27 -31.30
N GLY C 45 -21.82 9.55 -30.31
CA GLY C 45 -22.69 8.65 -29.53
C GLY C 45 -23.26 9.39 -28.33
N LEU C 46 -24.21 10.28 -28.59
CA LEU C 46 -24.95 10.97 -27.52
C LEU C 46 -26.45 10.99 -27.82
N ALA C 47 -26.97 9.94 -28.46
CA ALA C 47 -28.30 10.02 -29.06
C ALA C 47 -29.44 10.04 -28.05
N TYR C 48 -29.15 9.57 -26.84
CA TYR C 48 -30.08 9.57 -25.70
C TYR C 48 -29.42 10.34 -24.58
N GLY C 49 -30.08 10.41 -23.42
CA GLY C 49 -29.67 11.29 -22.32
C GLY C 49 -29.67 12.75 -22.73
N VAL C 50 -29.06 13.60 -21.91
CA VAL C 50 -29.06 15.04 -22.16
C VAL C 50 -27.68 15.45 -22.65
N GLY C 51 -27.60 16.04 -23.84
CA GLY C 51 -26.30 16.47 -24.38
C GLY C 51 -26.05 16.48 -25.88
N ALA C 52 -26.95 15.90 -26.66
CA ALA C 52 -26.78 15.82 -28.13
C ALA C 52 -26.46 17.16 -28.85
N SER C 53 -27.09 18.25 -28.42
CA SER C 53 -26.77 19.58 -28.99
C SER C 53 -25.33 19.99 -28.74
N ALA C 54 -24.81 19.58 -27.57
CA ALA C 54 -23.42 19.86 -27.22
C ALA C 54 -22.47 19.06 -28.09
N GLY C 55 -22.82 17.79 -28.35
CA GLY C 55 -22.08 16.96 -29.30
C GLY C 55 -21.91 17.56 -30.69
N ILE C 56 -23.00 18.10 -31.22
CA ILE C 56 -22.99 18.82 -32.49
C ILE C 56 -22.02 20.01 -32.48
N GLY C 57 -22.11 20.86 -31.46
CA GLY C 57 -21.27 22.07 -31.37
C GLY C 57 -19.82 21.68 -31.14
N MET C 58 -19.60 20.57 -30.41
CA MET C 58 -18.24 20.04 -30.19
C MET C 58 -17.62 19.51 -31.46
N ALA C 59 -18.39 18.70 -32.20
CA ALA C 59 -17.96 18.21 -33.51
C ALA C 59 -17.65 19.35 -34.48
N LYS C 60 -18.47 20.40 -34.44
CA LYS C 60 -18.25 21.58 -35.26
C LYS C 60 -16.95 22.29 -34.90
N ASP C 61 -16.71 22.46 -33.60
CA ASP C 61 -15.50 23.14 -33.13
C ASP C 61 -14.22 22.36 -33.45
N LEU C 62 -14.26 21.04 -33.25
CA LEU C 62 -13.13 20.19 -33.57
C LEU C 62 -12.83 20.13 -35.08
N SER C 63 -13.89 20.12 -35.88
CA SER C 63 -13.76 20.07 -37.33
C SER C 63 -12.97 21.22 -37.89
N ALA C 64 -13.08 22.39 -37.25
CA ALA C 64 -12.32 23.57 -37.66
C ALA C 64 -10.82 23.36 -37.61
N ILE C 65 -10.36 22.54 -36.66
CA ILE C 65 -8.94 22.33 -36.50
C ILE C 65 -8.36 21.25 -37.40
N ILE C 66 -9.23 20.48 -38.08
CA ILE C 66 -8.76 19.41 -38.97
C ILE C 66 -8.88 19.66 -40.48
N ILE C 67 -9.63 20.70 -40.86
CA ILE C 67 -9.72 21.16 -42.27
C ILE C 67 -8.29 21.38 -42.76
N GLY C 68 -7.96 20.82 -43.92
CA GLY C 68 -6.63 20.99 -44.49
C GLY C 68 -5.68 19.86 -44.15
N MET C 69 -6.04 19.04 -43.15
CA MET C 69 -5.17 17.95 -42.72
C MET C 69 -5.38 16.72 -43.59
N ASP C 70 -4.34 15.91 -43.66
CA ASP C 70 -4.37 14.63 -44.35
C ASP C 70 -5.13 13.64 -43.45
N PRO C 71 -6.29 13.15 -43.92
CA PRO C 71 -7.13 12.28 -43.09
C PRO C 71 -6.55 10.90 -42.84
N MET C 72 -5.46 10.57 -43.53
CA MET C 72 -4.79 9.28 -43.35
C MET C 72 -4.05 9.18 -42.00
N ASN C 73 -3.77 10.33 -41.40
CA ASN C 73 -2.98 10.42 -40.18
C ASN C 73 -3.88 10.43 -38.96
N ASN C 74 -4.61 9.35 -38.74
CA ASN C 74 -5.53 9.34 -37.61
C ASN C 74 -4.82 9.45 -36.26
N GLU C 75 -3.63 8.84 -36.14
CA GLU C 75 -2.89 8.99 -34.87
C GLU C 75 -2.60 10.44 -34.56
N ALA C 76 -2.05 11.18 -35.52
CA ALA C 76 -1.72 12.59 -35.33
C ALA C 76 -2.98 13.43 -35.07
N ILE C 77 -4.10 13.08 -35.71
CA ILE C 77 -5.28 13.92 -35.59
C ILE C 77 -5.87 13.69 -34.20
N TRP C 78 -5.98 12.42 -33.78
CA TRP C 78 -6.42 12.08 -32.43
C TRP C 78 -5.62 12.85 -31.37
N GLU C 79 -4.30 12.82 -31.47
CA GLU C 79 -3.45 13.47 -30.50
C GLU C 79 -3.58 15.01 -30.56
N LYS C 80 -3.81 15.55 -31.74
CA LYS C 80 -4.13 16.97 -31.90
C LYS C 80 -5.43 17.34 -31.20
N MET C 81 -6.45 16.50 -31.35
CA MET C 81 -7.69 16.77 -30.64
C MET C 81 -7.53 16.66 -29.11
N LEU C 82 -6.71 15.70 -28.65
CA LEU C 82 -6.32 15.66 -27.24
C LEU C 82 -5.58 16.93 -26.78
N LYS C 83 -4.51 17.28 -27.49
CA LYS C 83 -3.42 18.11 -26.94
C LYS C 83 -3.48 19.60 -27.32
N LYS C 84 -4.18 19.94 -28.41
CA LYS C 84 -4.12 21.33 -28.96
C LYS C 84 -5.44 22.07 -28.84
N THR C 85 -6.35 21.53 -28.04
CA THR C 85 -7.70 22.06 -27.91
C THR C 85 -7.89 22.70 -26.54
N PHE C 86 -6.90 22.51 -25.68
CA PHE C 86 -6.97 22.89 -24.25
C PHE C 86 -7.86 21.94 -23.42
N TRP C 87 -9.13 21.89 -23.79
CA TRP C 87 -10.11 21.15 -23.03
C TRP C 87 -10.00 19.64 -23.19
N GLY C 88 -9.39 19.19 -24.28
CA GLY C 88 -9.09 17.74 -24.45
C GLY C 88 -8.40 17.10 -23.26
N GLN C 89 -7.42 17.82 -22.73
CA GLN C 89 -6.56 17.32 -21.64
C GLN C 89 -7.24 17.32 -20.27
N GLY C 90 -8.43 17.89 -20.16
CA GLY C 90 -9.31 17.61 -18.99
C GLY C 90 -10.32 16.49 -19.17
N GLY C 91 -10.50 16.07 -20.42
CA GLY C 91 -11.34 14.92 -20.70
C GLY C 91 -12.83 15.22 -20.69
N GLY C 92 -13.63 14.24 -21.04
CA GLY C 92 -15.08 14.30 -20.78
C GLY C 92 -15.94 13.65 -21.83
N GLY C 93 -17.18 13.34 -21.47
CA GLY C 93 -18.05 12.58 -22.37
C GLY C 93 -18.47 13.29 -23.65
N ILE C 94 -18.83 14.55 -23.53
CA ILE C 94 -19.16 15.36 -24.73
C ILE C 94 -17.95 15.52 -25.62
N PHE C 95 -16.85 15.97 -25.03
CA PHE C 95 -15.61 16.11 -25.79
C PHE C 95 -15.25 14.81 -26.51
N SER C 96 -15.22 13.71 -25.75
CA SER C 96 -14.84 12.42 -26.29
C SER C 96 -15.79 11.89 -27.37
N ALA C 97 -17.10 12.07 -27.19
CA ALA C 97 -18.08 11.63 -28.20
C ALA C 97 -17.90 12.32 -29.54
N ALA C 98 -17.61 13.61 -29.51
CA ALA C 98 -17.30 14.35 -30.74
C ALA C 98 -16.01 13.93 -31.44
N MET C 99 -14.93 13.78 -30.67
CA MET C 99 -13.69 13.15 -31.13
CA MET C 99 -13.69 13.17 -31.15
C MET C 99 -13.93 11.80 -31.76
N SER C 100 -14.81 11.02 -31.15
CA SER C 100 -15.08 9.67 -31.64
C SER C 100 -15.69 9.66 -33.02
N GLY C 101 -16.65 10.56 -33.24
CA GLY C 101 -17.38 10.60 -34.50
C GLY C 101 -16.46 11.02 -35.62
N ILE C 102 -15.57 11.98 -35.33
CA ILE C 102 -14.52 12.40 -36.28
C ILE C 102 -13.56 11.27 -36.59
N ASP C 103 -13.13 10.59 -35.54
CA ASP C 103 -12.18 9.49 -35.68
C ASP C 103 -12.71 8.34 -36.54
N ILE C 104 -13.95 7.95 -36.31
CA ILE C 104 -14.58 6.85 -37.04
C ILE C 104 -14.62 7.24 -38.52
N ALA C 105 -14.93 8.50 -38.80
CA ALA C 105 -15.01 8.98 -40.19
C ALA C 105 -13.65 8.94 -40.89
N LEU C 106 -12.58 9.12 -40.10
CA LEU C 106 -11.22 9.05 -40.61
C LEU C 106 -10.84 7.63 -41.04
N TRP C 107 -11.24 6.62 -40.27
CA TRP C 107 -11.00 5.23 -40.64
C TRP C 107 -11.85 4.81 -41.84
N ASP C 108 -13.04 5.40 -41.97
CA ASP C 108 -13.91 5.12 -43.12
C ASP C 108 -13.19 5.55 -44.40
N ILE C 109 -12.67 6.77 -44.42
CA ILE C 109 -11.86 7.24 -45.52
C ILE C 109 -10.69 6.33 -45.80
N LYS C 110 -9.97 5.95 -44.75
CA LYS C 110 -8.80 5.04 -44.86
C LYS C 110 -9.17 3.75 -45.58
N GLY C 111 -10.29 3.16 -45.19
CA GLY C 111 -10.74 1.88 -45.77
C GLY C 111 -11.15 2.05 -47.22
N LYS C 112 -11.90 3.12 -47.49
CA LYS C 112 -12.28 3.50 -48.86
C LYS C 112 -11.11 3.79 -49.78
N ALA C 113 -10.10 4.48 -49.25
CA ALA C 113 -8.87 4.73 -49.98
C ALA C 113 -8.17 3.43 -50.41
N TRP C 114 -8.19 2.42 -49.55
CA TRP C 114 -7.39 1.23 -49.78
C TRP C 114 -8.23 0.09 -50.38
N GLY C 115 -9.55 0.31 -50.40
CA GLY C 115 -10.51 -0.73 -50.79
C GLY C 115 -10.69 -1.86 -49.78
N VAL C 116 -10.62 -1.54 -48.49
CA VAL C 116 -10.48 -2.57 -47.44
C VAL C 116 -11.50 -2.36 -46.32
N PRO C 117 -12.21 -3.44 -45.89
CA PRO C 117 -13.08 -3.27 -44.72
C PRO C 117 -12.30 -2.98 -43.43
N LEU C 118 -12.94 -2.24 -42.52
CA LEU C 118 -12.33 -1.87 -41.23
C LEU C 118 -11.71 -2.99 -40.39
N TYR C 119 -12.41 -4.13 -40.20
CA TYR C 119 -11.89 -5.24 -39.39
C TYR C 119 -10.47 -5.67 -39.81
N LYS C 120 -10.22 -5.66 -41.13
CA LYS C 120 -8.89 -6.05 -41.65
C LYS C 120 -7.84 -5.03 -41.27
N MET C 121 -8.21 -3.76 -41.28
CA MET C 121 -7.26 -2.69 -40.89
C MET C 121 -6.99 -2.71 -39.37
N LEU C 122 -7.87 -3.36 -38.62
CA LEU C 122 -7.72 -3.49 -37.18
C LEU C 122 -7.12 -4.83 -36.79
N GLY C 123 -6.63 -5.59 -37.76
CA GLY C 123 -5.87 -6.79 -37.46
C GLY C 123 -6.51 -8.09 -37.87
N GLY C 124 -7.66 -8.04 -38.54
CA GLY C 124 -8.08 -9.15 -39.38
C GLY C 124 -9.30 -9.80 -38.78
N LYS C 125 -9.60 -11.02 -39.19
CA LYS C 125 -10.83 -11.71 -38.79
C LYS C 125 -10.50 -12.77 -37.72
N SER C 126 -10.63 -12.39 -36.44
CA SER C 126 -10.35 -13.27 -35.32
C SER C 126 -11.53 -14.19 -34.98
N ARG C 127 -12.68 -13.95 -35.61
CA ARG C 127 -13.84 -14.84 -35.44
C ARG C 127 -14.82 -14.68 -36.61
N GLU C 128 -15.52 -15.76 -36.92
CA GLU C 128 -16.36 -15.80 -38.12
C GLU C 128 -17.76 -15.27 -37.87
N LYS C 129 -18.22 -15.38 -36.63
CA LYS C 129 -19.54 -14.90 -36.25
C LYS C 129 -19.48 -14.14 -34.93
N ILE C 130 -20.45 -13.26 -34.70
CA ILE C 130 -20.56 -12.44 -33.52
CA ILE C 130 -20.55 -12.42 -33.54
C ILE C 130 -21.79 -12.74 -32.69
N ARG C 131 -21.56 -13.37 -31.55
CA ARG C 131 -22.62 -13.70 -30.61
C ARG C 131 -23.27 -12.44 -30.06
N THR C 132 -24.59 -12.46 -29.96
CA THR C 132 -25.38 -11.28 -29.60
C THR C 132 -26.27 -11.59 -28.41
N TYR C 133 -26.53 -10.57 -27.58
CA TYR C 133 -27.66 -10.64 -26.66
C TYR C 133 -28.81 -9.67 -26.96
N ALA C 134 -30.01 -10.06 -26.56
CA ALA C 134 -31.16 -9.17 -26.57
C ALA C 134 -31.09 -8.16 -25.42
N SER C 135 -31.00 -6.87 -25.73
CA SER C 135 -30.66 -5.89 -24.69
C SER C 135 -31.91 -5.19 -24.20
N GLN C 136 -31.92 -4.85 -22.92
CA GLN C 136 -32.94 -4.02 -22.29
C GLN C 136 -34.36 -4.58 -22.35
N LEU C 137 -34.55 -5.76 -21.78
CA LEU C 137 -35.80 -6.51 -21.88
C LEU C 137 -36.97 -5.91 -21.09
N GLN C 138 -36.67 -4.96 -20.20
CA GLN C 138 -37.69 -4.23 -19.46
C GLN C 138 -38.59 -3.40 -20.39
N PHE C 139 -38.17 -3.30 -21.65
CA PHE C 139 -38.92 -2.55 -22.65
C PHE C 139 -39.53 -3.48 -23.68
N GLY C 140 -39.59 -4.76 -23.36
CA GLY C 140 -40.24 -5.74 -24.22
C GLY C 140 -39.33 -6.34 -25.26
N TRP C 141 -39.82 -7.40 -25.91
CA TRP C 141 -39.16 -7.96 -27.09
C TRP C 141 -40.18 -8.58 -28.03
N GLY C 142 -39.84 -8.66 -29.31
CA GLY C 142 -40.77 -9.15 -30.33
C GLY C 142 -41.46 -8.00 -31.01
N ASP C 143 -42.17 -8.27 -32.10
CA ASP C 143 -42.89 -7.20 -32.80
C ASP C 143 -44.16 -6.78 -32.07
N GLY C 144 -44.55 -5.52 -32.24
CA GLY C 144 -45.66 -4.93 -31.51
C GLY C 144 -45.35 -4.65 -30.04
N SER C 145 -44.08 -4.74 -29.66
CA SER C 145 -43.64 -4.46 -28.30
C SER C 145 -42.99 -3.08 -28.19
N ASP C 146 -43.35 -2.18 -29.11
CA ASP C 146 -42.50 -1.05 -29.49
C ASP C 146 -42.35 0.02 -28.41
N LYS C 147 -43.35 0.17 -27.56
CA LYS C 147 -43.15 0.88 -26.30
C LYS C 147 -43.73 0.15 -25.09
N ASP C 148 -43.27 -1.09 -24.90
CA ASP C 148 -43.53 -1.81 -23.66
C ASP C 148 -42.82 -1.15 -22.47
N MET C 149 -43.53 -1.05 -21.36
CA MET C 149 -42.93 -0.78 -20.07
C MET C 149 -43.35 -1.91 -19.13
N LEU C 150 -42.53 -2.95 -19.05
CA LEU C 150 -42.88 -4.17 -18.35
C LEU C 150 -42.77 -4.00 -16.84
N THR C 151 -43.77 -4.50 -16.12
CA THR C 151 -43.86 -4.35 -14.65
C THR C 151 -43.84 -5.65 -13.86
N GLU C 152 -44.50 -6.69 -14.38
CA GLU C 152 -44.74 -7.92 -13.62
C GLU C 152 -43.74 -8.98 -14.00
N PRO C 153 -43.21 -9.73 -13.01
CA PRO C 153 -42.27 -10.83 -13.28
C PRO C 153 -42.60 -11.68 -14.48
N GLU C 154 -43.86 -12.07 -14.62
CA GLU C 154 -44.32 -12.89 -15.74
C GLU C 154 -44.07 -12.25 -17.12
N GLN C 155 -44.20 -10.92 -17.18
CA GLN C 155 -44.00 -10.17 -18.43
C GLN C 155 -42.53 -10.18 -18.81
N TYR C 156 -41.67 -10.07 -17.78
CA TYR C 156 -40.22 -10.21 -17.94
C TYR C 156 -39.84 -11.61 -18.46
N ALA C 157 -40.35 -12.66 -17.82
CA ALA C 157 -40.16 -14.04 -18.33
C ALA C 157 -40.57 -14.20 -19.80
N GLN C 158 -41.72 -13.63 -20.16
CA GLN C 158 -42.28 -13.81 -21.49
C GLN C 158 -41.47 -13.07 -22.53
N ALA C 159 -40.98 -11.88 -22.18
CA ALA C 159 -40.09 -11.13 -23.08
C ALA C 159 -38.80 -11.91 -23.35
N ALA C 160 -38.25 -12.53 -22.30
CA ALA C 160 -37.03 -13.33 -22.44
C ALA C 160 -37.27 -14.56 -23.32
N LEU C 161 -38.42 -15.20 -23.09
CA LEU C 161 -38.82 -16.36 -23.90
C LEU C 161 -39.00 -16.02 -25.38
N THR C 162 -39.57 -14.85 -25.66
CA THR C 162 -39.70 -14.35 -27.04
C THR C 162 -38.33 -14.18 -27.68
N ALA C 163 -37.39 -13.64 -26.92
CA ALA C 163 -36.03 -13.42 -27.40
C ALA C 163 -35.34 -14.75 -27.69
N VAL C 164 -35.50 -15.71 -26.77
CA VAL C 164 -34.95 -17.05 -26.94
C VAL C 164 -35.51 -17.71 -28.21
N SER C 165 -36.83 -17.59 -28.41
CA SER C 165 -37.47 -18.11 -29.61
C SER C 165 -36.94 -17.51 -30.92
N GLU C 166 -36.38 -16.31 -30.87
CA GLU C 166 -35.75 -15.72 -32.05
C GLU C 166 -34.29 -16.12 -32.28
N GLY C 167 -33.75 -16.94 -31.40
CA GLY C 167 -32.36 -17.44 -31.55
C GLY C 167 -31.32 -16.84 -30.62
N TYR C 168 -31.76 -15.97 -29.70
CA TYR C 168 -30.86 -15.37 -28.70
C TYR C 168 -30.64 -16.29 -27.51
N ASP C 169 -29.38 -16.54 -27.17
CA ASP C 169 -29.07 -17.33 -25.97
C ASP C 169 -28.45 -16.48 -24.87
N ALA C 170 -28.74 -15.17 -24.92
CA ALA C 170 -28.36 -14.26 -23.85
C ALA C 170 -29.28 -13.07 -23.88
N ILE C 171 -29.60 -12.55 -22.69
CA ILE C 171 -30.41 -11.36 -22.55
C ILE C 171 -29.81 -10.41 -21.51
N LYS C 172 -30.18 -9.14 -21.61
CA LYS C 172 -29.86 -8.18 -20.56
C LYS C 172 -31.12 -7.44 -20.14
N VAL C 173 -31.21 -7.17 -18.85
CA VAL C 173 -32.38 -6.55 -18.28
C VAL C 173 -32.00 -5.72 -17.04
N ASP C 174 -32.59 -4.52 -16.94
CA ASP C 174 -32.69 -3.79 -15.69
C ASP C 174 -34.05 -4.07 -15.09
N THR C 175 -34.07 -4.82 -13.99
CA THR C 175 -35.33 -5.21 -13.34
C THR C 175 -35.66 -4.30 -12.16
N VAL C 176 -34.83 -3.27 -11.94
CA VAL C 176 -34.97 -2.44 -10.74
C VAL C 176 -35.57 -1.07 -11.06
N ALA C 177 -35.22 -0.51 -12.21
CA ALA C 177 -35.55 0.89 -12.50
C ALA C 177 -37.01 1.16 -12.87
N MET C 178 -37.78 0.11 -13.19
CA MET C 178 -39.23 0.27 -13.36
C MET C 178 -39.93 0.00 -12.03
N ASP C 179 -40.76 0.94 -11.59
CA ASP C 179 -41.58 0.66 -10.41
C ASP C 179 -42.76 -0.25 -10.79
N ARG C 180 -43.58 -0.63 -9.82
CA ARG C 180 -44.70 -1.55 -10.10
C ARG C 180 -45.74 -0.89 -11.01
N HIS C 181 -45.79 0.44 -11.02
CA HIS C 181 -46.75 1.20 -11.82
C HIS C 181 -46.27 1.54 -13.23
N GLY C 182 -45.05 1.14 -13.57
CA GLY C 182 -44.50 1.40 -14.91
C GLY C 182 -43.86 2.76 -15.07
N ASN C 183 -43.43 3.36 -13.97
CA ASN C 183 -42.61 4.58 -14.01
C ASN C 183 -41.12 4.24 -14.05
N TRP C 184 -40.42 4.87 -14.98
CA TRP C 184 -39.02 4.54 -15.25
C TRP C 184 -38.08 5.48 -14.50
N ASN C 185 -37.26 4.90 -13.62
CA ASN C 185 -36.24 5.63 -12.87
C ASN C 185 -36.79 6.81 -12.07
N GLN C 186 -37.78 6.54 -11.24
CA GLN C 186 -38.39 7.64 -10.50
C GLN C 186 -38.35 7.46 -8.99
N GLN C 187 -37.72 6.38 -8.55
CA GLN C 187 -37.52 6.18 -7.12
C GLN C 187 -36.07 6.47 -6.76
N ASN C 188 -35.85 6.84 -5.51
CA ASN C 188 -34.49 7.06 -5.06
C ASN C 188 -33.85 5.72 -4.74
N LEU C 189 -32.86 5.33 -5.55
CA LEU C 189 -32.22 4.05 -5.39
C LEU C 189 -30.84 4.14 -4.73
N ASN C 190 -30.59 5.25 -4.02
CA ASN C 190 -29.32 5.48 -3.33
C ASN C 190 -29.42 5.16 -1.84
N GLY C 191 -28.40 4.51 -1.30
CA GLY C 191 -28.31 4.24 0.12
C GLY C 191 -28.88 2.86 0.38
N PRO C 192 -29.01 2.48 1.66
CA PRO C 192 -29.64 1.20 2.00
C PRO C 192 -31.14 1.29 1.72
N LEU C 193 -31.71 0.23 1.16
CA LEU C 193 -33.09 0.30 0.64
C LEU C 193 -33.97 -0.71 1.34
N THR C 194 -35.25 -0.37 1.50
CA THR C 194 -36.23 -1.30 2.07
C THR C 194 -36.37 -2.49 1.14
N ASP C 195 -36.56 -3.67 1.72
CA ASP C 195 -36.56 -4.92 0.99
C ASP C 195 -37.49 -4.91 -0.25
N LYS C 196 -38.66 -4.29 -0.14
CA LYS C 196 -39.65 -4.30 -1.22
C LYS C 196 -39.20 -3.65 -2.53
N ILE C 197 -38.39 -2.59 -2.42
CA ILE C 197 -37.82 -1.94 -3.60
C ILE C 197 -37.00 -2.89 -4.44
N LEU C 198 -36.20 -3.72 -3.79
CA LEU C 198 -35.30 -4.63 -4.51
C LEU C 198 -35.89 -6.03 -4.70
N ARG C 199 -36.86 -6.39 -3.87
CA ARG C 199 -37.54 -7.69 -3.94
C ARG C 199 -38.28 -7.83 -5.28
N LEU C 200 -38.86 -6.72 -5.73
CA LEU C 200 -39.47 -6.66 -7.05
C LEU C 200 -38.46 -6.91 -8.17
N GLY C 201 -37.32 -6.21 -8.11
CA GLY C 201 -36.22 -6.50 -9.02
C GLY C 201 -35.80 -7.95 -9.03
N TYR C 202 -35.62 -8.51 -7.84
CA TYR C 202 -35.24 -9.92 -7.72
C TYR C 202 -36.29 -10.84 -8.32
N ASP C 203 -37.57 -10.58 -8.00
CA ASP C 203 -38.64 -11.47 -8.47
C ASP C 203 -38.72 -11.46 -9.99
N ARG C 204 -38.62 -10.28 -10.60
CA ARG C 204 -38.56 -10.22 -12.07
C ARG C 204 -37.36 -10.99 -12.65
N MET C 205 -36.22 -10.93 -11.98
CA MET C 205 -35.03 -11.58 -12.51
C MET C 205 -35.12 -13.10 -12.31
N ALA C 206 -35.66 -13.51 -11.16
CA ALA C 206 -35.83 -14.94 -10.87
C ALA C 206 -36.84 -15.56 -11.84
N ALA C 207 -37.90 -14.80 -12.15
CA ALA C 207 -38.87 -15.17 -13.17
C ALA C 207 -38.21 -15.45 -14.51
N ILE C 208 -37.32 -14.54 -14.95
CA ILE C 208 -36.57 -14.78 -16.17
C ILE C 208 -35.78 -16.09 -16.10
N ARG C 209 -34.92 -16.23 -15.10
CA ARG C 209 -34.06 -17.42 -14.98
C ARG C 209 -34.88 -18.71 -14.99
N ASP C 210 -35.95 -18.74 -14.21
CA ASP C 210 -36.85 -19.91 -14.17
C ASP C 210 -37.39 -20.26 -15.56
N ALA C 211 -37.78 -19.24 -16.32
CA ALA C 211 -38.32 -19.42 -17.66
C ALA C 211 -37.32 -19.96 -18.67
N VAL C 212 -36.10 -19.43 -18.67
CA VAL C 212 -35.17 -19.71 -19.74
C VAL C 212 -34.25 -20.90 -19.44
N GLY C 213 -34.18 -21.28 -18.17
CA GLY C 213 -33.28 -22.34 -17.71
C GLY C 213 -31.84 -21.86 -17.65
N PRO C 214 -30.89 -22.79 -17.42
CA PRO C 214 -29.49 -22.48 -17.08
C PRO C 214 -28.63 -22.04 -18.26
N ASP C 215 -29.06 -22.36 -19.49
CA ASP C 215 -28.19 -22.26 -20.63
C ASP C 215 -28.44 -21.01 -21.47
N VAL C 216 -29.28 -20.12 -20.95
CA VAL C 216 -29.42 -18.76 -21.50
C VAL C 216 -28.78 -17.79 -20.50
N ASP C 217 -27.86 -16.96 -21.00
CA ASP C 217 -27.13 -16.06 -20.11
C ASP C 217 -27.95 -14.80 -19.78
N ILE C 218 -27.82 -14.30 -18.56
CA ILE C 218 -28.56 -13.13 -18.14
C ILE C 218 -27.58 -12.08 -17.60
N ILE C 219 -27.56 -10.92 -18.24
CA ILE C 219 -26.84 -9.74 -17.74
C ILE C 219 -27.82 -8.87 -16.95
N ALA C 220 -27.42 -8.50 -15.74
CA ALA C 220 -28.14 -7.56 -14.88
C ALA C 220 -27.59 -6.14 -15.09
N GLU C 221 -28.44 -5.26 -15.58
CA GLU C 221 -28.05 -3.88 -15.89
C GLU C 221 -28.65 -2.95 -14.84
N MET C 222 -27.84 -2.05 -14.32
CA MET C 222 -28.27 -1.13 -13.27
C MET C 222 -28.27 0.34 -13.69
N HIS C 223 -27.64 0.65 -14.82
CA HIS C 223 -27.66 2.01 -15.38
C HIS C 223 -27.04 3.06 -14.45
N ALA C 224 -26.28 2.61 -13.45
CA ALA C 224 -25.78 3.49 -12.39
C ALA C 224 -26.86 4.33 -11.71
N PHE C 225 -28.07 3.75 -11.58
CA PHE C 225 -29.17 4.41 -10.85
C PHE C 225 -28.99 4.07 -9.37
N THR C 226 -28.32 2.95 -9.11
CA THR C 226 -27.92 2.57 -7.75
C THR C 226 -26.65 3.32 -7.35
N ASP C 227 -26.36 3.36 -6.05
CA ASP C 227 -25.03 3.74 -5.58
C ASP C 227 -24.36 2.50 -5.00
N THR C 228 -23.22 2.66 -4.33
CA THR C 228 -22.43 1.52 -3.84
C THR C 228 -23.23 0.59 -2.91
N THR C 229 -23.95 1.17 -1.96
CA THR C 229 -24.66 0.39 -0.94
C THR C 229 -25.84 -0.43 -1.56
N SER C 230 -26.70 0.23 -2.32
CA SER C 230 -27.78 -0.45 -3.04
C SER C 230 -27.33 -1.41 -4.14
N ALA C 231 -26.25 -1.07 -4.86
CA ALA C 231 -25.66 -2.01 -5.84
C ALA C 231 -25.19 -3.30 -5.16
N ILE C 232 -24.65 -3.17 -3.95
CA ILE C 232 -24.22 -4.33 -3.19
C ILE C 232 -25.41 -5.12 -2.66
N GLN C 233 -26.43 -4.40 -2.19
CA GLN C 233 -27.63 -5.01 -1.64
C GLN C 233 -28.31 -5.87 -2.70
N PHE C 234 -28.55 -5.26 -3.86
CA PHE C 234 -29.14 -5.96 -4.98
C PHE C 234 -28.28 -7.07 -5.56
N GLY C 235 -26.99 -6.82 -5.72
CA GLY C 235 -26.10 -7.81 -6.32
C GLY C 235 -26.03 -9.10 -5.51
N ARG C 236 -26.04 -8.95 -4.19
CA ARG C 236 -26.04 -10.08 -3.28
C ARG C 236 -27.32 -10.92 -3.37
N MET C 237 -28.43 -10.26 -3.63
CA MET C 237 -29.73 -10.89 -3.79
C MET C 237 -29.75 -11.77 -5.03
N ILE C 238 -29.17 -11.29 -6.12
CA ILE C 238 -29.27 -11.98 -7.41
C ILE C 238 -28.16 -12.98 -7.72
N GLU C 239 -27.20 -13.06 -6.79
CA GLU C 239 -26.03 -13.93 -6.94
C GLU C 239 -26.41 -15.36 -7.32
N GLU C 240 -27.40 -15.91 -6.60
CA GLU C 240 -27.82 -17.30 -6.80
C GLU C 240 -28.45 -17.55 -8.18
N LEU C 241 -28.74 -16.49 -8.93
CA LEU C 241 -29.41 -16.65 -10.23
C LEU C 241 -28.49 -16.92 -11.42
N GLY C 242 -27.18 -16.96 -11.17
CA GLY C 242 -26.21 -17.24 -12.22
C GLY C 242 -26.08 -16.10 -13.22
N ILE C 243 -25.73 -14.92 -12.73
CA ILE C 243 -25.66 -13.71 -13.55
C ILE C 243 -24.37 -13.67 -14.36
N PHE C 244 -24.50 -13.46 -15.67
CA PHE C 244 -23.37 -13.45 -16.63
C PHE C 244 -22.37 -12.32 -16.28
N TYR C 245 -22.87 -11.09 -16.27
CA TYR C 245 -22.21 -10.01 -15.57
C TYR C 245 -23.19 -8.95 -15.08
N TYR C 246 -22.68 -8.07 -14.22
CA TYR C 246 -23.49 -7.10 -13.46
C TYR C 246 -23.06 -5.71 -13.93
N GLU C 247 -23.91 -5.02 -14.72
CA GLU C 247 -23.45 -3.88 -15.52
C GLU C 247 -23.72 -2.54 -14.85
N GLU C 248 -22.71 -1.66 -14.88
CA GLU C 248 -22.78 -0.33 -14.27
C GLU C 248 -23.45 -0.31 -12.91
N PRO C 249 -22.93 -1.08 -11.94
CA PRO C 249 -23.62 -1.01 -10.64
C PRO C 249 -23.53 0.39 -9.98
N VAL C 250 -22.49 1.14 -10.31
CA VAL C 250 -22.29 2.46 -9.73
C VAL C 250 -21.62 3.31 -10.82
N MET C 251 -21.70 4.64 -10.71
CA MET C 251 -21.04 5.55 -11.63
C MET C 251 -19.53 5.48 -11.50
N PRO C 252 -18.79 5.82 -12.57
CA PRO C 252 -17.34 5.70 -12.55
C PRO C 252 -16.51 6.82 -11.89
N LEU C 253 -17.16 7.85 -11.33
CA LEU C 253 -16.46 9.09 -10.98
C LEU C 253 -15.39 8.91 -9.88
N ASN C 254 -15.66 8.02 -8.93
CA ASN C 254 -14.64 7.52 -7.99
C ASN C 254 -14.48 6.02 -8.19
N PRO C 255 -13.37 5.61 -8.85
CA PRO C 255 -13.21 4.18 -9.17
C PRO C 255 -13.17 3.24 -7.97
N ALA C 256 -13.05 3.79 -6.77
CA ALA C 256 -12.95 2.96 -5.57
C ALA C 256 -14.32 2.41 -5.22
N GLN C 257 -15.37 3.10 -5.68
CA GLN C 257 -16.72 2.60 -5.48
C GLN C 257 -17.01 1.33 -6.27
N MET C 258 -16.60 1.29 -7.54
CA MET C 258 -16.65 0.06 -8.33
C MET C 258 -15.93 -1.07 -7.64
N LYS C 259 -14.75 -0.78 -7.11
CA LYS C 259 -13.95 -1.78 -6.40
C LYS C 259 -14.64 -2.32 -5.15
N GLN C 260 -15.32 -1.45 -4.43
CA GLN C 260 -16.08 -1.86 -3.26
C GLN C 260 -17.23 -2.80 -3.65
N VAL C 261 -17.94 -2.49 -4.75
CA VAL C 261 -18.98 -3.40 -5.25
C VAL C 261 -18.36 -4.77 -5.60
N ALA C 262 -17.25 -4.77 -6.34
CA ALA C 262 -16.56 -6.01 -6.76
C ALA C 262 -16.18 -6.89 -5.56
N ASP C 263 -15.73 -6.25 -4.47
CA ASP C 263 -15.31 -6.94 -3.24
C ASP C 263 -16.50 -7.65 -2.60
N LYS C 264 -17.67 -7.03 -2.66
CA LYS C 264 -18.79 -7.48 -1.81
C LYS C 264 -19.84 -8.27 -2.59
N VAL C 265 -19.70 -8.26 -3.92
CA VAL C 265 -20.64 -8.94 -4.82
C VAL C 265 -19.87 -9.99 -5.64
N ASN C 266 -20.29 -11.25 -5.57
CA ASN C 266 -19.63 -12.32 -6.31
C ASN C 266 -20.25 -12.54 -7.70
N ILE C 267 -20.30 -11.48 -8.48
CA ILE C 267 -20.70 -11.50 -9.89
C ILE C 267 -19.66 -10.64 -10.62
N PRO C 268 -19.18 -11.08 -11.78
CA PRO C 268 -18.26 -10.23 -12.57
C PRO C 268 -18.88 -8.88 -12.91
N LEU C 269 -18.15 -7.80 -12.70
CA LEU C 269 -18.67 -6.47 -13.02
C LEU C 269 -18.37 -6.05 -14.45
N ALA C 270 -19.27 -5.27 -15.02
CA ALA C 270 -19.03 -4.62 -16.29
C ALA C 270 -19.30 -3.13 -16.23
N ALA C 271 -18.53 -2.39 -17.01
CA ALA C 271 -18.83 -0.96 -17.19
C ALA C 271 -18.00 -0.48 -18.35
N GLY C 272 -18.28 0.74 -18.80
CA GLY C 272 -17.43 1.36 -19.79
C GLY C 272 -18.09 2.37 -20.70
N GLU C 273 -19.42 2.36 -20.77
CA GLU C 273 -20.10 3.29 -21.67
C GLU C 273 -19.94 4.73 -21.24
N ARG C 274 -19.67 4.93 -19.95
CA ARG C 274 -19.39 6.25 -19.43
C ARG C 274 -17.98 6.36 -18.88
N ILE C 275 -17.07 5.60 -19.49
CA ILE C 275 -15.63 5.63 -19.14
C ILE C 275 -14.87 5.83 -20.44
N TYR C 276 -14.00 6.85 -20.48
CA TYR C 276 -13.49 7.35 -21.76
C TYR C 276 -11.98 7.30 -21.86
N TRP C 277 -11.52 6.76 -22.98
CA TRP C 277 -10.11 6.70 -23.36
C TRP C 277 -9.31 5.70 -22.51
N ARG C 278 -8.08 5.41 -22.94
CA ARG C 278 -7.18 4.60 -22.13
C ARG C 278 -7.10 5.17 -20.70
N TRP C 279 -6.96 6.49 -20.58
CA TRP C 279 -6.78 7.13 -19.26
C TRP C 279 -7.99 6.87 -18.35
N GLY C 280 -9.17 6.77 -18.92
CA GLY C 280 -10.38 6.51 -18.12
C GLY C 280 -10.48 5.09 -17.61
N TYR C 281 -10.02 4.13 -18.42
CA TYR C 281 -10.01 2.72 -18.00
C TYR C 281 -8.90 2.40 -17.02
N ARG C 282 -7.81 3.16 -17.08
CA ARG C 282 -6.61 2.83 -16.31
C ARG C 282 -6.91 2.49 -14.83
N PRO C 283 -7.65 3.36 -14.09
CA PRO C 283 -7.83 3.03 -12.66
C PRO C 283 -8.65 1.76 -12.39
N PHE C 284 -9.54 1.44 -13.31
CA PHE C 284 -10.35 0.23 -13.18
C PHE C 284 -9.56 -1.01 -13.55
N LEU C 285 -8.51 -0.84 -14.33
CA LEU C 285 -7.69 -1.99 -14.68
C LEU C 285 -6.78 -2.23 -13.48
N GLU C 286 -6.26 -1.15 -12.93
CA GLU C 286 -5.28 -1.25 -11.85
C GLU C 286 -5.93 -1.65 -10.54
N ASN C 287 -7.20 -1.28 -10.34
CA ASN C 287 -7.86 -1.66 -9.11
C ASN C 287 -8.60 -2.99 -9.16
N GLY C 288 -8.67 -3.59 -10.35
CA GLY C 288 -9.19 -4.95 -10.50
C GLY C 288 -10.71 -5.07 -10.38
N SER C 289 -11.42 -3.96 -10.48
CA SER C 289 -12.87 -3.99 -10.25
C SER C 289 -13.72 -4.55 -11.41
N LEU C 290 -13.27 -4.35 -12.65
CA LEU C 290 -14.09 -4.74 -13.82
C LEU C 290 -13.62 -6.07 -14.38
N SER C 291 -14.54 -6.92 -14.81
CA SER C 291 -14.17 -8.14 -15.52
C SER C 291 -14.43 -7.99 -17.02
N VAL C 292 -15.46 -7.22 -17.36
CA VAL C 292 -15.87 -7.00 -18.74
C VAL C 292 -15.92 -5.49 -18.95
N ILE C 293 -15.28 -5.01 -20.01
CA ILE C 293 -15.33 -3.60 -20.34
C ILE C 293 -16.22 -3.32 -21.55
N GLN C 294 -16.92 -2.19 -21.51
CA GLN C 294 -17.94 -1.85 -22.50
C GLN C 294 -17.78 -0.46 -23.13
N PRO C 295 -16.62 -0.15 -23.75
CA PRO C 295 -16.52 1.15 -24.38
C PRO C 295 -17.50 1.23 -25.54
N ASP C 296 -18.07 2.41 -25.73
CA ASP C 296 -18.84 2.73 -26.92
C ASP C 296 -17.84 3.38 -27.87
N ILE C 297 -17.71 2.84 -29.09
CA ILE C 297 -16.75 3.42 -30.04
C ILE C 297 -17.15 4.85 -30.41
N CYS C 298 -18.46 5.14 -30.40
CA CYS C 298 -18.99 6.46 -30.74
C CYS C 298 -18.94 7.48 -29.59
N THR C 299 -18.68 7.01 -28.37
CA THR C 299 -18.63 7.91 -27.19
C THR C 299 -17.21 7.98 -26.60
N CYS C 300 -16.50 6.85 -26.57
CA CYS C 300 -15.38 6.69 -25.66
C CYS C 300 -14.05 6.77 -26.34
N GLY C 301 -14.05 7.29 -27.57
CA GLY C 301 -12.80 7.82 -28.17
C GLY C 301 -12.62 7.45 -29.62
N GLY C 302 -13.54 6.67 -30.17
CA GLY C 302 -13.47 6.33 -31.59
C GLY C 302 -12.67 5.07 -31.80
N ILE C 303 -12.39 4.74 -33.05
CA ILE C 303 -11.76 3.47 -33.39
C ILE C 303 -10.31 3.45 -32.91
N THR C 304 -9.58 4.54 -33.19
CA THR C 304 -8.17 4.61 -32.81
C THR C 304 -7.99 4.28 -31.33
N GLU C 305 -8.79 4.93 -30.48
CA GLU C 305 -8.60 4.87 -29.04
C GLU C 305 -9.25 3.60 -28.45
N VAL C 306 -10.42 3.21 -28.93
CA VAL C 306 -11.06 2.00 -28.37
C VAL C 306 -10.27 0.71 -28.67
N LYS C 307 -9.63 0.61 -29.83
CA LYS C 307 -8.66 -0.46 -30.11
C LYS C 307 -7.59 -0.50 -29.01
N LYS C 308 -7.02 0.66 -28.68
CA LYS C 308 -5.99 0.73 -27.63
C LYS C 308 -6.54 0.35 -26.25
N ILE C 309 -7.77 0.75 -25.96
CA ILE C 309 -8.42 0.35 -24.72
C ILE C 309 -8.53 -1.18 -24.65
N CYS C 310 -9.01 -1.79 -25.73
CA CYS C 310 -9.16 -3.25 -25.80
C CYS C 310 -7.82 -3.97 -25.60
N ASP C 311 -6.77 -3.48 -26.24
CA ASP C 311 -5.42 -4.07 -26.14
C ASP C 311 -4.83 -3.99 -24.73
N MET C 312 -4.91 -2.80 -24.14
CA MET C 312 -4.52 -2.58 -22.74
C MET C 312 -5.28 -3.48 -21.77
N ALA C 313 -6.58 -3.57 -21.95
CA ALA C 313 -7.42 -4.38 -21.06
C ALA C 313 -7.11 -5.89 -21.05
N HIS C 314 -6.68 -6.40 -22.19
CA HIS C 314 -6.29 -7.81 -22.34
C HIS C 314 -5.18 -8.23 -21.35
N VAL C 315 -4.27 -7.30 -21.02
CA VAL C 315 -3.19 -7.55 -20.03
C VAL C 315 -3.74 -7.90 -18.62
N TYR C 316 -4.92 -7.38 -18.33
CA TYR C 316 -5.61 -7.62 -17.06
C TYR C 316 -6.77 -8.59 -17.25
N ASP C 317 -6.74 -9.35 -18.34
CA ASP C 317 -7.70 -10.44 -18.55
C ASP C 317 -9.13 -9.91 -18.60
N LYS C 318 -9.33 -8.75 -19.21
CA LYS C 318 -10.70 -8.27 -19.43
C LYS C 318 -11.12 -8.69 -20.81
N THR C 319 -12.39 -9.08 -20.91
CA THR C 319 -13.02 -9.26 -22.21
C THR C 319 -13.95 -8.09 -22.52
N VAL C 320 -14.37 -8.01 -23.78
CA VAL C 320 -14.92 -6.77 -24.27
C VAL C 320 -16.29 -7.03 -24.86
N GLN C 321 -17.28 -6.31 -24.34
CA GLN C 321 -18.55 -6.11 -25.06
C GLN C 321 -18.68 -4.63 -25.44
N ILE C 322 -18.50 -4.28 -26.70
CA ILE C 322 -18.72 -2.90 -27.15
C ILE C 322 -20.13 -2.45 -26.78
N HIS C 323 -20.23 -1.27 -26.17
CA HIS C 323 -21.54 -0.66 -25.93
C HIS C 323 -22.12 -0.10 -27.24
N VAL C 324 -23.36 -0.46 -27.55
CA VAL C 324 -23.99 -0.02 -28.81
C VAL C 324 -25.37 0.49 -28.52
N CYS C 325 -25.59 1.80 -28.70
CA CYS C 325 -26.94 2.35 -28.63
C CYS C 325 -27.02 3.60 -29.50
N GLY C 326 -26.98 3.40 -30.81
CA GLY C 326 -27.18 4.50 -31.74
C GLY C 326 -27.75 4.01 -33.06
N GLY C 327 -27.30 4.63 -34.14
CA GLY C 327 -27.75 4.24 -35.47
C GLY C 327 -26.98 3.05 -36.01
N PRO C 328 -27.28 2.64 -37.26
CA PRO C 328 -26.58 1.59 -38.00
C PRO C 328 -25.06 1.75 -38.09
N ILE C 329 -24.58 3.01 -38.08
CA ILE C 329 -23.15 3.29 -38.17
C ILE C 329 -22.47 2.79 -36.92
N SER C 330 -23.09 3.03 -35.76
CA SER C 330 -22.63 2.45 -34.49
C SER C 330 -22.52 0.93 -34.48
N THR C 331 -23.56 0.24 -34.96
CA THR C 331 -23.55 -1.19 -35.03
C THR C 331 -22.41 -1.72 -35.92
N ALA C 332 -22.23 -1.08 -37.07
CA ALA C 332 -21.23 -1.47 -38.04
C ALA C 332 -19.81 -1.40 -37.47
N VAL C 333 -19.46 -0.26 -36.87
CA VAL C 333 -18.15 -0.13 -36.27
C VAL C 333 -17.95 -1.11 -35.11
N ALA C 334 -19.01 -1.40 -34.36
CA ALA C 334 -18.87 -2.34 -33.26
C ALA C 334 -18.52 -3.71 -33.81
N LEU C 335 -19.21 -4.10 -34.88
CA LEU C 335 -18.95 -5.42 -35.53
C LEU C 335 -17.51 -5.60 -36.03
N HIS C 336 -16.95 -4.54 -36.61
CA HIS C 336 -15.57 -4.60 -37.10
C HIS C 336 -14.57 -4.78 -35.95
N MET C 337 -14.74 -3.97 -34.90
CA MET C 337 -13.88 -4.06 -33.69
C MET C 337 -14.02 -5.43 -33.07
N GLU C 338 -15.25 -5.86 -32.87
CA GLU C 338 -15.51 -7.17 -32.25
C GLU C 338 -15.04 -8.40 -33.03
N THR C 339 -14.78 -8.20 -34.34
CA THR C 339 -14.30 -9.27 -35.21
C THR C 339 -12.81 -9.39 -35.08
N ALA C 340 -12.11 -8.25 -34.97
CA ALA C 340 -10.64 -8.24 -34.93
C ALA C 340 -10.01 -8.59 -33.58
N ILE C 341 -10.57 -8.09 -32.49
CA ILE C 341 -9.92 -8.21 -31.18
C ILE C 341 -9.94 -9.65 -30.66
N PRO C 342 -8.84 -10.10 -30.01
CA PRO C 342 -8.85 -11.42 -29.36
C PRO C 342 -9.83 -11.58 -28.20
N ASN C 343 -10.06 -10.51 -27.44
CA ASN C 343 -10.76 -10.61 -26.15
C ASN C 343 -12.19 -10.12 -26.20
N PHE C 344 -12.91 -10.52 -27.24
CA PHE C 344 -14.34 -10.27 -27.36
C PHE C 344 -15.13 -11.27 -26.51
N VAL C 345 -16.27 -10.84 -25.92
CA VAL C 345 -17.22 -11.79 -25.31
C VAL C 345 -18.60 -11.89 -25.99
N ILE C 346 -19.24 -10.73 -26.20
CA ILE C 346 -20.64 -10.67 -26.64
C ILE C 346 -21.02 -9.29 -27.18
N HIS C 347 -21.99 -9.23 -28.08
CA HIS C 347 -22.43 -7.99 -28.72
C HIS C 347 -23.80 -7.63 -28.20
N GLU C 348 -24.06 -6.33 -28.04
CA GLU C 348 -25.34 -5.83 -27.50
C GLU C 348 -26.32 -5.49 -28.62
N LEU C 349 -27.48 -6.14 -28.62
CA LEU C 349 -28.50 -5.79 -29.60
C LEU C 349 -29.71 -5.19 -28.94
N HIS C 350 -30.02 -3.94 -29.28
CA HIS C 350 -31.30 -3.35 -28.92
C HIS C 350 -32.38 -3.66 -29.95
N ARG C 351 -33.62 -3.74 -29.49
CA ARG C 351 -34.77 -3.96 -30.36
C ARG C 351 -34.90 -2.90 -31.44
N TYR C 352 -34.75 -1.63 -31.05
CA TYR C 352 -35.05 -0.51 -31.95
C TYR C 352 -34.12 -0.56 -33.15
N ALA C 353 -32.95 -1.16 -32.98
CA ALA C 353 -31.91 -1.21 -34.02
C ALA C 353 -32.33 -2.09 -35.21
N LEU C 354 -33.29 -2.97 -34.97
CA LEU C 354 -33.84 -3.84 -36.03
C LEU C 354 -34.99 -3.17 -36.79
N LEU C 355 -35.48 -2.05 -36.26
CA LEU C 355 -36.72 -1.45 -36.74
C LEU C 355 -36.46 -0.44 -37.83
N GLU C 356 -37.43 -0.29 -38.73
CA GLU C 356 -37.35 0.61 -39.90
C GLU C 356 -36.91 2.06 -39.65
N PRO C 357 -37.45 2.73 -38.61
CA PRO C 357 -37.00 4.12 -38.41
C PRO C 357 -35.51 4.25 -38.10
N ASN C 358 -34.90 3.19 -37.58
CA ASN C 358 -33.45 3.12 -37.44
C ASN C 358 -32.75 2.77 -38.75
N THR C 359 -33.15 1.64 -39.34
CA THR C 359 -32.37 1.02 -40.42
C THR C 359 -32.41 1.83 -41.71
N GLN C 360 -33.52 2.55 -41.90
CA GLN C 360 -33.79 3.27 -43.14
C GLN C 360 -32.98 4.55 -43.24
N THR C 361 -32.34 4.96 -42.13
CA THR C 361 -31.43 6.10 -42.15
C THR C 361 -30.20 5.85 -43.02
N CYS C 362 -29.84 4.58 -43.19
CA CYS C 362 -28.55 4.18 -43.76
C CYS C 362 -28.66 3.29 -44.97
N LYS C 363 -27.61 3.26 -45.78
CA LYS C 363 -27.64 2.61 -47.10
C LYS C 363 -27.71 1.08 -47.05
N TYR C 364 -27.10 0.47 -46.04
CA TYR C 364 -26.97 -0.98 -46.01
C TYR C 364 -27.61 -1.56 -44.78
N ASN C 365 -28.12 -2.77 -44.90
CA ASN C 365 -28.88 -3.35 -43.80
C ASN C 365 -28.29 -4.65 -43.31
N TYR C 366 -27.48 -4.55 -42.26
CA TYR C 366 -26.90 -5.70 -41.57
C TYR C 366 -27.76 -6.16 -40.40
N LEU C 367 -28.23 -7.39 -40.47
CA LEU C 367 -29.16 -7.89 -39.46
C LEU C 367 -28.64 -9.19 -38.89
N PRO C 368 -28.91 -9.46 -37.61
CA PRO C 368 -28.46 -10.75 -37.08
C PRO C 368 -29.39 -11.89 -37.53
N LYS C 369 -28.85 -13.10 -37.59
CA LYS C 369 -29.68 -14.31 -37.81
C LYS C 369 -29.32 -15.36 -36.77
N ASN C 370 -30.34 -15.90 -36.10
CA ASN C 370 -30.16 -16.90 -35.03
C ASN C 370 -29.19 -16.43 -33.93
N GLY C 371 -29.32 -15.16 -33.56
CA GLY C 371 -28.52 -14.57 -32.48
C GLY C 371 -27.08 -14.22 -32.84
N MET C 372 -26.74 -14.27 -34.12
CA MET C 372 -25.35 -14.02 -34.55
C MET C 372 -25.33 -12.94 -35.61
N TYR C 373 -24.30 -12.10 -35.59
CA TYR C 373 -24.05 -11.15 -36.66
C TYR C 373 -22.89 -11.65 -37.49
N GLU C 374 -22.80 -11.18 -38.73
CA GLU C 374 -21.53 -11.23 -39.46
C GLU C 374 -21.05 -9.82 -39.77
N VAL C 375 -19.75 -9.68 -39.98
CA VAL C 375 -19.12 -8.38 -40.18
C VAL C 375 -19.38 -7.88 -41.62
N PRO C 376 -19.58 -6.55 -41.79
CA PRO C 376 -19.55 -5.97 -43.13
C PRO C 376 -18.24 -6.22 -43.92
N GLU C 377 -18.33 -6.32 -45.24
CA GLU C 377 -17.16 -6.60 -46.07
C GLU C 377 -16.81 -5.51 -47.09
N LEU C 378 -17.58 -4.42 -47.14
CA LEU C 378 -17.34 -3.33 -48.07
C LEU C 378 -16.16 -2.50 -47.58
N PRO C 379 -15.56 -1.67 -48.46
CA PRO C 379 -14.52 -0.73 -48.03
C PRO C 379 -14.91 0.19 -46.85
N GLY C 380 -13.96 0.46 -45.97
CA GLY C 380 -14.23 1.31 -44.79
C GLY C 380 -15.15 0.64 -43.79
N ILE C 381 -16.06 1.42 -43.20
CA ILE C 381 -16.94 0.89 -42.15
C ILE C 381 -18.13 0.11 -42.71
N GLY C 382 -18.37 0.31 -44.01
CA GLY C 382 -19.36 -0.44 -44.77
C GLY C 382 -20.77 0.07 -44.50
N GLN C 383 -20.86 1.36 -44.20
CA GLN C 383 -22.09 1.97 -43.76
C GLN C 383 -22.04 3.47 -43.95
N GLU C 384 -23.20 4.01 -44.32
CA GLU C 384 -23.36 5.37 -44.83
C GLU C 384 -24.79 5.78 -44.62
N LEU C 385 -25.05 7.05 -44.29
CA LEU C 385 -26.39 7.62 -44.42
C LEU C 385 -26.88 7.52 -45.87
N THR C 386 -28.20 7.37 -46.07
CA THR C 386 -28.79 7.50 -47.42
C THR C 386 -28.81 8.96 -47.83
N GLU C 387 -28.80 9.21 -49.15
CA GLU C 387 -28.95 10.56 -49.70
C GLU C 387 -30.22 11.25 -49.23
N GLU C 388 -31.29 10.47 -49.12
CA GLU C 388 -32.59 10.96 -48.69
C GLU C 388 -32.57 11.50 -47.26
N THR C 389 -31.89 10.79 -46.36
CA THR C 389 -31.76 11.20 -44.96
C THR C 389 -30.89 12.46 -44.88
N MET C 390 -29.81 12.49 -45.66
CA MET C 390 -28.93 13.63 -45.66
C MET C 390 -29.65 14.89 -46.17
N LYS C 391 -30.50 14.72 -47.18
CA LYS C 391 -31.33 15.78 -47.75
C LYS C 391 -32.24 16.46 -46.73
N LYS C 392 -32.86 15.67 -45.86
CA LYS C 392 -33.80 16.22 -44.89
C LYS C 392 -33.27 16.45 -43.46
N SER C 393 -31.97 16.23 -43.25
CA SER C 393 -31.35 16.41 -41.93
C SER C 393 -30.66 17.76 -41.79
N PRO C 394 -31.02 18.55 -40.75
CA PRO C 394 -30.30 19.80 -40.47
C PRO C 394 -28.80 19.58 -40.27
N THR C 395 -27.98 20.41 -40.91
CA THR C 395 -26.58 20.08 -41.13
C THR C 395 -25.76 21.37 -40.99
N ILE C 396 -24.67 21.30 -40.23
CA ILE C 396 -23.69 22.39 -40.20
C ILE C 396 -22.51 21.94 -41.02
N THR C 397 -21.98 22.84 -41.84
CA THR C 397 -20.83 22.51 -42.66
C THR C 397 -19.67 23.39 -42.25
N VAL C 398 -18.56 22.76 -41.91
CA VAL C 398 -17.35 23.46 -41.53
C VAL C 398 -16.40 23.39 -42.73
N LYS C 399 -15.86 24.53 -43.13
CA LYS C 399 -14.82 24.58 -44.16
C LYS C 399 -13.93 25.80 -44.01
N LEU D 3 -23.27 46.85 9.40
CA LEU D 3 -22.98 45.50 9.97
C LEU D 3 -23.41 45.34 11.42
N MET D 4 -23.98 44.17 11.73
CA MET D 4 -24.25 43.80 13.11
C MET D 4 -23.02 43.33 13.87
N LYS D 5 -23.16 43.31 15.19
CA LYS D 5 -22.11 43.00 16.12
C LYS D 5 -22.79 42.09 17.09
N ILE D 6 -22.06 41.07 17.53
CA ILE D 6 -22.45 40.30 18.70
C ILE D 6 -22.24 41.19 19.95
N THR D 7 -23.27 41.29 20.80
CA THR D 7 -23.18 42.17 21.98
C THR D 7 -23.06 41.38 23.26
N SER D 8 -23.73 40.24 23.31
CA SER D 8 -23.60 39.33 24.42
C SER D 8 -23.98 37.91 24.00
N VAL D 9 -23.57 36.94 24.82
CA VAL D 9 -23.98 35.56 24.63
C VAL D 9 -24.46 35.03 25.96
N ASP D 10 -25.64 34.42 25.97
CA ASP D 10 -26.12 33.69 27.13
C ASP D 10 -25.88 32.21 26.94
N ILE D 11 -25.27 31.60 27.94
CA ILE D 11 -25.14 30.15 27.97
C ILE D 11 -26.13 29.60 29.01
N ILE D 12 -27.12 28.86 28.52
CA ILE D 12 -28.32 28.53 29.29
C ILE D 12 -28.41 27.05 29.66
N ASP D 13 -28.44 26.76 30.95
CA ASP D 13 -28.56 25.40 31.45
C ASP D 13 -30.06 25.10 31.61
N VAL D 14 -30.62 24.44 30.61
CA VAL D 14 -32.07 24.43 30.37
C VAL D 14 -32.82 23.65 31.45
N ALA D 15 -33.63 24.36 32.22
CA ALA D 15 -34.45 23.72 33.28
C ALA D 15 -35.62 22.94 32.70
N ASN D 16 -35.87 21.76 33.25
CA ASN D 16 -36.71 20.77 32.59
C ASN D 16 -37.23 19.70 33.54
N ASP D 17 -38.35 19.09 33.17
CA ASP D 17 -39.02 18.13 34.02
C ASP D 17 -38.68 16.66 33.72
N PHE D 18 -37.50 16.42 33.17
CA PHE D 18 -36.90 15.09 33.14
C PHE D 18 -35.98 14.86 34.35
N LYS D 24 -28.80 11.53 33.87
CA LYS D 24 -29.55 12.78 33.93
C LYS D 24 -29.67 13.45 32.56
N TRP D 25 -30.38 14.58 32.53
CA TRP D 25 -30.70 15.27 31.28
C TRP D 25 -30.36 16.73 31.41
N ARG D 26 -29.46 17.21 30.56
CA ARG D 26 -28.96 18.57 30.67
C ARG D 26 -28.80 19.22 29.31
N PRO D 27 -29.93 19.62 28.70
CA PRO D 27 -29.80 20.44 27.49
C PRO D 27 -29.15 21.78 27.81
N VAL D 28 -28.32 22.25 26.89
CA VAL D 28 -27.63 23.52 27.07
C VAL D 28 -27.77 24.34 25.80
N VAL D 29 -28.21 25.58 25.96
CA VAL D 29 -28.52 26.42 24.84
C VAL D 29 -27.58 27.63 24.80
N VAL D 30 -27.14 27.99 23.61
CA VAL D 30 -26.35 29.21 23.40
C VAL D 30 -27.30 30.17 22.71
N LYS D 31 -27.52 31.33 23.34
CA LYS D 31 -28.32 32.40 22.75
C LYS D 31 -27.39 33.57 22.46
N ILE D 32 -27.25 33.92 21.18
CA ILE D 32 -26.30 34.94 20.80
C ILE D 32 -27.12 36.19 20.53
N ASN D 33 -26.70 37.32 21.08
CA ASN D 33 -27.49 38.57 21.02
C ASN D 33 -26.71 39.63 20.25
N THR D 34 -27.41 40.38 19.41
CA THR D 34 -26.76 41.34 18.50
C THR D 34 -27.17 42.77 18.77
N ASP D 35 -26.40 43.73 18.26
CA ASP D 35 -26.76 45.14 18.41
C ASP D 35 -28.08 45.53 17.73
N GLU D 36 -28.61 44.65 16.88
CA GLU D 36 -29.80 44.95 16.12
C GLU D 36 -31.00 44.25 16.69
N GLY D 37 -30.79 43.58 17.82
CA GLY D 37 -31.88 42.94 18.53
C GLY D 37 -32.33 41.61 17.95
N ILE D 38 -31.57 41.10 16.98
CA ILE D 38 -31.76 39.73 16.52
C ILE D 38 -30.94 38.76 17.38
N SER D 39 -31.63 37.78 17.97
CA SER D 39 -31.02 36.75 18.80
C SER D 39 -31.06 35.37 18.10
N GLY D 40 -29.94 34.67 18.13
CA GLY D 40 -29.86 33.30 17.57
C GLY D 40 -29.78 32.24 18.64
N PHE D 41 -30.42 31.10 18.38
CA PHE D 41 -30.46 30.01 19.34
C PHE D 41 -29.73 28.78 18.77
N GLY D 42 -28.88 28.19 19.59
CA GLY D 42 -28.20 26.95 19.27
C GLY D 42 -28.22 26.01 20.46
N GLU D 43 -27.77 24.79 20.26
CA GLU D 43 -27.73 23.82 21.31
C GLU D 43 -26.37 23.11 21.38
N VAL D 44 -25.86 22.92 22.59
CA VAL D 44 -24.61 22.20 22.80
C VAL D 44 -24.98 20.74 23.03
N GLY D 45 -24.63 19.86 22.11
CA GLY D 45 -25.10 18.47 22.20
C GLY D 45 -24.37 17.54 23.13
N LEU D 46 -24.51 17.77 24.45
CA LEU D 46 -23.89 16.97 25.49
C LEU D 46 -24.90 16.65 26.61
N ALA D 47 -26.16 16.39 26.23
CA ALA D 47 -27.26 16.38 27.21
C ALA D 47 -27.27 15.11 28.08
N TYR D 48 -26.61 14.06 27.58
CA TYR D 48 -26.48 12.78 28.27
C TYR D 48 -24.98 12.46 28.36
N GLY D 49 -24.67 11.33 29.00
CA GLY D 49 -23.29 10.98 29.34
C GLY D 49 -22.65 11.98 30.29
N VAL D 50 -21.32 11.97 30.36
CA VAL D 50 -20.58 12.78 31.33
C VAL D 50 -19.88 13.95 30.61
N GLY D 51 -20.22 15.18 30.99
CA GLY D 51 -19.54 16.34 30.40
C GLY D 51 -20.29 17.63 30.12
N ALA D 52 -21.59 17.67 30.41
CA ALA D 52 -22.42 18.87 30.19
C ALA D 52 -21.89 20.16 30.84
N SER D 53 -21.36 20.06 32.06
CA SER D 53 -20.71 21.20 32.72
C SER D 53 -19.51 21.72 31.97
N ALA D 54 -18.79 20.80 31.32
CA ALA D 54 -17.65 21.17 30.49
C ALA D 54 -18.12 21.95 29.27
N GLY D 55 -19.23 21.50 28.69
CA GLY D 55 -19.81 22.15 27.52
C GLY D 55 -20.26 23.56 27.77
N ILE D 56 -20.87 23.80 28.96
CA ILE D 56 -21.15 25.15 29.47
C ILE D 56 -19.90 26.05 29.58
N GLY D 57 -18.84 25.55 30.22
CA GLY D 57 -17.63 26.34 30.41
C GLY D 57 -16.91 26.57 29.10
N MET D 58 -17.09 25.63 28.17
CA MET D 58 -16.46 25.73 26.84
C MET D 58 -17.18 26.79 26.02
N ALA D 59 -18.52 26.71 25.98
CA ALA D 59 -19.35 27.76 25.35
C ALA D 59 -19.05 29.14 25.91
N LYS D 60 -18.97 29.24 27.23
CA LYS D 60 -18.55 30.48 27.91
C LYS D 60 -17.21 31.01 27.41
N ASP D 61 -16.21 30.13 27.35
CA ASP D 61 -14.86 30.53 26.97
C ASP D 61 -14.77 30.93 25.50
N LEU D 62 -15.51 30.21 24.66
CA LEU D 62 -15.59 30.51 23.22
C LEU D 62 -16.34 31.80 22.94
N SER D 63 -17.41 32.05 23.71
CA SER D 63 -18.20 33.29 23.53
C SER D 63 -17.36 34.54 23.72
N ALA D 64 -16.42 34.50 24.67
CA ALA D 64 -15.51 35.62 24.93
C ALA D 64 -14.79 36.09 23.70
N ILE D 65 -14.49 35.17 22.77
CA ILE D 65 -13.68 35.50 21.61
C ILE D 65 -14.48 36.05 20.41
N ILE D 66 -15.80 35.94 20.47
CA ILE D 66 -16.65 36.41 19.37
C ILE D 66 -17.47 37.68 19.66
N ILE D 67 -17.55 38.09 20.92
CA ILE D 67 -18.18 39.38 21.27
C ILE D 67 -17.52 40.43 20.37
N GLY D 68 -18.33 41.26 19.70
CA GLY D 68 -17.77 42.32 18.87
C GLY D 68 -17.70 41.95 17.39
N MET D 69 -17.78 40.66 17.09
CA MET D 69 -17.63 40.19 15.71
C MET D 69 -18.94 40.29 14.99
N ASP D 70 -18.88 40.36 13.68
CA ASP D 70 -20.06 40.33 12.82
C ASP D 70 -20.55 38.90 12.74
N PRO D 71 -21.77 38.63 13.25
CA PRO D 71 -22.28 37.26 13.28
C PRO D 71 -22.60 36.68 11.90
N MET D 72 -22.59 37.53 10.87
CA MET D 72 -22.82 37.06 9.49
C MET D 72 -21.65 36.23 8.93
N ASN D 73 -20.49 36.36 9.56
CA ASN D 73 -19.25 35.76 9.10
C ASN D 73 -19.04 34.41 9.78
N ASN D 74 -19.97 33.48 9.56
CA ASN D 74 -19.86 32.18 10.23
C ASN D 74 -18.60 31.41 9.81
N GLU D 75 -18.16 31.58 8.56
CA GLU D 75 -16.97 30.87 8.10
C GLU D 75 -15.75 31.33 8.86
N ALA D 76 -15.59 32.66 8.97
CA ALA D 76 -14.47 33.26 9.70
C ALA D 76 -14.55 32.96 11.19
N ILE D 77 -15.75 32.96 11.75
CA ILE D 77 -15.89 32.65 13.17
C ILE D 77 -15.51 31.17 13.43
N TRP D 78 -15.97 30.27 12.56
CA TRP D 78 -15.67 28.84 12.73
C TRP D 78 -14.15 28.61 12.76
N GLU D 79 -13.45 29.22 11.81
CA GLU D 79 -12.03 29.04 11.64
C GLU D 79 -11.24 29.74 12.76
N LYS D 80 -11.79 30.82 13.30
CA LYS D 80 -11.22 31.42 14.50
C LYS D 80 -11.27 30.48 15.69
N MET D 81 -12.43 29.85 15.90
CA MET D 81 -12.59 28.86 16.96
C MET D 81 -11.68 27.63 16.79
N LEU D 82 -11.50 27.22 15.53
CA LEU D 82 -10.52 26.19 15.20
C LEU D 82 -9.08 26.66 15.48
N LYS D 83 -8.72 27.84 14.95
CA LYS D 83 -7.29 28.24 14.78
C LYS D 83 -6.69 29.14 15.86
N LYS D 84 -7.55 29.87 16.58
CA LYS D 84 -7.06 30.95 17.48
C LYS D 84 -7.29 30.63 18.96
N THR D 85 -7.63 29.39 19.26
CA THR D 85 -7.98 28.97 20.60
C THR D 85 -6.90 28.10 21.24
N PHE D 86 -5.92 27.71 20.43
CA PHE D 86 -4.92 26.67 20.74
C PHE D 86 -5.47 25.25 20.70
N TRP D 87 -6.46 24.98 21.55
CA TRP D 87 -6.97 23.64 21.76
C TRP D 87 -7.85 23.16 20.63
N GLY D 88 -8.35 24.11 19.84
CA GLY D 88 -9.20 23.75 18.67
C GLY D 88 -8.45 22.84 17.73
N GLN D 89 -7.16 23.10 17.57
CA GLN D 89 -6.33 22.35 16.64
C GLN D 89 -5.93 20.96 17.12
N GLY D 90 -6.32 20.57 18.34
CA GLY D 90 -6.27 19.15 18.78
C GLY D 90 -7.59 18.40 18.73
N GLY D 91 -8.67 19.14 18.53
CA GLY D 91 -9.98 18.51 18.32
C GLY D 91 -10.60 18.09 19.64
N GLY D 92 -11.83 17.62 19.61
CA GLY D 92 -12.41 16.97 20.78
C GLY D 92 -13.91 17.20 20.86
N GLY D 93 -14.59 16.29 21.53
CA GLY D 93 -16.04 16.33 21.62
C GLY D 93 -16.65 17.48 22.42
N ILE D 94 -16.07 17.80 23.57
CA ILE D 94 -16.54 18.94 24.36
C ILE D 94 -16.26 20.24 23.59
N PHE D 95 -15.03 20.35 23.07
CA PHE D 95 -14.66 21.52 22.26
C PHE D 95 -15.61 21.70 21.07
N SER D 96 -15.78 20.63 20.31
CA SER D 96 -16.65 20.61 19.15
C SER D 96 -18.11 20.96 19.49
N ALA D 97 -18.62 20.39 20.59
CA ALA D 97 -20.04 20.60 20.96
C ALA D 97 -20.34 22.06 21.31
N ALA D 98 -19.38 22.73 21.93
CA ALA D 98 -19.54 24.14 22.25
C ALA D 98 -19.43 25.03 21.00
N MET D 99 -18.45 24.76 20.13
CA MET D 99 -18.38 25.35 18.80
CA MET D 99 -18.39 25.37 18.82
C MET D 99 -19.69 25.22 18.05
N SER D 100 -20.29 24.03 18.16
CA SER D 100 -21.54 23.69 17.47
C SER D 100 -22.72 24.53 17.90
N GLY D 101 -22.89 24.70 19.21
CA GLY D 101 -23.98 25.52 19.75
C GLY D 101 -23.87 26.94 19.23
N ILE D 102 -22.67 27.48 19.28
CA ILE D 102 -22.40 28.81 18.81
C ILE D 102 -22.70 28.93 17.33
N ASP D 103 -22.24 27.94 16.56
CA ASP D 103 -22.37 27.99 15.12
C ASP D 103 -23.81 28.00 14.66
N ILE D 104 -24.61 27.15 15.30
CA ILE D 104 -26.02 27.06 14.99
C ILE D 104 -26.70 28.43 15.25
N ALA D 105 -26.37 29.04 16.38
CA ALA D 105 -26.97 30.34 16.75
C ALA D 105 -26.59 31.42 15.75
N LEU D 106 -25.40 31.32 15.15
CA LEU D 106 -25.02 32.18 14.03
C LEU D 106 -25.92 32.03 12.79
N TRP D 107 -26.26 30.80 12.42
CA TRP D 107 -27.16 30.57 11.28
C TRP D 107 -28.60 30.99 11.60
N ASP D 108 -28.96 30.92 12.87
CA ASP D 108 -30.30 31.34 13.29
C ASP D 108 -30.39 32.86 13.10
N ILE D 109 -29.38 33.59 13.56
CA ILE D 109 -29.26 35.03 13.26
C ILE D 109 -29.30 35.34 11.78
N LYS D 110 -28.57 34.55 10.99
CA LYS D 110 -28.46 34.81 9.56
C LYS D 110 -29.81 34.71 8.87
N GLY D 111 -30.58 33.69 9.23
CA GLY D 111 -31.91 33.46 8.65
C GLY D 111 -32.95 34.48 9.09
N LYS D 112 -32.87 34.87 10.36
CA LYS D 112 -33.71 35.93 10.89
C LYS D 112 -33.43 37.28 10.23
N ALA D 113 -32.15 37.60 10.05
CA ALA D 113 -31.74 38.81 9.34
C ALA D 113 -32.28 38.90 7.90
N TRP D 114 -32.41 37.76 7.23
CA TRP D 114 -32.82 37.74 5.83
C TRP D 114 -34.27 37.34 5.64
N GLY D 115 -34.89 36.79 6.68
CA GLY D 115 -36.31 36.40 6.62
C GLY D 115 -36.52 35.02 6.04
N VAL D 116 -35.50 34.15 6.13
CA VAL D 116 -35.49 32.90 5.38
CA VAL D 116 -35.40 32.91 5.33
C VAL D 116 -35.19 31.68 6.24
N PRO D 117 -35.94 30.57 6.00
CA PRO D 117 -35.62 29.40 6.82
C PRO D 117 -34.28 28.76 6.46
N LEU D 118 -33.64 28.16 7.46
CA LEU D 118 -32.34 27.51 7.32
C LEU D 118 -32.16 26.63 6.09
N TYR D 119 -33.12 25.74 5.79
CA TYR D 119 -32.97 24.84 4.64
C TYR D 119 -32.70 25.55 3.31
N LYS D 120 -33.32 26.72 3.10
CA LYS D 120 -33.09 27.50 1.89
C LYS D 120 -31.67 28.07 1.84
N MET D 121 -31.14 28.38 3.01
CA MET D 121 -29.78 28.87 3.11
C MET D 121 -28.76 27.74 2.93
N LEU D 122 -29.20 26.49 3.10
CA LEU D 122 -28.35 25.31 2.89
C LEU D 122 -28.54 24.67 1.50
N GLY D 123 -29.31 25.31 0.64
CA GLY D 123 -29.40 24.89 -0.75
C GLY D 123 -30.77 24.40 -1.16
N GLY D 124 -31.74 24.55 -0.27
CA GLY D 124 -33.13 24.53 -0.67
C GLY D 124 -33.79 23.22 -0.29
N LYS D 125 -34.92 22.95 -0.93
CA LYS D 125 -35.74 21.83 -0.51
C LYS D 125 -35.48 20.69 -1.48
N SER D 126 -34.61 19.76 -1.10
CA SER D 126 -34.32 18.56 -1.92
C SER D 126 -35.33 17.41 -1.77
N ARG D 127 -36.19 17.48 -0.76
CA ARG D 127 -37.27 16.49 -0.54
C ARG D 127 -38.41 17.12 0.27
N GLU D 128 -39.63 16.62 0.08
CA GLU D 128 -40.81 17.26 0.67
C GLU D 128 -41.16 16.71 2.06
N LYS D 129 -40.76 15.47 2.32
CA LYS D 129 -41.03 14.84 3.62
C LYS D 129 -39.76 14.18 4.12
N ILE D 130 -39.68 14.00 5.44
CA ILE D 130 -38.51 13.39 6.06
CA ILE D 130 -38.51 13.40 6.07
C ILE D 130 -38.89 12.09 6.78
N ARG D 131 -38.52 10.96 6.18
CA ARG D 131 -38.73 9.63 6.78
C ARG D 131 -38.07 9.46 8.15
N THR D 132 -38.78 8.86 9.10
CA THR D 132 -38.31 8.79 10.48
C THR D 132 -38.29 7.31 10.96
N TYR D 133 -37.33 6.96 11.79
CA TYR D 133 -37.42 5.72 12.56
C TYR D 133 -37.67 5.93 14.05
N ALA D 134 -38.34 4.95 14.67
CA ALA D 134 -38.55 4.93 16.11
C ALA D 134 -37.30 4.39 16.79
N SER D 135 -36.62 5.25 17.57
CA SER D 135 -35.26 4.95 18.03
C SER D 135 -35.24 4.39 19.45
N GLN D 136 -34.31 3.47 19.72
CA GLN D 136 -34.07 2.88 21.04
C GLN D 136 -35.27 2.15 21.71
N LEU D 137 -35.74 1.11 21.03
CA LEU D 137 -36.93 0.38 21.40
C LEU D 137 -36.77 -0.45 22.67
N GLN D 138 -35.51 -0.61 23.13
CA GLN D 138 -35.22 -1.29 24.39
C GLN D 138 -35.82 -0.58 25.59
N PHE D 139 -36.14 0.68 25.40
CA PHE D 139 -36.79 1.47 26.42
C PHE D 139 -38.28 1.61 26.17
N GLY D 140 -38.80 0.84 25.23
CA GLY D 140 -40.24 0.76 24.98
C GLY D 140 -40.72 1.77 23.95
N TRP D 141 -42.00 1.65 23.56
CA TRP D 141 -42.62 2.63 22.68
C TRP D 141 -44.12 2.66 22.97
N GLY D 142 -44.75 3.82 22.75
CA GLY D 142 -46.17 4.01 23.10
C GLY D 142 -46.32 4.83 24.35
N ASP D 143 -47.55 5.29 24.65
CA ASP D 143 -47.76 6.02 25.90
C ASP D 143 -47.87 5.10 27.12
N GLY D 144 -47.43 5.61 28.27
CA GLY D 144 -47.28 4.77 29.46
C GLY D 144 -46.03 3.92 29.50
N SER D 145 -45.12 4.15 28.54
CA SER D 145 -43.88 3.36 28.47
C SER D 145 -42.65 4.18 28.89
N ASP D 146 -42.80 5.18 29.72
CA ASP D 146 -41.86 6.28 29.70
C ASP D 146 -40.55 5.75 30.15
N LYS D 147 -40.54 4.46 30.36
CA LYS D 147 -40.73 3.86 31.67
C LYS D 147 -39.91 2.59 31.57
N ASP D 148 -39.94 2.00 30.39
CA ASP D 148 -39.67 0.61 30.22
C ASP D 148 -38.18 0.29 30.26
N MET D 149 -37.85 -0.87 30.79
CA MET D 149 -36.55 -1.51 30.63
C MET D 149 -36.80 -2.93 30.13
N LEU D 150 -36.96 -3.07 28.81
CA LEU D 150 -37.49 -4.30 28.23
C LEU D 150 -36.46 -5.40 28.27
N THR D 151 -36.89 -6.61 28.64
CA THR D 151 -35.98 -7.75 28.77
C THR D 151 -36.25 -8.92 27.82
N GLU D 152 -37.52 -9.21 27.56
CA GLU D 152 -37.91 -10.45 26.87
C GLU D 152 -38.10 -10.20 25.37
N PRO D 153 -37.67 -11.15 24.52
CA PRO D 153 -37.94 -11.07 23.08
C PRO D 153 -39.31 -10.56 22.70
N GLU D 154 -40.33 -11.15 23.30
CA GLU D 154 -41.74 -10.79 23.06
C GLU D 154 -42.04 -9.31 23.35
N GLN D 155 -41.49 -8.79 24.45
CA GLN D 155 -41.57 -7.37 24.77
C GLN D 155 -40.95 -6.47 23.70
N TYR D 156 -39.79 -6.87 23.18
CA TYR D 156 -39.13 -6.11 22.10
C TYR D 156 -39.98 -6.12 20.83
N ALA D 157 -40.53 -7.29 20.49
CA ALA D 157 -41.47 -7.47 19.37
C ALA D 157 -42.70 -6.57 19.51
N GLN D 158 -43.25 -6.52 20.73
CA GLN D 158 -44.42 -5.69 21.03
C GLN D 158 -44.12 -4.20 20.89
N ALA D 159 -43.02 -3.74 21.46
CA ALA D 159 -42.60 -2.34 21.28
C ALA D 159 -42.49 -1.96 19.79
N ALA D 160 -41.91 -2.86 19.00
CA ALA D 160 -41.78 -2.65 17.56
C ALA D 160 -43.14 -2.55 16.90
N LEU D 161 -44.05 -3.46 17.26
CA LEU D 161 -45.41 -3.45 16.73
C LEU D 161 -46.19 -2.17 17.06
N THR D 162 -46.04 -1.67 18.29
CA THR D 162 -46.59 -0.38 18.70
C THR D 162 -46.05 0.78 17.86
N ALA D 163 -44.76 0.74 17.53
CA ALA D 163 -44.16 1.77 16.69
C ALA D 163 -44.74 1.74 15.29
N VAL D 164 -44.90 0.53 14.75
CA VAL D 164 -45.39 0.31 13.39
C VAL D 164 -46.84 0.82 13.28
N SER D 165 -47.63 0.51 14.31
CA SER D 165 -48.99 1.03 14.42
C SER D 165 -49.12 2.56 14.43
N GLU D 166 -48.06 3.25 14.87
CA GLU D 166 -48.08 4.72 14.83
C GLU D 166 -47.60 5.31 13.51
N GLY D 167 -47.31 4.44 12.54
CA GLY D 167 -46.91 4.87 11.20
C GLY D 167 -45.43 4.83 10.89
N TYR D 168 -44.65 4.23 11.78
CA TYR D 168 -43.21 4.07 11.56
C TYR D 168 -42.89 2.80 10.80
N ASP D 169 -42.15 2.93 9.70
CA ASP D 169 -41.72 1.75 8.94
C ASP D 169 -40.24 1.43 9.18
N ALA D 170 -39.67 2.02 10.22
CA ALA D 170 -38.31 1.70 10.62
C ALA D 170 -38.15 1.87 12.11
N ILE D 171 -37.31 1.02 12.69
CA ILE D 171 -37.01 1.08 14.11
C ILE D 171 -35.49 0.89 14.32
N LYS D 172 -35.01 1.37 15.46
CA LYS D 172 -33.69 1.00 15.91
C LYS D 172 -33.73 0.52 17.34
N VAL D 173 -32.82 -0.39 17.68
CA VAL D 173 -32.83 -1.06 18.96
C VAL D 173 -31.45 -1.61 19.30
N ASP D 174 -31.06 -1.46 20.57
CA ASP D 174 -29.90 -2.16 21.13
C ASP D 174 -30.46 -3.35 21.92
N THR D 175 -30.24 -4.56 21.42
CA THR D 175 -30.80 -5.75 22.05
C THR D 175 -29.79 -6.42 22.98
N VAL D 176 -28.58 -5.85 23.10
CA VAL D 176 -27.49 -6.53 23.78
C VAL D 176 -27.22 -5.95 25.18
N ALA D 177 -27.46 -4.65 25.33
CA ALA D 177 -26.95 -3.90 26.48
C ALA D 177 -27.85 -4.00 27.72
N MET D 178 -29.06 -4.48 27.56
CA MET D 178 -29.89 -4.89 28.69
C MET D 178 -29.62 -6.36 28.98
N ASP D 179 -29.26 -6.68 30.23
CA ASP D 179 -29.22 -8.09 30.63
C ASP D 179 -30.63 -8.67 30.85
N ARG D 180 -30.73 -9.91 31.30
CA ARG D 180 -32.04 -10.55 31.44
C ARG D 180 -32.82 -10.02 32.63
N HIS D 181 -32.13 -9.29 33.51
CA HIS D 181 -32.72 -8.79 34.76
C HIS D 181 -33.07 -7.31 34.69
N GLY D 182 -32.80 -6.68 33.55
CA GLY D 182 -33.19 -5.28 33.35
C GLY D 182 -32.13 -4.28 33.76
N ASN D 183 -30.89 -4.75 33.86
CA ASN D 183 -29.74 -3.87 34.09
C ASN D 183 -29.11 -3.40 32.78
N TRP D 184 -28.81 -2.10 32.68
CA TRP D 184 -28.34 -1.47 31.44
C TRP D 184 -26.84 -1.28 31.44
N ASN D 185 -26.16 -1.85 30.43
CA ASN D 185 -24.72 -1.62 30.21
C ASN D 185 -23.88 -1.99 31.44
N GLN D 186 -24.13 -3.18 31.98
CA GLN D 186 -23.39 -3.62 33.17
C GLN D 186 -22.61 -4.92 33.01
N GLN D 187 -22.65 -5.50 31.82
CA GLN D 187 -21.81 -6.64 31.51
C GLN D 187 -20.60 -6.19 30.70
N ASN D 188 -19.50 -6.93 30.82
CA ASN D 188 -18.36 -6.69 29.97
C ASN D 188 -18.60 -7.26 28.59
N LEU D 189 -18.77 -6.37 27.61
CA LEU D 189 -19.02 -6.78 26.24
C LEU D 189 -17.77 -6.67 25.33
N ASN D 190 -16.58 -6.63 25.93
CA ASN D 190 -15.32 -6.64 25.18
C ASN D 190 -14.70 -8.03 25.00
N GLY D 191 -14.15 -8.30 23.81
CA GLY D 191 -13.41 -9.53 23.59
C GLY D 191 -14.35 -10.62 23.12
N PRO D 192 -13.85 -11.85 22.95
CA PRO D 192 -14.73 -12.95 22.51
C PRO D 192 -15.69 -13.30 23.61
N LEU D 193 -16.96 -13.59 23.26
CA LEU D 193 -18.01 -13.64 24.28
C LEU D 193 -18.68 -15.02 24.28
N THR D 194 -19.07 -15.51 25.46
CA THR D 194 -19.82 -16.78 25.54
C THR D 194 -21.17 -16.56 24.85
N ASP D 195 -21.67 -17.62 24.21
CA ASP D 195 -22.84 -17.56 23.35
C ASP D 195 -24.08 -16.94 24.00
N LYS D 196 -24.30 -17.19 25.28
CA LYS D 196 -25.52 -16.76 25.96
C LYS D 196 -25.65 -15.24 26.04
N ILE D 197 -24.52 -14.56 26.21
CA ILE D 197 -24.53 -13.09 26.28
C ILE D 197 -25.10 -12.49 25.00
N LEU D 198 -24.75 -13.08 23.85
CA LEU D 198 -25.18 -12.54 22.56
C LEU D 198 -26.45 -13.21 22.02
N ARG D 199 -26.71 -14.44 22.45
CA ARG D 199 -27.88 -15.20 22.03
C ARG D 199 -29.18 -14.51 22.43
N LEU D 200 -29.18 -13.91 23.63
CA LEU D 200 -30.30 -13.09 24.11
C LEU D 200 -30.57 -11.90 23.19
N GLY D 201 -29.52 -11.16 22.86
CA GLY D 201 -29.59 -10.08 21.88
C GLY D 201 -30.10 -10.54 20.53
N TYR D 202 -29.60 -11.69 20.06
CA TYR D 202 -30.08 -12.26 18.80
C TYR D 202 -31.58 -12.59 18.85
N ASP D 203 -32.00 -13.29 19.91
CA ASP D 203 -33.41 -13.70 20.08
C ASP D 203 -34.33 -12.50 20.11
N ARG D 204 -33.96 -11.47 20.86
CA ARG D 204 -34.76 -10.25 20.89
C ARG D 204 -34.89 -9.64 19.50
N MET D 205 -33.81 -9.70 18.72
CA MET D 205 -33.79 -9.05 17.41
C MET D 205 -34.59 -9.85 16.38
N ALA D 206 -34.48 -11.18 16.47
CA ALA D 206 -35.23 -12.08 15.59
C ALA D 206 -36.72 -12.05 15.88
N ALA D 207 -37.08 -11.94 17.15
CA ALA D 207 -38.45 -11.65 17.58
C ALA D 207 -39.05 -10.40 16.92
N ILE D 208 -38.31 -9.28 16.95
CA ILE D 208 -38.71 -8.09 16.20
C ILE D 208 -38.96 -8.37 14.71
N ARG D 209 -37.98 -8.97 14.03
CA ARG D 209 -38.10 -9.22 12.59
C ARG D 209 -39.32 -10.11 12.27
N ASP D 210 -39.51 -11.17 13.04
CA ASP D 210 -40.69 -12.04 12.93
C ASP D 210 -42.00 -11.27 13.05
N ALA D 211 -42.05 -10.36 14.02
CA ALA D 211 -43.24 -9.56 14.29
C ALA D 211 -43.55 -8.53 13.19
N VAL D 212 -42.53 -7.82 12.70
CA VAL D 212 -42.81 -6.67 11.82
C VAL D 212 -42.83 -7.07 10.32
N GLY D 213 -42.29 -8.23 10.00
CA GLY D 213 -42.17 -8.66 8.61
C GLY D 213 -40.99 -7.98 7.91
N PRO D 214 -40.83 -8.24 6.60
CA PRO D 214 -39.64 -7.82 5.84
C PRO D 214 -39.61 -6.33 5.51
N ASP D 215 -40.78 -5.68 5.51
CA ASP D 215 -40.87 -4.32 5.00
C ASP D 215 -40.79 -3.24 6.06
N VAL D 216 -40.47 -3.63 7.28
CA VAL D 216 -40.09 -2.65 8.29
C VAL D 216 -38.58 -2.75 8.53
N ASP D 217 -37.88 -1.63 8.39
CA ASP D 217 -36.43 -1.63 8.56
C ASP D 217 -36.01 -1.68 10.02
N ILE D 218 -34.99 -2.49 10.30
CA ILE D 218 -34.43 -2.56 11.63
C ILE D 218 -32.95 -2.11 11.61
N ILE D 219 -32.64 -1.13 12.44
CA ILE D 219 -31.25 -0.74 12.70
C ILE D 219 -30.78 -1.36 14.01
N ALA D 220 -29.60 -1.98 13.97
CA ALA D 220 -29.00 -2.55 15.17
C ALA D 220 -28.00 -1.59 15.75
N GLU D 221 -28.26 -1.17 16.98
CA GLU D 221 -27.48 -0.15 17.67
C GLU D 221 -26.63 -0.81 18.75
N MET D 222 -25.35 -0.46 18.83
CA MET D 222 -24.42 -1.12 19.75
C MET D 222 -23.78 -0.17 20.76
N HIS D 223 -23.86 1.13 20.51
CA HIS D 223 -23.46 2.20 21.44
C HIS D 223 -21.96 2.21 21.69
N ALA D 224 -21.21 1.46 20.89
CA ALA D 224 -19.79 1.15 21.14
C ALA D 224 -19.53 0.56 22.53
N PHE D 225 -20.47 -0.25 23.03
CA PHE D 225 -20.27 -0.98 24.28
C PHE D 225 -19.49 -2.26 23.94
N THR D 226 -19.53 -2.65 22.67
CA THR D 226 -18.74 -3.77 22.17
C THR D 226 -17.37 -3.28 21.73
N ASP D 227 -16.43 -4.21 21.53
CA ASP D 227 -15.19 -3.90 20.83
C ASP D 227 -15.16 -4.63 19.48
N THR D 228 -14.03 -4.62 18.79
CA THR D 228 -13.95 -5.21 17.45
C THR D 228 -14.41 -6.67 17.44
N THR D 229 -13.89 -7.47 18.34
CA THR D 229 -14.17 -8.91 18.36
C THR D 229 -15.65 -9.24 18.62
N SER D 230 -16.23 -8.66 19.67
CA SER D 230 -17.64 -8.86 19.97
C SER D 230 -18.60 -8.19 18.98
N ALA D 231 -18.23 -7.03 18.40
CA ALA D 231 -19.03 -6.43 17.32
C ALA D 231 -19.14 -7.41 16.14
N ILE D 232 -18.01 -8.03 15.77
CA ILE D 232 -18.00 -9.03 14.69
C ILE D 232 -18.82 -10.28 15.05
N GLN D 233 -18.70 -10.72 16.29
CA GLN D 233 -19.42 -11.92 16.76
C GLN D 233 -20.93 -11.68 16.63
N PHE D 234 -21.40 -10.54 17.13
CA PHE D 234 -22.82 -10.22 17.08
C PHE D 234 -23.36 -9.91 15.67
N GLY D 235 -22.57 -9.18 14.89
CA GLY D 235 -23.01 -8.80 13.55
C GLY D 235 -23.22 -10.01 12.66
N ARG D 236 -22.32 -10.98 12.76
CA ARG D 236 -22.42 -12.22 11.99
C ARG D 236 -23.68 -13.02 12.39
N MET D 237 -24.06 -12.97 13.67
CA MET D 237 -25.27 -13.64 14.14
C MET D 237 -26.53 -13.03 13.55
N ILE D 238 -26.57 -11.70 13.42
CA ILE D 238 -27.79 -11.02 12.98
C ILE D 238 -27.87 -10.73 11.49
N GLU D 239 -26.81 -11.04 10.76
CA GLU D 239 -26.74 -10.88 9.30
C GLU D 239 -28.00 -11.35 8.58
N GLU D 240 -28.52 -12.49 8.96
CA GLU D 240 -29.64 -13.10 8.23
C GLU D 240 -30.98 -12.39 8.51
N LEU D 241 -30.99 -11.52 9.51
CA LEU D 241 -32.22 -10.81 9.88
C LEU D 241 -32.54 -9.58 9.03
N GLY D 242 -31.68 -9.26 8.07
CA GLY D 242 -31.92 -8.18 7.12
C GLY D 242 -31.78 -6.80 7.76
N ILE D 243 -30.64 -6.57 8.40
CA ILE D 243 -30.38 -5.35 9.17
C ILE D 243 -30.08 -4.17 8.22
N PHE D 244 -30.76 -3.04 8.45
CA PHE D 244 -30.71 -1.85 7.58
C PHE D 244 -29.30 -1.22 7.67
N TYR D 245 -28.89 -0.89 8.88
CA TYR D 245 -27.47 -0.73 9.17
C TYR D 245 -27.11 -1.06 10.60
N TYR D 246 -25.81 -1.12 10.86
CA TYR D 246 -25.27 -1.59 12.12
C TYR D 246 -24.50 -0.42 12.76
N GLU D 247 -25.01 0.12 13.86
CA GLU D 247 -24.59 1.44 14.38
C GLU D 247 -23.53 1.36 15.47
N GLU D 248 -22.48 2.14 15.33
CA GLU D 248 -21.44 2.22 16.32
C GLU D 248 -20.94 0.89 16.88
N PRO D 249 -20.53 -0.06 16.00
CA PRO D 249 -20.10 -1.34 16.55
C PRO D 249 -18.85 -1.22 17.43
N VAL D 250 -18.08 -0.16 17.23
CA VAL D 250 -16.83 0.00 17.95
C VAL D 250 -16.55 1.53 18.00
N MET D 251 -15.79 1.98 18.99
CA MET D 251 -15.44 3.39 19.10
C MET D 251 -14.54 3.84 17.93
N PRO D 252 -14.50 5.16 17.64
CA PRO D 252 -13.75 5.67 16.48
C PRO D 252 -12.27 5.97 16.71
N LEU D 253 -11.76 5.73 17.92
CA LEU D 253 -10.39 6.18 18.27
C LEU D 253 -9.27 5.63 17.36
N ASN D 254 -9.39 4.35 16.98
CA ASN D 254 -8.56 3.75 15.90
C ASN D 254 -9.50 3.37 14.75
N PRO D 255 -9.53 4.18 13.67
CA PRO D 255 -10.39 3.91 12.53
C PRO D 255 -10.25 2.55 11.85
N ALA D 256 -9.11 1.88 12.08
CA ALA D 256 -8.85 0.58 11.47
C ALA D 256 -9.73 -0.50 12.10
N GLN D 257 -10.17 -0.27 13.33
CA GLN D 257 -11.11 -1.18 14.01
C GLN D 257 -12.47 -1.21 13.34
N MET D 258 -12.99 -0.03 12.99
CA MET D 258 -14.21 0.07 12.17
C MET D 258 -14.07 -0.69 10.86
N LYS D 259 -12.92 -0.49 10.19
CA LYS D 259 -12.65 -1.22 8.96
C LYS D 259 -12.63 -2.75 9.15
N GLN D 260 -12.14 -3.21 10.29
CA GLN D 260 -12.08 -4.64 10.54
C GLN D 260 -13.50 -5.22 10.71
N VAL D 261 -14.38 -4.49 11.39
CA VAL D 261 -15.78 -4.91 11.52
C VAL D 261 -16.43 -4.95 10.14
N ALA D 262 -16.17 -3.91 9.33
CA ALA D 262 -16.72 -3.80 7.98
C ALA D 262 -16.33 -5.00 7.13
N ASP D 263 -15.07 -5.40 7.20
CA ASP D 263 -14.54 -6.55 6.44
C ASP D 263 -15.20 -7.86 6.85
N LYS D 264 -15.52 -8.01 8.14
CA LYS D 264 -15.95 -9.31 8.67
C LYS D 264 -17.47 -9.45 8.82
N VAL D 265 -18.18 -8.33 8.75
CA VAL D 265 -19.67 -8.34 8.94
C VAL D 265 -20.28 -7.79 7.66
N ASN D 266 -21.24 -8.51 7.09
CA ASN D 266 -21.89 -8.09 5.84
C ASN D 266 -23.20 -7.33 6.10
N ILE D 267 -23.12 -6.32 6.94
CA ILE D 267 -24.19 -5.33 7.14
C ILE D 267 -23.49 -3.98 6.92
N PRO D 268 -24.15 -3.03 6.24
CA PRO D 268 -23.64 -1.63 6.19
C PRO D 268 -23.43 -1.05 7.59
N LEU D 269 -22.29 -0.40 7.80
CA LEU D 269 -21.99 0.19 9.12
C LEU D 269 -22.44 1.64 9.16
N ALA D 270 -22.86 2.09 10.34
CA ALA D 270 -23.06 3.53 10.60
C ALA D 270 -22.29 4.00 11.83
N ALA D 271 -21.79 5.22 11.76
CA ALA D 271 -21.22 5.86 12.94
C ALA D 271 -21.15 7.35 12.66
N GLY D 272 -20.96 8.13 13.72
CA GLY D 272 -20.65 9.55 13.54
C GLY D 272 -21.00 10.43 14.74
N GLU D 273 -21.82 9.95 15.66
CA GLU D 273 -22.19 10.82 16.80
C GLU D 273 -20.98 11.19 17.66
N ARG D 274 -19.93 10.36 17.58
CA ARG D 274 -18.67 10.63 18.27
C ARG D 274 -17.47 10.79 17.35
N ILE D 275 -17.73 11.24 16.15
CA ILE D 275 -16.71 11.57 15.15
C ILE D 275 -16.97 13.02 14.76
N TYR D 276 -15.93 13.85 14.81
CA TYR D 276 -16.13 15.29 14.75
C TYR D 276 -15.41 15.93 13.59
N TRP D 277 -16.12 16.81 12.88
CA TRP D 277 -15.55 17.69 11.82
C TRP D 277 -15.20 16.89 10.55
N ARG D 278 -14.90 17.59 9.47
CA ARG D 278 -14.38 16.92 8.28
C ARG D 278 -13.18 16.01 8.63
N TRP D 279 -12.27 16.52 9.46
CA TRP D 279 -11.05 15.80 9.80
C TRP D 279 -11.34 14.48 10.52
N GLY D 280 -12.40 14.45 11.33
CA GLY D 280 -12.75 13.20 12.02
C GLY D 280 -13.29 12.17 11.07
N TYR D 281 -14.07 12.61 10.08
CA TYR D 281 -14.65 11.69 9.09
C TYR D 281 -13.63 11.21 8.06
N ARG D 282 -12.66 12.07 7.75
CA ARG D 282 -11.68 11.75 6.74
C ARG D 282 -11.18 10.27 6.70
N PRO D 283 -10.64 9.74 7.81
CA PRO D 283 -10.12 8.37 7.75
C PRO D 283 -11.16 7.27 7.53
N PHE D 284 -12.38 7.51 7.96
CA PHE D 284 -13.50 6.56 7.72
C PHE D 284 -14.00 6.59 6.28
N LEU D 285 -13.78 7.71 5.62
CA LEU D 285 -14.13 7.81 4.21
C LEU D 285 -13.04 7.17 3.41
N GLU D 286 -11.78 7.44 3.78
CA GLU D 286 -10.63 6.87 3.10
C GLU D 286 -10.51 5.36 3.24
N ASN D 287 -10.85 4.83 4.42
CA ASN D 287 -10.75 3.41 4.63
C ASN D 287 -12.00 2.62 4.25
N GLY D 288 -13.07 3.33 3.90
CA GLY D 288 -14.27 2.70 3.36
C GLY D 288 -15.07 1.88 4.34
N SER D 289 -14.91 2.15 5.64
CA SER D 289 -15.59 1.33 6.65
C SER D 289 -17.08 1.66 6.87
N LEU D 290 -17.44 2.92 6.66
CA LEU D 290 -18.80 3.38 6.99
C LEU D 290 -19.63 3.45 5.72
N SER D 291 -20.90 3.07 5.80
CA SER D 291 -21.82 3.25 4.69
C SER D 291 -22.75 4.43 4.97
N VAL D 292 -23.10 4.61 6.25
CA VAL D 292 -23.99 5.68 6.69
C VAL D 292 -23.29 6.52 7.73
N ILE D 293 -23.28 7.84 7.57
CA ILE D 293 -22.70 8.72 8.59
C ILE D 293 -23.77 9.43 9.41
N GLN D 294 -23.47 9.64 10.68
CA GLN D 294 -24.44 10.13 11.65
C GLN D 294 -23.92 11.30 12.48
N PRO D 295 -23.43 12.39 11.81
CA PRO D 295 -23.01 13.50 12.64
C PRO D 295 -24.20 14.13 13.36
N ASP D 296 -23.96 14.52 14.60
CA ASP D 296 -24.93 15.30 15.37
C ASP D 296 -24.57 16.76 15.13
N ILE D 297 -25.52 17.56 14.65
CA ILE D 297 -25.22 18.96 14.33
C ILE D 297 -24.79 19.74 15.59
N CYS D 298 -25.34 19.37 16.74
CA CYS D 298 -25.05 19.98 18.04
C CYS D 298 -23.77 19.50 18.73
N THR D 299 -23.18 18.41 18.23
CA THR D 299 -21.90 17.88 18.78
C THR D 299 -20.71 18.00 17.80
N CYS D 300 -20.93 17.82 16.51
CA CYS D 300 -19.86 17.41 15.64
C CYS D 300 -19.46 18.54 14.70
N GLY D 301 -19.91 19.75 15.01
CA GLY D 301 -19.29 20.97 14.42
C GLY D 301 -20.24 22.11 14.11
N GLY D 302 -21.53 21.87 14.27
CA GLY D 302 -22.51 22.90 13.94
C GLY D 302 -22.95 22.80 12.50
N ILE D 303 -23.76 23.75 12.07
CA ILE D 303 -24.29 23.70 10.70
C ILE D 303 -23.18 23.91 9.67
N THR D 304 -22.28 24.84 9.94
CA THR D 304 -21.21 25.15 8.98
C THR D 304 -20.41 23.89 8.63
N GLU D 305 -20.05 23.13 9.65
CA GLU D 305 -19.14 22.00 9.48
C GLU D 305 -19.90 20.76 9.03
N VAL D 306 -21.07 20.54 9.61
CA VAL D 306 -21.81 19.34 9.24
C VAL D 306 -22.28 19.32 7.77
N LYS D 307 -22.68 20.48 7.23
CA LYS D 307 -22.87 20.63 5.78
C LYS D 307 -21.65 20.13 5.00
N LYS D 308 -20.46 20.57 5.39
CA LYS D 308 -19.23 20.17 4.73
C LYS D 308 -18.97 18.65 4.84
N ILE D 309 -19.28 18.08 6.00
CA ILE D 309 -19.17 16.64 6.22
C ILE D 309 -20.05 15.90 5.22
N CYS D 310 -21.31 16.31 5.10
CA CYS D 310 -22.26 15.62 4.23
C CYS D 310 -21.84 15.70 2.78
N ASP D 311 -21.26 16.85 2.39
CA ASP D 311 -20.83 17.08 1.01
C ASP D 311 -19.62 16.23 0.62
N MET D 312 -18.65 16.18 1.52
CA MET D 312 -17.46 15.35 1.35
C MET D 312 -17.81 13.86 1.34
N ALA D 313 -18.71 13.46 2.22
CA ALA D 313 -19.14 12.05 2.28
C ALA D 313 -19.80 11.56 0.99
N HIS D 314 -20.46 12.49 0.28
CA HIS D 314 -21.15 12.18 -0.98
C HIS D 314 -20.22 11.65 -2.07
N VAL D 315 -18.98 12.18 -2.12
CA VAL D 315 -17.92 11.64 -2.99
C VAL D 315 -17.66 10.14 -2.78
N TYR D 316 -17.88 9.66 -1.55
CA TYR D 316 -17.63 8.26 -1.19
C TYR D 316 -18.93 7.50 -1.06
N ASP D 317 -19.99 8.03 -1.65
CA ASP D 317 -21.30 7.35 -1.69
C ASP D 317 -21.83 7.04 -0.28
N LYS D 318 -21.62 7.94 0.69
CA LYS D 318 -22.26 7.78 2.00
C LYS D 318 -23.58 8.52 2.02
N THR D 319 -24.55 7.95 2.75
CA THR D 319 -25.79 8.65 3.05
C THR D 319 -25.83 9.01 4.52
N VAL D 320 -26.73 9.93 4.86
CA VAL D 320 -26.63 10.63 6.12
C VAL D 320 -27.91 10.40 6.93
N GLN D 321 -27.73 9.99 8.18
CA GLN D 321 -28.78 10.09 9.20
C GLN D 321 -28.21 10.96 10.30
N ILE D 322 -28.62 12.23 10.37
CA ILE D 322 -28.21 13.10 11.47
C ILE D 322 -28.51 12.44 12.81
N HIS D 323 -27.54 12.44 13.71
CA HIS D 323 -27.80 11.99 15.08
C HIS D 323 -28.56 13.05 15.87
N VAL D 324 -29.70 12.68 16.44
CA VAL D 324 -30.50 13.64 17.20
C VAL D 324 -30.81 13.01 18.56
N CYS D 325 -30.25 13.58 19.62
CA CYS D 325 -30.66 13.27 21.00
C CYS D 325 -30.49 14.49 21.90
N GLY D 326 -31.33 15.50 21.68
CA GLY D 326 -31.34 16.67 22.56
C GLY D 326 -32.72 17.26 22.63
N GLY D 327 -32.80 18.58 22.64
CA GLY D 327 -34.09 19.27 22.71
C GLY D 327 -34.63 19.59 21.33
N PRO D 328 -35.78 20.28 21.28
CA PRO D 328 -36.42 20.62 20.01
C PRO D 328 -35.54 21.44 19.03
N ILE D 329 -34.58 22.20 19.57
CA ILE D 329 -33.65 22.94 18.72
C ILE D 329 -32.78 21.98 17.91
N SER D 330 -32.26 20.95 18.57
CA SER D 330 -31.59 19.86 17.87
C SER D 330 -32.44 19.24 16.73
N THR D 331 -33.68 18.89 17.04
CA THR D 331 -34.57 18.38 16.01
C THR D 331 -34.74 19.33 14.82
N ALA D 332 -34.97 20.61 15.11
CA ALA D 332 -35.23 21.59 14.08
C ALA D 332 -34.06 21.68 13.10
N VAL D 333 -32.86 21.83 13.63
CA VAL D 333 -31.69 21.97 12.77
C VAL D 333 -31.41 20.71 11.96
N ALA D 334 -31.63 19.53 12.55
CA ALA D 334 -31.55 18.27 11.84
C ALA D 334 -32.50 18.20 10.65
N LEU D 335 -33.77 18.60 10.86
CA LEU D 335 -34.75 18.66 9.76
C LEU D 335 -34.33 19.54 8.60
N HIS D 336 -33.78 20.70 8.91
CA HIS D 336 -33.26 21.62 7.90
C HIS D 336 -32.14 21.03 7.06
N MET D 337 -31.16 20.41 7.72
CA MET D 337 -30.01 19.81 7.02
C MET D 337 -30.48 18.65 6.15
N GLU D 338 -31.30 17.77 6.72
CA GLU D 338 -31.81 16.62 6.02
C GLU D 338 -32.73 16.97 4.83
N THR D 339 -33.28 18.18 4.84
CA THR D 339 -34.14 18.64 3.76
C THR D 339 -33.29 19.09 2.58
N ALA D 340 -32.16 19.73 2.89
CA ALA D 340 -31.33 20.33 1.85
C ALA D 340 -30.38 19.33 1.14
N ILE D 341 -29.77 18.43 1.91
CA ILE D 341 -28.70 17.56 1.37
C ILE D 341 -29.26 16.52 0.41
N PRO D 342 -28.52 16.22 -0.67
CA PRO D 342 -28.93 15.13 -1.58
C PRO D 342 -28.84 13.74 -0.98
N ASN D 343 -27.88 13.53 -0.08
CA ASN D 343 -27.55 12.18 0.36
C ASN D 343 -28.15 11.80 1.71
N PHE D 344 -29.43 12.10 1.89
CA PHE D 344 -30.14 11.81 3.13
C PHE D 344 -30.67 10.37 3.04
N VAL D 345 -30.67 9.65 4.17
CA VAL D 345 -31.41 8.37 4.27
C VAL D 345 -32.66 8.36 5.19
N ILE D 346 -32.46 8.73 6.46
CA ILE D 346 -33.49 8.56 7.48
C ILE D 346 -33.26 9.48 8.68
N HIS D 347 -34.33 9.82 9.40
CA HIS D 347 -34.25 10.66 10.59
C HIS D 347 -34.46 9.83 11.86
N GLU D 348 -33.77 10.21 12.94
CA GLU D 348 -33.86 9.54 14.23
C GLU D 348 -34.88 10.19 15.17
N LEU D 349 -35.89 9.44 15.59
CA LEU D 349 -36.86 9.96 16.56
C LEU D 349 -36.86 9.15 17.85
N HIS D 350 -36.40 9.80 18.92
CA HIS D 350 -36.58 9.27 20.27
C HIS D 350 -37.98 9.53 20.80
N ARG D 351 -38.48 8.60 21.62
CA ARG D 351 -39.79 8.73 22.27
C ARG D 351 -39.92 10.00 23.14
N TYR D 352 -38.86 10.34 23.88
CA TYR D 352 -38.90 11.47 24.81
C TYR D 352 -39.11 12.79 24.09
N ALA D 353 -38.75 12.84 22.80
CA ALA D 353 -38.78 14.06 22.02
C ALA D 353 -40.23 14.52 21.74
N LEU D 354 -41.17 13.60 21.88
CA LEU D 354 -42.58 13.88 21.65
C LEU D 354 -43.25 14.34 22.93
N LEU D 355 -42.56 14.16 24.05
CA LEU D 355 -43.18 14.28 25.37
C LEU D 355 -43.15 15.72 25.86
N GLU D 356 -44.12 16.06 26.72
CA GLU D 356 -44.26 17.40 27.29
C GLU D 356 -43.01 18.04 27.90
N PRO D 357 -42.30 17.34 28.80
CA PRO D 357 -41.10 17.96 29.38
C PRO D 357 -40.04 18.38 28.35
N ASN D 358 -40.03 17.73 27.19
CA ASN D 358 -39.14 18.12 26.11
C ASN D 358 -39.71 19.30 25.32
N THR D 359 -40.94 19.13 24.85
CA THR D 359 -41.49 20.05 23.85
C THR D 359 -41.83 21.40 24.46
N GLN D 360 -42.18 21.41 25.76
CA GLN D 360 -42.56 22.65 26.43
C GLN D 360 -41.39 23.61 26.62
N THR D 361 -40.16 23.11 26.47
CA THR D 361 -38.98 23.98 26.58
C THR D 361 -38.93 25.05 25.49
N CYS D 362 -39.64 24.81 24.38
CA CYS D 362 -39.45 25.62 23.19
C CYS D 362 -40.74 26.19 22.64
N LYS D 363 -40.60 27.28 21.87
CA LYS D 363 -41.73 28.06 21.37
C LYS D 363 -42.66 27.29 20.44
N TYR D 364 -42.11 26.41 19.60
CA TYR D 364 -42.90 25.77 18.54
C TYR D 364 -42.86 24.25 18.59
N ASN D 365 -43.95 23.62 18.17
CA ASN D 365 -44.06 22.17 18.31
C ASN D 365 -44.17 21.46 16.99
N TYR D 366 -43.03 20.99 16.50
CA TYR D 366 -42.98 20.20 15.28
C TYR D 366 -43.03 18.73 15.62
N LEU D 367 -44.08 18.06 15.14
CA LEU D 367 -44.30 16.67 15.47
C LEU D 367 -44.37 15.85 14.19
N PRO D 368 -43.87 14.61 14.23
CA PRO D 368 -44.01 13.78 13.04
C PRO D 368 -45.46 13.34 12.85
N LYS D 369 -45.86 13.05 11.62
CA LYS D 369 -47.17 12.46 11.34
C LYS D 369 -46.99 11.31 10.37
N ASN D 370 -47.47 10.12 10.76
CA ASN D 370 -47.33 8.89 9.97
C ASN D 370 -45.88 8.55 9.58
N GLY D 371 -44.96 8.79 10.52
CA GLY D 371 -43.56 8.43 10.32
C GLY D 371 -42.76 9.46 9.57
N MET D 372 -43.37 10.61 9.30
CA MET D 372 -42.75 11.64 8.46
C MET D 372 -42.77 12.97 9.21
N TYR D 373 -41.66 13.70 9.13
CA TYR D 373 -41.60 15.09 9.55
C TYR D 373 -41.69 16.01 8.32
N GLU D 374 -42.12 17.25 8.54
CA GLU D 374 -41.88 18.32 7.59
C GLU D 374 -40.98 19.39 8.20
N VAL D 375 -40.29 20.12 7.34
CA VAL D 375 -39.29 21.11 7.77
C VAL D 375 -40.02 22.39 8.30
N PRO D 376 -39.46 23.03 9.36
CA PRO D 376 -39.88 24.38 9.71
C PRO D 376 -39.76 25.38 8.57
N GLU D 377 -40.60 26.42 8.60
CA GLU D 377 -40.63 27.40 7.53
C GLU D 377 -40.38 28.85 7.98
N LEU D 378 -40.31 29.05 9.30
CA LEU D 378 -40.06 30.37 9.87
C LEU D 378 -38.63 30.79 9.55
N PRO D 379 -38.32 32.10 9.64
CA PRO D 379 -36.91 32.53 9.51
C PRO D 379 -35.94 31.80 10.45
N GLY D 380 -34.77 31.46 9.93
CA GLY D 380 -33.71 30.85 10.76
C GLY D 380 -34.02 29.40 11.00
N ILE D 381 -33.64 28.89 12.16
CA ILE D 381 -33.89 27.50 12.50
C ILE D 381 -35.33 27.17 12.82
N GLY D 382 -36.12 28.21 13.14
CA GLY D 382 -37.56 28.06 13.35
C GLY D 382 -37.89 27.49 14.71
N GLN D 383 -36.97 27.68 15.65
CA GLN D 383 -37.11 27.17 17.00
C GLN D 383 -36.38 28.05 17.99
N GLU D 384 -36.98 28.23 19.17
CA GLU D 384 -36.45 29.10 20.23
C GLU D 384 -36.96 28.56 21.55
N LEU D 385 -36.19 28.71 22.61
CA LEU D 385 -36.72 28.48 23.97
C LEU D 385 -37.84 29.48 24.26
N THR D 386 -38.81 29.07 25.07
CA THR D 386 -39.82 30.00 25.59
C THR D 386 -39.22 30.97 26.61
N GLU D 387 -39.87 32.11 26.78
CA GLU D 387 -39.53 33.08 27.85
C GLU D 387 -39.54 32.44 29.24
N GLU D 388 -40.53 31.59 29.48
CA GLU D 388 -40.71 30.90 30.77
C GLU D 388 -39.55 29.97 31.13
N THR D 389 -39.08 29.21 30.13
CA THR D 389 -37.91 28.35 30.31
C THR D 389 -36.67 29.19 30.59
N MET D 390 -36.48 30.25 29.81
CA MET D 390 -35.31 31.10 29.97
C MET D 390 -35.28 31.82 31.32
N LYS D 391 -36.45 32.22 31.82
CA LYS D 391 -36.59 32.78 33.17
C LYS D 391 -36.08 31.88 34.30
N LYS D 392 -36.37 30.58 34.22
CA LYS D 392 -36.02 29.68 35.32
C LYS D 392 -34.79 28.81 35.06
N SER D 393 -34.00 29.18 34.06
CA SER D 393 -32.81 28.40 33.68
C SER D 393 -31.56 29.12 34.14
N PRO D 394 -30.73 28.45 34.95
CA PRO D 394 -29.42 29.04 35.29
C PRO D 394 -28.57 29.41 34.05
N THR D 395 -28.10 30.66 34.03
CA THR D 395 -27.61 31.30 32.82
C THR D 395 -26.32 32.08 33.13
N ILE D 396 -25.30 31.88 32.31
CA ILE D 396 -24.10 32.70 32.35
C ILE D 396 -24.21 33.63 31.16
N THR D 397 -23.96 34.91 31.36
CA THR D 397 -23.96 35.88 30.27
C THR D 397 -22.55 36.37 30.04
N VAL D 398 -22.06 36.26 28.80
CA VAL D 398 -20.73 36.79 28.45
C VAL D 398 -20.90 38.10 27.70
N LYS D 399 -20.16 39.13 28.10
CA LYS D 399 -20.11 40.37 27.33
C LYS D 399 -18.82 41.14 27.59
N LEU E 3 -9.38 -1.08 52.67
CA LEU E 3 -9.24 -0.21 51.47
C LEU E 3 -9.75 1.21 51.73
N MET E 4 -9.05 2.19 51.17
CA MET E 4 -9.52 3.57 51.15
C MET E 4 -10.60 3.83 50.10
N LYS E 5 -11.21 5.01 50.20
CA LYS E 5 -12.38 5.40 49.41
C LYS E 5 -12.20 6.88 49.14
N ILE E 6 -12.47 7.30 47.91
CA ILE E 6 -12.50 8.73 47.62
C ILE E 6 -13.75 9.28 48.30
N THR E 7 -13.61 10.35 49.08
CA THR E 7 -14.76 10.92 49.77
C THR E 7 -15.25 12.21 49.15
N SER E 8 -14.32 13.03 48.68
CA SER E 8 -14.65 14.22 47.94
C SER E 8 -13.56 14.52 46.91
N VAL E 9 -13.87 15.40 45.96
CA VAL E 9 -12.84 15.98 45.09
C VAL E 9 -13.03 17.50 45.00
N ASP E 10 -11.96 18.25 45.22
CA ASP E 10 -11.99 19.70 45.02
C ASP E 10 -11.37 20.03 43.66
N ILE E 11 -12.04 20.91 42.92
CA ILE E 11 -11.49 21.38 41.66
C ILE E 11 -11.17 22.85 41.84
N ILE E 12 -9.89 23.18 41.79
CA ILE E 12 -9.42 24.41 42.32
C ILE E 12 -8.97 25.32 41.19
N ASP E 13 -9.53 26.53 41.14
CA ASP E 13 -9.20 27.50 40.12
C ASP E 13 -8.11 28.37 40.73
N VAL E 14 -6.86 27.99 40.47
CA VAL E 14 -5.71 28.44 41.28
C VAL E 14 -5.48 29.94 41.16
N ALA E 15 -5.65 30.65 42.28
CA ALA E 15 -5.40 32.09 42.37
C ALA E 15 -3.93 32.39 42.24
N ASN E 16 -3.59 33.30 41.33
CA ASN E 16 -2.17 33.63 41.10
C ASN E 16 -1.93 35.08 40.68
N ASP E 17 -0.68 35.51 40.78
CA ASP E 17 -0.36 36.92 40.62
C ASP E 17 -0.01 37.31 39.17
N PHE E 18 0.05 36.31 38.27
CA PHE E 18 0.38 36.53 36.85
C PHE E 18 -0.63 37.44 36.14
N LYS E 24 -4.85 34.96 29.42
CA LYS E 24 -3.99 35.00 30.60
C LYS E 24 -3.65 33.60 31.08
N TRP E 25 -3.83 33.37 32.38
CA TRP E 25 -3.16 32.26 33.05
C TRP E 25 -4.16 31.65 34.02
N ARG E 26 -4.56 30.42 33.73
CA ARG E 26 -5.52 29.74 34.58
C ARG E 26 -5.15 28.30 34.95
N PRO E 27 -4.13 28.14 35.83
CA PRO E 27 -3.86 26.80 36.30
C PRO E 27 -5.02 26.26 37.13
N VAL E 28 -5.30 24.96 36.98
CA VAL E 28 -6.44 24.35 37.64
C VAL E 28 -5.90 23.10 38.27
N VAL E 29 -6.27 22.87 39.53
CA VAL E 29 -5.77 21.74 40.27
C VAL E 29 -6.93 20.83 40.68
N VAL E 30 -6.69 19.52 40.62
CA VAL E 30 -7.62 18.54 41.18
C VAL E 30 -7.06 18.03 42.50
N LYS E 31 -7.84 18.13 43.56
CA LYS E 31 -7.44 17.59 44.86
C LYS E 31 -8.37 16.46 45.28
N ILE E 32 -7.86 15.24 45.31
CA ILE E 32 -8.73 14.09 45.59
C ILE E 32 -8.59 13.66 47.04
N ASN E 33 -9.71 13.56 47.75
CA ASN E 33 -9.69 13.30 49.21
C ASN E 33 -10.21 11.91 49.57
N THR E 34 -9.58 11.28 50.56
CA THR E 34 -9.95 9.93 50.96
C THR E 34 -10.44 9.90 52.41
N ASP E 35 -11.16 8.84 52.77
CA ASP E 35 -11.53 8.54 54.16
C ASP E 35 -10.37 8.21 55.11
N GLU E 36 -9.17 8.03 54.57
CA GLU E 36 -7.98 7.84 55.40
C GLU E 36 -7.21 9.14 55.62
N GLY E 37 -7.71 10.23 55.02
CA GLY E 37 -7.06 11.53 55.12
C GLY E 37 -5.79 11.69 54.32
N ILE E 38 -5.56 10.79 53.35
CA ILE E 38 -4.58 11.06 52.30
C ILE E 38 -5.25 11.80 51.15
N SER E 39 -4.67 12.93 50.74
CA SER E 39 -5.12 13.70 49.59
C SER E 39 -4.09 13.68 48.46
N GLY E 40 -4.58 13.55 47.22
CA GLY E 40 -3.71 13.66 46.03
C GLY E 40 -3.93 14.94 45.24
N PHE E 41 -2.86 15.50 44.68
CA PHE E 41 -2.91 16.68 43.85
C PHE E 41 -2.61 16.33 42.38
N GLY E 42 -3.42 16.88 41.48
CA GLY E 42 -3.22 16.78 40.05
C GLY E 42 -3.39 18.15 39.41
N GLU E 43 -2.90 18.31 38.18
CA GLU E 43 -3.10 19.55 37.48
C GLU E 43 -3.83 19.27 36.17
N VAL E 44 -4.75 20.16 35.80
CA VAL E 44 -5.44 20.11 34.50
C VAL E 44 -4.77 21.08 33.56
N GLY E 45 -4.28 20.58 32.42
CA GLY E 45 -3.28 21.30 31.64
C GLY E 45 -3.92 22.10 30.53
N LEU E 46 -4.68 23.14 30.91
CA LEU E 46 -5.29 24.07 29.96
C LEU E 46 -5.08 25.52 30.41
N ALA E 47 -3.92 25.82 30.97
CA ALA E 47 -3.71 27.10 31.67
C ALA E 47 -3.70 28.30 30.73
N TYR E 48 -3.46 28.04 29.45
CA TYR E 48 -3.37 29.05 28.40
C TYR E 48 -4.30 28.63 27.27
N GLY E 49 -4.42 29.47 26.26
CA GLY E 49 -5.37 29.22 25.17
C GLY E 49 -6.79 29.35 25.67
N VAL E 50 -7.74 28.77 24.97
CA VAL E 50 -9.15 28.98 25.28
C VAL E 50 -9.77 27.63 25.70
N GLY E 51 -10.21 27.50 26.96
CA GLY E 51 -10.72 26.22 27.45
C GLY E 51 -10.76 25.97 28.97
N ALA E 52 -10.06 26.78 29.75
CA ALA E 52 -9.87 26.53 31.17
C ALA E 52 -11.17 26.32 31.95
N SER E 53 -12.22 27.07 31.62
CA SER E 53 -13.52 26.91 32.28
CA SER E 53 -13.51 26.91 32.27
C SER E 53 -14.13 25.56 31.97
N ALA E 54 -13.83 25.04 30.77
CA ALA E 54 -14.34 23.74 30.32
C ALA E 54 -13.64 22.62 31.07
N GLY E 55 -12.33 22.80 31.29
CA GLY E 55 -11.57 21.85 32.08
C GLY E 55 -12.11 21.72 33.50
N ILE E 56 -12.50 22.86 34.09
CA ILE E 56 -13.09 22.85 35.43
C ILE E 56 -14.38 22.03 35.48
N GLY E 57 -15.30 22.28 34.54
CA GLY E 57 -16.59 21.57 34.51
C GLY E 57 -16.44 20.11 34.15
N MET E 58 -15.48 19.83 33.28
CA MET E 58 -15.10 18.46 32.95
C MET E 58 -14.56 17.68 34.16
N ALA E 59 -13.60 18.28 34.87
CA ALA E 59 -13.07 17.69 36.11
C ALA E 59 -14.18 17.48 37.16
N LYS E 60 -15.09 18.44 37.25
CA LYS E 60 -16.27 18.36 38.12
C LYS E 60 -17.19 17.21 37.73
N ASP E 61 -17.51 17.12 36.45
CA ASP E 61 -18.33 16.00 35.96
C ASP E 61 -17.72 14.62 36.12
N LEU E 62 -16.44 14.48 35.78
CA LEU E 62 -15.75 13.19 35.97
C LEU E 62 -15.61 12.81 37.44
N SER E 63 -15.38 13.80 38.31
CA SER E 63 -15.29 13.56 39.77
C SER E 63 -16.52 12.86 40.36
N ALA E 64 -17.70 13.20 39.86
CA ALA E 64 -18.93 12.57 40.35
C ALA E 64 -18.88 11.05 40.21
N ILE E 65 -18.19 10.55 39.19
CA ILE E 65 -18.24 9.12 38.90
C ILE E 65 -17.19 8.30 39.64
N ILE E 66 -16.26 8.97 40.33
CA ILE E 66 -15.22 8.25 41.08
C ILE E 66 -15.40 8.30 42.61
N ILE E 67 -16.33 9.13 43.08
CA ILE E 67 -16.67 9.24 44.52
C ILE E 67 -17.04 7.85 44.98
N GLY E 68 -16.49 7.41 46.11
CA GLY E 68 -16.78 6.07 46.59
C GLY E 68 -15.85 4.99 46.08
N MET E 69 -15.05 5.27 45.05
CA MET E 69 -14.10 4.29 44.54
C MET E 69 -12.81 4.19 45.37
N ASP E 70 -12.15 3.03 45.31
CA ASP E 70 -10.75 2.85 45.71
C ASP E 70 -9.80 3.59 44.78
N PRO E 71 -9.10 4.63 45.29
CA PRO E 71 -8.17 5.40 44.46
C PRO E 71 -6.89 4.63 44.04
N MET E 72 -6.62 3.49 44.65
CA MET E 72 -5.46 2.66 44.33
C MET E 72 -5.54 2.00 42.95
N ASN E 73 -6.77 1.90 42.44
CA ASN E 73 -7.06 1.27 41.16
C ASN E 73 -7.06 2.28 40.01
N ASN E 74 -5.89 2.84 39.69
CA ASN E 74 -5.78 3.84 38.63
C ASN E 74 -6.11 3.30 37.24
N GLU E 75 -5.79 2.03 36.99
CA GLU E 75 -6.03 1.45 35.68
C GLU E 75 -7.53 1.34 35.45
N ALA E 76 -8.23 0.86 36.47
CA ALA E 76 -9.70 0.72 36.38
C ALA E 76 -10.41 2.07 36.30
N ILE E 77 -9.90 3.07 37.03
CA ILE E 77 -10.48 4.40 36.99
C ILE E 77 -10.25 5.06 35.64
N TRP E 78 -9.04 4.91 35.10
CA TRP E 78 -8.75 5.46 33.75
C TRP E 78 -9.69 4.89 32.68
N GLU E 79 -9.79 3.58 32.63
CA GLU E 79 -10.69 2.90 31.70
C GLU E 79 -12.18 3.23 31.92
N LYS E 80 -12.57 3.47 33.18
CA LYS E 80 -13.96 3.93 33.47
C LYS E 80 -14.23 5.29 32.84
N MET E 81 -13.30 6.21 33.00
CA MET E 81 -13.43 7.54 32.42
C MET E 81 -13.44 7.43 30.88
N LEU E 82 -12.67 6.52 30.32
CA LEU E 82 -12.71 6.30 28.86
C LEU E 82 -14.08 5.77 28.42
N LYS E 83 -14.54 4.71 29.09
CA LYS E 83 -15.56 3.80 28.56
C LYS E 83 -16.99 4.01 29.09
N LYS E 84 -17.11 4.71 30.22
CA LYS E 84 -18.40 4.78 30.92
C LYS E 84 -18.98 6.18 30.91
N THR E 85 -18.34 7.07 30.16
CA THR E 85 -18.68 8.49 30.17
C THR E 85 -19.35 8.92 28.88
N PHE E 86 -19.45 7.97 27.95
CA PHE E 86 -19.89 8.19 26.57
C PHE E 86 -18.90 8.98 25.70
N TRP E 87 -18.63 10.22 26.12
CA TRP E 87 -17.84 11.13 25.30
C TRP E 87 -16.37 10.79 25.39
N GLY E 88 -16.01 9.96 26.37
CA GLY E 88 -14.62 9.47 26.48
C GLY E 88 -14.16 8.78 25.22
N GLN E 89 -15.04 7.98 24.63
CA GLN E 89 -14.75 7.19 23.43
C GLN E 89 -14.72 7.96 22.12
N GLY E 90 -15.00 9.26 22.16
CA GLY E 90 -14.72 10.12 21.00
C GLY E 90 -13.48 10.96 21.19
N GLY E 91 -12.95 10.99 22.42
CA GLY E 91 -11.66 11.61 22.70
C GLY E 91 -11.78 13.13 22.75
N GLY E 92 -10.67 13.80 23.09
CA GLY E 92 -10.61 15.24 22.94
C GLY E 92 -9.76 15.88 24.00
N GLY E 93 -9.30 17.10 23.72
CA GLY E 93 -8.34 17.75 24.61
C GLY E 93 -8.87 18.19 25.97
N ILE E 94 -10.10 18.71 26.01
CA ILE E 94 -10.70 19.16 27.26
C ILE E 94 -11.00 17.91 28.08
N PHE E 95 -11.58 16.92 27.42
CA PHE E 95 -11.88 15.68 28.08
C PHE E 95 -10.63 15.06 28.70
N SER E 96 -9.57 14.96 27.90
CA SER E 96 -8.33 14.32 28.31
C SER E 96 -7.60 15.08 29.41
N ALA E 97 -7.68 16.40 29.40
CA ALA E 97 -6.95 17.23 30.37
C ALA E 97 -7.57 17.10 31.75
N ALA E 98 -8.89 16.95 31.78
CA ALA E 98 -9.56 16.72 33.03
C ALA E 98 -9.29 15.32 33.59
N MET E 99 -9.39 14.30 32.72
CA MET E 99 -8.89 12.95 33.02
CA MET E 99 -8.91 12.97 33.05
C MET E 99 -7.49 12.97 33.61
N SER E 100 -6.62 13.77 32.99
CA SER E 100 -5.21 13.82 33.40
C SER E 100 -5.01 14.31 34.84
N GLY E 101 -5.67 15.41 35.19
CA GLY E 101 -5.60 15.93 36.54
C GLY E 101 -6.04 14.92 37.57
N ILE E 102 -7.12 14.20 37.28
CA ILE E 102 -7.63 13.19 38.20
C ILE E 102 -6.66 12.04 38.32
N ASP E 103 -6.10 11.63 37.18
CA ASP E 103 -5.16 10.53 37.16
C ASP E 103 -3.92 10.86 37.97
N ILE E 104 -3.38 12.05 37.75
CA ILE E 104 -2.19 12.48 38.45
C ILE E 104 -2.45 12.39 39.97
N ALA E 105 -3.64 12.84 40.40
CA ALA E 105 -3.99 12.89 41.82
C ALA E 105 -4.09 11.49 42.42
N LEU E 106 -4.55 10.53 41.63
CA LEU E 106 -4.53 9.13 42.05
C LEU E 106 -3.11 8.57 42.25
N TRP E 107 -2.18 8.96 41.40
CA TRP E 107 -0.81 8.51 41.60
C TRP E 107 -0.18 9.14 42.82
N ASP E 108 -0.45 10.44 43.04
CA ASP E 108 -0.02 11.13 44.29
C ASP E 108 -0.46 10.36 45.55
N ILE E 109 -1.75 10.04 45.62
CA ILE E 109 -2.32 9.20 46.68
C ILE E 109 -1.54 7.89 46.83
N LYS E 110 -1.40 7.18 45.70
CA LYS E 110 -0.70 5.91 45.66
C LYS E 110 0.67 6.02 46.30
N GLY E 111 1.45 7.03 45.90
CA GLY E 111 2.80 7.21 46.44
C GLY E 111 2.84 7.61 47.91
N LYS E 112 1.89 8.43 48.33
CA LYS E 112 1.73 8.78 49.74
C LYS E 112 1.31 7.57 50.61
N ALA E 113 0.42 6.73 50.09
CA ALA E 113 0.05 5.49 50.73
C ALA E 113 1.25 4.57 51.00
N TRP E 114 2.24 4.56 50.10
CA TRP E 114 3.32 3.61 50.22
C TRP E 114 4.60 4.28 50.72
N GLY E 115 4.60 5.60 50.77
CA GLY E 115 5.79 6.35 51.18
C GLY E 115 6.87 6.39 50.12
N VAL E 116 6.45 6.43 48.85
CA VAL E 116 7.38 6.27 47.73
CA VAL E 116 7.32 6.20 47.68
C VAL E 116 7.23 7.36 46.67
N PRO E 117 8.38 7.90 46.18
CA PRO E 117 8.25 8.94 45.16
C PRO E 117 7.80 8.38 43.81
N LEU E 118 6.97 9.13 43.08
CA LEU E 118 6.47 8.72 41.76
C LEU E 118 7.46 7.98 40.84
N TYR E 119 8.65 8.54 40.59
CA TYR E 119 9.58 7.88 39.66
C TYR E 119 9.81 6.39 39.96
N LYS E 120 9.90 6.04 41.24
CA LYS E 120 10.11 4.65 41.64
C LYS E 120 8.92 3.76 41.27
N MET E 121 7.72 4.33 41.36
CA MET E 121 6.49 3.64 40.97
C MET E 121 6.40 3.51 39.45
N LEU E 122 7.14 4.34 38.72
CA LEU E 122 7.19 4.27 37.26
C LEU E 122 8.38 3.50 36.74
N GLY E 123 9.12 2.85 37.63
CA GLY E 123 10.19 1.96 37.21
C GLY E 123 11.60 2.42 37.54
N GLY E 124 11.72 3.52 38.27
CA GLY E 124 12.96 3.82 39.00
C GLY E 124 13.80 4.92 38.40
N LYS E 125 15.09 4.95 38.73
CA LYS E 125 15.93 6.07 38.34
C LYS E 125 16.79 5.69 37.13
N SER E 126 16.31 6.01 35.93
CA SER E 126 17.05 5.66 34.73
C SER E 126 18.12 6.70 34.41
N ARG E 127 18.00 7.88 35.01
CA ARG E 127 19.06 8.87 34.91
C ARG E 127 19.15 9.72 36.18
N GLU E 128 20.32 10.31 36.43
CA GLU E 128 20.56 11.03 37.68
C GLU E 128 20.22 12.52 37.59
N LYS E 129 20.34 13.06 36.38
CA LYS E 129 20.05 14.47 36.13
C LYS E 129 19.22 14.63 34.85
N ILE E 130 18.41 15.67 34.84
CA ILE E 130 17.53 15.93 33.72
CA ILE E 130 17.51 15.95 33.72
C ILE E 130 18.00 17.18 32.97
N ARG E 131 18.52 16.98 31.76
CA ARG E 131 18.92 18.10 30.87
C ARG E 131 17.72 18.94 30.46
N THR E 132 17.88 20.26 30.44
CA THR E 132 16.77 21.19 30.25
C THR E 132 17.12 22.16 29.10
N TYR E 133 16.11 22.67 28.41
CA TYR E 133 16.35 23.80 27.51
C TYR E 133 15.54 25.03 27.94
N ALA E 134 16.06 26.21 27.61
CA ALA E 134 15.33 27.47 27.84
C ALA E 134 14.25 27.73 26.77
N SER E 135 12.99 27.72 27.18
CA SER E 135 11.88 27.63 26.22
C SER E 135 11.33 29.00 25.87
N GLN E 136 10.92 29.17 24.62
CA GLN E 136 10.28 30.39 24.10
C GLN E 136 11.11 31.70 24.21
N LEU E 137 12.30 31.71 23.64
CA LEU E 137 13.19 32.86 23.68
C LEU E 137 12.72 34.14 22.99
N GLN E 138 11.67 34.05 22.19
CA GLN E 138 11.06 35.22 21.54
C GLN E 138 10.46 36.17 22.56
N PHE E 139 10.27 35.65 23.77
CA PHE E 139 9.76 36.47 24.87
C PHE E 139 10.87 36.86 25.85
N GLY E 140 12.12 36.58 25.47
CA GLY E 140 13.30 37.02 26.21
C GLY E 140 13.79 36.03 27.24
N TRP E 141 14.93 36.36 27.85
CA TRP E 141 15.49 35.55 28.93
C TRP E 141 16.40 36.41 29.79
N GLY E 142 16.47 36.07 31.08
CA GLY E 142 17.17 36.87 32.07
C GLY E 142 16.15 37.57 32.95
N ASP E 143 16.60 38.13 34.07
CA ASP E 143 15.69 38.91 34.91
C ASP E 143 15.45 40.30 34.33
N GLY E 144 14.28 40.86 34.62
CA GLY E 144 13.82 42.08 33.97
C GLY E 144 13.47 41.91 32.50
N SER E 145 13.30 40.67 32.06
CA SER E 145 12.78 40.38 30.72
C SER E 145 11.32 39.93 30.72
N ASP E 146 10.56 40.36 31.72
CA ASP E 146 9.32 39.69 32.13
C ASP E 146 8.19 39.81 31.12
N LYS E 147 8.19 40.89 30.34
CA LYS E 147 7.41 40.91 29.10
C LYS E 147 8.14 41.53 27.90
N ASP E 148 9.29 40.95 27.57
CA ASP E 148 9.96 41.20 26.29
C ASP E 148 9.15 40.66 25.12
N MET E 149 9.03 41.46 24.06
CA MET E 149 8.48 41.01 22.79
C MET E 149 9.53 41.27 21.73
N LEU E 150 10.40 40.30 21.50
CA LEU E 150 11.63 40.53 20.73
C LEU E 150 11.34 40.56 19.23
N THR E 151 12.02 41.48 18.53
CA THR E 151 11.77 41.68 17.11
C THR E 151 13.00 41.55 16.24
N GLU E 152 14.15 41.98 16.74
CA GLU E 152 15.36 42.01 15.91
C GLU E 152 16.22 40.77 16.12
N PRO E 153 16.82 40.22 15.03
CA PRO E 153 17.84 39.17 15.11
C PRO E 153 18.86 39.31 16.24
N GLU E 154 19.41 40.50 16.40
CA GLU E 154 20.35 40.79 17.49
C GLU E 154 19.76 40.57 18.89
N GLN E 155 18.49 40.94 19.08
CA GLN E 155 17.80 40.67 20.34
C GLN E 155 17.60 39.18 20.61
N TYR E 156 17.18 38.43 19.58
CA TYR E 156 17.11 36.96 19.68
C TYR E 156 18.48 36.37 20.05
N ALA E 157 19.55 36.84 19.41
CA ALA E 157 20.88 36.30 19.70
C ALA E 157 21.25 36.57 21.16
N GLN E 158 20.90 37.77 21.64
CA GLN E 158 21.23 38.19 23.00
C GLN E 158 20.45 37.41 24.08
N ALA E 159 19.17 37.16 23.84
CA ALA E 159 18.41 36.27 24.71
C ALA E 159 18.98 34.86 24.79
N ALA E 160 19.41 34.31 23.66
CA ALA E 160 20.09 33.02 23.63
C ALA E 160 21.36 33.04 24.47
N LEU E 161 22.18 34.08 24.26
CA LEU E 161 23.44 34.22 24.98
C LEU E 161 23.27 34.33 26.50
N THR E 162 22.23 35.03 26.93
CA THR E 162 21.85 35.13 28.34
C THR E 162 21.50 33.77 28.98
N ALA E 163 20.66 33.02 28.28
CA ALA E 163 20.35 31.63 28.64
C ALA E 163 21.59 30.75 28.74
N VAL E 164 22.48 30.82 27.73
CA VAL E 164 23.75 30.11 27.74
C VAL E 164 24.58 30.45 28.99
N SER E 165 24.64 31.73 29.33
CA SER E 165 25.41 32.17 30.50
C SER E 165 24.83 31.64 31.83
N GLU E 166 23.56 31.23 31.80
CA GLU E 166 22.88 30.68 32.98
C GLU E 166 23.06 29.17 33.09
N GLY E 167 23.78 28.57 32.15
CA GLY E 167 24.07 27.13 32.18
C GLY E 167 23.20 26.26 31.28
N TYR E 168 22.39 26.88 30.41
CA TYR E 168 21.62 26.17 29.39
C TYR E 168 22.42 25.93 28.13
N ASP E 169 22.44 24.67 27.68
CA ASP E 169 23.10 24.32 26.42
C ASP E 169 22.10 23.96 25.31
N ALA E 170 20.88 24.44 25.47
CA ALA E 170 19.83 24.25 24.48
C ALA E 170 18.78 25.30 24.70
N ILE E 171 18.22 25.81 23.61
CA ILE E 171 17.14 26.80 23.66
C ILE E 171 16.06 26.35 22.68
N LYS E 172 14.85 26.87 22.85
CA LYS E 172 13.80 26.78 21.84
C LYS E 172 13.22 28.15 21.55
N VAL E 173 12.84 28.38 20.30
CA VAL E 173 12.38 29.68 19.88
C VAL E 173 11.43 29.55 18.69
N ASP E 174 10.37 30.36 18.69
CA ASP E 174 9.54 30.60 17.51
C ASP E 174 9.99 31.94 16.95
N THR E 175 10.67 31.92 15.81
CA THR E 175 11.18 33.13 15.21
C THR E 175 10.29 33.71 14.12
N VAL E 176 9.12 33.12 13.91
CA VAL E 176 8.29 33.49 12.78
C VAL E 176 7.09 34.32 13.22
N ALA E 177 6.52 33.96 14.36
CA ALA E 177 5.18 34.40 14.72
C ALA E 177 5.14 35.86 15.25
N MET E 178 6.29 36.40 15.64
CA MET E 178 6.38 37.83 15.96
C MET E 178 6.70 38.61 14.70
N ASP E 179 5.85 39.57 14.34
CA ASP E 179 6.17 40.42 13.20
C ASP E 179 7.25 41.43 13.59
N ARG E 180 7.66 42.29 12.67
CA ARG E 180 8.77 43.21 12.93
C ARG E 180 8.37 44.35 13.88
N HIS E 181 7.07 44.49 14.13
CA HIS E 181 6.53 45.51 15.04
C HIS E 181 6.12 44.99 16.41
N GLY E 182 6.49 43.75 16.73
CA GLY E 182 6.16 43.16 18.03
C GLY E 182 4.73 42.68 18.18
N ASN E 183 4.06 42.38 17.08
CA ASN E 183 2.74 41.77 17.15
C ASN E 183 2.84 40.25 17.05
N TRP E 184 2.18 39.57 17.98
CA TRP E 184 2.28 38.12 18.12
C TRP E 184 1.15 37.43 17.35
N ASN E 185 1.52 36.59 16.39
CA ASN E 185 0.57 35.70 15.74
C ASN E 185 -0.63 36.42 15.11
N GLN E 186 -0.33 37.44 14.31
CA GLN E 186 -1.37 38.25 13.71
C GLN E 186 -1.21 38.32 12.20
N GLN E 187 -0.24 37.60 11.66
CA GLN E 187 -0.16 37.44 10.22
C GLN E 187 -0.67 36.05 9.82
N ASN E 188 -1.16 35.94 8.59
CA ASN E 188 -1.62 34.63 8.10
C ASN E 188 -0.43 33.84 7.58
N LEU E 189 -0.13 32.74 8.27
CA LEU E 189 1.07 31.95 7.96
C LEU E 189 0.73 30.65 7.26
N ASN E 190 -0.51 30.54 6.75
CA ASN E 190 -0.93 29.38 5.95
C ASN E 190 -0.74 29.56 4.45
N GLY E 191 -0.39 28.47 3.76
CA GLY E 191 -0.19 28.51 2.31
C GLY E 191 1.22 28.96 1.98
N PRO E 192 1.51 29.15 0.68
CA PRO E 192 2.83 29.63 0.26
C PRO E 192 3.05 31.10 0.63
N LEU E 193 4.22 31.43 1.18
CA LEU E 193 4.39 32.74 1.78
C LEU E 193 5.43 33.54 1.00
N THR E 194 5.26 34.86 1.00
CA THR E 194 6.24 35.78 0.42
C THR E 194 7.53 35.67 1.23
N ASP E 195 8.66 35.77 0.53
CA ASP E 195 9.96 35.56 1.12
C ASP E 195 10.19 36.33 2.42
N LYS E 196 9.74 37.58 2.46
CA LYS E 196 10.05 38.48 3.59
C LYS E 196 9.48 37.98 4.91
N ILE E 197 8.32 37.32 4.85
CA ILE E 197 7.63 36.85 6.04
C ILE E 197 8.47 35.79 6.76
N LEU E 198 9.14 34.94 5.98
CA LEU E 198 9.95 33.83 6.52
C LEU E 198 11.44 34.18 6.63
N ARG E 199 11.90 35.14 5.83
CA ARG E 199 13.29 35.61 5.87
C ARG E 199 13.65 36.23 7.22
N LEU E 200 12.70 36.98 7.79
CA LEU E 200 12.82 37.52 9.15
C LEU E 200 13.01 36.39 10.16
N GLY E 201 12.11 35.41 10.16
CA GLY E 201 12.33 34.19 10.95
C GLY E 201 13.71 33.56 10.74
N TYR E 202 14.12 33.42 9.47
CA TYR E 202 15.43 32.85 9.15
C TYR E 202 16.57 33.67 9.77
N ASP E 203 16.54 34.98 9.58
CA ASP E 203 17.63 35.85 10.04
C ASP E 203 17.75 35.85 11.56
N ARG E 204 16.61 35.84 12.25
CA ARG E 204 16.58 35.69 13.71
C ARG E 204 17.19 34.36 14.16
N MET E 205 16.90 33.29 13.44
CA MET E 205 17.38 31.97 13.85
C MET E 205 18.89 31.86 13.59
N ALA E 206 19.32 32.45 12.48
CA ALA E 206 20.71 32.36 12.06
C ALA E 206 21.61 33.24 12.96
N ALA E 207 21.04 34.34 13.45
CA ALA E 207 21.66 35.16 14.49
C ALA E 207 21.93 34.39 15.78
N ILE E 208 20.96 33.61 16.22
CA ILE E 208 21.14 32.77 17.38
C ILE E 208 22.28 31.77 17.18
N ARG E 209 22.20 30.97 16.12
CA ARG E 209 23.28 30.00 15.78
C ARG E 209 24.67 30.65 15.71
N ASP E 210 24.76 31.79 15.03
CA ASP E 210 26.02 32.53 14.96
C ASP E 210 26.54 32.95 16.33
N ALA E 211 25.62 33.31 17.23
CA ALA E 211 25.98 33.76 18.58
C ALA E 211 26.42 32.60 19.47
N VAL E 212 25.64 31.52 19.48
CA VAL E 212 25.85 30.46 20.48
C VAL E 212 26.86 29.39 20.06
N GLY E 213 27.14 29.32 18.76
CA GLY E 213 28.05 28.30 18.24
C GLY E 213 27.34 26.96 18.00
N PRO E 214 28.10 25.95 17.56
CA PRO E 214 27.54 24.66 17.12
C PRO E 214 27.09 23.72 18.24
N ASP E 215 27.57 23.96 19.46
CA ASP E 215 27.35 23.02 20.57
C ASP E 215 26.24 23.43 21.53
N VAL E 216 25.49 24.44 21.14
CA VAL E 216 24.25 24.77 21.85
C VAL E 216 23.09 24.36 20.95
N ASP E 217 22.19 23.54 21.47
CA ASP E 217 21.12 23.05 20.62
C ASP E 217 20.02 24.08 20.42
N ILE E 218 19.47 24.14 19.20
CA ILE E 218 18.38 25.05 18.90
C ILE E 218 17.12 24.26 18.44
N ILE E 219 16.02 24.43 19.16
CA ILE E 219 14.73 23.86 18.72
C ILE E 219 13.88 24.94 18.05
N ALA E 220 13.36 24.64 16.86
CA ALA E 220 12.54 25.60 16.16
C ALA E 220 11.10 25.26 16.40
N GLU E 221 10.37 26.18 17.03
CA GLU E 221 8.98 25.95 17.43
C GLU E 221 8.06 26.72 16.48
N MET E 222 6.98 26.08 16.00
CA MET E 222 6.06 26.75 15.05
C MET E 222 4.64 26.95 15.59
N HIS E 223 4.32 26.30 16.70
CA HIS E 223 3.04 26.45 17.38
C HIS E 223 1.85 25.98 16.55
N ALA E 224 2.11 25.27 15.45
CA ALA E 224 1.11 25.01 14.40
C ALA E 224 0.36 26.26 13.91
N PHE E 225 1.08 27.38 13.84
CA PHE E 225 0.60 28.62 13.21
C PHE E 225 0.80 28.51 11.69
N THR E 226 1.76 27.70 11.30
CA THR E 226 1.96 27.36 9.90
C THR E 226 1.00 26.24 9.50
N ASP E 227 0.82 26.05 8.19
CA ASP E 227 0.26 24.81 7.66
C ASP E 227 1.34 24.02 6.90
N THR E 228 0.92 22.93 6.26
CA THR E 228 1.85 22.04 5.57
C THR E 228 2.82 22.78 4.65
N THR E 229 2.29 23.67 3.82
CA THR E 229 3.10 24.34 2.80
C THR E 229 4.13 25.29 3.42
N SER E 230 3.68 26.17 4.31
CA SER E 230 4.57 27.14 4.94
C SER E 230 5.55 26.48 5.91
N ALA E 231 5.12 25.41 6.57
CA ALA E 231 6.02 24.63 7.42
C ALA E 231 7.19 24.00 6.64
N ILE E 232 6.91 23.49 5.44
CA ILE E 232 7.94 23.00 4.53
C ILE E 232 8.86 24.11 4.04
N GLN E 233 8.27 25.23 3.67
CA GLN E 233 9.03 26.38 3.14
C GLN E 233 10.04 26.92 4.17
N PHE E 234 9.57 27.12 5.40
CA PHE E 234 10.44 27.54 6.48
C PHE E 234 11.46 26.47 6.91
N GLY E 235 11.02 25.23 7.04
CA GLY E 235 11.94 24.17 7.47
C GLY E 235 13.11 23.96 6.53
N ARG E 236 12.83 24.01 5.23
CA ARG E 236 13.87 23.92 4.20
CA ARG E 236 13.87 23.92 4.21
C ARG E 236 14.88 25.06 4.33
N MET E 237 14.40 26.24 4.73
CA MET E 237 15.25 27.43 4.92
C MET E 237 16.20 27.28 6.09
N ILE E 238 15.72 26.73 7.20
CA ILE E 238 16.54 26.59 8.42
C ILE E 238 17.36 25.28 8.55
N GLU E 239 17.21 24.39 7.57
CA GLU E 239 17.94 23.11 7.56
C GLU E 239 19.44 23.23 7.82
N GLU E 240 20.07 24.23 7.21
CA GLU E 240 21.51 24.34 7.32
CA GLU E 240 21.50 24.48 7.28
C GLU E 240 21.97 24.91 8.67
N LEU E 241 21.03 25.31 9.53
CA LEU E 241 21.38 25.86 10.86
C LEU E 241 21.57 24.81 11.97
N GLY E 242 21.46 23.53 11.62
CA GLY E 242 21.69 22.47 12.59
C GLY E 242 20.61 22.42 13.67
N ILE E 243 19.36 22.38 13.25
CA ILE E 243 18.21 22.44 14.17
C ILE E 243 18.05 21.09 14.88
N PHE E 244 17.87 21.12 16.21
CA PHE E 244 17.78 19.92 17.08
C PHE E 244 16.51 19.11 16.75
N TYR E 245 15.36 19.77 16.83
CA TYR E 245 14.15 19.30 16.19
C TYR E 245 13.20 20.44 15.88
N TYR E 246 12.11 20.11 15.19
CA TYR E 246 11.26 21.13 14.53
C TYR E 246 9.85 20.88 15.07
N GLU E 247 9.38 21.76 15.95
CA GLU E 247 8.23 21.42 16.80
C GLU E 247 6.92 21.93 16.24
N GLU E 248 5.91 21.07 16.26
CA GLU E 248 4.58 21.44 15.81
C GLU E 248 4.54 22.21 14.48
N PRO E 249 5.16 21.66 13.41
CA PRO E 249 5.08 22.37 12.14
C PRO E 249 3.62 22.49 11.64
N VAL E 250 2.79 21.54 12.03
CA VAL E 250 1.41 21.54 11.53
C VAL E 250 0.53 20.91 12.62
N MET E 251 -0.78 21.16 12.56
CA MET E 251 -1.71 20.58 13.53
C MET E 251 -1.91 19.09 13.23
N PRO E 252 -2.28 18.30 14.25
CA PRO E 252 -2.33 16.84 14.11
C PRO E 252 -3.63 16.25 13.57
N LEU E 253 -4.57 17.07 13.14
CA LEU E 253 -5.93 16.57 12.88
C LEU E 253 -6.00 15.58 11.69
N ASN E 254 -5.21 15.85 10.65
CA ASN E 254 -4.87 14.89 9.58
C ASN E 254 -3.38 14.52 9.68
N PRO E 255 -3.06 13.33 10.24
CA PRO E 255 -1.65 12.91 10.44
C PRO E 255 -0.81 12.79 9.17
N ALA E 256 -1.45 12.67 8.00
CA ALA E 256 -0.74 12.66 6.73
C ALA E 256 0.03 13.99 6.46
N GLN E 257 -0.47 15.09 7.02
CA GLN E 257 0.18 16.39 6.83
C GLN E 257 1.53 16.44 7.53
N MET E 258 1.60 15.92 8.75
CA MET E 258 2.87 15.82 9.47
C MET E 258 3.86 14.97 8.68
N LYS E 259 3.37 13.85 8.13
CA LYS E 259 4.19 12.96 7.29
C LYS E 259 4.74 13.71 6.07
N GLN E 260 3.92 14.56 5.46
CA GLN E 260 4.35 15.35 4.29
C GLN E 260 5.46 16.31 4.66
N VAL E 261 5.34 16.97 5.82
CA VAL E 261 6.42 17.85 6.30
C VAL E 261 7.71 17.02 6.51
N ALA E 262 7.58 15.85 7.15
CA ALA E 262 8.72 14.99 7.44
C ALA E 262 9.40 14.56 6.16
N ASP E 263 8.62 14.27 5.12
CA ASP E 263 9.17 13.87 3.78
C ASP E 263 9.97 14.98 3.11
N LYS E 264 9.61 16.23 3.36
CA LYS E 264 10.19 17.34 2.60
C LYS E 264 11.19 18.19 3.38
N VAL E 265 11.23 18.01 4.70
CA VAL E 265 12.12 18.81 5.56
C VAL E 265 13.11 17.86 6.22
N ASN E 266 14.40 18.11 6.07
CA ASN E 266 15.39 17.21 6.66
C ASN E 266 15.82 17.63 8.04
N ILE E 267 14.84 17.73 8.94
CA ILE E 267 15.03 18.03 10.36
C ILE E 267 14.06 17.09 11.09
N PRO E 268 14.50 16.44 12.20
CA PRO E 268 13.59 15.60 13.01
C PRO E 268 12.38 16.40 13.52
N LEU E 269 11.18 15.85 13.38
CA LEU E 269 9.96 16.55 13.80
C LEU E 269 9.57 16.16 15.20
N ALA E 270 9.00 17.12 15.92
CA ALA E 270 8.44 16.86 17.25
C ALA E 270 7.02 17.37 17.33
N ALA E 271 6.15 16.63 18.02
CA ALA E 271 4.81 17.13 18.37
C ALA E 271 4.30 16.32 19.53
N GLY E 272 3.25 16.80 20.15
CA GLY E 272 2.53 15.96 21.08
C GLY E 272 1.67 16.69 22.09
N GLU E 273 1.91 17.99 22.28
CA GLU E 273 1.09 18.70 23.27
C GLU E 273 -0.41 18.70 22.99
N ARG E 274 -0.75 18.49 21.72
CA ARG E 274 -2.13 18.44 21.24
C ARG E 274 -2.45 17.13 20.56
N ILE E 275 -1.71 16.09 20.96
CA ILE E 275 -2.00 14.72 20.60
C ILE E 275 -2.24 13.93 21.87
N TYR E 276 -3.38 13.22 21.93
CA TYR E 276 -3.85 12.67 23.19
C TYR E 276 -3.98 11.14 23.22
N TRP E 277 -3.44 10.52 24.28
CA TRP E 277 -3.54 9.09 24.56
C TRP E 277 -2.77 8.24 23.56
N ARG E 278 -2.68 6.93 23.84
CA ARG E 278 -1.98 6.03 22.93
C ARG E 278 -2.63 6.07 21.54
N TRP E 279 -3.95 6.17 21.51
CA TRP E 279 -4.71 6.23 20.26
C TRP E 279 -4.32 7.45 19.40
N GLY E 280 -4.13 8.59 20.06
CA GLY E 280 -3.69 9.80 19.38
C GLY E 280 -2.32 9.66 18.72
N TYR E 281 -1.37 9.04 19.43
CA TYR E 281 -0.01 8.87 18.93
C TYR E 281 0.12 7.83 17.84
N ARG E 282 -0.74 6.82 17.90
CA ARG E 282 -0.69 5.70 16.96
C ARG E 282 -0.44 6.08 15.48
N PRO E 283 -1.27 6.95 14.87
CA PRO E 283 -1.05 7.18 13.45
C PRO E 283 0.31 7.81 13.16
N PHE E 284 0.85 8.55 14.12
CA PHE E 284 2.18 9.21 13.95
C PHE E 284 3.33 8.25 14.14
N LEU E 285 3.12 7.19 14.90
CA LEU E 285 4.12 6.14 15.03
C LEU E 285 4.10 5.29 13.79
N GLU E 286 2.91 4.96 13.33
CA GLU E 286 2.73 4.13 12.14
C GLU E 286 3.18 4.80 10.85
N ASN E 287 2.98 6.11 10.72
CA ASN E 287 3.37 6.82 9.52
C ASN E 287 4.81 7.33 9.53
N GLY E 288 5.50 7.22 10.67
CA GLY E 288 6.92 7.57 10.72
C GLY E 288 7.21 9.05 10.71
N SER E 289 6.21 9.90 10.98
CA SER E 289 6.40 11.35 10.83
C SER E 289 7.19 12.05 11.93
N LEU E 290 7.06 11.54 13.16
CA LEU E 290 7.67 12.17 14.33
C LEU E 290 8.94 11.45 14.74
N SER E 291 9.91 12.22 15.22
CA SER E 291 11.12 11.69 15.81
C SER E 291 11.10 11.85 17.32
N VAL E 292 10.50 12.93 17.79
CA VAL E 292 10.45 13.26 19.22
C VAL E 292 8.97 13.48 19.56
N ILE E 293 8.48 12.84 20.62
CA ILE E 293 7.10 13.07 21.03
C ILE E 293 7.02 13.91 22.31
N GLN E 294 5.97 14.70 22.42
CA GLN E 294 5.86 15.72 23.47
C GLN E 294 4.54 15.70 24.24
N PRO E 295 4.17 14.55 24.82
CA PRO E 295 2.90 14.57 25.50
C PRO E 295 3.02 15.43 26.76
N ASP E 296 1.95 16.11 27.11
CA ASP E 296 1.89 16.90 28.34
C ASP E 296 1.18 15.96 29.28
N ILE E 297 1.78 15.69 30.43
CA ILE E 297 1.16 14.76 31.38
C ILE E 297 -0.19 15.31 31.84
N CYS E 298 -0.32 16.64 31.90
CA CYS E 298 -1.51 17.25 32.46
C CYS E 298 -2.61 17.42 31.42
N THR E 299 -2.28 17.20 30.14
CA THR E 299 -3.25 17.37 29.02
C THR E 299 -3.57 16.04 28.35
N CYS E 300 -2.53 15.24 28.12
CA CYS E 300 -2.63 14.19 27.12
C CYS E 300 -2.91 12.81 27.72
N GLY E 301 -3.32 12.74 28.99
CA GLY E 301 -3.94 11.52 29.54
C GLY E 301 -3.56 11.18 30.98
N GLY E 302 -2.65 11.94 31.56
CA GLY E 302 -2.18 11.66 32.92
C GLY E 302 -1.00 10.73 32.98
N ILE E 303 -0.62 10.33 34.18
CA ILE E 303 0.56 9.48 34.37
C ILE E 303 0.34 8.08 33.78
N THR E 304 -0.83 7.50 34.04
CA THR E 304 -1.14 6.16 33.60
C THR E 304 -0.95 6.05 32.09
N GLU E 305 -1.52 7.00 31.34
CA GLU E 305 -1.54 6.96 29.87
C GLU E 305 -0.24 7.46 29.24
N VAL E 306 0.38 8.44 29.85
CA VAL E 306 1.58 9.01 29.22
C VAL E 306 2.75 8.02 29.31
N LYS E 307 2.86 7.29 30.43
CA LYS E 307 3.78 6.14 30.55
C LYS E 307 3.60 5.13 29.43
N LYS E 308 2.36 4.71 29.20
CA LYS E 308 2.03 3.90 27.99
C LYS E 308 2.43 4.55 26.64
N ILE E 309 2.12 5.80 26.47
CA ILE E 309 2.61 6.48 25.32
C ILE E 309 4.10 6.32 25.15
N CYS E 310 4.88 6.69 26.13
CA CYS E 310 6.36 6.65 26.04
C CYS E 310 6.87 5.24 25.71
N ASP E 311 6.25 4.24 26.33
CA ASP E 311 6.61 2.82 26.12
C ASP E 311 6.32 2.33 24.68
N MET E 312 5.14 2.67 24.17
CA MET E 312 4.80 2.31 22.80
C MET E 312 5.70 3.01 21.79
N ALA E 313 5.99 4.29 22.03
CA ALA E 313 6.86 5.09 21.12
C ALA E 313 8.29 4.58 20.99
N HIS E 314 8.77 3.88 22.03
CA HIS E 314 10.10 3.29 22.08
C HIS E 314 10.33 2.24 21.00
N VAL E 315 9.26 1.51 20.65
CA VAL E 315 9.28 0.53 19.56
C VAL E 315 9.65 1.16 18.19
N TYR E 316 9.32 2.43 18.04
CA TYR E 316 9.49 3.18 16.80
C TYR E 316 10.63 4.17 16.95
N ASP E 317 11.50 3.87 17.90
CA ASP E 317 12.67 4.70 18.15
C ASP E 317 12.34 6.18 18.37
N LYS E 318 11.25 6.51 19.08
CA LYS E 318 11.03 7.91 19.43
C LYS E 318 11.62 8.21 20.80
N THR E 319 12.14 9.41 20.95
CA THR E 319 12.52 9.90 22.25
C THR E 319 11.49 10.93 22.71
N VAL E 320 11.55 11.25 24.00
CA VAL E 320 10.50 11.97 24.69
C VAL E 320 11.02 13.26 25.33
N GLN E 321 10.34 14.35 25.00
CA GLN E 321 10.40 15.57 25.75
C GLN E 321 8.98 15.88 26.22
N ILE E 322 8.70 15.62 27.51
CA ILE E 322 7.40 16.03 28.10
C ILE E 322 7.11 17.52 27.84
N HIS E 323 5.90 17.82 27.41
CA HIS E 323 5.55 19.22 27.24
C HIS E 323 5.21 19.78 28.64
N VAL E 324 5.82 20.90 29.00
CA VAL E 324 5.53 21.48 30.31
C VAL E 324 5.17 22.94 30.14
N CYS E 325 3.90 23.27 30.39
CA CYS E 325 3.49 24.66 30.47
C CYS E 325 2.34 24.83 31.47
N GLY E 326 2.67 24.65 32.75
CA GLY E 326 1.70 24.89 33.81
C GLY E 326 2.37 25.32 35.10
N GLY E 327 1.84 24.86 36.23
CA GLY E 327 2.40 25.22 37.51
C GLY E 327 3.48 24.24 37.93
N PRO E 328 3.99 24.39 39.16
CA PRO E 328 5.00 23.48 39.70
C PRO E 328 4.56 22.03 39.70
N ILE E 329 3.26 21.78 39.85
CA ILE E 329 2.78 20.38 39.87
C ILE E 329 3.11 19.71 38.53
N SER E 330 2.86 20.43 37.43
CA SER E 330 3.19 19.97 36.09
C SER E 330 4.69 19.67 35.96
N THR E 331 5.53 20.60 36.42
CA THR E 331 6.98 20.37 36.46
C THR E 331 7.35 19.12 37.21
N ALA E 332 6.81 18.97 38.42
CA ALA E 332 7.07 17.80 39.23
C ALA E 332 6.83 16.49 38.52
N VAL E 333 5.62 16.32 37.98
CA VAL E 333 5.25 15.05 37.39
C VAL E 333 6.08 14.76 36.14
N ALA E 334 6.40 15.81 35.39
CA ALA E 334 7.31 15.70 34.25
C ALA E 334 8.67 15.16 34.65
N LEU E 335 9.26 15.70 35.71
CA LEU E 335 10.57 15.24 36.17
C LEU E 335 10.52 13.76 36.60
N HIS E 336 9.44 13.34 37.22
CA HIS E 336 9.28 11.92 37.58
C HIS E 336 9.26 11.04 36.34
N MET E 337 8.51 11.45 35.33
CA MET E 337 8.36 10.62 34.13
C MET E 337 9.66 10.51 33.37
N GLU E 338 10.30 11.66 33.20
CA GLU E 338 11.58 11.78 32.51
C GLU E 338 12.74 11.08 33.19
N THR E 339 12.59 10.85 34.50
CA THR E 339 13.62 10.17 35.26
C THR E 339 13.55 8.69 35.02
N ALA E 340 12.33 8.19 34.90
CA ALA E 340 12.07 6.75 34.81
C ALA E 340 12.26 6.18 33.40
N ILE E 341 11.78 6.90 32.38
CA ILE E 341 11.70 6.31 31.03
C ILE E 341 13.08 6.16 30.42
N PRO E 342 13.30 5.05 29.67
CA PRO E 342 14.54 4.93 28.89
C PRO E 342 14.73 6.00 27.82
N ASN E 343 13.65 6.41 27.15
CA ASN E 343 13.76 7.21 25.94
C ASN E 343 13.51 8.71 26.16
N PHE E 344 14.10 9.24 27.21
CA PHE E 344 14.07 10.68 27.45
C PHE E 344 15.11 11.38 26.56
N VAL E 345 14.80 12.57 26.07
CA VAL E 345 15.80 13.43 25.44
C VAL E 345 16.15 14.73 26.20
N ILE E 346 15.14 15.54 26.51
CA ILE E 346 15.32 16.89 27.07
C ILE E 346 14.03 17.42 27.75
N HIS E 347 14.20 18.29 28.75
CA HIS E 347 13.07 18.83 29.51
C HIS E 347 12.89 20.27 29.06
N GLU E 348 11.64 20.73 29.06
CA GLU E 348 11.29 22.11 28.69
C GLU E 348 11.13 23.07 29.89
N LEU E 349 11.93 24.13 29.95
CA LEU E 349 11.79 25.07 31.04
C LEU E 349 11.34 26.44 30.56
N HIS E 350 10.17 26.87 30.99
CA HIS E 350 9.76 28.26 30.76
C HIS E 350 10.34 29.21 31.80
N ARG E 351 10.64 30.43 31.37
CA ARG E 351 11.11 31.51 32.26
C ARG E 351 10.17 31.77 33.45
N TYR E 352 8.85 31.75 33.19
CA TYR E 352 7.84 32.06 34.21
C TYR E 352 7.82 31.02 35.33
N ALA E 353 8.19 29.79 35.01
CA ALA E 353 8.19 28.70 35.97
C ALA E 353 9.18 28.92 37.12
N LEU E 354 10.19 29.76 36.88
CA LEU E 354 11.21 30.10 37.89
C LEU E 354 10.74 31.22 38.81
N LEU E 355 9.67 31.90 38.42
CA LEU E 355 9.31 33.17 39.02
C LEU E 355 8.36 33.00 40.20
N GLU E 356 8.33 33.97 41.09
CA GLU E 356 7.56 33.89 42.34
C GLU E 356 6.05 33.65 42.20
N PRO E 357 5.37 34.35 41.26
CA PRO E 357 3.93 34.10 41.13
C PRO E 357 3.58 32.66 40.74
N ASN E 358 4.51 31.97 40.08
CA ASN E 358 4.37 30.54 39.85
C ASN E 358 4.78 29.69 41.05
N THR E 359 5.99 29.91 41.58
CA THR E 359 6.55 29.00 42.57
C THR E 359 5.80 29.08 43.91
N GLN E 360 5.36 30.29 44.24
CA GLN E 360 4.67 30.55 45.50
C GLN E 360 3.32 29.83 45.65
N THR E 361 2.74 29.35 44.55
CA THR E 361 1.50 28.57 44.61
C THR E 361 1.66 27.21 45.30
N CYS E 362 2.90 26.72 45.38
CA CYS E 362 3.12 25.34 45.83
C CYS E 362 4.12 25.22 46.97
N LYS E 363 4.06 24.10 47.70
CA LYS E 363 4.78 23.94 48.98
C LYS E 363 6.30 23.81 48.83
N TYR E 364 6.74 23.21 47.74
CA TYR E 364 8.15 22.90 47.55
C TYR E 364 8.65 23.55 46.29
N ASN E 365 9.91 23.95 46.31
CA ASN E 365 10.47 24.70 45.21
C ASN E 365 11.62 23.94 44.60
N TYR E 366 11.35 23.28 43.48
CA TYR E 366 12.41 22.59 42.75
C TYR E 366 12.83 23.48 41.61
N LEU E 367 14.11 23.81 41.59
CA LEU E 367 14.68 24.71 40.60
C LEU E 367 15.87 24.03 39.93
N PRO E 368 16.09 24.29 38.62
CA PRO E 368 17.23 23.68 37.96
C PRO E 368 18.51 24.40 38.37
N LYS E 369 19.65 23.73 38.27
CA LYS E 369 20.99 24.35 38.46
C LYS E 369 21.92 23.96 37.34
N ASN E 370 22.56 24.95 36.73
CA ASN E 370 23.42 24.74 35.56
C ASN E 370 22.77 23.92 34.43
N GLY E 371 21.47 24.14 34.24
CA GLY E 371 20.77 23.58 33.10
C GLY E 371 20.21 22.20 33.37
N MET E 372 20.24 21.77 34.63
CA MET E 372 19.80 20.41 34.99
C MET E 372 18.82 20.46 36.16
N TYR E 373 17.80 19.62 36.10
CA TYR E 373 16.96 19.36 37.25
C TYR E 373 17.37 18.04 37.91
N GLU E 374 17.05 17.90 39.19
CA GLU E 374 16.96 16.60 39.82
C GLU E 374 15.52 16.29 40.17
N VAL E 375 15.20 15.00 40.30
CA VAL E 375 13.83 14.59 40.56
C VAL E 375 13.44 14.80 42.06
N PRO E 376 12.19 15.20 42.35
CA PRO E 376 11.65 15.11 43.72
C PRO E 376 11.79 13.73 44.38
N GLU E 377 11.98 13.72 45.70
CA GLU E 377 12.23 12.49 46.42
C GLU E 377 11.19 12.16 47.49
N LEU E 378 10.25 13.07 47.74
CA LEU E 378 9.17 12.88 48.74
C LEU E 378 8.15 11.86 48.22
N PRO E 379 7.33 11.26 49.10
CA PRO E 379 6.26 10.37 48.65
C PRO E 379 5.28 11.00 47.65
N GLY E 380 4.75 10.20 46.73
CA GLY E 380 3.84 10.74 45.71
C GLY E 380 4.56 11.60 44.68
N ILE E 381 3.86 12.61 44.17
CA ILE E 381 4.45 13.52 43.16
C ILE E 381 5.43 14.52 43.76
N GLY E 382 5.42 14.64 45.09
CA GLY E 382 6.36 15.53 45.78
C GLY E 382 6.05 17.00 45.65
N GLN E 383 4.76 17.33 45.46
CA GLN E 383 4.31 18.70 45.18
C GLN E 383 2.85 18.87 45.50
N GLU E 384 2.51 20.02 46.08
CA GLU E 384 1.18 20.26 46.62
C GLU E 384 1.00 21.76 46.57
N LEU E 385 -0.24 22.23 46.39
CA LEU E 385 -0.57 23.64 46.64
C LEU E 385 -0.34 23.99 48.11
N THR E 386 0.07 25.23 48.39
CA THR E 386 0.10 25.71 49.78
C THR E 386 -1.30 25.96 50.30
N GLU E 387 -1.44 26.00 51.62
CA GLU E 387 -2.73 26.26 52.27
C GLU E 387 -3.26 27.64 51.90
N GLU E 388 -2.35 28.60 51.83
CA GLU E 388 -2.66 29.98 51.50
C GLU E 388 -3.28 30.11 50.11
N THR E 389 -2.72 29.38 49.14
CA THR E 389 -3.24 29.39 47.78
C THR E 389 -4.63 28.76 47.77
N MET E 390 -4.77 27.60 48.40
CA MET E 390 -6.08 26.95 48.45
C MET E 390 -7.18 27.83 49.06
N LYS E 391 -6.89 28.48 50.19
CA LYS E 391 -7.83 29.42 50.80
C LYS E 391 -8.32 30.52 49.89
N LYS E 392 -7.47 31.07 49.05
CA LYS E 392 -7.95 32.16 48.22
C LYS E 392 -8.37 31.77 46.79
N SER E 393 -8.41 30.47 46.51
CA SER E 393 -8.73 29.97 45.18
C SER E 393 -10.17 29.49 45.12
N PRO E 394 -10.96 30.04 44.16
CA PRO E 394 -12.33 29.56 43.98
C PRO E 394 -12.34 28.05 43.68
N THR E 395 -13.20 27.33 44.39
CA THR E 395 -13.12 25.89 44.49
C THR E 395 -14.52 25.30 44.33
N ILE E 396 -14.64 24.24 43.54
CA ILE E 396 -15.85 23.43 43.50
C ILE E 396 -15.54 22.14 44.22
N THR E 397 -16.46 21.66 45.05
CA THR E 397 -16.24 20.44 45.79
C THR E 397 -17.32 19.44 45.44
N VAL E 398 -16.91 18.28 44.96
CA VAL E 398 -17.82 17.22 44.57
C VAL E 398 -17.81 16.18 45.67
N LYS E 399 -19.00 15.86 46.18
CA LYS E 399 -19.13 14.71 47.06
C LYS E 399 -20.40 13.92 46.80
N LEU F 3 19.90 3.38 49.26
CA LEU F 3 19.57 2.42 48.18
C LEU F 3 20.09 1.03 48.47
N MET F 4 19.39 0.02 47.92
CA MET F 4 19.86 -1.36 47.96
C MET F 4 20.68 -1.73 46.72
N LYS F 5 21.35 -2.87 46.81
CA LYS F 5 22.32 -3.32 45.83
C LYS F 5 22.03 -4.77 45.64
N ILE F 6 22.14 -5.27 44.40
CA ILE F 6 22.12 -6.72 44.19
C ILE F 6 23.48 -7.29 44.60
N THR F 7 23.48 -8.30 45.47
CA THR F 7 24.74 -8.89 45.94
C THR F 7 25.04 -10.25 45.31
N SER F 8 23.99 -11.04 45.09
CA SER F 8 24.16 -12.32 44.41
C SER F 8 22.90 -12.65 43.63
N VAL F 9 23.03 -13.56 42.66
CA VAL F 9 21.87 -14.17 42.03
C VAL F 9 22.10 -15.66 42.01
N ASP F 10 21.10 -16.42 42.49
CA ASP F 10 21.07 -17.86 42.36
C ASP F 10 20.19 -18.29 41.20
N ILE F 11 20.71 -19.16 40.35
CA ILE F 11 19.93 -19.68 39.25
C ILE F 11 19.66 -21.14 39.56
N ILE F 12 18.39 -21.48 39.74
CA ILE F 12 18.01 -22.70 40.43
C ILE F 12 17.35 -23.67 39.46
N ASP F 13 17.94 -24.84 39.30
CA ASP F 13 17.38 -25.88 38.45
C ASP F 13 16.45 -26.73 39.31
N VAL F 14 15.15 -26.41 39.28
CA VAL F 14 14.22 -26.84 40.33
C VAL F 14 13.97 -28.34 40.33
N ALA F 15 14.38 -28.99 41.43
CA ALA F 15 14.14 -30.43 41.64
C ALA F 15 12.66 -30.71 41.80
N ASN F 16 12.15 -31.69 41.05
CA ASN F 16 10.72 -32.03 41.05
C ASN F 16 10.43 -33.52 40.81
N ASP F 17 9.27 -33.97 41.29
CA ASP F 17 8.85 -35.38 41.14
C ASP F 17 8.20 -35.74 39.80
N PHE F 18 8.14 -34.79 38.87
CA PHE F 18 7.51 -35.02 37.57
C PHE F 18 8.37 -35.91 36.66
N LYS F 24 10.52 -33.98 29.08
CA LYS F 24 10.97 -33.59 30.45
C LYS F 24 10.36 -32.31 31.01
N TRP F 25 10.58 -32.10 32.31
CA TRP F 25 10.05 -30.94 33.01
C TRP F 25 11.20 -30.26 33.73
N ARG F 26 11.49 -29.04 33.34
CA ARG F 26 12.62 -28.34 33.94
C ARG F 26 12.33 -26.90 34.32
N PRO F 27 11.54 -26.68 35.40
CA PRO F 27 11.32 -25.33 35.89
C PRO F 27 12.65 -24.74 36.36
N VAL F 28 12.88 -23.47 36.05
CA VAL F 28 14.12 -22.81 36.42
C VAL F 28 13.76 -21.50 37.11
N VAL F 29 14.38 -21.25 38.25
CA VAL F 29 14.05 -20.11 39.08
C VAL F 29 15.27 -19.21 39.24
N VAL F 30 15.04 -17.91 39.19
CA VAL F 30 16.07 -16.89 39.43
C VAL F 30 15.76 -16.27 40.79
N LYS F 31 16.75 -16.32 41.69
CA LYS F 31 16.59 -15.75 43.02
C LYS F 31 17.63 -14.66 43.20
N ILE F 32 17.17 -13.42 43.28
CA ILE F 32 18.06 -12.28 43.32
C ILE F 32 18.13 -11.84 44.78
N ASN F 33 19.33 -11.67 45.30
CA ASN F 33 19.56 -11.34 46.73
C ASN F 33 20.21 -9.94 46.85
N THR F 34 19.80 -9.20 47.87
CA THR F 34 20.25 -7.82 48.07
C THR F 34 21.02 -7.68 49.39
N ASP F 35 21.80 -6.61 49.50
CA ASP F 35 22.49 -6.28 50.76
C ASP F 35 21.56 -6.03 51.94
N GLU F 36 20.29 -5.72 51.66
CA GLU F 36 19.28 -5.50 52.67
C GLU F 36 18.51 -6.76 53.05
N GLY F 37 18.93 -7.90 52.51
CA GLY F 37 18.32 -9.19 52.87
C GLY F 37 16.96 -9.50 52.28
N ILE F 38 16.47 -8.60 51.42
CA ILE F 38 15.30 -8.91 50.59
C ILE F 38 15.72 -9.71 49.35
N SER F 39 15.14 -10.89 49.18
CA SER F 39 15.34 -11.73 48.00
C SER F 39 14.11 -11.76 47.10
N GLY F 40 14.31 -11.68 45.79
CA GLY F 40 13.21 -11.78 44.81
C GLY F 40 13.27 -13.04 43.97
N PHE F 41 12.10 -13.59 43.68
CA PHE F 41 11.95 -14.85 42.95
C PHE F 41 11.27 -14.59 41.61
N GLY F 42 11.82 -15.20 40.57
CA GLY F 42 11.27 -15.16 39.24
C GLY F 42 11.48 -16.50 38.58
N GLU F 43 10.81 -16.71 37.44
CA GLU F 43 10.85 -17.99 36.73
C GLU F 43 11.23 -17.75 35.28
N VAL F 44 12.10 -18.61 34.76
CA VAL F 44 12.54 -18.60 33.38
C VAL F 44 11.65 -19.59 32.65
N GLY F 45 10.87 -19.11 31.69
CA GLY F 45 9.79 -19.96 31.16
C GLY F 45 10.25 -20.81 30.00
N LEU F 46 11.08 -21.82 30.28
CA LEU F 46 11.50 -22.80 29.28
C LEU F 46 11.38 -24.25 29.78
N ALA F 47 10.37 -24.54 30.57
CA ALA F 47 10.33 -25.78 31.35
C ALA F 47 10.07 -27.04 30.51
N TYR F 48 9.54 -26.85 29.31
CA TYR F 48 9.25 -27.92 28.34
C TYR F 48 9.89 -27.46 27.03
N GLY F 49 9.69 -28.23 25.96
CA GLY F 49 10.50 -28.11 24.74
C GLY F 49 11.99 -28.31 24.97
N VAL F 50 12.80 -27.87 24.01
CA VAL F 50 14.26 -28.07 24.05
C VAL F 50 14.91 -26.71 24.29
N GLY F 51 15.65 -26.57 25.39
CA GLY F 51 16.37 -25.32 25.67
C GLY F 51 16.53 -24.85 27.11
N ALA F 52 15.98 -25.58 28.08
CA ALA F 52 16.13 -25.22 29.51
C ALA F 52 17.57 -25.00 30.01
N SER F 53 18.50 -25.83 29.56
CA SER F 53 19.92 -25.63 29.93
C SER F 53 20.44 -24.30 29.42
N ALA F 54 19.92 -23.85 28.29
CA ALA F 54 20.38 -22.59 27.71
C ALA F 54 19.85 -21.41 28.51
N GLY F 55 18.60 -21.53 28.96
CA GLY F 55 18.00 -20.54 29.85
C GLY F 55 18.73 -20.33 31.17
N ILE F 56 19.23 -21.43 31.76
CA ILE F 56 20.10 -21.37 32.93
C ILE F 56 21.38 -20.61 32.63
N GLY F 57 22.06 -20.94 31.53
CA GLY F 57 23.34 -20.26 31.20
C GLY F 57 23.13 -18.80 30.81
N MET F 58 21.97 -18.52 30.19
CA MET F 58 21.57 -17.15 29.84
C MET F 58 21.34 -16.29 31.07
N ALA F 59 20.57 -16.83 32.03
CA ALA F 59 20.30 -16.18 33.31
C ALA F 59 21.59 -15.92 34.07
N LYS F 60 22.50 -16.90 34.03
CA LYS F 60 23.80 -16.78 34.65
C LYS F 60 24.60 -15.65 34.04
N ASP F 61 24.65 -15.61 32.70
CA ASP F 61 25.40 -14.56 32.00
C ASP F 61 24.85 -13.14 32.21
N LEU F 62 23.52 -13.02 32.17
CA LEU F 62 22.83 -11.76 32.45
C LEU F 62 23.00 -11.28 33.89
N SER F 63 22.97 -12.22 34.83
CA SER F 63 23.19 -11.91 36.26
C SER F 63 24.50 -11.19 36.52
N ALA F 64 25.55 -11.58 35.80
CA ALA F 64 26.87 -10.94 35.90
C ALA F 64 26.84 -9.44 35.69
N ILE F 65 25.95 -8.97 34.82
CA ILE F 65 25.90 -7.55 34.50
C ILE F 65 24.99 -6.74 35.43
N ILE F 66 24.21 -7.41 36.28
CA ILE F 66 23.36 -6.71 37.26
C ILE F 66 23.82 -6.69 38.73
N ILE F 67 24.85 -7.47 39.03
CA ILE F 67 25.45 -7.51 40.38
C ILE F 67 25.88 -6.10 40.72
N GLY F 68 25.51 -5.60 41.90
CA GLY F 68 25.85 -4.24 42.29
C GLY F 68 24.85 -3.17 41.90
N MET F 69 23.88 -3.53 41.05
CA MET F 69 22.85 -2.57 40.64
C MET F 69 21.76 -2.47 41.69
N ASP F 70 21.15 -1.28 41.74
CA ASP F 70 19.95 -1.08 42.53
C ASP F 70 18.81 -1.79 41.84
N PRO F 71 18.22 -2.80 42.51
CA PRO F 71 17.15 -3.58 41.90
C PRO F 71 15.83 -2.83 41.75
N MET F 72 15.71 -1.64 42.33
CA MET F 72 14.46 -0.86 42.21
C MET F 72 14.29 -0.28 40.81
N ASN F 73 15.39 -0.18 40.06
CA ASN F 73 15.41 0.42 38.73
C ASN F 73 15.16 -0.62 37.65
N ASN F 74 13.97 -1.24 37.66
CA ASN F 74 13.69 -2.30 36.70
C ASN F 74 13.63 -1.81 35.25
N GLU F 75 13.19 -0.58 35.03
CA GLU F 75 13.23 -0.01 33.67
C GLU F 75 14.65 0.06 33.14
N ALA F 76 15.56 0.65 33.92
CA ALA F 76 16.97 0.77 33.51
C ALA F 76 17.65 -0.59 33.33
N ILE F 77 17.29 -1.57 34.16
CA ILE F 77 17.94 -2.86 34.11
C ILE F 77 17.46 -3.58 32.84
N TRP F 78 16.14 -3.58 32.61
CA TRP F 78 15.55 -4.13 31.38
C TRP F 78 16.22 -3.61 30.12
N GLU F 79 16.32 -2.28 30.03
CA GLU F 79 17.01 -1.64 28.91
C GLU F 79 18.52 -1.98 28.80
N LYS F 80 19.17 -2.20 29.94
CA LYS F 80 20.57 -2.64 29.93
C LYS F 80 20.70 -4.05 29.37
N MET F 81 19.78 -4.92 29.77
CA MET F 81 19.79 -6.27 29.23
C MET F 81 19.48 -6.26 27.71
N LEU F 82 18.57 -5.39 27.28
CA LEU F 82 18.35 -5.19 25.84
C LEU F 82 19.62 -4.69 25.14
N LYS F 83 20.17 -3.59 25.65
CA LYS F 83 21.07 -2.71 24.85
C LYS F 83 22.58 -2.91 25.08
N LYS F 84 22.95 -3.50 26.20
CA LYS F 84 24.39 -3.58 26.58
C LYS F 84 24.94 -4.99 26.55
N THR F 85 24.18 -5.92 25.98
CA THR F 85 24.52 -7.33 25.96
C THR F 85 24.96 -7.76 24.55
N PHE F 86 24.75 -6.89 23.57
CA PHE F 86 24.92 -7.21 22.12
C PHE F 86 23.79 -8.07 21.54
N TRP F 87 23.69 -9.31 22.01
CA TRP F 87 22.68 -10.23 21.51
C TRP F 87 21.23 -9.85 21.83
N GLY F 88 21.02 -9.03 22.86
CA GLY F 88 19.65 -8.55 23.22
C GLY F 88 18.96 -7.89 22.04
N GLN F 89 19.74 -7.09 21.32
CA GLN F 89 19.21 -6.31 20.18
C GLN F 89 18.91 -7.13 18.92
N GLY F 90 19.27 -8.43 18.92
CA GLY F 90 18.75 -9.40 17.93
C GLY F 90 17.54 -10.19 18.39
N GLY F 91 17.26 -10.14 19.68
CA GLY F 91 16.07 -10.79 20.23
C GLY F 91 16.18 -12.30 20.34
N GLY F 92 15.19 -12.92 20.93
CA GLY F 92 15.08 -14.37 20.84
C GLY F 92 14.47 -14.98 22.07
N GLY F 93 13.99 -16.21 21.95
CA GLY F 93 13.22 -16.83 23.03
C GLY F 93 14.03 -17.20 24.26
N ILE F 94 15.24 -17.72 24.05
CA ILE F 94 16.12 -18.05 25.18
C ILE F 94 16.55 -16.77 25.88
N PHE F 95 17.02 -15.80 25.09
CA PHE F 95 17.45 -14.52 25.64
C PHE F 95 16.32 -13.89 26.45
N SER F 96 15.15 -13.80 25.84
CA SER F 96 13.99 -13.23 26.47
C SER F 96 13.55 -13.96 27.74
N ALA F 97 13.59 -15.29 27.74
CA ALA F 97 13.10 -16.06 28.89
C ALA F 97 13.97 -15.83 30.12
N ALA F 98 15.29 -15.71 29.91
CA ALA F 98 16.20 -15.34 31.00
C ALA F 98 16.02 -13.93 31.55
N MET F 99 15.95 -12.94 30.64
CA MET F 99 15.54 -11.58 30.98
CA MET F 99 15.56 -11.60 31.00
C MET F 99 14.27 -11.56 31.81
N SER F 100 13.29 -12.36 31.40
CA SER F 100 12.00 -12.41 32.10
C SER F 100 12.10 -12.87 33.54
N GLY F 101 12.91 -13.90 33.79
CA GLY F 101 13.02 -14.45 35.13
C GLY F 101 13.72 -13.46 36.03
N ILE F 102 14.74 -12.77 35.52
CA ILE F 102 15.41 -11.70 36.27
C ILE F 102 14.46 -10.55 36.56
N ASP F 103 13.70 -10.15 35.54
CA ASP F 103 12.77 -9.04 35.69
C ASP F 103 11.69 -9.32 36.75
N ILE F 104 11.08 -10.50 36.69
CA ILE F 104 10.07 -10.88 37.66
C ILE F 104 10.66 -10.82 39.09
N ALA F 105 11.86 -11.34 39.27
CA ALA F 105 12.53 -11.28 40.58
C ALA F 105 12.71 -9.84 41.07
N LEU F 106 12.95 -8.90 40.14
CA LEU F 106 13.08 -7.48 40.49
C LEU F 106 11.78 -6.86 41.01
N TRP F 107 10.65 -7.23 40.41
CA TRP F 107 9.35 -6.77 40.90
C TRP F 107 9.01 -7.37 42.26
N ASP F 108 9.42 -8.62 42.48
CA ASP F 108 9.23 -9.29 43.77
C ASP F 108 9.90 -8.49 44.87
N ILE F 109 11.14 -8.12 44.63
CA ILE F 109 11.89 -7.27 45.56
C ILE F 109 11.17 -5.96 45.80
N LYS F 110 10.74 -5.33 44.72
CA LYS F 110 10.07 -4.03 44.76
C LYS F 110 8.84 -4.09 45.68
N GLY F 111 8.07 -5.16 45.52
CA GLY F 111 6.85 -5.35 46.30
C GLY F 111 7.16 -5.63 47.76
N LYS F 112 8.19 -6.43 47.99
CA LYS F 112 8.64 -6.76 49.34
C LYS F 112 9.20 -5.52 50.06
N ALA F 113 9.95 -4.70 49.33
CA ALA F 113 10.44 -3.42 49.85
C ALA F 113 9.33 -2.47 50.32
N TRP F 114 8.21 -2.46 49.62
CA TRP F 114 7.14 -1.50 49.90
C TRP F 114 6.01 -2.13 50.71
N GLY F 115 6.06 -3.45 50.88
CA GLY F 115 4.98 -4.22 51.53
C GLY F 115 3.70 -4.33 50.71
N VAL F 116 3.83 -4.41 49.39
CA VAL F 116 2.64 -4.36 48.54
CA VAL F 116 2.67 -4.29 48.48
C VAL F 116 2.62 -5.47 47.50
N PRO F 117 1.41 -6.08 47.29
CA PRO F 117 1.30 -7.10 46.23
C PRO F 117 1.44 -6.52 44.81
N LEU F 118 1.89 -7.38 43.89
CA LEU F 118 2.26 -6.96 42.54
C LEU F 118 1.14 -6.29 41.77
N TYR F 119 -0.08 -6.82 41.84
CA TYR F 119 -1.18 -6.24 41.08
C TYR F 119 -1.36 -4.76 41.39
N LYS F 120 -1.09 -4.35 42.64
CA LYS F 120 -1.26 -2.96 43.03
C LYS F 120 -0.22 -2.08 42.39
N MET F 121 0.99 -2.62 42.22
CA MET F 121 2.05 -1.86 41.57
C MET F 121 1.86 -1.82 40.04
N LEU F 122 0.98 -2.66 39.53
CA LEU F 122 0.66 -2.67 38.10
C LEU F 122 -0.63 -1.95 37.80
N GLY F 123 -1.19 -1.28 38.80
CA GLY F 123 -2.31 -0.37 38.57
C GLY F 123 -3.60 -0.80 39.24
N GLY F 124 -3.55 -1.85 40.03
CA GLY F 124 -4.58 -2.04 41.05
C GLY F 124 -5.47 -3.18 40.63
N LYS F 125 -6.67 -3.25 41.21
CA LYS F 125 -7.49 -4.45 41.09
C LYS F 125 -8.65 -4.15 40.13
N SER F 126 -8.46 -4.47 38.85
CA SER F 126 -9.46 -4.18 37.82
C SER F 126 -10.62 -5.18 37.76
N ARG F 127 -10.49 -6.29 38.48
CA ARG F 127 -11.55 -7.31 38.56
C ARG F 127 -11.33 -8.16 39.82
N GLU F 128 -12.41 -8.71 40.37
CA GLU F 128 -12.35 -9.38 41.67
C GLU F 128 -12.06 -10.86 41.56
N LYS F 129 -12.37 -11.43 40.40
CA LYS F 129 -12.16 -12.84 40.14
C LYS F 129 -11.57 -13.03 38.74
N ILE F 130 -10.83 -14.12 38.59
CA ILE F 130 -10.14 -14.42 37.34
CA ILE F 130 -10.11 -14.43 37.35
C ILE F 130 -10.71 -15.70 36.75
N ARG F 131 -11.45 -15.55 35.65
CA ARG F 131 -12.04 -16.68 34.91
C ARG F 131 -10.96 -17.58 34.33
N THR F 132 -11.18 -18.89 34.42
CA THR F 132 -10.16 -19.88 34.03
C THR F 132 -10.73 -20.87 33.03
N TYR F 133 -9.88 -21.37 32.12
CA TYR F 133 -10.20 -22.59 31.37
C TYR F 133 -9.35 -23.80 31.71
N ALA F 134 -9.93 -25.00 31.58
CA ALA F 134 -9.19 -26.25 31.68
C ALA F 134 -8.45 -26.51 30.36
N SER F 135 -7.12 -26.50 30.43
CA SER F 135 -6.26 -26.44 29.23
C SER F 135 -5.71 -27.80 28.85
N GLN F 136 -5.60 -28.05 27.54
CA GLN F 136 -4.99 -29.26 26.98
C GLN F 136 -5.73 -30.57 27.34
N LEU F 137 -7.01 -30.63 27.00
CA LEU F 137 -7.85 -31.77 27.33
C LEU F 137 -7.48 -33.07 26.64
N GLN F 138 -6.64 -33.00 25.62
CA GLN F 138 -6.16 -34.20 24.93
C GLN F 138 -5.34 -35.11 25.85
N PHE F 139 -4.93 -34.57 27.00
CA PHE F 139 -4.17 -35.32 27.98
C PHE F 139 -5.03 -35.69 29.20
N GLY F 140 -6.34 -35.53 29.05
CA GLY F 140 -7.29 -35.93 30.08
C GLY F 140 -7.60 -34.84 31.07
N TRP F 141 -8.58 -35.10 31.93
CA TRP F 141 -8.88 -34.23 33.05
C TRP F 141 -9.57 -35.07 34.12
N GLY F 142 -9.48 -34.62 35.38
CA GLY F 142 -9.95 -35.42 36.52
C GLY F 142 -8.79 -36.14 37.18
N ASP F 143 -8.97 -36.61 38.41
CA ASP F 143 -7.90 -37.33 39.08
C ASP F 143 -7.76 -38.74 38.52
N GLY F 144 -6.54 -39.28 38.55
CA GLY F 144 -6.23 -40.55 37.90
C GLY F 144 -6.05 -40.47 36.39
N SER F 145 -6.11 -39.26 35.84
CA SER F 145 -5.93 -39.04 34.40
C SER F 145 -4.50 -38.59 34.06
N ASP F 146 -3.54 -38.98 34.90
CA ASP F 146 -2.26 -38.26 35.03
C ASP F 146 -1.33 -38.38 33.83
N LYS F 147 -1.47 -39.45 33.06
CA LYS F 147 -0.91 -39.51 31.71
C LYS F 147 -1.86 -40.20 30.72
N ASP F 148 -3.07 -39.65 30.59
CA ASP F 148 -3.97 -39.99 29.49
C ASP F 148 -3.39 -39.50 28.16
N MET F 149 -3.53 -40.31 27.13
CA MET F 149 -3.30 -39.87 25.77
C MET F 149 -4.58 -40.18 25.01
N LEU F 150 -5.50 -39.23 24.98
CA LEU F 150 -6.85 -39.51 24.49
C LEU F 150 -6.92 -39.60 22.97
N THR F 151 -7.68 -40.59 22.48
CA THR F 151 -7.71 -40.88 21.04
C THR F 151 -9.08 -40.76 20.39
N GLU F 152 -10.13 -41.18 21.11
CA GLU F 152 -11.47 -41.33 20.53
C GLU F 152 -12.30 -40.12 20.89
N PRO F 153 -13.12 -39.62 19.95
CA PRO F 153 -14.04 -38.50 20.22
C PRO F 153 -14.76 -38.56 21.57
N GLU F 154 -15.23 -39.76 21.93
CA GLU F 154 -15.98 -39.97 23.15
C GLU F 154 -15.12 -39.70 24.39
N GLN F 155 -13.87 -40.15 24.38
CA GLN F 155 -12.89 -39.77 25.39
C GLN F 155 -12.68 -38.26 25.55
N TYR F 156 -12.64 -37.53 24.43
CA TYR F 156 -12.53 -36.06 24.46
C TYR F 156 -13.78 -35.42 25.09
N ALA F 157 -14.95 -35.83 24.63
CA ALA F 157 -16.22 -35.41 25.25
C ALA F 157 -16.23 -35.62 26.77
N GLN F 158 -15.92 -36.83 27.20
CA GLN F 158 -15.85 -37.18 28.62
C GLN F 158 -14.93 -36.30 29.44
N ALA F 159 -13.73 -36.04 28.92
CA ALA F 159 -12.77 -35.20 29.63
C ALA F 159 -13.30 -33.78 29.79
N ALA F 160 -13.94 -33.28 28.73
CA ALA F 160 -14.59 -31.94 28.79
C ALA F 160 -15.69 -31.92 29.84
N LEU F 161 -16.48 -32.98 29.86
CA LEU F 161 -17.57 -33.10 30.84
C LEU F 161 -17.06 -33.14 32.28
N THR F 162 -15.94 -33.82 32.50
CA THR F 162 -15.29 -33.84 33.83
C THR F 162 -14.88 -32.44 34.25
N ALA F 163 -14.26 -31.71 33.33
CA ALA F 163 -13.87 -30.33 33.57
C ALA F 163 -15.05 -29.44 33.92
N VAL F 164 -16.15 -29.58 33.17
CA VAL F 164 -17.39 -28.84 33.44
C VAL F 164 -17.92 -29.12 34.86
N SER F 165 -17.90 -30.40 35.25
CA SER F 165 -18.36 -30.78 36.57
C SER F 165 -17.53 -30.17 37.70
N GLU F 166 -16.26 -29.85 37.43
CA GLU F 166 -15.42 -29.15 38.39
C GLU F 166 -15.59 -27.63 38.44
N GLY F 167 -16.47 -27.09 37.60
CA GLY F 167 -16.82 -25.68 37.63
C GLY F 167 -16.21 -24.87 36.50
N TYR F 168 -15.56 -25.56 35.56
CA TYR F 168 -15.00 -24.88 34.38
C TYR F 168 -16.01 -24.68 33.27
N ASP F 169 -16.17 -23.43 32.84
CA ASP F 169 -17.06 -23.13 31.72
C ASP F 169 -16.29 -22.80 30.43
N ALA F 170 -15.02 -23.21 30.39
CA ALA F 170 -14.25 -23.15 29.16
C ALA F 170 -13.18 -24.21 29.19
N ILE F 171 -12.86 -24.73 28.02
CA ILE F 171 -11.83 -25.73 27.85
C ILE F 171 -10.96 -25.33 26.65
N LYS F 172 -9.74 -25.87 26.60
CA LYS F 172 -8.93 -25.83 25.40
C LYS F 172 -8.39 -27.20 25.09
N VAL F 173 -8.25 -27.48 23.79
CA VAL F 173 -7.86 -28.81 23.35
C VAL F 173 -7.21 -28.73 21.98
N ASP F 174 -6.17 -29.52 21.79
CA ASP F 174 -5.60 -29.80 20.48
C ASP F 174 -6.12 -31.17 20.08
N THR F 175 -7.04 -31.22 19.11
CA THR F 175 -7.65 -32.48 18.70
C THR F 175 -6.97 -33.07 17.46
N VAL F 176 -5.92 -32.39 16.98
CA VAL F 176 -5.26 -32.82 15.74
C VAL F 176 -3.95 -33.60 15.94
N ALA F 177 -3.21 -33.25 16.98
CA ALA F 177 -1.82 -33.69 17.10
C ALA F 177 -1.66 -35.11 17.66
N MET F 178 -2.73 -35.68 18.20
CA MET F 178 -2.72 -37.09 18.59
C MET F 178 -3.23 -37.87 17.39
N ASP F 179 -2.46 -38.86 16.93
CA ASP F 179 -3.00 -39.80 15.97
C ASP F 179 -3.98 -40.81 16.61
N ARG F 180 -4.59 -41.68 15.80
CA ARG F 180 -5.59 -42.62 16.29
C ARG F 180 -5.00 -43.66 17.25
N HIS F 181 -3.69 -43.86 17.17
CA HIS F 181 -2.97 -44.81 18.02
C HIS F 181 -2.38 -44.23 19.31
N GLY F 182 -2.53 -42.93 19.51
CA GLY F 182 -2.05 -42.31 20.74
C GLY F 182 -0.64 -41.73 20.66
N ASN F 183 -0.15 -41.52 19.44
CA ASN F 183 1.16 -40.93 19.23
C ASN F 183 1.05 -39.41 19.06
N TRP F 184 1.91 -38.67 19.76
CA TRP F 184 1.75 -37.24 19.89
C TRP F 184 2.70 -36.54 18.93
N ASN F 185 2.12 -35.77 18.01
CA ASN F 185 2.87 -34.93 17.06
C ASN F 185 3.86 -35.70 16.20
N GLN F 186 3.38 -36.76 15.57
CA GLN F 186 4.26 -37.59 14.76
C GLN F 186 3.82 -37.71 13.31
N GLN F 187 2.76 -37.00 12.94
CA GLN F 187 2.40 -36.90 11.53
C GLN F 187 2.85 -35.56 10.96
N ASN F 188 3.18 -35.55 9.67
CA ASN F 188 3.45 -34.29 8.99
C ASN F 188 2.14 -33.55 8.75
N LEU F 189 1.96 -32.45 9.48
CA LEU F 189 0.74 -31.66 9.35
C LEU F 189 0.93 -30.38 8.51
N ASN F 190 1.94 -30.37 7.66
CA ASN F 190 2.19 -29.25 6.75
C ASN F 190 1.61 -29.49 5.36
N GLY F 191 1.11 -28.42 4.75
CA GLY F 191 0.65 -28.46 3.35
C GLY F 191 -0.81 -28.87 3.34
N PRO F 192 -1.39 -29.06 2.13
CA PRO F 192 -2.75 -29.58 2.02
C PRO F 192 -2.84 -31.04 2.47
N LEU F 193 -3.86 -31.39 3.25
CA LEU F 193 -3.87 -32.68 3.93
C LEU F 193 -5.06 -33.51 3.49
N THR F 194 -4.87 -34.83 3.45
CA THR F 194 -5.99 -35.73 3.14
C THR F 194 -7.03 -35.59 4.24
N ASP F 195 -8.30 -35.72 3.85
CA ASP F 195 -9.42 -35.44 4.72
C ASP F 195 -9.36 -36.22 6.03
N LYS F 196 -8.90 -37.47 5.97
CA LYS F 196 -8.88 -38.33 7.17
C LYS F 196 -8.04 -37.78 8.31
N ILE F 197 -6.93 -37.14 7.97
CA ILE F 197 -6.03 -36.55 8.96
C ILE F 197 -6.75 -35.49 9.79
N LEU F 198 -7.56 -34.67 9.15
CA LEU F 198 -8.23 -33.58 9.85
C LEU F 198 -9.66 -33.93 10.29
N ARG F 199 -10.26 -34.93 9.66
CA ARG F 199 -11.60 -35.41 10.02
C ARG F 199 -11.61 -35.93 11.47
N LEU F 200 -10.55 -36.65 11.85
CA LEU F 200 -10.38 -37.12 13.22
C LEU F 200 -10.41 -35.96 14.23
N GLY F 201 -9.55 -34.97 14.00
CA GLY F 201 -9.63 -33.72 14.74
C GLY F 201 -11.01 -33.11 14.83
N TYR F 202 -11.70 -33.02 13.69
CA TYR F 202 -13.02 -32.39 13.67
C TYR F 202 -14.00 -33.20 14.49
N ASP F 203 -13.96 -34.52 14.30
CA ASP F 203 -14.86 -35.43 15.02
C ASP F 203 -14.69 -35.34 16.52
N ARG F 204 -13.44 -35.30 16.98
CA ARG F 204 -13.15 -35.07 18.40
C ARG F 204 -13.70 -33.75 18.93
N MET F 205 -13.54 -32.68 18.14
CA MET F 205 -13.96 -31.35 18.54
C MET F 205 -15.50 -31.27 18.57
N ALA F 206 -16.14 -31.85 17.56
CA ALA F 206 -17.60 -31.87 17.48
C ALA F 206 -18.21 -32.69 18.62
N ALA F 207 -17.51 -33.76 19.02
CA ALA F 207 -17.92 -34.56 20.18
C ALA F 207 -17.91 -33.71 21.43
N ILE F 208 -16.87 -32.89 21.60
CA ILE F 208 -16.82 -32.01 22.75
C ILE F 208 -18.02 -31.05 22.75
N ARG F 209 -18.23 -30.37 21.63
CA ARG F 209 -19.27 -29.36 21.56
C ARG F 209 -20.65 -29.95 21.85
N ASP F 210 -20.93 -31.10 21.23
CA ASP F 210 -22.18 -31.84 21.49
C ASP F 210 -22.38 -32.19 22.96
N ALA F 211 -21.29 -32.54 23.63
CA ALA F 211 -21.36 -32.93 25.04
C ALA F 211 -21.61 -31.76 25.98
N VAL F 212 -20.99 -30.61 25.69
CA VAL F 212 -21.00 -29.51 26.65
C VAL F 212 -22.07 -28.47 26.39
N GLY F 213 -22.61 -28.47 25.18
CA GLY F 213 -23.62 -27.49 24.77
C GLY F 213 -22.98 -26.16 24.43
N PRO F 214 -23.80 -25.14 24.16
CA PRO F 214 -23.35 -23.85 23.59
C PRO F 214 -22.66 -22.91 24.58
N ASP F 215 -22.84 -23.14 25.88
CA ASP F 215 -22.48 -22.14 26.89
C ASP F 215 -21.19 -22.49 27.63
N VAL F 216 -20.51 -23.53 27.15
CA VAL F 216 -19.11 -23.79 27.53
C VAL F 216 -18.21 -23.44 26.34
N ASP F 217 -17.23 -22.56 26.56
CA ASP F 217 -16.34 -22.13 25.47
C ASP F 217 -15.26 -23.16 25.14
N ILE F 218 -14.97 -23.30 23.85
CA ILE F 218 -13.92 -24.20 23.39
C ILE F 218 -12.84 -23.41 22.63
N ILE F 219 -11.60 -23.51 23.10
CA ILE F 219 -10.44 -22.99 22.36
C ILE F 219 -9.77 -24.13 21.63
N ALA F 220 -9.53 -23.94 20.33
CA ALA F 220 -8.85 -24.95 19.51
C ALA F 220 -7.37 -24.59 19.46
N GLU F 221 -6.52 -25.47 19.98
CA GLU F 221 -5.10 -25.22 20.05
C GLU F 221 -4.40 -26.08 19.00
N MET F 222 -3.49 -25.47 18.24
CA MET F 222 -2.76 -26.14 17.17
C MET F 222 -1.25 -26.24 17.39
N HIS F 223 -0.74 -25.54 18.41
CA HIS F 223 0.69 -25.62 18.80
C HIS F 223 1.70 -25.27 17.69
N ALA F 224 1.21 -24.60 16.65
CA ALA F 224 1.99 -24.36 15.42
C ALA F 224 2.59 -25.62 14.78
N PHE F 225 1.87 -26.75 14.89
CA PHE F 225 2.28 -28.01 14.25
C PHE F 225 1.75 -27.98 12.80
N THR F 226 0.73 -27.16 12.59
CA THR F 226 0.20 -26.93 11.24
C THR F 226 1.03 -25.84 10.58
N ASP F 227 0.94 -25.73 9.26
CA ASP F 227 1.38 -24.53 8.56
C ASP F 227 0.16 -23.73 8.06
N THR F 228 0.39 -22.72 7.22
CA THR F 228 -0.71 -21.88 6.74
C THR F 228 -1.84 -22.66 6.06
N THR F 229 -1.48 -23.54 5.14
CA THR F 229 -2.47 -24.26 4.33
C THR F 229 -3.36 -25.19 5.19
N SER F 230 -2.74 -26.02 6.03
CA SER F 230 -3.46 -26.93 6.93
C SER F 230 -4.21 -26.24 8.07
N ALA F 231 -3.67 -25.13 8.58
CA ALA F 231 -4.39 -24.32 9.59
C ALA F 231 -5.70 -23.78 9.02
N ILE F 232 -5.66 -23.38 7.75
CA ILE F 232 -6.84 -22.84 7.09
C ILE F 232 -7.81 -23.97 6.81
N GLN F 233 -7.29 -25.11 6.37
CA GLN F 233 -8.13 -26.28 6.08
C GLN F 233 -8.88 -26.70 7.34
N PHE F 234 -8.17 -26.80 8.46
CA PHE F 234 -8.78 -27.20 9.73
C PHE F 234 -9.69 -26.13 10.29
N GLY F 235 -9.26 -24.87 10.24
CA GLY F 235 -10.05 -23.79 10.82
C GLY F 235 -11.42 -23.68 10.15
N ARG F 236 -11.43 -23.88 8.84
CA ARG F 236 -12.65 -23.84 8.07
C ARG F 236 -13.61 -24.97 8.45
N MET F 237 -13.06 -26.13 8.75
CA MET F 237 -13.83 -27.30 9.17
C MET F 237 -14.54 -27.07 10.50
N ILE F 238 -13.83 -26.46 11.47
CA ILE F 238 -14.38 -26.26 12.82
C ILE F 238 -15.13 -24.94 13.06
N GLU F 239 -15.19 -24.07 12.05
CA GLU F 239 -15.92 -22.82 12.15
C GLU F 239 -17.31 -22.97 12.76
N GLU F 240 -18.04 -24.01 12.34
CA GLU F 240 -19.44 -24.20 12.71
C GLU F 240 -19.62 -24.61 14.17
N LEU F 241 -18.53 -24.99 14.84
CA LEU F 241 -18.62 -25.47 16.22
C LEU F 241 -18.55 -24.36 17.27
N GLY F 242 -18.45 -23.11 16.85
CA GLY F 242 -18.48 -21.99 17.80
C GLY F 242 -17.20 -21.92 18.63
N ILE F 243 -16.08 -21.70 17.95
CA ILE F 243 -14.76 -21.74 18.58
C ILE F 243 -14.42 -20.37 19.17
N PHE F 244 -14.02 -20.37 20.45
CA PHE F 244 -13.83 -19.14 21.24
C PHE F 244 -12.65 -18.34 20.64
N TYR F 245 -11.51 -19.00 20.54
CA TYR F 245 -10.44 -18.56 19.64
C TYR F 245 -9.57 -19.73 19.19
N TYR F 246 -8.77 -19.48 18.15
CA TYR F 246 -8.03 -20.51 17.42
C TYR F 246 -6.55 -20.23 17.67
N GLU F 247 -5.87 -21.09 18.42
CA GLU F 247 -4.58 -20.72 19.03
C GLU F 247 -3.36 -21.23 18.24
N GLU F 248 -2.40 -20.34 17.97
CA GLU F 248 -1.16 -20.68 17.27
C GLU F 248 -1.38 -21.52 16.01
N PRO F 249 -2.23 -21.06 15.09
CA PRO F 249 -2.42 -21.88 13.89
C PRO F 249 -1.13 -22.01 13.06
N VAL F 250 -0.22 -21.05 13.21
CA VAL F 250 1.01 -21.10 12.45
C VAL F 250 2.09 -20.42 13.31
N MET F 251 3.35 -20.72 13.05
CA MET F 251 4.47 -20.05 13.75
C MET F 251 4.56 -18.57 13.38
N PRO F 252 5.18 -17.76 14.28
CA PRO F 252 5.24 -16.31 14.06
C PRO F 252 6.35 -15.76 13.19
N LEU F 253 7.20 -16.61 12.62
CA LEU F 253 8.45 -16.14 12.03
C LEU F 253 8.23 -15.21 10.82
N ASN F 254 7.17 -15.48 10.05
CA ASN F 254 6.68 -14.54 9.00
C ASN F 254 5.24 -14.16 9.37
N PRO F 255 5.04 -12.95 9.94
CA PRO F 255 3.71 -12.51 10.40
C PRO F 255 2.62 -12.49 9.30
N ALA F 256 3.01 -12.49 8.03
CA ALA F 256 2.04 -12.51 6.95
C ALA F 256 1.26 -13.82 6.92
N GLN F 257 1.89 -14.89 7.41
CA GLN F 257 1.27 -16.18 7.46
C GLN F 257 0.09 -16.19 8.40
N MET F 258 0.25 -15.61 9.60
CA MET F 258 -0.87 -15.42 10.54
C MET F 258 -2.01 -14.60 9.93
N LYS F 259 -1.65 -13.55 9.21
CA LYS F 259 -2.62 -12.72 8.48
C LYS F 259 -3.39 -13.51 7.44
N GLN F 260 -2.70 -14.37 6.69
CA GLN F 260 -3.36 -15.23 5.71
C GLN F 260 -4.38 -16.17 6.38
N VAL F 261 -4.00 -16.75 7.52
CA VAL F 261 -4.98 -17.57 8.27
C VAL F 261 -6.19 -16.74 8.70
N ALA F 262 -5.92 -15.57 9.26
CA ALA F 262 -6.98 -14.65 9.73
C ALA F 262 -7.96 -14.32 8.60
N ASP F 263 -7.44 -14.07 7.39
CA ASP F 263 -8.28 -13.72 6.24
C ASP F 263 -9.17 -14.88 5.81
N LYS F 264 -8.72 -16.10 6.01
CA LYS F 264 -9.40 -17.25 5.38
C LYS F 264 -10.18 -18.08 6.39
N VAL F 265 -10.02 -17.75 7.68
CA VAL F 265 -10.68 -18.50 8.76
C VAL F 265 -11.48 -17.52 9.59
N ASN F 266 -12.77 -17.81 9.79
CA ASN F 266 -13.67 -16.91 10.49
C ASN F 266 -13.80 -17.33 11.96
N ILE F 267 -12.66 -17.40 12.63
CA ILE F 267 -12.53 -17.63 14.07
C ILE F 267 -11.45 -16.64 14.52
N PRO F 268 -11.68 -15.93 15.64
CA PRO F 268 -10.61 -15.06 16.21
C PRO F 268 -9.30 -15.83 16.45
N LEU F 269 -8.16 -15.27 16.06
CA LEU F 269 -6.90 -15.97 16.29
C LEU F 269 -6.26 -15.55 17.60
N ALA F 270 -5.50 -16.47 18.20
CA ALA F 270 -4.70 -16.15 19.37
C ALA F 270 -3.27 -16.62 19.14
N ALA F 271 -2.32 -15.89 19.68
CA ALA F 271 -0.95 -16.36 19.71
C ALA F 271 -0.20 -15.48 20.67
N GLY F 272 1.00 -15.92 21.04
CA GLY F 272 1.91 -15.05 21.75
C GLY F 272 2.93 -15.70 22.64
N GLU F 273 2.75 -16.97 22.96
CA GLU F 273 3.73 -17.66 23.79
C GLU F 273 5.12 -17.77 23.16
N ARG F 274 5.18 -17.71 21.82
CA ARG F 274 6.44 -17.64 21.10
C ARG F 274 6.67 -16.33 20.37
N ILE F 275 6.10 -15.25 20.90
CA ILE F 275 6.24 -13.90 20.35
C ILE F 275 6.70 -13.04 21.52
N TYR F 276 7.83 -12.34 21.35
CA TYR F 276 8.55 -11.75 22.49
C TYR F 276 8.70 -10.23 22.36
N TRP F 277 8.37 -9.53 23.46
CA TRP F 277 8.53 -8.08 23.61
C TRP F 277 7.53 -7.26 22.79
N ARG F 278 7.46 -5.96 23.07
CA ARG F 278 6.69 -5.05 22.23
C ARG F 278 7.06 -5.22 20.75
N TRP F 279 8.36 -5.32 20.46
CA TRP F 279 8.83 -5.43 19.08
C TRP F 279 8.27 -6.68 18.38
N GLY F 280 8.10 -7.78 19.13
CA GLY F 280 7.61 -9.03 18.54
C GLY F 280 6.13 -8.96 18.21
N TYR F 281 5.36 -8.30 19.07
CA TYR F 281 3.92 -8.12 18.85
C TYR F 281 3.58 -7.11 17.80
N ARG F 282 4.47 -6.14 17.61
CA ARG F 282 4.18 -5.01 16.72
C ARG F 282 3.62 -5.42 15.32
N PRO F 283 4.30 -6.33 14.59
CA PRO F 283 3.75 -6.66 13.26
C PRO F 283 2.36 -7.29 13.28
N PHE F 284 2.06 -8.05 14.33
CA PHE F 284 0.73 -8.69 14.45
C PHE F 284 -0.35 -7.71 14.85
N LEU F 285 0.05 -6.62 15.50
CA LEU F 285 -0.89 -5.57 15.86
C LEU F 285 -1.21 -4.79 14.61
N GLU F 286 -0.17 -4.47 13.85
CA GLU F 286 -0.29 -3.65 12.64
C GLU F 286 -0.96 -4.37 11.51
N ASN F 287 -0.73 -5.68 11.38
CA ASN F 287 -1.36 -6.42 10.30
C ASN F 287 -2.74 -6.98 10.67
N GLY F 288 -3.18 -6.78 11.92
CA GLY F 288 -4.55 -7.11 12.33
C GLY F 288 -4.89 -8.59 12.41
N SER F 289 -3.88 -9.45 12.47
CA SER F 289 -4.12 -10.91 12.41
C SER F 289 -4.63 -11.57 13.70
N LEU F 290 -4.25 -11.02 14.86
CA LEU F 290 -4.54 -11.65 16.17
C LEU F 290 -5.73 -10.93 16.80
N SER F 291 -6.66 -11.68 17.39
CA SER F 291 -7.68 -11.07 18.22
C SER F 291 -7.30 -11.14 19.71
N VAL F 292 -6.64 -12.22 20.10
CA VAL F 292 -6.28 -12.44 21.51
C VAL F 292 -4.76 -12.62 21.56
N ILE F 293 -4.11 -11.94 22.49
CA ILE F 293 -2.67 -12.15 22.66
C ILE F 293 -2.37 -12.95 23.91
N GLN F 294 -1.31 -13.77 23.84
CA GLN F 294 -0.95 -14.73 24.90
C GLN F 294 0.51 -14.70 25.35
N PRO F 295 1.04 -13.52 25.76
CA PRO F 295 2.42 -13.55 26.19
C PRO F 295 2.55 -14.37 27.49
N ASP F 296 3.63 -15.12 27.59
CA ASP F 296 4.07 -15.73 28.84
C ASP F 296 4.96 -14.72 29.58
N ILE F 297 4.62 -14.39 30.82
CA ILE F 297 5.42 -13.42 31.57
C ILE F 297 6.83 -13.94 31.80
N CYS F 298 6.96 -15.27 31.95
CA CYS F 298 8.24 -15.93 32.16
C CYS F 298 9.06 -16.20 30.89
N THR F 299 8.45 -16.04 29.73
CA THR F 299 9.19 -16.21 28.46
C THR F 299 9.36 -14.91 27.68
N CYS F 300 8.33 -14.07 27.67
CA CYS F 300 8.21 -13.08 26.60
C CYS F 300 8.59 -11.69 27.05
N GLY F 301 9.30 -11.60 28.18
CA GLY F 301 9.99 -10.35 28.59
C GLY F 301 9.84 -9.93 30.06
N GLY F 302 9.04 -10.66 30.82
CA GLY F 302 8.92 -10.35 32.25
C GLY F 302 7.76 -9.42 32.51
N ILE F 303 7.67 -8.93 33.74
CA ILE F 303 6.56 -8.06 34.12
C ILE F 303 6.67 -6.70 33.44
N THR F 304 7.86 -6.13 33.47
CA THR F 304 8.05 -4.79 32.92
C THR F 304 7.60 -4.76 31.47
N GLU F 305 7.99 -5.77 30.71
CA GLU F 305 7.72 -5.75 29.29
C GLU F 305 6.28 -6.25 28.94
N VAL F 306 5.81 -7.28 29.61
CA VAL F 306 4.47 -7.81 29.27
C VAL F 306 3.36 -6.82 29.63
N LYS F 307 3.55 -6.02 30.69
CA LYS F 307 2.63 -4.90 30.94
C LYS F 307 2.55 -3.94 29.75
N LYS F 308 3.70 -3.60 29.17
CA LYS F 308 3.76 -2.73 27.98
C LYS F 308 3.15 -3.38 26.74
N ILE F 309 3.44 -4.65 26.50
CA ILE F 309 2.69 -5.43 25.50
C ILE F 309 1.18 -5.28 25.66
N CYS F 310 0.65 -5.54 26.85
CA CYS F 310 -0.81 -5.53 27.07
C CYS F 310 -1.40 -4.15 26.82
N ASP F 311 -0.68 -3.10 27.23
CA ASP F 311 -1.10 -1.70 27.01
C ASP F 311 -1.15 -1.29 25.53
N MET F 312 -0.13 -1.68 24.79
CA MET F 312 -0.05 -1.45 23.35
C MET F 312 -1.13 -2.19 22.60
N ALA F 313 -1.35 -3.45 22.96
CA ALA F 313 -2.39 -4.27 22.33
C ALA F 313 -3.82 -3.71 22.48
N HIS F 314 -4.08 -3.00 23.58
CA HIS F 314 -5.40 -2.42 23.84
C HIS F 314 -5.81 -1.37 22.77
N VAL F 315 -4.82 -0.65 22.24
CA VAL F 315 -5.06 0.30 21.11
C VAL F 315 -5.68 -0.37 19.84
N TYR F 316 -5.34 -1.64 19.64
CA TYR F 316 -5.84 -2.40 18.50
C TYR F 316 -6.90 -3.40 18.99
N ASP F 317 -7.50 -3.10 20.14
CA ASP F 317 -8.64 -3.90 20.66
C ASP F 317 -8.30 -5.38 20.84
N LYS F 318 -7.11 -5.69 21.34
CA LYS F 318 -6.79 -7.10 21.65
C LYS F 318 -7.11 -7.32 23.11
N THR F 319 -7.60 -8.52 23.43
CA THR F 319 -7.69 -8.94 24.83
C THR F 319 -6.59 -9.94 25.10
N VAL F 320 -6.37 -10.23 26.38
CA VAL F 320 -5.15 -10.86 26.80
C VAL F 320 -5.49 -12.11 27.58
N GLN F 321 -4.93 -13.23 27.15
CA GLN F 321 -4.82 -14.43 28.01
C GLN F 321 -3.33 -14.72 28.22
N ILE F 322 -2.82 -14.42 29.42
CA ILE F 322 -1.43 -14.75 29.72
C ILE F 322 -1.20 -16.25 29.50
N HIS F 323 -0.10 -16.58 28.83
CA HIS F 323 0.28 -17.98 28.69
C HIS F 323 0.96 -18.48 29.98
N VAL F 324 0.51 -19.63 30.50
CA VAL F 324 1.01 -20.13 31.77
C VAL F 324 1.31 -21.61 31.56
N CYS F 325 2.59 -21.98 31.63
CA CYS F 325 2.95 -23.41 31.64
C CYS F 325 4.30 -23.61 32.36
N GLY F 326 4.30 -23.34 33.65
CA GLY F 326 5.48 -23.61 34.47
C GLY F 326 5.05 -23.91 35.89
N GLY F 327 5.81 -23.42 36.85
CA GLY F 327 5.53 -23.68 38.25
C GLY F 327 4.55 -22.68 38.83
N PRO F 328 4.28 -22.77 40.15
CA PRO F 328 3.51 -21.81 40.92
C PRO F 328 3.92 -20.34 40.77
N ILE F 329 5.21 -20.08 40.53
CA ILE F 329 5.65 -18.69 40.39
C ILE F 329 5.04 -18.08 39.14
N SER F 330 5.01 -18.87 38.06
CA SER F 330 4.38 -18.45 36.81
C SER F 330 2.88 -18.13 36.97
N THR F 331 2.16 -19.01 37.68
CA THR F 331 0.77 -18.78 37.96
C THR F 331 0.53 -17.49 38.74
N ALA F 332 1.29 -17.30 39.81
CA ALA F 332 1.19 -16.11 40.64
C ALA F 332 1.33 -14.81 39.80
N VAL F 333 2.42 -14.71 39.02
CA VAL F 333 2.64 -13.49 38.27
C VAL F 333 1.54 -13.27 37.21
N ALA F 334 1.05 -14.36 36.64
CA ALA F 334 -0.06 -14.27 35.69
C ALA F 334 -1.29 -13.66 36.34
N LEU F 335 -1.66 -14.19 37.52
CA LEU F 335 -2.79 -13.67 38.28
C LEU F 335 -2.72 -12.16 38.57
N HIS F 336 -1.53 -11.67 38.96
CA HIS F 336 -1.34 -10.24 39.23
C HIS F 336 -1.53 -9.39 37.98
N MET F 337 -0.91 -9.81 36.87
CA MET F 337 -1.06 -9.08 35.59
C MET F 337 -2.52 -9.06 35.18
N GLU F 338 -3.17 -10.21 35.24
CA GLU F 338 -4.56 -10.36 34.77
C GLU F 338 -5.59 -9.63 35.62
N THR F 339 -5.23 -9.32 36.86
CA THR F 339 -6.08 -8.58 37.80
C THR F 339 -6.01 -7.12 37.49
N ALA F 340 -4.81 -6.62 37.16
CA ALA F 340 -4.60 -5.20 36.92
C ALA F 340 -5.05 -4.71 35.54
N ILE F 341 -4.78 -5.50 34.49
CA ILE F 341 -5.02 -4.98 33.12
C ILE F 341 -6.52 -4.85 32.78
N PRO F 342 -6.90 -3.79 32.04
CA PRO F 342 -8.30 -3.68 31.55
C PRO F 342 -8.70 -4.80 30.57
N ASN F 343 -7.76 -5.21 29.71
CA ASN F 343 -8.11 -6.04 28.55
C ASN F 343 -7.83 -7.52 28.73
N PHE F 344 -8.26 -8.05 29.86
CA PHE F 344 -8.13 -9.46 30.17
C PHE F 344 -9.32 -10.22 29.59
N VAL F 345 -9.11 -11.41 29.04
CA VAL F 345 -10.26 -12.31 28.73
C VAL F 345 -10.39 -13.54 29.66
N ILE F 346 -9.31 -14.32 29.79
CA ILE F 346 -9.38 -15.65 30.41
C ILE F 346 -8.00 -16.16 30.82
N HIS F 347 -7.96 -17.01 31.85
CA HIS F 347 -6.72 -17.57 32.40
C HIS F 347 -6.64 -19.03 32.01
N GLU F 348 -5.41 -19.47 31.74
CA GLU F 348 -5.14 -20.86 31.34
C GLU F 348 -4.73 -21.71 32.54
N LEU F 349 -5.52 -22.75 32.81
CA LEU F 349 -5.16 -23.73 33.84
C LEU F 349 -4.81 -25.11 33.27
N HIS F 350 -3.56 -25.55 33.49
CA HIS F 350 -3.18 -26.92 33.22
C HIS F 350 -3.46 -27.80 34.43
N ARG F 351 -3.74 -29.08 34.16
CA ARG F 351 -4.04 -30.06 35.20
C ARG F 351 -2.86 -30.29 36.15
N TYR F 352 -1.65 -30.36 35.59
CA TYR F 352 -0.45 -30.64 36.39
C TYR F 352 -0.23 -29.57 37.46
N ALA F 353 -0.72 -28.35 37.20
CA ALA F 353 -0.48 -27.21 38.08
C ALA F 353 -1.20 -27.35 39.42
N LEU F 354 -2.23 -28.19 39.42
CA LEU F 354 -3.00 -28.48 40.63
C LEU F 354 -2.34 -29.56 41.50
N LEU F 355 -1.37 -30.26 40.91
CA LEU F 355 -0.88 -31.53 41.44
C LEU F 355 0.32 -31.33 42.34
N GLU F 356 0.44 -32.19 43.35
CA GLU F 356 1.48 -32.10 44.38
C GLU F 356 2.92 -31.87 43.89
N PRO F 357 3.39 -32.61 42.85
CA PRO F 357 4.77 -32.36 42.42
C PRO F 357 5.03 -30.97 41.88
N ASN F 358 3.98 -30.27 41.44
CA ASN F 358 4.08 -28.85 41.09
C ASN F 358 3.98 -27.95 42.32
N THR F 359 2.92 -28.13 43.10
CA THR F 359 2.56 -27.17 44.16
C THR F 359 3.55 -27.21 45.33
N GLN F 360 4.06 -28.38 45.64
CA GLN F 360 4.97 -28.59 46.76
C GLN F 360 6.33 -27.93 46.58
N THR F 361 6.66 -27.52 45.35
CA THR F 361 7.92 -26.78 45.13
C THR F 361 7.92 -25.39 45.77
N CYS F 362 6.73 -24.84 46.02
CA CYS F 362 6.58 -23.46 46.45
C CYS F 362 5.90 -23.31 47.79
N LYS F 363 6.11 -22.16 48.41
CA LYS F 363 5.69 -21.91 49.78
C LYS F 363 4.18 -21.75 49.97
N TYR F 364 3.47 -21.20 48.98
CA TYR F 364 2.04 -20.92 49.13
C TYR F 364 1.23 -21.59 48.06
N ASN F 365 -0.03 -21.86 48.38
CA ASN F 365 -0.84 -22.70 47.52
C ASN F 365 -2.13 -22.05 47.08
N TYR F 366 -2.05 -21.33 45.95
CA TYR F 366 -3.21 -20.67 45.35
C TYR F 366 -3.90 -21.60 44.38
N LEU F 367 -5.16 -21.90 44.64
CA LEU F 367 -5.90 -22.90 43.87
C LEU F 367 -7.23 -22.33 43.39
N PRO F 368 -7.68 -22.72 42.19
CA PRO F 368 -8.93 -22.12 41.75
C PRO F 368 -10.13 -22.80 42.43
N LYS F 369 -11.27 -22.12 42.47
CA LYS F 369 -12.50 -22.70 43.04
C LYS F 369 -13.67 -22.33 42.14
N ASN F 370 -14.42 -23.34 41.69
CA ASN F 370 -15.47 -23.18 40.68
C ASN F 370 -15.01 -22.37 39.47
N GLY F 371 -13.85 -22.73 38.93
CA GLY F 371 -13.33 -22.15 37.69
C GLY F 371 -12.79 -20.72 37.78
N MET F 372 -12.62 -20.22 39.00
CA MET F 372 -12.11 -18.84 39.25
C MET F 372 -10.91 -18.83 40.18
N TYR F 373 -9.98 -17.95 39.90
CA TYR F 373 -8.87 -17.68 40.81
C TYR F 373 -9.14 -16.36 41.53
N GLU F 374 -8.46 -16.18 42.66
CA GLU F 374 -8.29 -14.85 43.22
C GLU F 374 -6.79 -14.59 43.30
N VAL F 375 -6.45 -13.30 43.33
CA VAL F 375 -5.06 -12.87 43.23
C VAL F 375 -4.38 -13.01 44.62
N PRO F 376 -3.07 -13.34 44.65
CA PRO F 376 -2.27 -13.20 45.89
C PRO F 376 -2.31 -11.80 46.52
N GLU F 377 -2.22 -11.75 47.85
CA GLU F 377 -2.24 -10.47 48.55
C GLU F 377 -0.97 -10.13 49.35
N LEU F 378 -0.02 -11.06 49.40
CA LEU F 378 1.22 -10.86 50.15
C LEU F 378 2.13 -9.93 49.36
N PRO F 379 3.11 -9.29 50.04
CA PRO F 379 4.08 -8.45 49.34
C PRO F 379 4.81 -9.10 48.15
N GLY F 380 5.04 -8.30 47.11
CA GLY F 380 5.70 -8.78 45.90
C GLY F 380 4.81 -9.71 45.11
N ILE F 381 5.41 -10.75 44.52
CA ILE F 381 4.64 -11.68 43.71
C ILE F 381 3.80 -12.65 44.55
N GLY F 382 4.14 -12.75 45.84
CA GLY F 382 3.37 -13.57 46.79
C GLY F 382 3.61 -15.05 46.64
N GLN F 383 4.80 -15.40 46.17
CA GLN F 383 5.16 -16.79 45.92
C GLN F 383 6.67 -16.94 45.92
N GLU F 384 7.12 -18.09 46.42
CA GLU F 384 8.54 -18.35 46.69
C GLU F 384 8.73 -19.85 46.64
N LEU F 385 9.91 -20.30 46.24
CA LEU F 385 10.29 -21.70 46.51
C LEU F 385 10.34 -21.95 48.02
N THR F 386 10.07 -23.19 48.44
CA THR F 386 10.32 -23.61 49.82
C THR F 386 11.81 -23.84 50.01
N GLU F 387 12.25 -23.74 51.27
CA GLU F 387 13.63 -24.03 51.66
C GLU F 387 14.10 -25.43 51.29
N GLU F 388 13.19 -26.40 51.42
CA GLU F 388 13.49 -27.80 51.10
C GLU F 388 13.83 -27.99 49.61
N THR F 389 13.06 -27.35 48.75
CA THR F 389 13.27 -27.40 47.31
C THR F 389 14.60 -26.74 46.95
N MET F 390 14.88 -25.59 47.58
CA MET F 390 16.12 -24.90 47.30
C MET F 390 17.33 -25.72 47.78
N LYS F 391 17.14 -26.44 48.88
CA LYS F 391 18.18 -27.33 49.42
C LYS F 391 18.61 -28.42 48.43
N LYS F 392 17.65 -29.01 47.74
CA LYS F 392 17.94 -30.14 46.86
C LYS F 392 18.05 -29.83 45.36
N SER F 393 18.07 -28.55 45.02
CA SER F 393 18.06 -28.11 43.62
C SER F 393 19.42 -27.61 43.21
N PRO F 394 20.02 -28.21 42.15
CA PRO F 394 21.31 -27.73 41.64
C PRO F 394 21.27 -26.24 41.29
N THR F 395 22.26 -25.49 41.76
CA THR F 395 22.16 -24.04 41.78
C THR F 395 23.50 -23.44 41.35
N ILE F 396 23.45 -22.47 40.44
CA ILE F 396 24.60 -21.64 40.14
C ILE F 396 24.41 -20.31 40.85
N THR F 397 25.46 -19.84 41.50
CA THR F 397 25.41 -18.56 42.18
C THR F 397 26.35 -17.58 41.51
N VAL F 398 25.80 -16.47 41.07
CA VAL F 398 26.60 -15.40 40.46
C VAL F 398 26.83 -14.32 41.52
N LYS F 399 28.09 -13.93 41.72
CA LYS F 399 28.40 -12.76 42.52
C LYS F 399 29.70 -12.09 42.05
N LEU G 3 -43.70 30.21 -4.05
CA LEU G 3 -42.46 29.80 -4.77
C LEU G 3 -42.41 30.30 -6.22
N MET G 4 -41.26 30.86 -6.60
CA MET G 4 -40.97 31.16 -8.00
C MET G 4 -40.71 29.91 -8.86
N LYS G 5 -40.78 30.11 -10.18
CA LYS G 5 -40.67 29.04 -11.16
C LYS G 5 -39.74 29.56 -12.24
N ILE G 6 -38.86 28.72 -12.76
CA ILE G 6 -38.08 29.10 -13.94
C ILE G 6 -39.00 29.07 -15.17
N THR G 7 -39.00 30.15 -15.93
CA THR G 7 -39.94 30.26 -17.07
C THR G 7 -39.23 30.17 -18.41
N SER G 8 -38.00 30.66 -18.47
CA SER G 8 -37.19 30.52 -19.65
C SER G 8 -35.72 30.67 -19.31
N VAL G 9 -34.86 30.19 -20.19
CA VAL G 9 -33.41 30.41 -20.04
C VAL G 9 -32.87 30.92 -21.37
N ASP G 10 -32.09 32.00 -21.35
CA ASP G 10 -31.41 32.52 -22.54
C ASP G 10 -29.95 32.15 -22.51
N ILE G 11 -29.44 31.63 -23.62
CA ILE G 11 -28.07 31.19 -23.66
C ILE G 11 -27.43 32.11 -24.67
N ILE G 12 -26.51 32.94 -24.20
CA ILE G 12 -26.14 34.16 -24.89
C ILE G 12 -24.70 34.08 -25.34
N ASP G 13 -24.50 34.22 -26.65
CA ASP G 13 -23.17 34.16 -27.25
C ASP G 13 -22.67 35.58 -27.32
N VAL G 14 -21.93 36.00 -26.29
CA VAL G 14 -21.66 37.42 -26.00
C VAL G 14 -20.81 38.08 -27.09
N ALA G 15 -21.38 39.10 -27.73
CA ALA G 15 -20.73 39.77 -28.86
C ALA G 15 -19.77 40.86 -28.38
N ASN G 16 -18.48 40.60 -28.55
CA ASN G 16 -17.45 41.60 -28.37
C ASN G 16 -16.78 41.35 -29.66
N ASP G 17 -15.48 41.62 -29.70
CA ASP G 17 -14.95 42.63 -30.54
C ASP G 17 -14.20 42.12 -31.73
N PHE G 18 -13.61 40.92 -31.63
CA PHE G 18 -12.36 40.65 -30.89
C PHE G 18 -11.15 40.63 -31.82
N LYS G 24 -10.19 32.16 -30.93
CA LYS G 24 -10.75 33.45 -30.60
C LYS G 24 -11.35 33.44 -29.18
N TRP G 25 -12.10 34.45 -28.90
CA TRP G 25 -12.71 34.79 -27.62
C TRP G 25 -14.25 34.65 -27.67
N ARG G 26 -14.80 33.73 -26.88
CA ARG G 26 -16.24 33.47 -26.91
C ARG G 26 -16.85 33.29 -25.51
N PRO G 27 -16.97 34.39 -24.76
CA PRO G 27 -17.68 34.30 -23.50
C PRO G 27 -19.16 34.01 -23.75
N VAL G 28 -19.72 33.10 -22.95
CA VAL G 28 -21.09 32.65 -23.12
C VAL G 28 -21.76 32.85 -21.78
N VAL G 29 -22.95 33.44 -21.80
CA VAL G 29 -23.69 33.75 -20.57
C VAL G 29 -25.02 32.99 -20.52
N VAL G 30 -25.37 32.52 -19.32
CA VAL G 30 -26.67 31.89 -19.07
C VAL G 30 -27.52 32.89 -18.28
N LYS G 31 -28.69 33.19 -18.81
CA LYS G 31 -29.61 34.08 -18.11
C LYS G 31 -30.89 33.32 -17.81
N ILE G 32 -31.16 33.10 -16.53
CA ILE G 32 -32.30 32.30 -16.12
C ILE G 32 -33.43 33.24 -15.69
N ASN G 33 -34.63 33.03 -16.24
CA ASN G 33 -35.75 33.93 -16.01
C ASN G 33 -36.87 33.27 -15.23
N THR G 34 -37.49 34.03 -14.34
CA THR G 34 -38.53 33.49 -13.44
C THR G 34 -39.87 34.20 -13.63
N ASP G 35 -40.94 33.57 -13.16
CA ASP G 35 -42.27 34.16 -13.18
C ASP G 35 -42.45 35.40 -12.28
N GLU G 36 -41.52 35.61 -11.35
CA GLU G 36 -41.56 36.78 -10.48
C GLU G 36 -40.68 37.90 -10.99
N GLY G 37 -40.12 37.73 -12.19
CA GLY G 37 -39.32 38.79 -12.82
C GLY G 37 -37.89 38.93 -12.36
N ILE G 38 -37.45 38.09 -11.42
CA ILE G 38 -36.02 38.02 -11.08
C ILE G 38 -35.27 37.15 -12.11
N SER G 39 -34.24 37.72 -12.72
CA SER G 39 -33.36 37.00 -13.63
C SER G 39 -31.98 36.84 -13.03
N GLY G 40 -31.40 35.66 -13.21
CA GLY G 40 -30.03 35.42 -12.77
C GLY G 40 -29.08 35.19 -13.92
N PHE G 41 -27.85 35.67 -13.74
CA PHE G 41 -26.82 35.60 -14.74
C PHE G 41 -25.74 34.64 -14.28
N GLY G 42 -25.31 33.74 -15.17
CA GLY G 42 -24.05 33.00 -14.99
C GLY G 42 -23.21 32.99 -16.25
N GLU G 43 -22.00 32.45 -16.15
CA GLU G 43 -21.09 32.40 -17.29
C GLU G 43 -20.62 30.95 -17.51
N VAL G 44 -20.55 30.53 -18.77
CA VAL G 44 -19.96 29.22 -19.14
C VAL G 44 -18.48 29.41 -19.47
N GLY G 45 -17.61 28.76 -18.71
CA GLY G 45 -16.18 29.07 -18.77
C GLY G 45 -15.43 28.28 -19.84
N LEU G 46 -15.81 28.47 -21.10
CA LEU G 46 -15.05 27.91 -22.25
C LEU G 46 -14.70 28.98 -23.28
N ALA G 47 -14.27 30.16 -22.84
CA ALA G 47 -14.12 31.32 -23.73
C ALA G 47 -12.92 31.22 -24.66
N TYR G 48 -11.96 30.37 -24.31
CA TYR G 48 -10.77 30.10 -25.11
C TYR G 48 -10.70 28.59 -25.34
N GLY G 49 -9.64 28.15 -26.00
CA GLY G 49 -9.55 26.77 -26.44
C GLY G 49 -10.64 26.43 -27.40
N VAL G 50 -10.88 25.12 -27.54
CA VAL G 50 -11.77 24.62 -28.57
C VAL G 50 -12.96 23.98 -27.84
N GLY G 51 -14.15 24.54 -28.01
CA GLY G 51 -15.32 23.96 -27.36
C GLY G 51 -16.48 24.86 -27.02
N ALA G 52 -16.32 26.17 -27.26
CA ALA G 52 -17.39 27.13 -26.91
C ALA G 52 -18.78 26.83 -27.52
N SER G 53 -18.83 26.33 -28.75
CA SER G 53 -20.11 25.96 -29.38
C SER G 53 -20.76 24.79 -28.66
N ALA G 54 -19.95 23.89 -28.12
CA ALA G 54 -20.47 22.77 -27.33
C ALA G 54 -21.05 23.23 -26.01
N GLY G 55 -20.40 24.21 -25.38
CA GLY G 55 -20.91 24.80 -24.13
C GLY G 55 -22.29 25.43 -24.28
N ILE G 56 -22.51 26.09 -25.41
CA ILE G 56 -23.82 26.64 -25.74
C ILE G 56 -24.88 25.54 -25.88
N GLY G 57 -24.60 24.52 -26.68
CA GLY G 57 -25.52 23.39 -26.88
C GLY G 57 -25.79 22.62 -25.62
N MET G 58 -24.77 22.49 -24.78
CA MET G 58 -24.89 21.83 -23.46
C MET G 58 -25.81 22.60 -22.51
N ALA G 59 -25.58 23.92 -22.43
CA ALA G 59 -26.42 24.80 -21.63
C ALA G 59 -27.86 24.84 -22.14
N LYS G 60 -28.03 24.81 -23.45
CA LYS G 60 -29.35 24.68 -24.07
C LYS G 60 -30.04 23.40 -23.65
N ASP G 61 -29.33 22.29 -23.73
CA ASP G 61 -29.87 20.97 -23.38
C ASP G 61 -30.20 20.84 -21.89
N LEU G 62 -29.29 21.30 -21.05
CA LEU G 62 -29.51 21.31 -19.60
C LEU G 62 -30.68 22.21 -19.17
N SER G 63 -30.82 23.35 -19.83
CA SER G 63 -31.90 24.30 -19.53
C SER G 63 -33.28 23.68 -19.68
N ALA G 64 -33.43 22.77 -20.64
CA ALA G 64 -34.70 22.09 -20.88
C ALA G 64 -35.20 21.27 -19.70
N ILE G 65 -34.28 20.77 -18.88
CA ILE G 65 -34.68 19.96 -17.74
C ILE G 65 -34.96 20.78 -16.49
N ILE G 66 -34.62 22.08 -16.51
CA ILE G 66 -34.89 22.92 -15.34
C ILE G 66 -36.10 23.88 -15.48
N ILE G 67 -36.67 23.98 -16.67
CA ILE G 67 -37.87 24.81 -16.89
C ILE G 67 -38.96 24.32 -15.96
N GLY G 68 -39.60 25.23 -15.25
CA GLY G 68 -40.68 24.86 -14.34
C GLY G 68 -40.23 24.58 -12.92
N MET G 69 -38.91 24.48 -12.70
CA MET G 69 -38.40 24.20 -11.35
C MET G 69 -38.31 25.48 -10.52
N ASP G 70 -38.34 25.30 -9.20
CA ASP G 70 -38.03 26.34 -8.23
C ASP G 70 -36.52 26.58 -8.23
N PRO G 71 -36.08 27.78 -8.67
CA PRO G 71 -34.65 28.09 -8.76
C PRO G 71 -33.93 28.19 -7.42
N MET G 72 -34.70 28.24 -6.32
CA MET G 72 -34.13 28.30 -4.98
C MET G 72 -33.43 27.00 -4.54
N ASN G 73 -33.77 25.90 -5.20
CA ASN G 73 -33.22 24.59 -4.83
C ASN G 73 -31.97 24.25 -5.62
N ASN G 74 -30.89 25.04 -5.44
CA ASN G 74 -29.67 24.77 -6.21
C ASN G 74 -29.03 23.39 -5.92
N GLU G 75 -29.16 22.89 -4.70
CA GLU G 75 -28.66 21.53 -4.39
C GLU G 75 -29.37 20.45 -5.18
N ALA G 76 -30.70 20.45 -5.15
CA ALA G 76 -31.50 19.52 -5.96
C ALA G 76 -31.27 19.66 -7.46
N ILE G 77 -31.21 20.91 -7.94
CA ILE G 77 -30.92 21.15 -9.35
C ILE G 77 -29.53 20.60 -9.74
N TRP G 78 -28.51 20.90 -8.94
CA TRP G 78 -27.15 20.39 -9.22
C TRP G 78 -27.13 18.86 -9.27
N GLU G 79 -27.80 18.21 -8.31
CA GLU G 79 -27.83 16.75 -8.30
C GLU G 79 -28.67 16.16 -9.45
N LYS G 80 -29.68 16.89 -9.89
CA LYS G 80 -30.44 16.50 -11.09
C LYS G 80 -29.57 16.53 -12.33
N MET G 81 -28.78 17.60 -12.49
CA MET G 81 -27.91 17.71 -13.65
C MET G 81 -26.85 16.60 -13.63
N LEU G 82 -26.40 16.20 -12.43
CA LEU G 82 -25.49 15.06 -12.31
C LEU G 82 -26.17 13.73 -12.66
N LYS G 83 -27.29 13.46 -12.02
CA LYS G 83 -27.87 12.13 -11.92
C LYS G 83 -28.92 11.79 -12.96
N LYS G 84 -29.50 12.80 -13.62
CA LYS G 84 -30.71 12.58 -14.43
C LYS G 84 -30.48 12.87 -15.91
N THR G 85 -29.22 13.07 -16.27
CA THR G 85 -28.85 13.49 -17.60
C THR G 85 -28.16 12.36 -18.35
N PHE G 86 -27.86 11.27 -17.63
CA PHE G 86 -27.00 10.15 -18.08
C PHE G 86 -25.51 10.52 -18.20
N TRP G 87 -25.20 11.52 -19.01
CA TRP G 87 -23.80 11.87 -19.28
C TRP G 87 -23.10 12.58 -18.11
N GLY G 88 -23.89 13.19 -17.22
CA GLY G 88 -23.34 13.80 -15.98
C GLY G 88 -22.52 12.82 -15.17
N GLN G 89 -23.01 11.59 -15.01
CA GLN G 89 -22.30 10.57 -14.22
C GLN G 89 -21.00 10.06 -14.84
N GLY G 90 -20.70 10.47 -16.07
CA GLY G 90 -19.36 10.26 -16.62
C GLY G 90 -18.44 11.45 -16.54
N GLY G 91 -19.00 12.61 -16.21
CA GLY G 91 -18.21 13.83 -16.02
C GLY G 91 -17.72 14.44 -17.33
N GLY G 92 -17.18 15.64 -17.25
CA GLY G 92 -16.41 16.21 -18.36
C GLY G 92 -16.39 17.72 -18.34
N GLY G 93 -15.41 18.32 -19.00
CA GLY G 93 -15.26 19.79 -19.01
C GLY G 93 -16.37 20.60 -19.67
N ILE G 94 -16.86 20.14 -20.82
CA ILE G 94 -18.00 20.78 -21.47
C ILE G 94 -19.26 20.62 -20.62
N PHE G 95 -19.53 19.39 -20.20
CA PHE G 95 -20.69 19.13 -19.35
C PHE G 95 -20.66 19.99 -18.08
N SER G 96 -19.52 19.98 -17.39
CA SER G 96 -19.33 20.74 -16.16
C SER G 96 -19.45 22.26 -16.38
N ALA G 97 -18.88 22.77 -17.46
CA ALA G 97 -18.90 24.20 -17.74
C ALA G 97 -20.31 24.75 -17.94
N ALA G 98 -21.15 23.99 -18.64
CA ALA G 98 -22.55 24.36 -18.82
C ALA G 98 -23.34 24.28 -17.51
N MET G 99 -23.14 23.19 -16.76
CA MET G 99 -23.64 23.08 -15.38
CA MET G 99 -23.66 23.09 -15.40
C MET G 99 -23.25 24.28 -14.54
N SER G 100 -22.01 24.74 -14.70
CA SER G 100 -21.54 25.83 -13.85
C SER G 100 -22.29 27.13 -14.12
N GLY G 101 -22.44 27.45 -15.40
CA GLY G 101 -23.12 28.66 -15.82
C GLY G 101 -24.54 28.71 -15.31
N ILE G 102 -25.25 27.59 -15.42
CA ILE G 102 -26.62 27.51 -14.86
C ILE G 102 -26.57 27.67 -13.34
N ASP G 103 -25.65 26.96 -12.68
CA ASP G 103 -25.55 27.04 -11.21
C ASP G 103 -25.34 28.45 -10.70
N ILE G 104 -24.43 29.17 -11.34
CA ILE G 104 -24.11 30.53 -10.95
C ILE G 104 -25.35 31.41 -11.04
N ALA G 105 -26.10 31.28 -12.14
CA ALA G 105 -27.35 32.02 -12.36
C ALA G 105 -28.40 31.76 -11.28
N LEU G 106 -28.45 30.54 -10.76
CA LEU G 106 -29.35 30.23 -9.65
C LEU G 106 -28.97 30.90 -8.35
N TRP G 107 -27.66 31.03 -8.09
CA TRP G 107 -27.20 31.76 -6.91
C TRP G 107 -27.46 33.25 -7.04
N ASP G 108 -27.33 33.79 -8.26
CA ASP G 108 -27.70 35.19 -8.53
C ASP G 108 -29.17 35.46 -8.21
N ILE G 109 -30.06 34.58 -8.67
CA ILE G 109 -31.48 34.64 -8.32
C ILE G 109 -31.71 34.61 -6.83
N LYS G 110 -31.02 33.68 -6.14
CA LYS G 110 -31.15 33.51 -4.69
C LYS G 110 -30.75 34.80 -3.96
N GLY G 111 -29.67 35.42 -4.39
CA GLY G 111 -29.21 36.67 -3.77
C GLY G 111 -30.13 37.83 -4.04
N LYS G 112 -30.65 37.90 -5.26
CA LYS G 112 -31.61 38.93 -5.65
C LYS G 112 -32.93 38.79 -4.90
N ALA G 113 -33.39 37.56 -4.76
CA ALA G 113 -34.61 37.29 -3.99
C ALA G 113 -34.50 37.74 -2.53
N TRP G 114 -33.30 37.67 -1.95
CA TRP G 114 -33.12 37.96 -0.54
C TRP G 114 -32.50 39.32 -0.29
N GLY G 115 -31.99 39.94 -1.36
CA GLY G 115 -31.35 41.25 -1.28
C GLY G 115 -29.97 41.18 -0.67
N VAL G 116 -29.27 40.07 -0.92
CA VAL G 116 -27.98 39.85 -0.28
CA VAL G 116 -28.01 39.74 -0.23
C VAL G 116 -26.91 39.46 -1.27
N PRO G 117 -25.68 40.00 -1.07
CA PRO G 117 -24.58 39.61 -1.96
C PRO G 117 -24.07 38.18 -1.73
N LEU G 118 -23.57 37.57 -2.80
CA LEU G 118 -23.15 36.17 -2.82
C LEU G 118 -22.20 35.79 -1.68
N TYR G 119 -21.15 36.59 -1.44
CA TYR G 119 -20.20 36.26 -0.34
C TYR G 119 -20.91 35.98 1.00
N LYS G 120 -22.02 36.68 1.27
CA LYS G 120 -22.72 36.49 2.54
C LYS G 120 -23.44 35.16 2.58
N MET G 121 -23.91 34.71 1.41
CA MET G 121 -24.64 33.43 1.31
C MET G 121 -23.68 32.24 1.33
N LEU G 122 -22.42 32.52 1.04
CA LEU G 122 -21.34 31.54 1.14
C LEU G 122 -20.61 31.54 2.49
N GLY G 123 -21.09 32.34 3.45
CA GLY G 123 -20.54 32.32 4.79
C GLY G 123 -19.78 33.55 5.23
N GLY G 124 -19.86 34.61 4.45
CA GLY G 124 -19.58 35.93 4.95
C GLY G 124 -18.23 36.45 4.53
N LYS G 125 -17.73 37.47 5.22
CA LYS G 125 -16.53 38.14 4.77
C LYS G 125 -15.34 37.67 5.62
N SER G 126 -14.55 36.73 5.09
CA SER G 126 -13.39 36.20 5.82
C SER G 126 -12.14 37.05 5.62
N ARG G 127 -12.18 37.95 4.65
CA ARG G 127 -11.10 38.92 4.46
C ARG G 127 -11.65 40.18 3.77
N GLU G 128 -10.98 41.32 3.97
CA GLU G 128 -11.53 42.61 3.54
C GLU G 128 -11.00 43.01 2.16
N LYS G 129 -9.89 42.41 1.78
CA LYS G 129 -9.20 42.73 0.53
C LYS G 129 -8.66 41.45 -0.11
N ILE G 130 -8.60 41.47 -1.43
CA ILE G 130 -8.22 40.29 -2.20
CA ILE G 130 -8.23 40.30 -2.21
C ILE G 130 -6.93 40.58 -2.97
N ARG G 131 -5.83 40.02 -2.49
CA ARG G 131 -4.53 40.13 -3.16
C ARG G 131 -4.59 39.49 -4.54
N THR G 132 -3.97 40.13 -5.52
CA THR G 132 -4.05 39.78 -6.94
C THR G 132 -2.64 39.59 -7.51
N TYR G 133 -2.49 38.68 -8.48
CA TYR G 133 -1.28 38.68 -9.31
C TYR G 133 -1.56 39.06 -10.74
N ALA G 134 -0.57 39.68 -11.37
CA ALA G 134 -0.64 40.00 -12.79
C ALA G 134 -0.34 38.73 -13.60
N SER G 135 -1.34 38.29 -14.36
CA SER G 135 -1.28 36.94 -14.94
C SER G 135 -0.84 36.97 -16.39
N GLN G 136 0.00 36.00 -16.76
CA GLN G 136 0.36 35.69 -18.15
C GLN G 136 1.28 36.78 -18.78
N LEU G 137 2.41 37.03 -18.15
CA LEU G 137 3.29 38.14 -18.51
C LEU G 137 4.00 37.96 -19.85
N GLN G 138 3.96 36.75 -20.41
CA GLN G 138 4.55 36.49 -21.71
C GLN G 138 3.84 37.24 -22.83
N PHE G 139 2.65 37.76 -22.53
CA PHE G 139 1.88 38.56 -23.46
C PHE G 139 1.98 40.04 -23.11
N GLY G 140 2.92 40.37 -22.22
CA GLY G 140 3.18 41.75 -21.82
C GLY G 140 2.31 42.31 -20.72
N TRP G 141 2.59 43.55 -20.31
CA TRP G 141 1.79 44.28 -19.31
C TRP G 141 1.93 45.79 -19.53
N GLY G 142 0.92 46.54 -19.09
CA GLY G 142 0.86 47.99 -19.32
C GLY G 142 0.03 48.30 -20.55
N ASP G 143 -0.23 49.55 -20.83
CA ASP G 143 -0.99 49.86 -22.02
C ASP G 143 -0.10 49.91 -23.22
N GLY G 144 -0.72 49.85 -24.37
CA GLY G 144 0.01 49.59 -25.58
C GLY G 144 0.41 48.15 -25.74
N SER G 145 0.05 47.29 -24.80
CA SER G 145 0.57 45.92 -24.78
C SER G 145 -0.48 44.88 -25.07
N ASP G 146 -1.53 45.29 -25.73
CA ASP G 146 -2.65 44.43 -25.90
C ASP G 146 -2.17 43.15 -26.59
N ASP G 148 1.42 41.88 -27.21
CA ASP G 148 2.79 41.52 -27.16
C ASP G 148 2.90 40.02 -27.21
N MET G 149 3.92 39.56 -27.90
CA MET G 149 4.37 38.22 -27.78
C MET G 149 5.82 38.18 -27.51
N LEU G 150 6.19 38.22 -26.24
CA LEU G 150 7.52 38.54 -25.74
C LEU G 150 8.49 37.39 -26.00
N THR G 151 9.69 37.73 -26.47
CA THR G 151 10.71 36.72 -26.77
C THR G 151 11.95 36.73 -25.88
N GLU G 152 12.51 37.91 -25.61
CA GLU G 152 13.81 38.02 -24.95
C GLU G 152 13.63 38.12 -23.43
N PRO G 153 14.51 37.48 -22.64
CA PRO G 153 14.57 37.69 -21.20
C PRO G 153 14.33 39.13 -20.74
N GLU G 154 15.01 40.09 -21.35
CA GLU G 154 14.84 41.49 -20.96
C GLU G 154 13.37 41.91 -21.04
N GLN G 155 12.72 41.54 -22.14
CA GLN G 155 11.33 41.85 -22.36
C GLN G 155 10.47 41.33 -21.28
N TYR G 156 10.77 40.13 -20.81
CA TYR G 156 10.02 39.49 -19.73
C TYR G 156 10.19 40.27 -18.44
N ALA G 157 11.42 40.71 -18.17
CA ALA G 157 11.73 41.50 -16.98
C ALA G 157 11.04 42.86 -16.97
N GLN G 158 11.09 43.54 -18.12
CA GLN G 158 10.40 44.80 -18.31
C GLN G 158 8.90 44.72 -18.00
N ALA G 159 8.26 43.68 -18.54
CA ALA G 159 6.83 43.44 -18.32
C ALA G 159 6.50 43.23 -16.83
N ALA G 160 7.36 42.47 -16.16
CA ALA G 160 7.23 42.26 -14.72
C ALA G 160 7.43 43.54 -13.94
N LEU G 161 8.44 44.32 -14.33
CA LEU G 161 8.68 45.62 -13.72
C LEU G 161 7.51 46.56 -13.89
N THR G 162 6.88 46.54 -15.06
CA THR G 162 5.68 47.36 -15.32
C THR G 162 4.55 46.99 -14.38
N ALA G 163 4.34 45.68 -14.22
CA ALA G 163 3.29 45.20 -13.31
C ALA G 163 3.57 45.65 -11.87
N VAL G 164 4.84 45.58 -11.45
CA VAL G 164 5.23 46.00 -10.11
C VAL G 164 4.90 47.48 -9.92
N SER G 165 5.21 48.28 -10.93
CA SER G 165 4.91 49.70 -10.88
C SER G 165 3.42 50.05 -10.78
N GLU G 166 2.55 49.18 -11.28
CA GLU G 166 1.10 49.34 -11.07
C GLU G 166 0.59 48.81 -9.71
N GLY G 167 1.50 48.31 -8.88
CA GLY G 167 1.18 47.89 -7.51
C GLY G 167 0.96 46.40 -7.27
N TYR G 168 1.23 45.57 -8.28
CA TYR G 168 1.21 44.12 -8.13
C TYR G 168 2.48 43.62 -7.45
N ASP G 169 2.32 42.87 -6.36
CA ASP G 169 3.47 42.19 -5.73
C ASP G 169 3.60 40.70 -6.07
N ALA G 170 2.96 40.29 -7.16
CA ALA G 170 3.01 38.92 -7.61
C ALA G 170 2.73 38.88 -9.12
N ILE G 171 3.44 38.02 -9.83
CA ILE G 171 3.23 37.85 -11.27
C ILE G 171 3.12 36.35 -11.60
N LYS G 172 2.49 36.02 -12.72
CA LYS G 172 2.59 34.67 -13.27
C LYS G 172 2.99 34.73 -14.72
N VAL G 173 3.81 33.78 -15.12
CA VAL G 173 4.33 33.77 -16.47
C VAL G 173 4.57 32.34 -16.95
N ASP G 174 4.32 32.12 -18.22
CA ASP G 174 4.76 30.91 -18.89
C ASP G 174 5.93 31.32 -19.79
N THR G 175 7.15 30.93 -19.41
CA THR G 175 8.35 31.30 -20.15
C THR G 175 8.79 30.24 -21.15
N VAL G 176 8.05 29.14 -21.27
CA VAL G 176 8.49 28.01 -22.06
C VAL G 176 7.69 27.88 -23.37
N ALA G 177 6.41 28.24 -23.31
CA ALA G 177 5.48 28.02 -24.43
C ALA G 177 5.74 28.87 -25.68
N MET G 178 6.40 30.00 -25.51
CA MET G 178 6.78 30.83 -26.65
C MET G 178 8.23 30.43 -27.02
N ASP G 179 8.47 30.08 -28.30
CA ASP G 179 9.83 29.85 -28.77
C ASP G 179 10.58 31.16 -29.00
N ARG G 180 11.82 31.09 -29.48
CA ARG G 180 12.65 32.31 -29.60
C ARG G 180 12.13 33.27 -30.67
N HIS G 181 11.21 32.79 -31.50
CA HIS G 181 10.71 33.56 -32.64
C HIS G 181 9.29 34.07 -32.45
N GLY G 182 8.74 33.81 -31.26
CA GLY G 182 7.40 34.27 -30.91
C GLY G 182 6.26 33.39 -31.38
N ASN G 183 6.55 32.11 -31.62
CA ASN G 183 5.49 31.15 -31.91
C ASN G 183 5.04 30.47 -30.62
N TRP G 184 3.73 30.29 -30.51
CA TRP G 184 3.12 29.92 -29.26
C TRP G 184 2.74 28.46 -29.29
N ASN G 185 3.28 27.70 -28.34
CA ASN G 185 3.04 26.27 -28.23
C ASN G 185 3.24 25.48 -29.54
N GLN G 186 4.37 25.70 -30.20
CA GLN G 186 4.63 24.99 -31.46
C GLN G 186 5.85 24.06 -31.43
N GLN G 187 6.48 23.93 -30.26
CA GLN G 187 7.53 22.94 -30.05
C GLN G 187 6.96 21.71 -29.40
N ASN G 188 7.56 20.55 -29.68
CA ASN G 188 7.26 19.35 -28.93
C ASN G 188 7.98 19.39 -27.59
N LEU G 189 7.23 19.59 -26.52
CA LEU G 189 7.80 19.66 -25.19
C LEU G 189 7.61 18.36 -24.41
N ASN G 190 7.41 17.25 -25.10
CA ASN G 190 7.25 15.97 -24.41
C ASN G 190 8.52 15.12 -24.40
N GLY G 191 8.73 14.41 -23.28
CA GLY G 191 9.90 13.57 -23.10
C GLY G 191 11.08 14.40 -22.64
N PRO G 192 12.27 13.78 -22.56
CA PRO G 192 13.46 14.50 -22.13
C PRO G 192 13.86 15.47 -23.23
N LEU G 193 14.30 16.67 -22.86
CA LEU G 193 14.48 17.74 -23.82
C LEU G 193 15.94 18.17 -23.88
N THR G 194 16.37 18.62 -25.05
CA THR G 194 17.69 19.21 -25.21
C THR G 194 17.77 20.48 -24.37
N ASP G 195 18.93 20.71 -23.77
CA ASP G 195 19.08 21.80 -22.81
C ASP G 195 18.55 23.15 -23.32
N LYS G 196 18.83 23.50 -24.58
CA LYS G 196 18.50 24.83 -25.11
C LYS G 196 17.00 25.14 -25.11
N ILE G 197 16.18 24.10 -25.24
CA ILE G 197 14.72 24.28 -25.32
C ILE G 197 14.16 24.84 -24.02
N LEU G 198 14.73 24.40 -22.90
CA LEU G 198 14.28 24.83 -21.57
C LEU G 198 15.13 25.98 -21.02
N ARG G 199 16.35 26.12 -21.53
CA ARG G 199 17.29 27.11 -21.03
C ARG G 199 16.77 28.52 -21.32
N LEU G 200 16.17 28.68 -22.49
CA LEU G 200 15.43 29.90 -22.84
C LEU G 200 14.33 30.27 -21.82
N GLY G 201 13.48 29.30 -21.46
CA GLY G 201 12.53 29.50 -20.39
C GLY G 201 13.17 29.86 -19.05
N TYR G 202 14.26 29.16 -18.70
CA TYR G 202 15.01 29.49 -17.48
C TYR G 202 15.54 30.91 -17.48
N ASP G 203 16.17 31.29 -18.60
CA ASP G 203 16.83 32.60 -18.71
C ASP G 203 15.80 33.72 -18.61
N ARG G 204 14.65 33.55 -19.26
CA ARG G 204 13.54 34.47 -19.07
C ARG G 204 13.06 34.58 -17.63
N MET G 205 12.95 33.46 -16.94
CA MET G 205 12.44 33.46 -15.55
C MET G 205 13.46 34.09 -14.61
N ALA G 206 14.73 33.79 -14.85
CA ALA G 206 15.82 34.31 -14.01
C ALA G 206 15.93 35.84 -14.15
N ALA G 207 15.67 36.33 -15.35
CA ALA G 207 15.66 37.76 -15.65
C ALA G 207 14.54 38.49 -14.92
N ILE G 208 13.36 37.86 -14.80
CA ILE G 208 12.28 38.42 -14.01
C ILE G 208 12.70 38.51 -12.54
N ARG G 209 13.16 37.40 -11.98
CA ARG G 209 13.58 37.36 -10.58
C ARG G 209 14.61 38.45 -10.31
N ASP G 210 15.64 38.51 -11.15
CA ASP G 210 16.71 39.50 -10.99
C ASP G 210 16.18 40.93 -11.01
N ALA G 211 15.24 41.20 -11.89
CA ALA G 211 14.56 42.50 -11.97
C ALA G 211 13.73 42.84 -10.73
N VAL G 212 12.82 41.96 -10.33
CA VAL G 212 11.81 42.33 -9.31
C VAL G 212 12.30 42.16 -7.88
N GLY G 213 13.35 41.35 -7.67
CA GLY G 213 13.88 41.08 -6.34
C GLY G 213 13.12 39.97 -5.63
N PRO G 214 13.46 39.72 -4.35
CA PRO G 214 12.93 38.54 -3.64
C PRO G 214 11.50 38.68 -3.14
N ASP G 215 10.99 39.92 -3.06
CA ASP G 215 9.70 40.18 -2.42
C ASP G 215 8.52 40.27 -3.36
N VAL G 216 8.75 39.98 -4.65
CA VAL G 216 7.66 39.86 -5.61
C VAL G 216 7.53 38.39 -5.96
N ASP G 217 6.34 37.82 -5.77
CA ASP G 217 6.19 36.39 -5.97
C ASP G 217 6.08 36.07 -7.46
N ILE G 218 6.66 34.93 -7.84
CA ILE G 218 6.63 34.49 -9.23
C ILE G 218 6.01 33.12 -9.30
N ILE G 219 4.91 33.00 -10.04
CA ILE G 219 4.28 31.70 -10.32
C ILE G 219 4.71 31.26 -11.73
N ALA G 220 5.19 30.04 -11.85
CA ALA G 220 5.57 29.46 -13.15
C ALA G 220 4.41 28.65 -13.71
N GLU G 221 3.92 29.07 -14.87
CA GLU G 221 2.78 28.44 -15.51
C GLU G 221 3.25 27.61 -16.71
N MET G 222 2.70 26.41 -16.86
CA MET G 222 3.15 25.50 -17.91
C MET G 222 2.06 25.14 -18.92
N HIS G 223 0.80 25.44 -18.58
CA HIS G 223 -0.36 25.17 -19.42
C HIS G 223 -0.54 23.69 -19.78
N ALA G 224 0.08 22.81 -19.01
CA ALA G 224 0.18 21.40 -19.41
C ALA G 224 0.59 21.24 -20.87
N PHE G 225 1.61 21.99 -21.26
CA PHE G 225 2.25 21.84 -22.58
C PHE G 225 3.44 20.88 -22.45
N THR G 226 3.98 20.79 -21.24
CA THR G 226 4.92 19.75 -20.87
C THR G 226 4.23 18.42 -20.53
N ASP G 227 4.99 17.32 -20.53
CA ASP G 227 4.57 16.08 -19.88
C ASP G 227 5.37 15.87 -18.59
N THR G 228 5.24 14.71 -17.97
CA THR G 228 5.93 14.44 -16.70
C THR G 228 7.45 14.70 -16.80
N THR G 229 8.10 14.18 -17.84
CA THR G 229 9.58 14.22 -17.88
C THR G 229 10.10 15.65 -18.01
N SER G 230 9.56 16.38 -18.98
CA SER G 230 9.96 17.75 -19.22
C SER G 230 9.50 18.72 -18.14
N ALA G 231 8.32 18.48 -17.54
CA ALA G 231 7.90 19.25 -16.34
C ALA G 231 8.88 19.13 -15.17
N ILE G 232 9.38 17.92 -14.95
CA ILE G 232 10.41 17.67 -13.94
C ILE G 232 11.73 18.35 -14.31
N GLN G 233 12.13 18.27 -15.58
CA GLN G 233 13.41 18.84 -16.02
C GLN G 233 13.43 20.38 -15.87
N PHE G 234 12.34 21.02 -16.30
CA PHE G 234 12.17 22.47 -16.12
C PHE G 234 12.03 22.88 -14.66
N GLY G 235 11.19 22.20 -13.90
CA GLY G 235 10.99 22.52 -12.47
C GLY G 235 12.27 22.52 -11.65
N ARG G 236 13.10 21.51 -11.90
CA ARG G 236 14.40 21.39 -11.22
CA ARG G 236 14.41 21.38 -11.26
C ARG G 236 15.33 22.55 -11.62
N MET G 237 15.23 23.02 -12.87
CA MET G 237 16.01 24.18 -13.32
C MET G 237 15.62 25.47 -12.60
N ILE G 238 14.31 25.67 -12.39
CA ILE G 238 13.81 26.91 -11.79
C ILE G 238 13.68 26.96 -10.27
N GLU G 239 13.95 25.83 -9.61
CA GLU G 239 13.85 25.70 -8.14
C GLU G 239 14.57 26.82 -7.40
N GLU G 240 15.79 27.12 -7.85
CA GLU G 240 16.64 28.17 -7.25
C GLU G 240 16.08 29.61 -7.32
N LEU G 241 15.08 29.82 -8.17
CA LEU G 241 14.52 31.16 -8.38
C LEU G 241 13.42 31.55 -7.39
N GLY G 242 13.05 30.63 -6.49
CA GLY G 242 12.09 30.95 -5.44
C GLY G 242 10.67 31.03 -5.96
N ILE G 243 10.22 29.94 -6.57
CA ILE G 243 8.95 29.96 -7.29
C ILE G 243 7.81 29.76 -6.31
N PHE G 244 6.76 30.58 -6.45
CA PHE G 244 5.65 30.67 -5.50
C PHE G 244 4.80 29.42 -5.59
N TYR G 245 4.29 29.13 -6.79
CA TYR G 245 3.93 27.77 -7.14
C TYR G 245 4.09 27.48 -8.63
N TYR G 246 3.97 26.21 -8.99
CA TYR G 246 4.30 25.68 -10.32
C TYR G 246 2.99 25.14 -10.90
N GLU G 247 2.41 25.82 -11.88
CA GLU G 247 1.02 25.58 -12.26
C GLU G 247 0.88 24.65 -13.47
N GLU G 248 -0.02 23.67 -13.33
CA GLU G 248 -0.31 22.71 -14.40
C GLU G 248 0.93 22.13 -15.09
N PRO G 249 1.88 21.55 -14.33
CA PRO G 249 3.07 21.01 -14.98
C PRO G 249 2.71 19.87 -15.95
N VAL G 250 1.60 19.20 -15.69
CA VAL G 250 1.21 18.07 -16.52
C VAL G 250 -0.36 17.99 -16.50
N MET G 251 -0.96 17.34 -17.49
CA MET G 251 -2.42 17.20 -17.51
C MET G 251 -2.91 16.28 -16.38
N PRO G 252 -4.18 16.42 -15.96
CA PRO G 252 -4.74 15.64 -14.84
C PRO G 252 -5.27 14.24 -15.14
N LEU G 253 -5.21 13.79 -16.40
CA LEU G 253 -5.90 12.56 -16.83
C LEU G 253 -5.46 11.30 -16.06
N ASN G 254 -4.16 11.19 -15.78
CA ASN G 254 -3.61 10.20 -14.82
C ASN G 254 -3.00 10.93 -13.61
N PRO G 255 -3.73 11.02 -12.50
CA PRO G 255 -3.22 11.76 -11.31
C PRO G 255 -1.89 11.31 -10.74
N ALA G 256 -1.45 10.08 -11.03
CA ALA G 256 -0.12 9.61 -10.65
C ALA G 256 1.01 10.45 -11.29
N GLN G 257 0.75 11.01 -12.47
CA GLN G 257 1.76 11.83 -13.15
C GLN G 257 2.06 13.11 -12.38
N MET G 258 1.01 13.80 -11.92
CA MET G 258 1.14 14.96 -11.04
C MET G 258 1.91 14.61 -9.79
N LYS G 259 1.64 13.43 -9.22
CA LYS G 259 2.38 13.00 -8.03
C LYS G 259 3.86 12.80 -8.32
N GLN G 260 4.17 12.24 -9.49
CA GLN G 260 5.54 12.06 -9.91
C GLN G 260 6.29 13.39 -10.01
N VAL G 261 5.68 14.42 -10.58
CA VAL G 261 6.30 15.77 -10.62
C VAL G 261 6.50 16.33 -9.21
N ALA G 262 5.48 16.22 -8.36
CA ALA G 262 5.56 16.65 -6.96
C ALA G 262 6.71 15.98 -6.21
N ASP G 263 6.94 14.68 -6.44
CA ASP G 263 8.05 13.94 -5.81
C ASP G 263 9.41 14.46 -6.27
N LYS G 264 9.53 14.91 -7.52
CA LYS G 264 10.85 15.20 -8.09
C LYS G 264 11.22 16.68 -8.17
N VAL G 265 10.23 17.55 -7.97
CA VAL G 265 10.43 19.01 -8.07
C VAL G 265 10.08 19.64 -6.71
N ASN G 266 11.00 20.40 -6.13
CA ASN G 266 10.78 21.01 -4.82
C ASN G 266 10.15 22.40 -4.92
N ILE G 267 8.99 22.47 -5.54
CA ILE G 267 8.18 23.69 -5.64
C ILE G 267 6.74 23.18 -5.42
N PRO G 268 5.91 23.90 -4.64
CA PRO G 268 4.47 23.58 -4.49
C PRO G 268 3.76 23.55 -5.86
N LEU G 269 2.98 22.50 -6.12
CA LEU G 269 2.28 22.41 -7.40
C LEU G 269 0.88 23.00 -7.27
N ALA G 270 0.42 23.64 -8.34
CA ALA G 270 -0.96 24.09 -8.47
C ALA G 270 -1.62 23.49 -9.69
N ALA G 271 -2.92 23.18 -9.60
CA ALA G 271 -3.70 22.82 -10.78
C ALA G 271 -5.15 22.96 -10.44
N GLY G 272 -6.00 22.99 -11.45
CA GLY G 272 -7.41 22.85 -11.17
C GLY G 272 -8.34 23.34 -12.25
N GLU G 273 -7.83 24.13 -13.18
CA GLU G 273 -8.71 24.67 -14.22
C GLU G 273 -9.30 23.62 -15.13
N ARG G 274 -8.63 22.47 -15.22
CA ARG G 274 -9.14 21.32 -15.96
C ARG G 274 -9.37 20.11 -15.09
N ILE G 275 -9.74 20.36 -13.82
CA ILE G 275 -10.12 19.32 -12.86
C ILE G 275 -11.50 19.70 -12.32
N TYR G 276 -12.48 18.80 -12.43
CA TYR G 276 -13.89 19.14 -12.26
C TYR G 276 -14.54 18.42 -11.11
N TRP G 277 -15.23 19.18 -10.26
CA TRP G 277 -16.07 18.68 -9.18
C TRP G 277 -15.27 18.08 -8.03
N ARG G 278 -15.92 17.87 -6.90
CA ARG G 278 -15.27 17.15 -5.78
C ARG G 278 -14.60 15.85 -6.27
N TRP G 279 -15.31 15.11 -7.14
CA TRP G 279 -14.79 13.84 -7.65
C TRP G 279 -13.46 13.99 -8.41
N GLY G 280 -13.32 15.08 -9.17
CA GLY G 280 -12.09 15.34 -9.91
C GLY G 280 -10.92 15.65 -9.01
N TYR G 281 -11.19 16.37 -7.92
CA TYR G 281 -10.15 16.77 -6.95
C TYR G 281 -9.70 15.63 -6.06
N ARG G 282 -10.61 14.71 -5.76
CA ARG G 282 -10.33 13.61 -4.84
C ARG G 282 -8.94 12.91 -4.98
N PRO G 283 -8.60 12.41 -6.19
CA PRO G 283 -7.32 11.71 -6.28
C PRO G 283 -6.10 12.57 -6.04
N PHE G 284 -6.22 13.87 -6.28
CA PHE G 284 -5.11 14.79 -6.07
C PHE G 284 -4.98 15.16 -4.60
N LEU G 285 -6.08 15.07 -3.88
CA LEU G 285 -6.05 15.30 -2.44
C LEU G 285 -5.47 14.07 -1.76
N GLU G 286 -5.92 12.91 -2.22
CA GLU G 286 -5.45 11.65 -1.68
C GLU G 286 -3.99 11.34 -2.01
N ASN G 287 -3.48 11.77 -3.17
CA ASN G 287 -2.11 11.44 -3.47
C ASN G 287 -1.09 12.50 -3.00
N GLY G 288 -1.57 13.64 -2.50
CA GLY G 288 -0.70 14.68 -1.96
C GLY G 288 0.02 15.51 -3.01
N SER G 289 -0.44 15.48 -4.26
CA SER G 289 0.40 16.07 -5.33
C SER G 289 0.26 17.59 -5.42
N LEU G 290 -0.92 18.10 -5.07
CA LEU G 290 -1.17 19.54 -5.21
C LEU G 290 -1.00 20.25 -3.87
N SER G 291 -0.44 21.46 -3.90
CA SER G 291 -0.42 22.34 -2.74
C SER G 291 -1.49 23.43 -2.87
N VAL G 292 -1.75 23.86 -4.10
CA VAL G 292 -2.68 24.97 -4.37
C VAL G 292 -3.69 24.47 -5.42
N ILE G 293 -4.97 24.65 -5.17
CA ILE G 293 -5.97 24.26 -6.15
C ILE G 293 -6.61 25.45 -6.86
N GLN G 294 -6.92 25.28 -8.14
CA GLN G 294 -7.39 26.39 -8.96
C GLN G 294 -8.70 26.09 -9.71
N PRO G 295 -9.77 25.69 -8.99
CA PRO G 295 -10.99 25.48 -9.75
C PRO G 295 -11.46 26.80 -10.38
N ASP G 296 -11.97 26.71 -11.60
CA ASP G 296 -12.71 27.82 -12.23
C ASP G 296 -14.16 27.63 -11.87
N ILE G 297 -14.79 28.67 -11.32
CA ILE G 297 -16.19 28.57 -10.93
C ILE G 297 -17.09 28.36 -12.16
N CYS G 298 -16.70 28.94 -13.29
CA CYS G 298 -17.48 28.85 -14.52
C CYS G 298 -17.20 27.58 -15.35
N THR G 299 -16.20 26.80 -14.98
CA THR G 299 -15.86 25.52 -15.68
C THR G 299 -16.09 24.30 -14.78
N CYS G 300 -15.70 24.41 -13.50
CA CYS G 300 -15.44 23.21 -12.69
C CYS G 300 -16.58 22.83 -11.76
N GLY G 301 -17.75 23.44 -11.95
CA GLY G 301 -18.97 22.94 -11.31
C GLY G 301 -19.93 24.00 -10.78
N GLY G 302 -19.55 25.27 -10.88
CA GLY G 302 -20.39 26.34 -10.37
C GLY G 302 -20.16 26.65 -8.90
N ILE G 303 -21.00 27.51 -8.34
CA ILE G 303 -20.78 28.01 -6.98
C ILE G 303 -21.02 26.89 -5.98
N THR G 304 -22.12 26.16 -6.18
CA THR G 304 -22.50 25.07 -5.30
C THR G 304 -21.34 24.10 -5.14
N GLU G 305 -20.73 23.71 -6.25
CA GLU G 305 -19.74 22.62 -6.23
C GLU G 305 -18.33 23.12 -5.88
N VAL G 306 -17.96 24.28 -6.40
CA VAL G 306 -16.64 24.84 -6.08
C VAL G 306 -16.48 25.20 -4.60
N LYS G 307 -17.53 25.68 -3.95
CA LYS G 307 -17.54 25.82 -2.48
C LYS G 307 -17.23 24.49 -1.76
N LYS G 308 -17.86 23.41 -2.19
CA LYS G 308 -17.56 22.09 -1.62
C LYS G 308 -16.12 21.65 -1.92
N ILE G 309 -15.63 21.95 -3.13
CA ILE G 309 -14.22 21.69 -3.48
C ILE G 309 -13.28 22.38 -2.49
N CYS G 310 -13.49 23.67 -2.27
CA CYS G 310 -12.66 24.43 -1.31
C CYS G 310 -12.70 23.87 0.10
N ASP G 311 -13.88 23.46 0.54
CA ASP G 311 -14.07 22.91 1.88
C ASP G 311 -13.36 21.57 2.10
N MET G 312 -13.48 20.68 1.12
CA MET G 312 -12.81 19.38 1.18
C MET G 312 -11.29 19.53 1.16
N ALA G 313 -10.80 20.41 0.30
CA ALA G 313 -9.35 20.66 0.18
C ALA G 313 -8.68 21.21 1.44
N HIS G 314 -9.45 21.92 2.25
CA HIS G 314 -9.00 22.45 3.53
C HIS G 314 -8.48 21.37 4.49
N VAL G 315 -9.17 20.23 4.54
CA VAL G 315 -8.76 19.03 5.30
C VAL G 315 -7.34 18.54 4.94
N TYR G 316 -6.91 18.84 3.72
CA TYR G 316 -5.59 18.41 3.22
C TYR G 316 -4.64 19.56 3.11
N ASP G 317 -4.97 20.64 3.83
CA ASP G 317 -4.16 21.88 3.85
C ASP G 317 -3.88 22.46 2.47
N LYS G 318 -4.85 22.45 1.55
CA LYS G 318 -4.67 23.17 0.28
C LYS G 318 -5.18 24.58 0.40
N THR G 319 -4.49 25.51 -0.25
CA THR G 319 -5.07 26.85 -0.38
C THR G 319 -5.60 27.01 -1.81
N VAL G 320 -6.40 28.06 -2.01
CA VAL G 320 -7.19 28.17 -3.23
C VAL G 320 -6.91 29.46 -3.95
N GLN G 321 -6.55 29.36 -5.23
CA GLN G 321 -6.60 30.50 -6.16
C GLN G 321 -7.61 30.13 -7.24
N ILE G 322 -8.80 30.73 -7.22
CA ILE G 322 -9.78 30.53 -8.29
C ILE G 322 -9.16 30.84 -9.65
N HIS G 323 -9.37 29.95 -10.63
CA HIS G 323 -8.98 30.24 -12.01
C HIS G 323 -9.97 31.21 -12.64
N VAL G 324 -9.45 32.29 -13.21
CA VAL G 324 -10.33 33.31 -13.80
C VAL G 324 -9.79 33.62 -15.19
N CYS G 325 -10.55 33.26 -16.22
CA CYS G 325 -10.25 33.70 -17.57
C CYS G 325 -11.52 33.74 -18.41
N GLY G 326 -12.39 34.70 -18.09
CA GLY G 326 -13.60 34.94 -18.87
C GLY G 326 -14.02 36.40 -18.77
N GLY G 327 -15.31 36.66 -18.77
CA GLY G 327 -15.78 38.03 -18.62
C GLY G 327 -15.85 38.53 -17.17
N PRO G 328 -16.39 39.75 -16.98
CA PRO G 328 -16.63 40.31 -15.65
C PRO G 328 -17.45 39.40 -14.72
N ILE G 329 -18.36 38.61 -15.26
CA ILE G 329 -19.18 37.71 -14.42
C ILE G 329 -18.27 36.71 -13.72
N SER G 330 -17.32 36.19 -14.48
CA SER G 330 -16.31 35.31 -13.92
C SER G 330 -15.51 35.94 -12.79
N THR G 331 -14.98 37.14 -13.01
CA THR G 331 -14.29 37.88 -11.97
C THR G 331 -15.14 38.04 -10.73
N ALA G 332 -16.39 38.46 -10.89
CA ALA G 332 -17.30 38.75 -9.78
C ALA G 332 -17.51 37.56 -8.87
N VAL G 333 -17.92 36.43 -9.44
CA VAL G 333 -18.12 35.21 -8.67
C VAL G 333 -16.85 34.72 -7.99
N ALA G 334 -15.70 34.82 -8.66
CA ALA G 334 -14.42 34.51 -8.02
C ALA G 334 -14.19 35.35 -6.76
N LEU G 335 -14.42 36.66 -6.88
CA LEU G 335 -14.30 37.58 -5.74
C LEU G 335 -15.15 37.17 -4.55
N HIS G 336 -16.39 36.76 -4.81
CA HIS G 336 -17.27 36.32 -3.75
C HIS G 336 -16.77 35.05 -3.07
N MET G 337 -16.40 34.05 -3.86
CA MET G 337 -15.88 32.80 -3.28
C MET G 337 -14.62 33.06 -2.45
N GLU G 338 -13.72 33.88 -2.97
CA GLU G 338 -12.44 34.11 -2.33
C GLU G 338 -12.56 34.96 -1.08
N THR G 339 -13.66 35.70 -0.98
CA THR G 339 -13.97 36.48 0.21
C THR G 339 -14.48 35.61 1.36
N ALA G 340 -15.30 34.61 1.05
CA ALA G 340 -15.86 33.77 2.11
C ALA G 340 -14.90 32.68 2.61
N ILE G 341 -14.15 32.05 1.71
CA ILE G 341 -13.41 30.82 2.12
C ILE G 341 -12.26 31.12 3.08
N PRO G 342 -12.07 30.28 4.09
CA PRO G 342 -10.88 30.42 4.93
C PRO G 342 -9.55 30.21 4.19
N ASN G 343 -9.51 29.30 3.21
CA ASN G 343 -8.22 28.87 2.65
C ASN G 343 -7.87 29.52 1.31
N PHE G 344 -7.96 30.84 1.24
CA PHE G 344 -7.64 31.59 0.04
C PHE G 344 -6.14 31.92 0.04
N VAL G 345 -5.49 31.89 -1.13
CA VAL G 345 -4.12 32.41 -1.25
C VAL G 345 -3.97 33.72 -2.06
N ILE G 346 -4.52 33.71 -3.28
CA ILE G 346 -4.27 34.78 -4.25
C ILE G 346 -5.27 34.76 -5.41
N HIS G 347 -5.55 35.93 -5.99
CA HIS G 347 -6.47 36.07 -7.13
C HIS G 347 -5.71 36.25 -8.44
N GLU G 348 -6.23 35.67 -9.53
CA GLU G 348 -5.60 35.80 -10.86
C GLU G 348 -6.17 36.96 -11.64
N LEU G 349 -5.32 37.91 -12.04
CA LEU G 349 -5.83 38.96 -12.90
C LEU G 349 -5.15 38.96 -14.26
N HIS G 350 -5.92 38.73 -15.32
CA HIS G 350 -5.44 38.96 -16.70
C HIS G 350 -5.55 40.42 -17.14
N ARG G 351 -4.65 40.83 -18.04
CA ARG G 351 -4.61 42.20 -18.57
C ARG G 351 -5.91 42.58 -19.27
N TYR G 352 -6.39 41.69 -20.13
CA TYR G 352 -7.56 41.97 -20.97
C TYR G 352 -8.77 42.32 -20.10
N ALA G 353 -8.79 41.81 -18.86
CA ALA G 353 -9.97 41.92 -18.01
C ALA G 353 -10.20 43.37 -17.59
N LEU G 354 -9.14 44.16 -17.66
CA LEU G 354 -9.19 45.58 -17.31
C LEU G 354 -9.67 46.47 -18.45
N LEU G 355 -9.69 45.93 -19.67
CA LEU G 355 -9.81 46.74 -20.90
C LEU G 355 -11.26 46.81 -21.37
N GLU G 356 -11.60 47.92 -22.02
CA GLU G 356 -12.97 48.19 -22.49
C GLU G 356 -13.74 47.04 -23.15
N PRO G 357 -13.16 46.39 -24.19
CA PRO G 357 -13.94 45.35 -24.86
C PRO G 357 -14.45 44.26 -23.93
N ASN G 358 -13.76 44.06 -22.80
CA ASN G 358 -14.22 43.11 -21.77
C ASN G 358 -15.23 43.74 -20.80
N THR G 359 -14.87 44.88 -20.21
CA THR G 359 -15.65 45.46 -19.12
C THR G 359 -16.97 46.03 -19.62
N GLN G 360 -16.99 46.51 -20.87
CA GLN G 360 -18.17 47.13 -21.46
C GLN G 360 -19.33 46.17 -21.69
N THR G 361 -19.05 44.86 -21.69
CA THR G 361 -20.13 43.87 -21.82
C THR G 361 -21.09 43.91 -20.63
N CYS G 362 -20.59 44.37 -19.49
CA CYS G 362 -21.33 44.25 -18.23
C CYS G 362 -21.65 45.59 -17.57
N LYS G 363 -22.59 45.55 -16.63
CA LYS G 363 -23.19 46.77 -16.06
C LYS G 363 -22.32 47.46 -15.04
N TYR G 364 -21.49 46.70 -14.34
CA TYR G 364 -20.72 47.26 -13.23
C TYR G 364 -19.25 47.01 -13.44
N ASN G 365 -18.44 47.98 -13.04
CA ASN G 365 -17.02 47.90 -13.29
C ASN G 365 -16.24 47.79 -11.99
N TYR G 366 -15.92 46.55 -11.60
CA TYR G 366 -15.03 46.28 -10.47
C TYR G 366 -13.61 46.12 -10.93
N LEU G 367 -12.77 47.07 -10.53
CA LEU G 367 -11.37 47.10 -10.91
C LEU G 367 -10.50 46.98 -9.67
N PRO G 368 -9.32 46.35 -9.79
CA PRO G 368 -8.43 46.31 -8.64
C PRO G 368 -7.75 47.65 -8.42
N LYS G 369 -7.24 47.89 -7.23
CA LYS G 369 -6.44 49.08 -6.96
C LYS G 369 -5.21 48.73 -6.12
N ASN G 370 -4.03 49.02 -6.65
CA ASN G 370 -2.78 48.68 -5.98
C ASN G 370 -2.62 47.18 -5.71
N GLY G 371 -3.08 46.38 -6.66
CA GLY G 371 -2.97 44.93 -6.58
C GLY G 371 -3.99 44.25 -5.68
N MET G 372 -5.01 44.98 -5.26
CA MET G 372 -6.07 44.46 -4.40
C MET G 372 -7.43 44.69 -5.01
N TYR G 373 -8.30 43.68 -4.88
CA TYR G 373 -9.72 43.82 -5.19
C TYR G 373 -10.54 43.98 -3.91
N GLU G 374 -11.74 44.53 -4.06
CA GLU G 374 -12.76 44.41 -3.05
C GLU G 374 -13.95 43.70 -3.67
N VAL G 375 -14.70 42.98 -2.83
CA VAL G 375 -15.84 42.19 -3.28
C VAL G 375 -17.07 43.08 -3.62
N PRO G 376 -17.87 42.71 -4.66
CA PRO G 376 -19.15 43.39 -4.90
C PRO G 376 -20.11 43.31 -3.72
N GLU G 377 -21.03 44.27 -3.63
CA GLU G 377 -21.88 44.40 -2.45
C GLU G 377 -23.36 44.39 -2.78
N LEU G 378 -23.68 44.36 -4.07
CA LEU G 378 -25.07 44.36 -4.55
C LEU G 378 -25.70 42.99 -4.34
N PRO G 379 -27.04 42.90 -4.37
CA PRO G 379 -27.65 41.56 -4.28
C PRO G 379 -27.17 40.58 -5.37
N GLY G 380 -27.12 39.29 -5.04
CA GLY G 380 -26.62 38.24 -5.95
C GLY G 380 -25.14 38.36 -6.23
N ILE G 381 -24.75 38.05 -7.47
CA ILE G 381 -23.34 38.08 -7.84
C ILE G 381 -22.83 39.47 -8.09
N GLY G 382 -23.75 40.44 -8.17
CA GLY G 382 -23.41 41.85 -8.35
C GLY G 382 -22.91 42.21 -9.75
N GLN G 383 -23.34 41.45 -10.75
CA GLN G 383 -22.88 41.61 -12.13
C GLN G 383 -23.92 41.06 -13.11
N GLU G 384 -23.99 41.71 -14.27
CA GLU G 384 -25.06 41.51 -15.24
C GLU G 384 -24.53 41.99 -16.58
N LEU G 385 -24.98 41.36 -17.66
CA LEU G 385 -24.74 41.95 -18.99
C LEU G 385 -25.55 43.25 -19.11
N THR G 386 -25.00 44.25 -19.79
CA THR G 386 -25.76 45.44 -20.20
C THR G 386 -26.82 45.07 -21.23
N GLU G 387 -27.93 45.83 -21.26
CA GLU G 387 -29.01 45.66 -22.25
C GLU G 387 -28.54 45.72 -23.70
N GLU G 388 -27.51 46.51 -23.95
CA GLU G 388 -27.00 46.77 -25.29
C GLU G 388 -26.24 45.56 -25.80
N THR G 389 -25.48 44.94 -24.90
CA THR G 389 -24.78 43.68 -25.21
C THR G 389 -25.78 42.56 -25.47
N MET G 390 -26.82 42.48 -24.65
CA MET G 390 -27.84 41.46 -24.83
C MET G 390 -28.61 41.65 -26.13
N LYS G 391 -28.82 42.91 -26.52
CA LYS G 391 -29.44 43.27 -27.81
C LYS G 391 -28.71 42.72 -29.02
N LYS G 392 -27.37 42.75 -28.99
CA LYS G 392 -26.61 42.43 -30.17
C LYS G 392 -25.92 41.06 -30.16
N SER G 393 -26.18 40.29 -29.10
CA SER G 393 -25.59 38.96 -28.93
C SER G 393 -26.55 37.87 -29.39
N PRO G 394 -26.11 37.00 -30.31
CA PRO G 394 -26.91 35.84 -30.72
C PRO G 394 -27.33 34.99 -29.53
N THR G 395 -28.61 34.66 -29.45
CA THR G 395 -29.21 34.14 -28.25
C THR G 395 -30.13 32.97 -28.59
N ILE G 396 -29.96 31.85 -27.89
CA ILE G 396 -30.96 30.79 -27.89
C ILE G 396 -31.83 30.95 -26.64
N THR G 397 -33.13 30.71 -26.78
CA THR G 397 -34.02 30.79 -25.64
C THR G 397 -34.73 29.45 -25.48
N VAL G 398 -34.68 28.91 -24.27
CA VAL G 398 -35.36 27.66 -23.96
C VAL G 398 -36.57 27.98 -23.11
N LYS G 399 -37.74 27.45 -23.51
CA LYS G 399 -38.93 27.50 -22.66
C LYS G 399 -39.81 26.28 -22.84
N LEU H 3 24.82 -46.81 6.54
CA LEU H 3 24.70 -45.43 7.09
C LEU H 3 25.42 -45.26 8.42
N MET H 4 26.12 -44.14 8.58
CA MET H 4 26.67 -43.75 9.87
C MET H 4 25.61 -43.15 10.81
N LYS H 5 25.94 -43.11 12.09
CA LYS H 5 25.02 -42.69 13.16
C LYS H 5 25.82 -41.76 14.03
N ILE H 6 25.19 -40.72 14.57
CA ILE H 6 25.85 -39.86 15.56
C ILE H 6 25.85 -40.62 16.87
N THR H 7 27.02 -40.71 17.51
CA THR H 7 27.12 -41.49 18.73
C THR H 7 27.26 -40.60 19.96
N SER H 8 27.89 -39.44 19.78
CA SER H 8 28.08 -38.50 20.85
C SER H 8 28.38 -37.12 20.28
N VAL H 9 28.17 -36.07 21.08
CA VAL H 9 28.57 -34.71 20.73
C VAL H 9 29.32 -34.11 21.91
N ASP H 10 30.52 -33.56 21.66
CA ASP H 10 31.24 -32.75 22.64
C ASP H 10 30.99 -31.28 22.44
N ILE H 11 30.66 -30.60 23.52
CA ILE H 11 30.40 -29.16 23.47
C ILE H 11 31.56 -28.54 24.23
N ILE H 12 32.42 -27.82 23.50
CA ILE H 12 33.75 -27.51 24.00
C ILE H 12 33.94 -26.01 24.28
N ASP H 13 34.28 -25.69 25.53
CA ASP H 13 34.50 -24.32 25.95
C ASP H 13 35.99 -24.02 25.76
N VAL H 14 36.33 -23.41 24.63
CA VAL H 14 37.71 -23.42 24.11
C VAL H 14 38.67 -22.58 24.95
N ALA H 15 39.63 -23.25 25.58
CA ALA H 15 40.60 -22.59 26.45
C ALA H 15 41.60 -21.72 25.66
N LYS H 24 34.99 -10.35 27.66
CA LYS H 24 35.69 -11.63 27.61
C LYS H 24 35.50 -12.37 26.28
N TRP H 25 36.32 -13.39 26.05
CA TRP H 25 36.38 -14.10 24.78
C TRP H 25 36.08 -15.59 25.04
N ARG H 26 34.97 -16.09 24.50
CA ARG H 26 34.59 -17.49 24.72
C ARG H 26 34.17 -18.20 23.44
N PRO H 27 35.14 -18.58 22.60
CA PRO H 27 34.78 -19.41 21.47
C PRO H 27 34.32 -20.78 21.96
N VAL H 28 33.23 -21.28 21.38
CA VAL H 28 32.64 -22.55 21.77
C VAL H 28 32.59 -23.41 20.51
N VAL H 29 33.03 -24.66 20.62
CA VAL H 29 33.07 -25.59 19.50
C VAL H 29 32.14 -26.80 19.73
N VAL H 30 31.45 -27.21 18.67
CA VAL H 30 30.65 -28.43 18.68
C VAL H 30 31.45 -29.47 17.90
N LYS H 31 31.63 -30.64 18.51
CA LYS H 31 32.33 -31.72 17.83
C LYS H 31 31.38 -32.90 17.82
N ILE H 32 30.98 -33.31 16.62
CA ILE H 32 29.98 -34.37 16.49
C ILE H 32 30.69 -35.67 16.10
N ASN H 33 30.40 -36.75 16.84
CA ASN H 33 31.12 -38.02 16.66
C ASN H 33 30.23 -39.11 16.13
N THR H 34 30.78 -39.94 15.25
CA THR H 34 29.99 -40.96 14.58
C THR H 34 30.53 -42.35 14.90
N ASP H 35 29.71 -43.38 14.67
CA ASP H 35 30.15 -44.77 14.81
C ASP H 35 31.26 -45.19 13.81
N GLU H 36 31.39 -44.44 12.70
CA GLU H 36 32.43 -44.74 11.70
C GLU H 36 33.70 -43.96 11.97
N GLY H 37 33.74 -43.22 13.06
CA GLY H 37 34.95 -42.56 13.51
C GLY H 37 35.25 -41.25 12.80
N ILE H 38 34.35 -40.79 11.94
CA ILE H 38 34.44 -39.44 11.40
C ILE H 38 33.82 -38.45 12.39
N SER H 39 34.59 -37.43 12.76
CA SER H 39 34.11 -36.36 13.61
C SER H 39 34.07 -35.04 12.86
N GLY H 40 33.00 -34.29 13.06
CA GLY H 40 32.86 -32.97 12.45
C GLY H 40 32.90 -31.88 13.49
N PHE H 41 33.52 -30.77 13.09
CA PHE H 41 33.72 -29.62 13.94
C PHE H 41 32.86 -28.44 13.46
N GLY H 42 32.20 -27.77 14.39
CA GLY H 42 31.62 -26.46 14.11
C GLY H 42 31.78 -25.50 15.27
N GLU H 43 31.30 -24.28 15.09
CA GLU H 43 31.55 -23.22 16.07
C GLU H 43 30.25 -22.49 16.38
N VAL H 44 30.04 -22.18 17.67
CA VAL H 44 28.85 -21.43 18.09
C VAL H 44 29.28 -19.98 18.24
N GLY H 45 28.63 -19.08 17.49
CA GLY H 45 29.14 -17.72 17.29
C GLY H 45 28.61 -16.76 18.33
N LEU H 46 28.97 -16.99 19.59
CA LEU H 46 28.66 -16.05 20.69
C LEU H 46 29.91 -15.74 21.52
N ALA H 47 31.06 -15.54 20.86
CA ALA H 47 32.34 -15.48 21.58
C ALA H 47 32.50 -14.16 22.35
N TYR H 48 31.73 -13.15 21.96
CA TYR H 48 31.70 -11.83 22.60
C TYR H 48 30.25 -11.55 22.97
N GLY H 49 30.01 -10.37 23.52
CA GLY H 49 28.71 -10.02 24.06
C GLY H 49 28.39 -10.88 25.25
N VAL H 50 27.12 -10.92 25.63
CA VAL H 50 26.65 -11.62 26.80
C VAL H 50 25.78 -12.80 26.33
N GLY H 51 26.21 -14.03 26.61
CA GLY H 51 25.38 -15.19 26.25
C GLY H 51 26.08 -16.50 25.95
N ALA H 52 27.41 -16.53 25.98
CA ALA H 52 28.17 -17.74 25.61
C ALA H 52 27.84 -18.98 26.46
N SER H 53 27.55 -18.81 27.76
CA SER H 53 27.08 -19.93 28.58
C SER H 53 25.74 -20.46 28.11
N ALA H 54 24.89 -19.58 27.57
CA ALA H 54 23.60 -20.01 27.02
C ALA H 54 23.81 -20.85 25.76
N GLY H 55 24.78 -20.45 24.93
CA GLY H 55 25.09 -21.19 23.71
C GLY H 55 25.54 -22.61 24.00
N ILE H 56 26.29 -22.78 25.09
CA ILE H 56 26.75 -24.09 25.52
C ILE H 56 25.57 -24.98 25.90
N GLY H 57 24.71 -24.49 26.79
CA GLY H 57 23.50 -25.21 27.23
C GLY H 57 22.55 -25.51 26.09
N MET H 58 22.45 -24.58 25.15
CA MET H 58 21.60 -24.75 23.97
C MET H 58 22.13 -25.83 23.04
N ALA H 59 23.45 -25.81 22.78
CA ALA H 59 24.10 -26.88 22.01
C ALA H 59 24.01 -28.23 22.70
N LYS H 60 24.16 -28.23 24.03
CA LYS H 60 23.94 -29.42 24.83
C LYS H 60 22.56 -30.00 24.64
N ASP H 61 21.53 -29.15 24.74
CA ASP H 61 20.13 -29.59 24.68
C ASP H 61 19.74 -30.05 23.28
N LEU H 62 20.25 -29.34 22.28
CA LEU H 62 19.99 -29.68 20.89
C LEU H 62 20.66 -31.00 20.52
N SER H 63 21.87 -31.22 21.03
CA SER H 63 22.61 -32.46 20.76
C SER H 63 21.84 -33.70 21.20
N ALA H 64 21.10 -33.60 22.30
CA ALA H 64 20.29 -34.73 22.77
C ALA H 64 19.31 -35.24 21.72
N ILE H 65 18.80 -34.33 20.88
CA ILE H 65 17.84 -34.73 19.88
C ILE H 65 18.42 -35.29 18.58
N ILE H 66 19.73 -35.16 18.40
CA ILE H 66 20.35 -35.72 17.18
C ILE H 66 21.20 -36.98 17.40
N ILE H 67 21.36 -37.41 18.65
CA ILE H 67 22.06 -38.68 18.95
C ILE H 67 21.30 -39.77 18.24
N GLY H 68 22.02 -40.63 17.52
CA GLY H 68 21.43 -41.75 16.82
C GLY H 68 20.98 -41.43 15.40
N MET H 69 21.06 -40.16 15.00
CA MET H 69 20.64 -39.76 13.67
C MET H 69 21.77 -39.96 12.65
N ASP H 70 21.39 -40.18 11.39
CA ASP H 70 22.32 -40.12 10.27
C ASP H 70 22.74 -38.66 10.04
N PRO H 71 24.04 -38.33 10.24
CA PRO H 71 24.51 -36.96 10.11
C PRO H 71 24.54 -36.44 8.67
N MET H 72 24.37 -37.35 7.70
CA MET H 72 24.31 -36.96 6.29
C MET H 72 23.04 -36.17 5.92
N ASN H 73 22.01 -36.27 6.75
CA ASN H 73 20.75 -35.60 6.47
C ASN H 73 20.64 -34.20 7.11
N ASN H 74 21.51 -33.28 6.70
CA ASN H 74 21.52 -31.93 7.27
C ASN H 74 20.22 -31.13 7.07
N GLU H 75 19.51 -31.36 5.96
CA GLU H 75 18.22 -30.68 5.75
C GLU H 75 17.16 -31.12 6.75
N ALA H 76 17.03 -32.44 6.93
CA ALA H 76 16.08 -33.00 7.90
C ALA H 76 16.44 -32.64 9.34
N ILE H 77 17.74 -32.64 9.65
CA ILE H 77 18.22 -32.26 10.96
C ILE H 77 17.96 -30.77 11.23
N TRP H 78 18.26 -29.90 10.27
CA TRP H 78 17.96 -28.46 10.44
C TRP H 78 16.45 -28.24 10.67
N GLU H 79 15.62 -28.87 9.85
CA GLU H 79 14.17 -28.72 10.02
C GLU H 79 13.66 -29.29 11.35
N LYS H 80 14.30 -30.35 11.82
CA LYS H 80 13.98 -30.92 13.16
C LYS H 80 14.28 -29.95 14.28
N MET H 81 15.46 -29.31 14.23
CA MET H 81 15.80 -28.31 15.23
C MET H 81 14.85 -27.10 15.15
N LEU H 82 14.40 -26.74 13.96
CA LEU H 82 13.38 -25.68 13.86
C LEU H 82 12.03 -26.10 14.46
N LYS H 83 11.56 -27.27 14.04
CA LYS H 83 10.15 -27.65 14.17
C LYS H 83 9.82 -28.56 15.36
N LYS H 84 10.83 -29.22 15.95
CA LYS H 84 10.56 -30.27 16.95
C LYS H 84 11.09 -29.91 18.33
N THR H 85 11.51 -28.66 18.47
CA THR H 85 12.13 -28.18 19.71
C THR H 85 11.20 -27.26 20.50
N PHE H 86 10.09 -26.89 19.86
CA PHE H 86 9.17 -25.84 20.33
C PHE H 86 9.70 -24.41 20.20
N TRP H 87 10.84 -24.14 20.82
CA TRP H 87 11.39 -22.79 20.87
C TRP H 87 12.02 -22.36 19.55
N GLY H 88 12.35 -23.33 18.70
CA GLY H 88 12.83 -23.08 17.33
C GLY H 88 11.91 -22.18 16.53
N GLN H 89 10.61 -22.42 16.62
CA GLN H 89 9.63 -21.67 15.87
C GLN H 89 9.34 -20.25 16.36
N GLY H 90 9.93 -19.86 17.50
CA GLY H 90 9.91 -18.46 17.92
C GLY H 90 11.20 -17.75 17.55
N GLY H 91 12.22 -18.52 17.15
CA GLY H 91 13.48 -17.94 16.69
C GLY H 91 14.35 -17.43 17.82
N GLY H 92 15.59 -17.08 17.51
CA GLY H 92 16.40 -16.27 18.40
C GLY H 92 17.89 -16.45 18.23
N GLY H 93 18.68 -15.49 18.72
CA GLY H 93 20.13 -15.51 18.49
C GLY H 93 20.90 -16.64 19.19
N ILE H 94 20.54 -16.93 20.45
CA ILE H 94 21.18 -18.04 21.19
C ILE H 94 20.74 -19.36 20.55
N PHE H 95 19.44 -19.50 20.30
CA PHE H 95 18.90 -20.69 19.66
C PHE H 95 19.57 -20.95 18.30
N SER H 96 19.68 -19.90 17.49
CA SER H 96 20.24 -20.01 16.16
C SER H 96 21.74 -20.28 16.17
N ALA H 97 22.46 -19.65 17.10
CA ALA H 97 23.91 -19.87 17.19
C ALA H 97 24.27 -21.33 17.51
N ALA H 98 23.50 -21.95 18.40
CA ALA H 98 23.76 -23.35 18.75
C ALA H 98 23.39 -24.28 17.60
N MET H 99 22.25 -24.02 16.96
CA MET H 99 21.88 -24.64 15.69
CA MET H 99 21.89 -24.67 15.71
C MET H 99 22.98 -24.55 14.65
N SER H 100 23.58 -23.37 14.55
CA SER H 100 24.63 -23.16 13.55
C SER H 100 25.85 -24.05 13.78
N GLY H 101 26.36 -24.05 15.00
CA GLY H 101 27.50 -24.87 15.33
C GLY H 101 27.28 -26.33 15.03
N ILE H 102 26.09 -26.87 15.36
CA ILE H 102 25.74 -28.24 15.03
C ILE H 102 25.71 -28.42 13.52
N ASP H 103 25.08 -27.48 12.82
CA ASP H 103 24.98 -27.57 11.36
C ASP H 103 26.33 -27.60 10.68
N ILE H 104 27.23 -26.75 11.13
CA ILE H 104 28.56 -26.69 10.54
C ILE H 104 29.27 -28.02 10.69
N ALA H 105 29.13 -28.64 11.87
CA ALA H 105 29.76 -29.93 12.14
C ALA H 105 29.23 -31.04 11.26
N LEU H 106 27.96 -30.97 10.90
CA LEU H 106 27.37 -31.93 9.96
C LEU H 106 27.90 -31.82 8.54
N TRP H 107 28.16 -30.59 8.06
CA TRP H 107 28.80 -30.37 6.77
C TRP H 107 30.26 -30.81 6.77
N ASP H 108 30.94 -30.64 7.91
CA ASP H 108 32.31 -31.16 8.07
C ASP H 108 32.37 -32.67 7.89
N ILE H 109 31.48 -33.39 8.58
CA ILE H 109 31.31 -34.82 8.41
C ILE H 109 31.05 -35.23 6.97
N LYS H 110 30.17 -34.48 6.30
CA LYS H 110 29.74 -34.78 4.94
C LYS H 110 30.94 -34.67 3.99
N GLY H 111 31.73 -33.63 4.17
CA GLY H 111 32.93 -33.46 3.35
C GLY H 111 34.00 -34.50 3.63
N LYS H 112 34.19 -34.82 4.91
CA LYS H 112 35.12 -35.88 5.30
C LYS H 112 34.71 -37.26 4.78
N ALA H 113 33.42 -37.54 4.82
CA ALA H 113 32.91 -38.79 4.27
C ALA H 113 33.17 -38.92 2.77
N TRP H 114 33.10 -37.82 2.03
CA TRP H 114 33.27 -37.88 0.58
C TRP H 114 34.67 -37.46 0.11
N GLY H 115 35.47 -36.93 1.03
CA GLY H 115 36.84 -36.48 0.71
C GLY H 115 36.83 -35.20 -0.13
N VAL H 116 35.91 -34.29 0.17
CA VAL H 116 35.76 -33.07 -0.61
CA VAL H 116 35.64 -33.09 -0.65
C VAL H 116 35.62 -31.83 0.24
N PRO H 117 36.28 -30.72 -0.19
CA PRO H 117 36.17 -29.52 0.62
C PRO H 117 34.80 -28.85 0.49
N LEU H 118 34.39 -28.16 1.54
CA LEU H 118 33.07 -27.55 1.66
C LEU H 118 32.63 -26.71 0.45
N TYR H 119 33.49 -25.81 -0.03
CA TYR H 119 33.14 -24.96 -1.18
C TYR H 119 32.61 -25.77 -2.37
N LYS H 120 33.19 -26.94 -2.62
CA LYS H 120 32.72 -27.78 -3.73
C LYS H 120 31.31 -28.27 -3.48
N MET H 121 31.00 -28.56 -2.22
CA MET H 121 29.68 -29.09 -1.83
C MET H 121 28.63 -27.96 -1.82
N LEU H 122 29.11 -26.72 -1.78
CA LEU H 122 28.27 -25.53 -1.88
C LEU H 122 28.11 -24.98 -3.31
N GLY H 123 28.75 -25.64 -4.29
CA GLY H 123 28.54 -25.31 -5.69
C GLY H 123 29.78 -24.80 -6.41
N GLY H 124 30.95 -24.98 -5.79
CA GLY H 124 32.19 -24.87 -6.51
C GLY H 124 32.96 -23.61 -6.24
N LYS H 125 33.95 -23.34 -7.09
CA LYS H 125 34.82 -22.19 -6.90
C LYS H 125 34.37 -21.08 -7.85
N SER H 126 33.61 -20.11 -7.34
CA SER H 126 33.11 -19.01 -8.18
C SER H 126 34.11 -17.86 -8.24
N ARG H 127 35.13 -17.90 -7.39
CA ARG H 127 36.26 -16.97 -7.49
C ARG H 127 37.53 -17.58 -6.89
N GLU H 128 38.71 -17.12 -7.33
CA GLU H 128 39.96 -17.79 -6.97
C GLU H 128 40.60 -17.22 -5.72
N LYS H 129 40.18 -16.00 -5.35
CA LYS H 129 40.79 -15.24 -4.26
C LYS H 129 39.69 -14.44 -3.57
N ILE H 130 39.87 -14.20 -2.27
CA ILE H 130 38.86 -13.54 -1.45
CA ILE H 130 38.86 -13.55 -1.45
C ILE H 130 39.40 -12.20 -0.92
N ARG H 131 38.89 -11.10 -1.48
CA ARG H 131 39.29 -9.77 -1.02
C ARG H 131 38.84 -9.55 0.43
N THR H 132 39.70 -8.91 1.22
CA THR H 132 39.53 -8.74 2.66
C THR H 132 39.63 -7.27 3.04
N TYR H 133 38.92 -6.88 4.09
CA TYR H 133 39.17 -5.59 4.71
C TYR H 133 39.71 -5.75 6.12
N ALA H 134 40.55 -4.81 6.52
CA ALA H 134 41.02 -4.70 7.89
C ALA H 134 39.92 -4.16 8.82
N SER H 135 39.42 -5.01 9.72
CA SER H 135 38.19 -4.71 10.47
C SER H 135 38.46 -4.11 11.85
N GLN H 136 37.65 -3.11 12.21
CA GLN H 136 37.61 -2.50 13.56
C GLN H 136 38.89 -1.72 13.94
N LEU H 137 39.21 -0.72 13.14
CA LEU H 137 40.44 0.06 13.22
C LEU H 137 40.55 0.95 14.45
N GLN H 138 39.42 1.20 15.14
CA GLN H 138 39.41 1.94 16.40
C GLN H 138 40.20 1.25 17.52
N PHE H 139 40.55 -0.02 17.31
CA PHE H 139 41.36 -0.79 18.24
C PHE H 139 42.78 -0.96 17.71
N GLY H 140 43.10 -0.23 16.64
CA GLY H 140 44.43 -0.20 16.05
C GLY H 140 44.73 -1.26 15.01
N TRP H 141 45.92 -1.17 14.42
CA TRP H 141 46.41 -2.17 13.45
C TRP H 141 47.93 -2.19 13.46
N GLY H 142 48.51 -3.33 13.12
CA GLY H 142 49.95 -3.54 13.20
C GLY H 142 50.32 -4.24 14.49
N ASP H 143 51.60 -4.58 14.66
CA ASP H 143 52.04 -5.28 15.87
C ASP H 143 52.29 -4.33 17.00
N GLY H 144 52.22 -4.82 18.20
CA GLY H 144 52.27 -3.96 19.36
C GLY H 144 51.00 -3.18 19.57
N SER H 145 50.00 -3.39 18.71
CA SER H 145 48.72 -2.66 18.78
C SER H 145 47.68 -3.58 19.31
N ASP H 146 48.13 -4.66 19.90
CA ASP H 146 47.26 -5.43 20.71
C ASP H 146 46.25 -4.68 21.51
N LYS H 147 46.69 -3.93 22.50
CA LYS H 147 45.70 -3.23 23.30
C LYS H 147 44.78 -2.20 22.58
N ASP H 148 45.37 -1.33 21.77
CA ASP H 148 44.91 0.01 21.42
C ASP H 148 43.47 0.43 21.51
N MET H 149 43.22 1.54 22.18
CA MET H 149 41.96 2.24 22.17
C MET H 149 42.11 3.66 21.69
N LEU H 150 41.95 3.84 20.39
CA LEU H 150 42.34 5.05 19.67
C LEU H 150 41.35 6.17 19.93
N THR H 151 41.86 7.39 20.09
CA THR H 151 41.03 8.55 20.42
C THR H 151 41.11 9.69 19.40
N GLU H 152 42.31 10.00 18.92
CA GLU H 152 42.53 11.17 18.07
C GLU H 152 42.40 10.81 16.59
N PRO H 153 41.78 11.69 15.79
CA PRO H 153 41.78 11.57 14.33
C PRO H 153 43.10 11.08 13.70
N GLU H 154 44.22 11.66 14.08
CA GLU H 154 45.48 11.20 13.54
C GLU H 154 45.86 9.79 13.91
N GLN H 155 45.52 9.37 15.09
CA GLN H 155 45.69 7.95 15.41
C GLN H 155 44.88 7.03 14.51
N TYR H 156 43.66 7.44 14.19
CA TYR H 156 42.79 6.68 13.28
C TYR H 156 43.41 6.62 11.89
N ALA H 157 43.93 7.75 11.40
CA ALA H 157 44.55 7.75 10.08
C ALA H 157 45.81 6.86 10.04
N GLN H 158 46.61 6.96 11.10
CA GLN H 158 47.80 6.13 11.20
C GLN H 158 47.50 4.63 11.14
N ALA H 159 46.52 4.20 11.92
CA ALA H 159 46.07 2.81 11.92
C ALA H 159 45.58 2.36 10.55
N ALA H 160 44.87 3.25 9.86
CA ALA H 160 44.43 2.99 8.47
C ALA H 160 45.62 2.85 7.52
N LEU H 161 46.59 3.75 7.65
CA LEU H 161 47.80 3.70 6.84
C LEU H 161 48.62 2.47 7.07
N THR H 162 48.68 2.00 8.32
CA THR H 162 49.38 0.75 8.66
C THR H 162 48.74 -0.44 7.94
N ALA H 163 47.41 -0.53 8.01
CA ALA H 163 46.69 -1.58 7.28
C ALA H 163 46.94 -1.51 5.78
N VAL H 164 46.93 -0.30 5.19
CA VAL H 164 47.23 -0.14 3.77
C VAL H 164 48.63 -0.68 3.43
N SER H 165 49.58 -0.42 4.31
CA SER H 165 50.95 -0.88 4.07
C SER H 165 51.10 -2.40 4.12
N GLU H 166 50.17 -3.08 4.80
CA GLU H 166 50.13 -4.54 4.81
C GLU H 166 49.36 -5.14 3.62
N GLY H 167 48.94 -4.28 2.69
CA GLY H 167 48.26 -4.71 1.47
C GLY H 167 46.73 -4.71 1.49
N TYR H 168 46.13 -4.16 2.53
CA TYR H 168 44.66 -4.03 2.57
C TYR H 168 44.20 -2.80 1.80
N ASP H 169 43.29 -3.00 0.85
CA ASP H 169 42.67 -1.85 0.15
C ASP H 169 41.29 -1.47 0.64
N ALA H 170 40.96 -1.92 1.85
CA ALA H 170 39.67 -1.62 2.45
C ALA H 170 39.81 -1.73 3.96
N ILE H 171 39.12 -0.87 4.68
CA ILE H 171 39.13 -0.89 6.15
C ILE H 171 37.71 -0.73 6.67
N LYS H 172 37.47 -1.13 7.92
CA LYS H 172 36.26 -0.78 8.60
C LYS H 172 36.56 -0.21 9.96
N VAL H 173 35.76 0.75 10.38
CA VAL H 173 36.01 1.44 11.62
C VAL H 173 34.71 1.97 12.21
N ASP H 174 34.56 1.83 13.52
CA ASP H 174 33.55 2.56 14.26
C ASP H 174 34.23 3.73 14.94
N THR H 175 33.94 4.95 14.48
CA THR H 175 34.59 6.17 14.95
C THR H 175 33.75 6.90 16.00
N VAL H 176 32.59 6.35 16.34
CA VAL H 176 31.64 7.05 17.21
C VAL H 176 31.60 6.47 18.64
N ALA H 177 31.77 5.15 18.75
CA ALA H 177 31.62 4.44 20.03
C ALA H 177 32.69 4.72 21.10
N MET H 178 33.87 5.15 20.66
CA MET H 178 34.91 5.62 21.59
C MET H 178 34.73 7.13 21.81
N ASP H 179 34.54 7.56 23.05
CA ASP H 179 34.58 9.00 23.38
C ASP H 179 36.00 9.57 23.32
N ARG H 180 36.19 10.87 23.61
CA ARG H 180 37.53 11.48 23.52
C ARG H 180 38.53 10.92 24.52
N HIS H 181 38.02 10.23 25.55
CA HIS H 181 38.85 9.77 26.66
C HIS H 181 39.11 8.26 26.60
N GLY H 182 38.66 7.64 25.52
CA GLY H 182 38.92 6.22 25.28
C GLY H 182 37.98 5.27 25.99
N ASN H 183 36.78 5.74 26.35
CA ASN H 183 35.75 4.87 26.89
C ASN H 183 34.86 4.35 25.77
N TRP H 184 34.52 3.07 25.87
CA TRP H 184 33.89 2.37 24.78
C TRP H 184 32.42 2.24 25.09
N ASN H 185 31.61 2.80 24.20
CA ASN H 185 30.15 2.72 24.28
C ASN H 185 29.55 3.14 25.64
N GLN H 186 29.99 4.28 26.15
CA GLN H 186 29.46 4.78 27.43
C GLN H 186 28.73 6.12 27.33
N GLN H 187 28.56 6.63 26.11
CA GLN H 187 27.64 7.75 25.86
C GLN H 187 26.27 7.27 25.44
N ASN H 188 25.24 8.05 25.76
CA ASN H 188 23.92 7.81 25.19
C ASN H 188 23.86 8.36 23.77
N LEU H 189 23.82 7.45 22.80
CA LEU H 189 23.77 7.86 21.40
C LEU H 189 22.36 7.77 20.80
N ASN H 190 21.34 7.82 21.65
CA ASN H 190 19.97 7.76 21.16
C ASN H 190 19.33 9.15 21.06
N GLY H 191 18.51 9.34 20.02
CA GLY H 191 17.78 10.58 19.82
C GLY H 191 18.66 11.56 19.08
N PRO H 192 18.18 12.80 18.91
CA PRO H 192 18.98 13.85 18.27
C PRO H 192 20.13 14.24 19.18
N LEU H 193 21.30 14.48 18.59
CA LEU H 193 22.52 14.58 19.36
C LEU H 193 23.16 15.95 19.16
N THR H 194 23.77 16.46 20.21
CA THR H 194 24.56 17.69 20.10
C THR H 194 25.67 17.44 19.11
N ASP H 195 25.98 18.46 18.30
CA ASP H 195 26.91 18.34 17.22
C ASP H 195 28.25 17.70 17.63
N LYS H 196 28.78 18.09 18.80
CA LYS H 196 30.13 17.68 19.22
C LYS H 196 30.27 16.17 19.38
N ILE H 197 29.17 15.53 19.79
CA ILE H 197 29.18 14.09 20.01
C ILE H 197 29.49 13.33 18.73
N LEU H 198 28.95 13.81 17.60
CA LEU H 198 29.16 13.16 16.31
C LEU H 198 30.30 13.76 15.49
N ARG H 199 30.70 14.99 15.82
CA ARG H 199 31.70 15.73 15.07
C ARG H 199 33.05 15.05 15.23
N LEU H 200 33.27 14.51 16.43
CA LEU H 200 34.46 13.71 16.75
C LEU H 200 34.57 12.48 15.87
N GLY H 201 33.49 11.71 15.75
CA GLY H 201 33.44 10.60 14.80
C GLY H 201 33.64 11.05 13.37
N TYR H 202 33.07 12.19 12.99
CA TYR H 202 33.28 12.72 11.64
C TYR H 202 34.74 13.08 11.40
N ASP H 203 35.31 13.78 12.36
CA ASP H 203 36.71 14.21 12.26
C ASP H 203 37.65 13.01 12.17
N ARG H 204 37.41 11.99 13.00
CA ARG H 204 38.14 10.73 12.84
C ARG H 204 38.02 10.10 11.44
N MET H 205 36.81 10.04 10.91
CA MET H 205 36.57 9.40 9.61
C MET H 205 37.19 10.19 8.46
N ALA H 206 37.09 11.51 8.54
CA ALA H 206 37.62 12.38 7.48
C ALA H 206 39.16 12.35 7.46
N ALA H 207 39.76 12.19 8.64
CA ALA H 207 41.19 11.95 8.77
C ALA H 207 41.63 10.65 8.09
N ILE H 208 40.84 9.59 8.23
CA ILE H 208 41.15 8.35 7.53
C ILE H 208 41.09 8.56 6.02
N ARG H 209 39.97 9.08 5.53
CA ARG H 209 39.79 9.34 4.08
C ARG H 209 40.95 10.17 3.52
N ASP H 210 41.29 11.26 4.23
CA ASP H 210 42.37 12.16 3.77
C ASP H 210 43.71 11.45 3.69
N ALA H 211 43.95 10.55 4.63
CA ALA H 211 45.20 9.78 4.67
C ALA H 211 45.28 8.72 3.56
N VAL H 212 44.23 7.93 3.38
CA VAL H 212 44.32 6.78 2.49
C VAL H 212 44.05 7.12 1.02
N GLY H 213 43.35 8.22 0.78
CA GLY H 213 42.94 8.61 -0.56
C GLY H 213 41.65 7.95 -1.01
N PRO H 214 41.27 8.17 -2.28
CA PRO H 214 39.99 7.72 -2.84
C PRO H 214 39.91 6.24 -3.15
N ASP H 215 41.07 5.58 -3.29
CA ASP H 215 41.11 4.19 -3.77
C ASP H 215 41.19 3.14 -2.66
N VAL H 216 41.03 3.58 -1.42
CA VAL H 216 40.92 2.64 -0.30
C VAL H 216 39.48 2.73 0.24
N ASP H 217 38.79 1.60 0.27
CA ASP H 217 37.40 1.63 0.70
C ASP H 217 37.26 1.76 2.22
N ILE H 218 36.27 2.53 2.65
CA ILE H 218 36.02 2.71 4.07
C ILE H 218 34.59 2.30 4.39
N ILE H 219 34.44 1.34 5.32
CA ILE H 219 33.12 0.95 5.83
C ILE H 219 32.90 1.60 7.22
N ALA H 220 31.79 2.29 7.40
CA ALA H 220 31.47 2.91 8.70
C ALA H 220 30.61 1.93 9.50
N GLU H 221 31.12 1.51 10.65
CA GLU H 221 30.45 0.55 11.52
C GLU H 221 29.86 1.31 12.72
N MET H 222 28.63 0.97 13.10
CA MET H 222 27.93 1.67 14.18
C MET H 222 27.56 0.75 15.35
N HIS H 223 27.68 -0.56 15.14
CA HIS H 223 27.37 -1.59 16.15
C HIS H 223 25.94 -1.52 16.71
N ALA H 224 25.02 -0.88 15.99
CA ALA H 224 23.68 -0.53 16.49
C ALA H 224 23.68 0.16 17.88
N PHE H 225 24.72 0.97 18.13
CA PHE H 225 24.83 1.77 19.36
C PHE H 225 24.02 3.06 19.17
N THR H 226 23.83 3.46 17.92
CA THR H 226 22.90 4.54 17.55
C THR H 226 21.46 4.01 17.45
N ASP H 227 20.49 4.92 17.44
CA ASP H 227 19.11 4.62 17.04
C ASP H 227 18.83 5.28 15.69
N THR H 228 17.59 5.20 15.21
CA THR H 228 17.22 5.79 13.91
C THR H 228 17.67 7.25 13.75
N THR H 229 17.39 8.10 14.74
CA THR H 229 17.61 9.54 14.58
C THR H 229 19.10 9.87 14.50
N SER H 230 19.87 9.31 15.43
CA SER H 230 21.30 9.55 15.45
C SER H 230 22.04 8.80 14.36
N ALA H 231 21.57 7.62 13.98
CA ALA H 231 22.09 6.95 12.76
C ALA H 231 22.00 7.81 11.49
N ILE H 232 20.84 8.44 11.29
CA ILE H 232 20.60 9.39 10.20
C ILE H 232 21.49 10.64 10.29
N GLN H 233 21.61 11.19 11.50
CA GLN H 233 22.42 12.40 11.71
C GLN H 233 23.89 12.15 11.38
N PHE H 234 24.41 11.01 11.82
CA PHE H 234 25.80 10.67 11.53
C PHE H 234 26.02 10.30 10.06
N GLY H 235 25.13 9.49 9.50
CA GLY H 235 25.23 9.09 8.09
C GLY H 235 25.26 10.26 7.12
N ARG H 236 24.39 11.24 7.34
CA ARG H 236 24.35 12.43 6.54
CA ARG H 236 24.36 12.45 6.52
C ARG H 236 25.67 13.23 6.63
N MET H 237 26.26 13.22 7.82
CA MET H 237 27.56 13.90 8.04
C MET H 237 28.68 13.28 7.22
N ILE H 238 28.69 11.95 7.14
CA ILE H 238 29.80 11.23 6.50
C ILE H 238 29.61 10.89 5.03
N GLU H 239 28.44 11.23 4.47
CA GLU H 239 28.09 10.95 3.06
C GLU H 239 29.17 11.40 2.09
N GLU H 240 29.72 12.58 2.36
CA GLU H 240 30.73 13.22 1.48
C GLU H 240 32.08 12.49 1.44
N LEU H 241 32.28 11.56 2.38
CA LEU H 241 33.57 10.88 2.52
C LEU H 241 33.73 9.62 1.65
N GLY H 242 32.65 9.21 0.97
CA GLY H 242 32.74 8.13 0.01
C GLY H 242 32.71 6.79 0.72
N ILE H 243 31.68 6.60 1.54
CA ILE H 243 31.58 5.44 2.41
C ILE H 243 31.08 4.22 1.64
N PHE H 244 31.80 3.09 1.79
CA PHE H 244 31.61 1.88 1.01
C PHE H 244 30.27 1.25 1.36
N TYR H 245 30.07 0.97 2.64
CA TYR H 245 28.75 0.84 3.22
C TYR H 245 28.70 1.18 4.69
N TYR H 246 27.49 1.22 5.23
CA TYR H 246 27.19 1.81 6.54
C TYR H 246 26.55 0.69 7.37
N GLU H 247 27.30 0.12 8.31
CA GLU H 247 26.94 -1.16 8.90
C GLU H 247 26.17 -1.02 10.22
N GLU H 248 25.08 -1.79 10.34
CA GLU H 248 24.26 -1.81 11.54
C GLU H 248 23.92 -0.44 12.13
N PRO H 249 23.37 0.49 11.30
CA PRO H 249 23.07 1.80 11.87
C PRO H 249 22.03 1.71 13.02
N VAL H 250 21.23 0.67 13.02
CA VAL H 250 20.15 0.55 13.99
C VAL H 250 19.91 -0.95 14.18
N MET H 251 19.32 -1.34 15.30
CA MET H 251 19.03 -2.74 15.55
C MET H 251 17.88 -3.24 14.63
N PRO H 252 17.82 -4.57 14.38
CA PRO H 252 16.85 -5.16 13.45
C PRO H 252 15.45 -5.42 13.96
N LEU H 253 15.19 -5.13 15.23
CA LEU H 253 13.93 -5.56 15.88
C LEU H 253 12.65 -5.03 15.23
N ASN H 254 12.70 -3.77 14.78
CA ASN H 254 11.65 -3.19 13.89
C ASN H 254 12.29 -2.84 12.54
N PRO H 255 12.10 -3.71 11.51
CA PRO H 255 12.74 -3.50 10.20
C PRO H 255 12.39 -2.18 9.53
N ALA H 256 11.29 -1.55 9.94
CA ALA H 256 10.91 -0.26 9.39
C ALA H 256 11.94 0.82 9.77
N GLN H 257 12.61 0.64 10.90
CA GLN H 257 13.66 1.59 11.31
C GLN H 257 14.84 1.59 10.37
N MET H 258 15.30 0.40 9.96
CA MET H 258 16.36 0.27 8.96
C MET H 258 15.96 0.96 7.65
N LYS H 259 14.70 0.82 7.26
CA LYS H 259 14.19 1.45 6.03
C LYS H 259 14.20 2.97 6.17
N GLN H 260 13.84 3.47 7.36
CA GLN H 260 13.93 4.90 7.61
C GLN H 260 15.35 5.45 7.44
N VAL H 261 16.34 4.75 7.99
CA VAL H 261 17.74 5.18 7.78
C VAL H 261 18.12 5.16 6.30
N ALA H 262 17.76 4.07 5.60
CA ALA H 262 18.00 3.92 4.15
C ALA H 262 17.38 5.07 3.37
N ASP H 263 16.17 5.50 3.75
CA ASP H 263 15.47 6.60 3.04
C ASP H 263 16.21 7.91 3.23
N LYS H 264 16.83 8.10 4.39
CA LYS H 264 17.37 9.43 4.72
C LYS H 264 18.88 9.58 4.54
N VAL H 265 19.57 8.46 4.39
CA VAL H 265 21.05 8.46 4.27
C VAL H 265 21.45 7.88 2.92
N ASN H 266 22.26 8.62 2.15
CA ASN H 266 22.65 8.19 0.82
C ASN H 266 23.95 7.39 0.81
N ILE H 267 23.97 6.33 1.61
CA ILE H 267 25.06 5.36 1.66
C ILE H 267 24.37 4.01 1.67
N PRO H 268 24.89 3.01 0.92
CA PRO H 268 24.35 1.64 1.00
C PRO H 268 24.40 1.08 2.43
N LEU H 269 23.31 0.48 2.92
CA LEU H 269 23.32 -0.04 4.30
C LEU H 269 23.68 -1.51 4.34
N ALA H 270 24.39 -1.91 5.39
CA ALA H 270 24.69 -3.33 5.63
C ALA H 270 24.21 -3.75 7.01
N ALA H 271 23.74 -4.99 7.14
CA ALA H 271 23.49 -5.58 8.45
C ALA H 271 23.37 -7.05 8.26
N GLY H 272 23.42 -7.79 9.37
CA GLY H 272 23.02 -9.19 9.33
C GLY H 272 23.57 -10.06 10.44
N GLU H 273 24.56 -9.57 11.17
CA GLU H 273 25.13 -10.36 12.27
C GLU H 273 24.12 -10.67 13.37
N ARG H 274 23.11 -9.81 13.51
CA ARG H 274 22.02 -10.08 14.43
C ARG H 274 20.68 -10.23 13.73
N ILE H 275 20.73 -10.75 12.50
CA ILE H 275 19.54 -11.14 11.74
C ILE H 275 19.70 -12.60 11.35
N TYR H 276 18.71 -13.42 11.70
CA TYR H 276 18.84 -14.87 11.70
C TYR H 276 17.87 -15.56 10.76
N TRP H 277 18.41 -16.45 9.94
CA TRP H 277 17.64 -17.33 9.05
C TRP H 277 17.00 -16.55 7.90
N ARG H 278 16.56 -17.30 6.89
CA ARG H 278 15.77 -16.75 5.78
C ARG H 278 14.63 -15.86 6.32
N TRP H 279 13.96 -16.35 7.37
CA TRP H 279 12.85 -15.60 7.94
C TRP H 279 13.27 -14.21 8.47
N GLY H 280 14.46 -14.11 9.06
CA GLY H 280 14.91 -12.85 9.63
C GLY H 280 15.28 -11.84 8.56
N TYR H 281 15.81 -12.34 7.45
CA TYR H 281 16.21 -11.48 6.32
C TYR H 281 15.01 -11.02 5.51
N ARG H 282 13.92 -11.80 5.51
CA ARG H 282 12.79 -11.50 4.65
C ARG H 282 12.33 -10.03 4.69
N PRO H 283 12.04 -9.47 5.90
CA PRO H 283 11.48 -8.14 5.87
C PRO H 283 12.43 -7.09 5.34
N PHE H 284 13.74 -7.34 5.45
CA PHE H 284 14.73 -6.37 4.97
C PHE H 284 14.91 -6.48 3.47
N LEU H 285 14.58 -7.65 2.93
CA LEU H 285 14.63 -7.86 1.48
C LEU H 285 13.40 -7.20 0.88
N GLU H 286 12.26 -7.43 1.53
CA GLU H 286 11.01 -6.88 1.04
C GLU H 286 10.90 -5.37 1.22
N ASN H 287 11.55 -4.81 2.23
CA ASN H 287 11.46 -3.37 2.41
C ASN H 287 12.55 -2.55 1.69
N GLY H 288 13.54 -3.24 1.11
CA GLY H 288 14.60 -2.57 0.34
C GLY H 288 15.67 -1.86 1.18
N SER H 289 15.73 -2.14 2.48
CA SER H 289 16.57 -1.30 3.36
C SER H 289 18.06 -1.63 3.26
N LEU H 290 18.40 -2.89 3.02
CA LEU H 290 19.82 -3.30 3.03
C LEU H 290 20.32 -3.41 1.60
N SER H 291 21.58 -3.02 1.38
CA SER H 291 22.27 -3.28 0.14
C SER H 291 23.25 -4.44 0.27
N VAL H 292 23.81 -4.60 1.47
CA VAL H 292 24.82 -5.65 1.76
C VAL H 292 24.34 -6.45 2.97
N ILE H 293 24.34 -7.76 2.89
CA ILE H 293 23.94 -8.56 4.02
C ILE H 293 25.13 -9.27 4.65
N GLN H 294 25.11 -9.42 5.97
CA GLN H 294 26.26 -9.89 6.72
C GLN H 294 25.90 -11.03 7.68
N PRO H 295 25.31 -12.14 7.17
CA PRO H 295 25.06 -13.23 8.10
C PRO H 295 26.37 -13.80 8.63
N ASP H 296 26.33 -14.22 9.89
CA ASP H 296 27.41 -14.98 10.50
C ASP H 296 27.02 -16.43 10.39
N ILE H 297 27.89 -17.22 9.78
CA ILE H 297 27.60 -18.64 9.62
C ILE H 297 27.47 -19.36 10.97
N CYS H 298 28.24 -18.92 11.96
CA CYS H 298 28.20 -19.49 13.31
C CYS H 298 27.10 -18.94 14.23
N THR H 299 26.39 -17.90 13.79
CA THR H 299 25.29 -17.32 14.58
C THR H 299 23.93 -17.49 13.90
N CYS H 300 23.89 -17.26 12.58
CA CYS H 300 22.62 -16.94 11.89
C CYS H 300 22.01 -18.11 11.14
N GLY H 301 22.44 -19.32 11.48
CA GLY H 301 21.75 -20.52 11.02
C GLY H 301 22.62 -21.67 10.54
N GLY H 302 23.94 -21.43 10.41
CA GLY H 302 24.83 -22.48 9.92
C GLY H 302 24.97 -22.50 8.41
N ILE H 303 25.67 -23.52 7.89
CA ILE H 303 25.93 -23.59 6.43
C ILE H 303 24.65 -23.77 5.64
N THR H 304 23.81 -24.71 6.07
CA THR H 304 22.59 -25.04 5.34
C THR H 304 21.78 -23.77 5.16
N GLU H 305 21.60 -23.01 6.24
CA GLU H 305 20.67 -21.88 6.21
C GLU H 305 21.29 -20.61 5.60
N VAL H 306 22.54 -20.34 5.93
CA VAL H 306 23.20 -19.17 5.35
C VAL H 306 23.36 -19.23 3.81
N LYS H 307 23.60 -20.44 3.26
CA LYS H 307 23.54 -20.64 1.80
C LYS H 307 22.20 -20.19 1.22
N LYS H 308 21.11 -20.65 1.81
CA LYS H 308 19.75 -20.20 1.43
C LYS H 308 19.57 -18.68 1.57
N ILE H 309 20.09 -18.10 2.65
CA ILE H 309 20.04 -16.64 2.82
C ILE H 309 20.71 -15.93 1.65
N CYS H 310 21.92 -16.36 1.30
CA CYS H 310 22.66 -15.75 0.19
C CYS H 310 21.91 -15.86 -1.12
N ASP H 311 21.29 -17.02 -1.34
CA ASP H 311 20.56 -17.28 -2.58
C ASP H 311 19.33 -16.40 -2.74
N MET H 312 18.52 -16.30 -1.68
CA MET H 312 17.35 -15.46 -1.65
C MET H 312 17.67 -13.99 -1.83
N ALA H 313 18.71 -13.53 -1.17
CA ALA H 313 19.16 -12.12 -1.27
C ALA H 313 19.56 -11.68 -2.68
N HIS H 314 20.09 -12.63 -3.46
CA HIS H 314 20.51 -12.39 -4.84
C HIS H 314 19.36 -11.90 -5.74
N VAL H 315 18.17 -12.44 -5.53
CA VAL H 315 16.93 -11.95 -6.17
C VAL H 315 16.67 -10.45 -5.98
N TYR H 316 17.20 -9.89 -4.90
CA TYR H 316 16.97 -8.50 -4.53
C TYR H 316 18.26 -7.72 -4.68
N ASP H 317 19.17 -8.30 -5.46
CA ASP H 317 20.48 -7.67 -5.77
C ASP H 317 21.26 -7.28 -4.52
N LYS H 318 21.29 -8.15 -3.50
CA LYS H 318 22.18 -7.90 -2.36
C LYS H 318 23.47 -8.64 -2.56
N THR H 319 24.58 -8.05 -2.14
CA THR H 319 25.83 -8.80 -2.11
C THR H 319 26.13 -9.12 -0.67
N VAL H 320 27.11 -10.00 -0.45
CA VAL H 320 27.26 -10.64 0.84
C VAL H 320 28.68 -10.46 1.37
N GLN H 321 28.79 -9.93 2.58
CA GLN H 321 30.00 -10.04 3.38
C GLN H 321 29.65 -10.87 4.63
N ILE H 322 30.05 -12.14 4.67
CA ILE H 322 29.92 -12.94 5.90
C ILE H 322 30.48 -12.20 7.12
N HIS H 323 29.73 -12.21 8.22
CA HIS H 323 30.24 -11.68 9.46
C HIS H 323 31.15 -12.72 10.08
N VAL H 324 32.39 -12.33 10.40
CA VAL H 324 33.34 -13.25 11.02
C VAL H 324 33.91 -12.57 12.27
N CYS H 325 33.60 -13.15 13.43
CA CYS H 325 34.26 -12.75 14.66
C CYS H 325 34.28 -13.91 15.64
N GLY H 326 35.12 -14.90 15.33
CA GLY H 326 35.26 -16.10 16.16
C GLY H 326 36.66 -16.66 16.05
N GLY H 327 36.80 -17.96 16.23
CA GLY H 327 38.07 -18.61 16.00
C GLY H 327 38.31 -18.94 14.54
N PRO H 328 39.39 -19.67 14.25
CA PRO H 328 39.71 -20.16 12.91
C PRO H 328 38.58 -20.97 12.22
N ILE H 329 37.81 -21.75 12.95
CA ILE H 329 36.68 -22.47 12.32
C ILE H 329 35.70 -21.50 11.66
N SER H 330 35.40 -20.40 12.35
CA SER H 330 34.57 -19.37 11.78
C SER H 330 35.15 -18.82 10.48
N THR H 331 36.43 -18.44 10.50
CA THR H 331 37.12 -17.99 9.28
C THR H 331 37.01 -18.99 8.13
N ALA H 332 37.29 -20.26 8.43
CA ALA H 332 37.28 -21.35 7.43
C ALA H 332 35.97 -21.45 6.68
N VAL H 333 34.88 -21.57 7.43
CA VAL H 333 33.54 -21.73 6.85
C VAL H 333 33.11 -20.49 6.06
N ALA H 334 33.41 -19.29 6.56
CA ALA H 334 33.20 -18.08 5.77
C ALA H 334 33.88 -18.16 4.41
N LEU H 335 35.15 -18.55 4.39
CA LEU H 335 35.92 -18.64 3.14
C LEU H 335 35.29 -19.58 2.12
N HIS H 336 34.81 -20.73 2.58
CA HIS H 336 34.08 -21.67 1.74
C HIS H 336 32.78 -21.08 1.17
N MET H 337 31.97 -20.45 2.02
CA MET H 337 30.72 -19.81 1.55
C MET H 337 31.02 -18.72 0.51
N GLU H 338 31.99 -17.85 0.83
CA GLU H 338 32.35 -16.71 -0.02
C GLU H 338 33.00 -17.13 -1.33
N THR H 339 33.54 -18.35 -1.37
CA THR H 339 34.11 -18.91 -2.59
C THR H 339 33.04 -19.37 -3.56
N ALA H 340 31.99 -19.99 -3.04
CA ALA H 340 30.95 -20.56 -3.89
C ALA H 340 29.93 -19.54 -4.37
N ILE H 341 29.51 -18.61 -3.52
CA ILE H 341 28.35 -17.76 -3.87
C ILE H 341 28.68 -16.79 -5.02
N PRO H 342 27.72 -16.58 -5.94
CA PRO H 342 27.90 -15.52 -6.94
C PRO H 342 27.96 -14.13 -6.36
N ASN H 343 27.17 -13.84 -5.31
CA ASN H 343 27.01 -12.47 -4.83
C ASN H 343 27.90 -12.06 -3.63
N PHE H 344 29.18 -12.37 -3.72
CA PHE H 344 30.12 -11.98 -2.68
C PHE H 344 30.63 -10.56 -2.94
N VAL H 345 30.81 -9.77 -1.88
CA VAL H 345 31.54 -8.48 -2.01
C VAL H 345 32.97 -8.43 -1.42
N ILE H 346 33.09 -8.79 -0.14
CA ILE H 346 34.30 -8.57 0.64
C ILE H 346 34.27 -9.41 1.92
N HIS H 347 35.45 -9.76 2.45
CA HIS H 347 35.60 -10.60 3.65
C HIS H 347 36.11 -9.75 4.82
N GLU H 348 35.64 -10.05 6.03
CA GLU H 348 36.01 -9.27 7.23
C GLU H 348 37.20 -9.90 7.95
N LEU H 349 38.28 -9.14 8.09
CA LEU H 349 39.41 -9.63 8.86
C LEU H 349 39.65 -8.82 10.12
N HIS H 350 39.51 -9.45 11.28
CA HIS H 350 39.93 -8.84 12.55
C HIS H 350 41.41 -9.09 12.80
N ARG H 351 42.02 -8.17 13.56
CA ARG H 351 43.46 -8.27 13.87
C ARG H 351 43.76 -9.53 14.67
N TYR H 352 42.92 -9.81 15.68
CA TYR H 352 43.19 -10.86 16.65
C TYR H 352 43.25 -12.21 15.93
N ALA H 353 42.53 -12.31 14.81
CA ALA H 353 42.42 -13.57 14.09
C ALA H 353 43.77 -14.03 13.55
N LEU H 354 44.69 -13.07 13.39
CA LEU H 354 46.02 -13.36 12.86
C LEU H 354 47.02 -13.86 13.90
N LEU H 355 46.66 -13.73 15.18
CA LEU H 355 47.63 -13.78 16.29
C LEU H 355 47.62 -15.14 16.95
N GLU H 356 48.74 -15.50 17.57
CA GLU H 356 48.92 -16.82 18.19
C GLU H 356 47.79 -17.36 19.07
N PRO H 357 47.30 -16.58 20.07
CA PRO H 357 46.28 -17.15 20.96
C PRO H 357 45.03 -17.65 20.22
N ASN H 358 44.72 -17.04 19.08
CA ASN H 358 43.59 -17.47 18.25
C ASN H 358 43.94 -18.66 17.36
N THR H 359 45.00 -18.50 16.57
CA THR H 359 45.35 -19.49 15.55
C THR H 359 45.80 -20.80 16.19
N GLN H 360 46.44 -20.71 17.37
CA GLN H 360 47.03 -21.89 18.03
C GLN H 360 45.97 -22.89 18.50
N THR H 361 44.72 -22.43 18.62
CA THR H 361 43.64 -23.33 19.02
C THR H 361 43.39 -24.43 18.00
N CYS H 362 43.77 -24.16 16.75
CA CYS H 362 43.41 -25.02 15.64
C CYS H 362 44.58 -25.62 14.87
N LYS H 363 44.28 -26.65 14.09
CA LYS H 363 45.32 -27.47 13.45
C LYS H 363 45.98 -26.82 12.24
N TYR H 364 45.21 -26.02 11.50
CA TYR H 364 45.70 -25.46 10.25
C TYR H 364 45.69 -23.94 10.30
N ASN H 365 46.64 -23.31 9.63
CA ASN H 365 46.77 -21.86 9.73
C ASN H 365 46.60 -21.23 8.35
N TYR H 366 45.38 -20.81 8.06
CA TYR H 366 45.06 -20.05 6.85
C TYR H 366 45.12 -18.59 7.16
N LEU H 367 46.07 -17.92 6.51
CA LEU H 367 46.34 -16.52 6.73
C LEU H 367 46.17 -15.81 5.38
N PRO H 368 45.72 -14.54 5.41
CA PRO H 368 45.65 -13.81 4.15
C PRO H 368 47.02 -13.35 3.69
N LYS H 369 47.16 -13.03 2.41
CA LYS H 369 48.40 -12.42 1.92
C LYS H 369 48.04 -11.30 0.99
N ASN H 370 48.56 -10.10 1.27
CA ASN H 370 48.27 -8.89 0.48
C ASN H 370 46.77 -8.59 0.36
N GLY H 371 46.05 -8.75 1.47
CA GLY H 371 44.63 -8.43 1.52
C GLY H 371 43.70 -9.45 0.88
N MET H 372 44.25 -10.61 0.52
CA MET H 372 43.49 -11.69 -0.12
C MET H 372 43.66 -13.00 0.63
N TYR H 373 42.55 -13.73 0.78
CA TYR H 373 42.58 -15.11 1.26
C TYR H 373 42.47 -16.07 0.10
N GLU H 374 42.90 -17.31 0.30
CA GLU H 374 42.47 -18.41 -0.54
C GLU H 374 41.71 -19.39 0.33
N VAL H 375 40.85 -20.19 -0.29
CA VAL H 375 39.99 -21.16 0.40
C VAL H 375 40.75 -22.44 0.83
N PRO H 376 40.44 -23.01 2.02
CA PRO H 376 40.92 -24.38 2.30
C PRO H 376 40.54 -25.46 1.29
N GLU H 377 41.37 -26.51 1.19
CA GLU H 377 41.22 -27.52 0.14
C GLU H 377 41.08 -28.94 0.70
N LEU H 378 41.19 -29.07 2.02
CA LEU H 378 41.11 -30.37 2.70
C LEU H 378 39.66 -30.82 2.74
N PRO H 379 39.40 -32.12 2.96
CA PRO H 379 37.99 -32.53 3.10
C PRO H 379 37.21 -31.77 4.19
N GLY H 380 35.91 -31.59 4.00
CA GLY H 380 35.09 -30.85 4.97
C GLY H 380 35.44 -29.38 5.05
N ILE H 381 35.32 -28.80 6.25
CA ILE H 381 35.61 -27.38 6.42
C ILE H 381 37.10 -27.06 6.45
N GLY H 382 37.93 -28.10 6.59
CA GLY H 382 39.39 -27.95 6.53
C GLY H 382 39.99 -27.30 7.76
N GLN H 383 39.33 -27.46 8.90
CA GLN H 383 39.72 -26.87 10.19
C GLN H 383 39.20 -27.69 11.36
N GLU H 384 40.02 -27.76 12.41
CA GLU H 384 39.78 -28.65 13.55
C GLU H 384 40.50 -28.05 14.72
N LEU H 385 39.99 -28.27 15.93
CA LEU H 385 40.78 -27.94 17.13
C LEU H 385 42.00 -28.89 17.22
N THR H 386 43.11 -28.38 17.74
CA THR H 386 44.25 -29.27 18.06
C THR H 386 43.90 -30.15 19.24
N GLU H 387 44.58 -31.29 19.36
CA GLU H 387 44.37 -32.25 20.45
C GLU H 387 44.66 -31.60 21.80
N GLU H 388 45.66 -30.71 21.80
CA GLU H 388 46.14 -30.07 23.01
C GLU H 388 45.12 -29.10 23.55
N THR H 389 44.43 -28.38 22.65
CA THR H 389 43.34 -27.49 23.02
C THR H 389 42.16 -28.26 23.57
N MET H 390 41.79 -29.36 22.90
CA MET H 390 40.70 -30.21 23.36
C MET H 390 40.98 -30.85 24.72
N LYS H 391 42.24 -31.23 24.95
CA LYS H 391 42.70 -31.73 26.27
C LYS H 391 42.44 -30.78 27.42
N LYS H 392 42.67 -29.49 27.20
CA LYS H 392 42.58 -28.53 28.30
C LYS H 392 41.31 -27.67 28.32
N SER H 393 40.37 -27.97 27.42
CA SER H 393 39.13 -27.21 27.32
C SER H 393 37.98 -27.95 28.02
N PRO H 394 37.31 -27.28 28.99
CA PRO H 394 36.14 -27.83 29.67
C PRO H 394 35.07 -28.24 28.65
N THR H 395 34.55 -29.46 28.78
CA THR H 395 33.79 -30.10 27.72
C THR H 395 32.59 -30.82 28.31
N ILE H 396 31.40 -30.59 27.76
CA ILE H 396 30.25 -31.43 28.05
C ILE H 396 30.12 -32.46 26.94
N THR H 397 29.78 -33.69 27.30
CA THR H 397 29.57 -34.73 26.30
C THR H 397 28.16 -35.27 26.39
N VAL H 398 27.47 -35.26 25.27
CA VAL H 398 26.10 -35.76 25.19
C VAL H 398 26.13 -37.09 24.47
N LYS H 399 25.56 -38.12 25.09
CA LYS H 399 25.37 -39.39 24.40
C LYS H 399 24.10 -40.09 24.80
#